data_1Y76
#
_entry.id   1Y76
#
loop_
_entity.id
_entity.type
_entity.pdbx_description
1 polymer 'protein associated to tight junctions'
2 polymer 'MAGUK p55 subfamily member 5'
#
loop_
_entity_poly.entity_id
_entity_poly.type
_entity_poly.pdbx_seq_one_letter_code
_entity_poly.pdbx_strand_id
1 'polypeptide(L)' NPAAEKMQVLQVLDRLRGKLQEKGDTTQNEKLSAFYETLKSPLFNQILTLQQSIKQLKGQLS A,C
2 'polypeptide(L)' AVKILEIEDLFSSLKHIQHTLVDSQSQEDISLLLQLVQNKDFQNAFKIHNAITVHMNKAS B,D
#
# COMPACT_ATOMS: atom_id res chain seq x y z
N ASN A 1 16.83 14.91 7.37
CA ASN A 1 17.06 14.13 6.17
C ASN A 1 16.33 12.79 6.24
N PRO A 2 15.79 12.31 5.10
CA PRO A 2 15.07 11.04 5.06
C PRO A 2 15.92 9.87 5.53
N ALA A 3 17.05 9.67 4.87
CA ALA A 3 17.97 8.59 5.21
C ALA A 3 18.40 8.67 6.68
N ALA A 4 18.41 9.89 7.22
CA ALA A 4 18.81 10.09 8.61
C ALA A 4 17.87 9.36 9.55
N GLU A 5 16.56 9.47 9.30
CA GLU A 5 15.57 8.82 10.13
C GLU A 5 15.63 7.31 9.98
N LYS A 6 15.60 6.85 8.73
CA LYS A 6 15.66 5.42 8.44
C LYS A 6 16.96 4.82 8.98
N MET A 7 18.06 5.54 8.80
CA MET A 7 19.35 5.07 9.29
C MET A 7 19.31 4.92 10.80
N GLN A 8 18.70 5.91 11.46
CA GLN A 8 18.58 5.89 12.91
C GLN A 8 17.61 4.77 13.30
N VAL A 9 16.60 4.55 12.47
CA VAL A 9 15.60 3.51 12.72
C VAL A 9 16.27 2.14 12.80
N LEU A 10 17.00 1.77 11.73
CA LEU A 10 17.68 0.49 11.70
C LEU A 10 18.62 0.36 12.90
N GLN A 11 19.32 1.45 13.20
CA GLN A 11 20.22 1.47 14.35
C GLN A 11 19.41 1.39 15.64
N VAL A 12 18.18 1.89 15.58
CA VAL A 12 17.29 1.88 16.73
C VAL A 12 16.78 0.47 16.96
N LEU A 13 16.51 -0.24 15.88
CA LEU A 13 16.00 -1.60 15.95
C LEU A 13 17.04 -2.51 16.61
N ASP A 14 18.29 -2.34 16.20
CA ASP A 14 19.37 -3.15 16.76
C ASP A 14 19.59 -2.81 18.22
N ARG A 15 19.50 -1.54 18.55
CA ARG A 15 19.68 -1.07 19.93
C ARG A 15 18.57 -1.60 20.83
N LEU A 16 17.32 -1.34 20.43
CA LEU A 16 16.18 -1.80 21.20
C LEU A 16 16.26 -3.29 21.46
N ARG A 17 16.34 -4.06 20.37
CA ARG A 17 16.43 -5.51 20.46
C ARG A 17 17.57 -5.93 21.41
N GLY A 18 18.65 -5.16 21.40
CA GLY A 18 19.77 -5.47 22.26
C GLY A 18 19.39 -5.43 23.72
N LYS A 19 18.66 -4.39 24.12
CA LYS A 19 18.22 -4.23 25.49
C LYS A 19 17.30 -5.38 25.90
N LEU A 20 16.40 -5.77 25.00
CA LEU A 20 15.47 -6.86 25.27
C LEU A 20 16.22 -8.14 25.57
N GLN A 21 17.16 -8.48 24.71
CA GLN A 21 17.96 -9.69 24.89
C GLN A 21 18.75 -9.60 26.19
N GLU A 22 19.06 -8.37 26.60
CA GLU A 22 19.80 -8.14 27.84
C GLU A 22 18.87 -8.17 29.04
N LYS A 23 17.62 -7.75 28.83
CA LYS A 23 16.63 -7.72 29.89
C LYS A 23 15.96 -9.09 30.06
N GLY A 24 15.85 -9.82 28.96
CA GLY A 24 15.24 -11.14 29.01
C GLY A 24 13.99 -11.23 28.14
N ASP A 25 13.90 -10.35 27.15
CA ASP A 25 12.76 -10.33 26.24
C ASP A 25 13.20 -10.69 24.84
N THR A 26 13.42 -11.98 24.60
CA THR A 26 13.84 -12.46 23.30
C THR A 26 12.62 -12.86 22.49
N THR A 27 11.54 -12.11 22.66
CA THR A 27 10.29 -12.38 21.96
C THR A 27 10.06 -11.38 20.85
N GLN A 28 10.16 -10.10 21.18
CA GLN A 28 9.97 -9.04 20.20
C GLN A 28 11.11 -9.00 19.19
N ASN A 29 12.22 -9.63 19.53
CA ASN A 29 13.39 -9.67 18.66
C ASN A 29 13.01 -10.02 17.22
N GLU A 30 12.13 -11.01 17.07
CA GLU A 30 11.69 -11.45 15.75
C GLU A 30 11.09 -10.28 14.97
N LYS A 31 10.46 -9.36 15.69
CA LYS A 31 9.85 -8.19 15.07
C LYS A 31 10.93 -7.19 14.66
N LEU A 32 11.92 -7.02 15.53
CA LEU A 32 13.01 -6.10 15.27
C LEU A 32 13.93 -6.63 14.17
N SER A 33 14.02 -7.95 14.06
CA SER A 33 14.86 -8.58 13.04
C SER A 33 14.18 -8.52 11.69
N ALA A 34 12.85 -8.66 11.70
CA ALA A 34 12.07 -8.62 10.47
C ALA A 34 11.83 -7.19 10.02
N PHE A 35 11.52 -6.31 10.98
CA PHE A 35 11.28 -4.91 10.67
C PHE A 35 12.55 -4.28 10.12
N TYR A 36 13.64 -4.48 10.85
CA TYR A 36 14.94 -3.96 10.47
C TYR A 36 15.38 -4.49 9.10
N GLU A 37 15.36 -5.81 8.94
CA GLU A 37 15.76 -6.43 7.69
C GLU A 37 14.87 -5.95 6.54
N THR A 38 13.55 -6.05 6.73
CA THR A 38 12.61 -5.62 5.70
C THR A 38 12.86 -4.16 5.33
N LEU A 39 13.26 -3.37 6.31
CA LEU A 39 13.55 -1.96 6.09
C LEU A 39 14.73 -1.82 5.15
N LYS A 40 15.68 -2.73 5.28
CA LYS A 40 16.88 -2.73 4.44
C LYS A 40 16.55 -3.16 3.02
N SER A 41 15.55 -4.03 2.89
CA SER A 41 15.14 -4.53 1.59
C SER A 41 14.99 -3.40 0.57
N PRO A 42 15.65 -3.49 -0.59
CA PRO A 42 15.58 -2.47 -1.63
C PRO A 42 14.17 -2.32 -2.18
N LEU A 43 13.42 -3.41 -2.16
CA LEU A 43 12.05 -3.41 -2.65
C LEU A 43 11.15 -2.61 -1.70
N PHE A 44 11.15 -2.98 -0.43
CA PHE A 44 10.35 -2.28 0.56
C PHE A 44 10.74 -0.80 0.59
N ASN A 45 12.02 -0.54 0.39
CA ASN A 45 12.55 0.82 0.39
C ASN A 45 11.95 1.64 -0.74
N GLN A 46 12.00 1.10 -1.97
CA GLN A 46 11.45 1.81 -3.12
C GLN A 46 9.97 2.14 -2.90
N ILE A 47 9.27 1.26 -2.19
CA ILE A 47 7.85 1.49 -1.91
C ILE A 47 7.68 2.76 -1.06
N LEU A 48 8.42 2.82 0.04
CA LEU A 48 8.36 3.99 0.92
C LEU A 48 8.83 5.24 0.18
N THR A 49 9.79 5.04 -0.72
CA THR A 49 10.33 6.14 -1.50
C THR A 49 9.21 6.90 -2.20
N LEU A 50 8.40 6.17 -2.95
CA LEU A 50 7.28 6.76 -3.66
C LEU A 50 6.33 7.42 -2.67
N GLN A 51 6.02 6.71 -1.59
CA GLN A 51 5.13 7.23 -0.56
C GLN A 51 5.69 8.53 0.01
N GLN A 52 7.01 8.60 0.10
CA GLN A 52 7.68 9.78 0.62
C GLN A 52 7.44 10.97 -0.32
N SER A 53 7.44 10.69 -1.61
CA SER A 53 7.22 11.73 -2.61
C SER A 53 5.84 12.35 -2.42
N ILE A 54 4.84 11.49 -2.24
CA ILE A 54 3.48 11.96 -2.03
C ILE A 54 3.41 12.85 -0.79
N LYS A 55 4.14 12.44 0.25
CA LYS A 55 4.19 13.22 1.49
C LYS A 55 4.76 14.60 1.22
N GLN A 56 5.70 14.67 0.27
CA GLN A 56 6.31 15.95 -0.10
C GLN A 56 5.24 16.86 -0.69
N LEU A 57 4.35 16.27 -1.49
CA LEU A 57 3.27 17.02 -2.11
C LEU A 57 2.40 17.67 -1.04
N LYS A 58 1.80 16.84 -0.21
CA LYS A 58 0.94 17.31 0.88
C LYS A 58 1.68 18.30 1.79
N GLY A 59 3.01 18.19 1.81
CA GLY A 59 3.80 19.07 2.64
C GLY A 59 4.18 20.36 1.94
N GLN A 60 4.36 20.29 0.62
CA GLN A 60 4.72 21.47 -0.17
C GLN A 60 3.49 22.24 -0.62
N LEU A 61 2.55 21.54 -1.25
CA LEU A 61 1.32 22.15 -1.73
C LEU A 61 0.65 22.96 -0.63
N SER A 62 0.11 24.12 -1.00
CA SER A 62 -0.56 25.00 -0.05
C SER A 62 -1.72 25.74 -0.73
N ALA B 1 -9.93 18.88 -5.17
CA ALA B 1 -9.12 18.68 -6.36
C ALA B 1 -8.39 17.34 -6.30
N VAL B 2 -9.15 16.25 -6.36
CA VAL B 2 -8.58 14.91 -6.31
C VAL B 2 -9.67 13.86 -6.42
N LYS B 3 -10.53 13.79 -5.41
CA LYS B 3 -11.62 12.82 -5.38
C LYS B 3 -11.08 11.39 -5.42
N ILE B 4 -11.39 10.63 -4.37
CA ILE B 4 -10.93 9.25 -4.28
C ILE B 4 -11.97 8.31 -4.91
N LEU B 5 -11.91 7.02 -4.54
CA LEU B 5 -12.84 6.04 -5.09
C LEU B 5 -13.02 4.86 -4.14
N GLU B 6 -11.95 4.44 -3.48
CA GLU B 6 -12.01 3.31 -2.56
C GLU B 6 -12.40 2.04 -3.31
N ILE B 7 -11.44 1.14 -3.51
CA ILE B 7 -11.71 -0.09 -4.24
C ILE B 7 -12.89 -0.84 -3.65
N GLU B 8 -13.18 -0.64 -2.38
CA GLU B 8 -14.31 -1.33 -1.76
C GLU B 8 -15.61 -0.89 -2.44
N ASP B 9 -15.79 0.41 -2.57
CA ASP B 9 -16.97 0.95 -3.23
C ASP B 9 -16.85 0.77 -4.74
N LEU B 10 -15.62 0.86 -5.22
CA LEU B 10 -15.33 0.69 -6.64
C LEU B 10 -15.50 -0.78 -7.05
N PHE B 11 -15.26 -1.67 -6.10
CA PHE B 11 -15.40 -3.10 -6.35
C PHE B 11 -16.87 -3.46 -6.48
N SER B 12 -17.66 -3.00 -5.51
CA SER B 12 -19.09 -3.24 -5.52
C SER B 12 -19.70 -2.56 -6.74
N SER B 13 -19.05 -1.49 -7.21
CA SER B 13 -19.51 -0.76 -8.37
C SER B 13 -19.44 -1.63 -9.62
N LEU B 14 -18.27 -2.22 -9.87
CA LEU B 14 -18.10 -3.08 -11.04
C LEU B 14 -19.09 -4.23 -11.00
N LYS B 15 -19.31 -4.76 -9.80
CA LYS B 15 -20.24 -5.85 -9.63
C LYS B 15 -21.63 -5.43 -10.09
N HIS B 16 -21.99 -4.18 -9.77
CA HIS B 16 -23.28 -3.64 -10.18
C HIS B 16 -23.26 -3.44 -11.69
N ILE B 17 -22.23 -2.73 -12.16
CA ILE B 17 -22.06 -2.44 -13.58
C ILE B 17 -22.16 -3.72 -14.40
N GLN B 18 -21.54 -4.80 -13.90
CA GLN B 18 -21.58 -6.07 -14.59
C GLN B 18 -23.00 -6.58 -14.75
N HIS B 19 -23.75 -6.59 -13.65
CA HIS B 19 -25.14 -7.04 -13.68
C HIS B 19 -26.05 -5.93 -14.19
N THR B 20 -25.46 -4.76 -14.42
CA THR B 20 -26.21 -3.61 -14.90
C THR B 20 -26.05 -3.47 -16.40
N LEU B 21 -24.90 -3.87 -16.91
CA LEU B 21 -24.63 -3.81 -18.35
C LEU B 21 -25.04 -5.11 -19.02
N VAL B 22 -24.52 -6.21 -18.50
CA VAL B 22 -24.83 -7.54 -19.01
C VAL B 22 -24.85 -7.57 -20.55
N ASP B 23 -23.91 -6.83 -21.15
CA ASP B 23 -23.82 -6.77 -22.60
C ASP B 23 -22.72 -7.70 -23.11
N SER B 24 -22.37 -8.70 -22.29
CA SER B 24 -21.33 -9.66 -22.65
C SER B 24 -19.97 -8.98 -22.72
N GLN B 25 -19.78 -8.18 -23.77
CA GLN B 25 -18.53 -7.46 -23.95
C GLN B 25 -18.28 -6.55 -22.76
N SER B 26 -19.37 -6.07 -22.16
CA SER B 26 -19.30 -5.20 -21.00
C SER B 26 -18.79 -5.97 -19.78
N GLN B 27 -19.30 -7.19 -19.60
CA GLN B 27 -18.89 -8.02 -18.47
C GLN B 27 -17.40 -8.33 -18.55
N GLU B 28 -16.90 -8.48 -19.77
CA GLU B 28 -15.49 -8.78 -20.00
C GLU B 28 -14.62 -7.57 -19.65
N ASP B 29 -15.09 -6.39 -20.03
CA ASP B 29 -14.36 -5.16 -19.75
C ASP B 29 -14.45 -4.87 -18.26
N ILE B 30 -15.66 -5.07 -17.72
CA ILE B 30 -15.91 -4.87 -16.31
C ILE B 30 -15.03 -5.81 -15.51
N SER B 31 -15.04 -7.07 -15.90
CA SER B 31 -14.22 -8.10 -15.25
C SER B 31 -12.76 -7.67 -15.25
N LEU B 32 -12.34 -7.03 -16.33
CA LEU B 32 -10.97 -6.55 -16.44
C LEU B 32 -10.64 -5.64 -15.27
N LEU B 33 -11.49 -4.64 -15.05
CA LEU B 33 -11.30 -3.72 -13.94
C LEU B 33 -11.37 -4.48 -12.64
N LEU B 34 -12.33 -5.40 -12.56
CA LEU B 34 -12.51 -6.22 -11.37
C LEU B 34 -11.24 -6.99 -11.05
N GLN B 35 -10.58 -7.49 -12.09
CA GLN B 35 -9.34 -8.25 -11.90
C GLN B 35 -8.27 -7.37 -11.28
N LEU B 36 -8.04 -6.22 -11.87
CA LEU B 36 -7.04 -5.28 -11.36
C LEU B 36 -7.40 -4.86 -9.94
N VAL B 37 -8.66 -4.46 -9.78
CA VAL B 37 -9.17 -4.03 -8.48
C VAL B 37 -8.94 -5.09 -7.40
N GLN B 38 -9.12 -6.35 -7.77
CA GLN B 38 -8.95 -7.44 -6.81
C GLN B 38 -7.50 -7.90 -6.72
N ASN B 39 -6.66 -7.46 -7.65
CA ASN B 39 -5.25 -7.85 -7.64
C ASN B 39 -4.57 -7.39 -6.35
N LYS B 40 -3.91 -8.32 -5.67
CA LYS B 40 -3.23 -8.01 -4.40
C LYS B 40 -2.31 -6.80 -4.55
N ASP B 41 -1.34 -6.90 -5.46
CA ASP B 41 -0.40 -5.82 -5.68
C ASP B 41 -1.12 -4.54 -6.11
N PHE B 42 -2.01 -4.67 -7.08
CA PHE B 42 -2.78 -3.52 -7.57
C PHE B 42 -3.52 -2.84 -6.42
N GLN B 43 -4.30 -3.62 -5.70
CA GLN B 43 -5.07 -3.10 -4.57
C GLN B 43 -4.18 -2.33 -3.61
N ASN B 44 -2.95 -2.80 -3.44
CA ASN B 44 -2.00 -2.15 -2.56
C ASN B 44 -1.71 -0.74 -3.02
N ALA B 45 -1.39 -0.60 -4.31
CA ALA B 45 -1.09 0.70 -4.89
C ALA B 45 -2.25 1.67 -4.70
N PHE B 46 -3.45 1.22 -5.04
CA PHE B 46 -4.64 2.04 -4.91
C PHE B 46 -4.93 2.38 -3.45
N LYS B 47 -4.71 1.42 -2.56
CA LYS B 47 -4.94 1.64 -1.14
C LYS B 47 -4.04 2.75 -0.61
N ILE B 48 -2.81 2.78 -1.09
CA ILE B 48 -1.86 3.81 -0.68
C ILE B 48 -2.35 5.19 -1.10
N HIS B 49 -2.73 5.31 -2.36
CA HIS B 49 -3.22 6.58 -2.90
C HIS B 49 -4.47 7.04 -2.16
N ASN B 50 -5.39 6.12 -1.94
CA ASN B 50 -6.65 6.45 -1.26
C ASN B 50 -6.42 7.10 0.10
N ALA B 51 -5.76 6.39 1.00
CA ALA B 51 -5.49 6.92 2.34
C ALA B 51 -4.62 8.17 2.29
N ILE B 52 -3.49 8.09 1.59
CA ILE B 52 -2.59 9.22 1.48
C ILE B 52 -3.29 10.46 0.92
N THR B 53 -4.12 10.28 -0.10
CA THR B 53 -4.85 11.40 -0.67
C THR B 53 -5.70 12.06 0.40
N VAL B 54 -6.39 11.23 1.17
CA VAL B 54 -7.23 11.70 2.26
C VAL B 54 -6.44 12.59 3.20
N HIS B 55 -5.25 12.14 3.57
CA HIS B 55 -4.38 12.91 4.47
C HIS B 55 -3.96 14.21 3.78
N MET B 56 -3.84 14.16 2.46
CA MET B 56 -3.45 15.32 1.68
C MET B 56 -4.42 16.48 1.91
N ASN B 57 -5.70 16.22 1.69
CA ASN B 57 -6.73 17.24 1.87
C ASN B 57 -7.00 17.48 3.35
N LYS B 58 -6.85 16.43 4.16
CA LYS B 58 -7.08 16.51 5.58
C LYS B 58 -5.99 17.33 6.27
N ALA B 59 -4.82 16.72 6.42
CA ALA B 59 -3.68 17.39 7.05
C ALA B 59 -3.07 18.43 6.12
N SER B 60 -3.11 19.68 6.54
CA SER B 60 -2.56 20.78 5.74
C SER B 60 -1.03 20.68 5.67
N ASN C 1 2.95 -5.97 -23.68
CA ASN C 1 3.37 -5.22 -22.50
C ASN C 1 2.19 -5.01 -21.54
N PRO C 2 2.48 -4.65 -20.28
CA PRO C 2 1.44 -4.42 -19.27
C PRO C 2 0.63 -3.17 -19.57
N ALA C 3 1.31 -2.13 -20.03
CA ALA C 3 0.66 -0.86 -20.36
C ALA C 3 -0.58 -1.08 -21.23
N ALA C 4 -0.56 -2.15 -22.01
CA ALA C 4 -1.68 -2.47 -22.89
C ALA C 4 -2.96 -2.68 -22.08
N GLU C 5 -2.83 -3.32 -20.93
CA GLU C 5 -3.97 -3.59 -20.06
C GLU C 5 -4.52 -2.29 -19.48
N LYS C 6 -3.65 -1.53 -18.84
CA LYS C 6 -4.05 -0.26 -18.24
C LYS C 6 -4.68 0.65 -19.28
N MET C 7 -4.09 0.70 -20.46
CA MET C 7 -4.61 1.53 -21.54
C MET C 7 -6.03 1.08 -21.90
N GLN C 8 -6.20 -0.23 -22.04
CA GLN C 8 -7.51 -0.79 -22.34
C GLN C 8 -8.46 -0.53 -21.18
N VAL C 9 -7.90 -0.55 -19.97
CA VAL C 9 -8.68 -0.29 -18.76
C VAL C 9 -9.29 1.10 -18.78
N LEU C 10 -8.46 2.10 -19.06
CA LEU C 10 -8.93 3.48 -19.11
C LEU C 10 -10.04 3.61 -20.15
N GLN C 11 -9.82 3.02 -21.31
CA GLN C 11 -10.81 3.03 -22.37
C GLN C 11 -12.03 2.23 -21.95
N VAL C 12 -11.78 1.24 -21.09
CA VAL C 12 -12.84 0.38 -20.57
C VAL C 12 -13.69 1.17 -19.58
N LEU C 13 -13.03 2.01 -18.79
CA LEU C 13 -13.72 2.82 -17.80
C LEU C 13 -14.66 3.80 -18.46
N ASP C 14 -14.21 4.40 -19.56
CA ASP C 14 -15.01 5.36 -20.31
C ASP C 14 -16.17 4.68 -21.02
N ARG C 15 -15.90 3.48 -21.54
CA ARG C 15 -16.92 2.71 -22.25
C ARG C 15 -18.02 2.24 -21.31
N LEU C 16 -17.62 1.56 -20.23
CA LEU C 16 -18.58 1.07 -19.25
C LEU C 16 -19.45 2.21 -18.74
N ARG C 17 -18.79 3.26 -18.26
CA ARG C 17 -19.49 4.43 -17.73
C ARG C 17 -20.48 4.97 -18.76
N GLY C 18 -20.08 4.93 -20.04
CA GLY C 18 -20.95 5.42 -21.08
C GLY C 18 -22.26 4.67 -21.13
N LYS C 19 -22.19 3.35 -21.02
CA LYS C 19 -23.38 2.51 -21.04
C LYS C 19 -24.28 2.82 -19.85
N LEU C 20 -23.67 3.07 -18.70
CA LEU C 20 -24.42 3.38 -17.49
C LEU C 20 -25.24 4.65 -17.68
N GLN C 21 -24.58 5.70 -18.14
CA GLN C 21 -25.25 6.97 -18.38
C GLN C 21 -26.33 6.80 -19.45
N GLU C 22 -26.13 5.81 -20.32
CA GLU C 22 -27.10 5.54 -21.38
C GLU C 22 -28.23 4.67 -20.85
N LYS C 23 -27.91 3.80 -19.90
CA LYS C 23 -28.89 2.91 -19.31
C LYS C 23 -29.73 3.64 -18.26
N GLY C 24 -29.11 4.58 -17.58
CA GLY C 24 -29.81 5.33 -16.54
C GLY C 24 -29.16 5.19 -15.18
N ASP C 25 -27.90 4.77 -15.16
CA ASP C 25 -27.17 4.61 -13.91
C ASP C 25 -26.03 5.61 -13.84
N THR C 26 -26.34 6.81 -13.36
CA THR C 26 -25.35 7.85 -13.23
C THR C 26 -24.77 7.85 -11.82
N THR C 27 -24.79 6.68 -11.19
CA THR C 27 -24.29 6.52 -9.84
C THR C 27 -22.89 5.89 -9.87
N GLN C 28 -22.78 4.73 -10.52
CA GLN C 28 -21.50 4.05 -10.62
C GLN C 28 -20.55 4.81 -11.54
N ASN C 29 -21.11 5.63 -12.42
CA ASN C 29 -20.31 6.41 -13.35
C ASN C 29 -19.24 7.18 -12.62
N GLU C 30 -19.59 7.77 -11.48
CA GLU C 30 -18.65 8.51 -10.67
C GLU C 30 -17.46 7.63 -10.30
N LYS C 31 -17.74 6.34 -10.13
CA LYS C 31 -16.70 5.37 -9.79
C LYS C 31 -15.76 5.18 -10.97
N LEU C 32 -16.33 5.07 -12.16
CA LEU C 32 -15.54 4.88 -13.37
C LEU C 32 -14.67 6.10 -13.63
N SER C 33 -15.17 7.28 -13.25
CA SER C 33 -14.42 8.52 -13.42
C SER C 33 -13.35 8.63 -12.35
N ALA C 34 -13.69 8.23 -11.15
CA ALA C 34 -12.76 8.26 -10.02
C ALA C 34 -11.66 7.23 -10.22
N PHE C 35 -12.04 6.08 -10.75
CA PHE C 35 -11.10 4.99 -11.01
C PHE C 35 -10.26 5.32 -12.24
N TYR C 36 -10.88 5.97 -13.21
CA TYR C 36 -10.20 6.36 -14.44
C TYR C 36 -9.15 7.44 -14.18
N GLU C 37 -9.57 8.51 -13.49
CA GLU C 37 -8.67 9.61 -13.18
C GLU C 37 -7.49 9.12 -12.34
N THR C 38 -7.78 8.42 -11.25
CA THR C 38 -6.74 7.90 -10.37
C THR C 38 -5.77 7.02 -11.16
N LEU C 39 -6.31 6.24 -12.09
CA LEU C 39 -5.49 5.37 -12.93
C LEU C 39 -4.53 6.20 -13.77
N LYS C 40 -5.00 7.37 -14.19
CA LYS C 40 -4.21 8.28 -15.01
C LYS C 40 -3.22 9.08 -14.19
N SER C 41 -3.55 9.31 -12.93
CA SER C 41 -2.69 10.08 -12.02
C SER C 41 -1.22 9.71 -12.20
N PRO C 42 -0.32 10.71 -12.23
CA PRO C 42 1.12 10.48 -12.42
C PRO C 42 1.74 9.66 -11.28
N LEU C 43 1.67 10.20 -10.06
CA LEU C 43 2.21 9.51 -8.90
C LEU C 43 1.58 8.13 -8.74
N PHE C 44 0.31 8.03 -9.10
CA PHE C 44 -0.39 6.75 -8.99
C PHE C 44 0.26 5.72 -9.91
N ASN C 45 0.52 6.13 -11.15
CA ASN C 45 1.16 5.26 -12.12
C ASN C 45 2.49 4.75 -11.58
N GLN C 46 3.19 5.63 -10.86
CA GLN C 46 4.47 5.28 -10.26
C GLN C 46 4.28 4.15 -9.25
N ILE C 47 3.21 4.23 -8.47
CA ILE C 47 2.91 3.20 -7.47
C ILE C 47 2.73 1.85 -8.14
N LEU C 48 2.01 1.84 -9.25
CA LEU C 48 1.76 0.60 -10.00
C LEU C 48 3.06 0.06 -10.57
N THR C 49 3.88 0.95 -11.12
CA THR C 49 5.16 0.57 -11.70
C THR C 49 5.99 -0.18 -10.67
N LEU C 50 5.93 0.30 -9.43
CA LEU C 50 6.67 -0.32 -8.33
C LEU C 50 6.17 -1.74 -8.10
N GLN C 51 4.85 -1.86 -7.97
CA GLN C 51 4.24 -3.17 -7.76
C GLN C 51 4.56 -4.09 -8.93
N GLN C 52 4.65 -3.51 -10.13
CA GLN C 52 4.96 -4.28 -11.33
C GLN C 52 6.33 -4.93 -11.18
N SER C 53 7.27 -4.17 -10.61
CA SER C 53 8.62 -4.66 -10.39
C SER C 53 8.57 -5.86 -9.45
N ILE C 54 7.74 -5.74 -8.42
CA ILE C 54 7.58 -6.82 -7.46
C ILE C 54 7.03 -8.06 -8.16
N LYS C 55 6.16 -7.85 -9.14
CA LYS C 55 5.59 -8.94 -9.90
C LYS C 55 6.70 -9.71 -10.61
N GLN C 56 7.66 -8.98 -11.15
CA GLN C 56 8.79 -9.58 -11.84
C GLN C 56 9.62 -10.41 -10.87
N LEU C 57 9.74 -9.92 -9.64
CA LEU C 57 10.50 -10.61 -8.61
C LEU C 57 9.95 -12.02 -8.39
N LYS C 58 8.63 -12.10 -8.24
CA LYS C 58 7.97 -13.38 -8.03
C LYS C 58 8.06 -14.26 -9.27
N GLY C 59 8.09 -13.63 -10.44
CA GLY C 59 8.18 -14.37 -11.68
C GLY C 59 9.59 -14.76 -12.04
N GLN C 60 10.57 -14.00 -11.54
CA GLN C 60 11.97 -14.28 -11.82
C GLN C 60 12.57 -15.19 -10.75
N LEU C 61 12.20 -14.95 -9.50
CA LEU C 61 12.70 -15.74 -8.38
C LEU C 61 12.37 -17.22 -8.57
N SER C 62 13.37 -18.07 -8.41
CA SER C 62 13.18 -19.51 -8.57
C SER C 62 14.38 -20.28 -8.01
N ALA D 1 14.90 -13.86 4.07
CA ALA D 1 14.20 -12.62 4.36
C ALA D 1 12.84 -12.58 3.67
N VAL D 2 11.85 -13.22 4.29
CA VAL D 2 10.50 -13.26 3.74
C VAL D 2 9.51 -13.84 4.74
N LYS D 3 9.76 -13.58 6.03
CA LYS D 3 8.89 -14.07 7.09
C LYS D 3 7.94 -12.97 7.55
N ILE D 4 7.65 -12.03 6.66
CA ILE D 4 6.76 -10.93 6.94
C ILE D 4 7.06 -10.32 8.32
N LEU D 5 6.13 -9.55 8.87
CA LEU D 5 6.35 -8.91 10.15
C LEU D 5 5.03 -8.63 10.89
N GLU D 6 4.02 -8.19 10.15
CA GLU D 6 2.71 -7.88 10.74
C GLU D 6 2.81 -6.71 11.71
N ILE D 7 2.33 -5.54 11.27
CA ILE D 7 2.39 -4.35 12.10
C ILE D 7 1.55 -4.48 13.36
N GLU D 8 0.46 -5.23 13.29
CA GLU D 8 -0.39 -5.40 14.46
C GLU D 8 0.40 -6.07 15.58
N ASP D 9 1.19 -7.08 15.21
CA ASP D 9 2.01 -7.80 16.16
C ASP D 9 3.25 -6.97 16.51
N LEU D 10 3.79 -6.31 15.52
CA LEU D 10 4.97 -5.46 15.68
C LEU D 10 4.63 -4.19 16.45
N PHE D 11 3.38 -3.76 16.33
CA PHE D 11 2.91 -2.56 17.02
C PHE D 11 2.75 -2.87 18.50
N SER D 12 2.09 -3.99 18.79
CA SER D 12 1.90 -4.41 20.17
C SER D 12 3.25 -4.71 20.80
N SER D 13 4.22 -5.12 19.97
CA SER D 13 5.56 -5.42 20.44
C SER D 13 6.24 -4.17 20.98
N LEU D 14 6.27 -3.11 20.17
CA LEU D 14 6.89 -1.85 20.61
C LEU D 14 6.22 -1.37 21.88
N LYS D 15 4.91 -1.60 21.96
CA LYS D 15 4.16 -1.20 23.14
C LYS D 15 4.74 -1.89 24.37
N HIS D 16 5.08 -3.16 24.21
CA HIS D 16 5.69 -3.92 25.30
C HIS D 16 7.10 -3.39 25.55
N ILE D 17 7.90 -3.38 24.49
CA ILE D 17 9.26 -2.88 24.55
C ILE D 17 9.31 -1.49 25.17
N GLN D 18 8.28 -0.70 24.92
CA GLN D 18 8.22 0.65 25.46
C GLN D 18 8.15 0.62 26.98
N HIS D 19 7.24 -0.18 27.52
CA HIS D 19 7.08 -0.29 28.97
C HIS D 19 8.17 -1.18 29.55
N THR D 20 8.76 -2.01 28.70
CA THR D 20 9.83 -2.91 29.12
C THR D 20 11.16 -2.17 29.10
N LEU D 21 11.30 -1.24 28.16
CA LEU D 21 12.51 -0.45 28.05
C LEU D 21 12.28 0.91 28.67
N VAL D 22 12.49 0.98 29.97
CA VAL D 22 12.28 2.20 30.73
C VAL D 22 13.58 2.97 30.92
N ASP D 23 14.43 2.92 29.91
CA ASP D 23 15.71 3.61 29.95
C ASP D 23 15.61 5.02 29.35
N SER D 24 14.36 5.48 29.14
CA SER D 24 14.11 6.80 28.58
C SER D 24 14.54 6.87 27.12
N GLN D 25 15.84 6.78 26.88
CA GLN D 25 16.37 6.83 25.52
C GLN D 25 15.74 5.75 24.66
N SER D 26 15.51 4.59 25.26
CA SER D 26 14.91 3.46 24.57
C SER D 26 13.48 3.78 24.18
N GLN D 27 12.76 4.49 25.05
CA GLN D 27 11.37 4.86 24.79
C GLN D 27 11.30 5.76 23.56
N GLU D 28 12.29 6.65 23.43
CA GLU D 28 12.35 7.56 22.31
C GLU D 28 12.59 6.81 21.00
N ASP D 29 13.48 5.82 21.06
CA ASP D 29 13.79 5.01 19.89
C ASP D 29 12.60 4.13 19.56
N ILE D 30 12.01 3.57 20.61
CA ILE D 30 10.84 2.72 20.48
C ILE D 30 9.71 3.52 19.82
N SER D 31 9.47 4.72 20.36
CA SER D 31 8.45 5.60 19.83
C SER D 31 8.70 5.87 18.37
N LEU D 32 9.98 5.95 17.99
CA LEU D 32 10.37 6.18 16.61
C LEU D 32 9.76 5.12 15.71
N LEU D 33 9.97 3.86 16.07
CA LEU D 33 9.41 2.76 15.30
C LEU D 33 7.90 2.81 15.36
N LEU D 34 7.39 3.12 16.55
CA LEU D 34 5.94 3.22 16.75
C LEU D 34 5.34 4.24 15.80
N GLN D 35 6.02 5.37 15.63
CA GLN D 35 5.54 6.42 14.75
C GLN D 35 5.49 5.93 13.30
N LEU D 36 6.60 5.35 12.86
CA LEU D 36 6.68 4.83 11.50
C LEU D 36 5.62 3.76 11.27
N VAL D 37 5.54 2.83 12.22
CA VAL D 37 4.58 1.73 12.15
C VAL D 37 3.15 2.24 12.08
N GLN D 38 2.86 3.29 12.85
CA GLN D 38 1.51 3.85 12.88
C GLN D 38 1.27 4.84 11.73
N ASN D 39 2.33 5.22 11.03
CA ASN D 39 2.22 6.14 9.91
C ASN D 39 1.29 5.58 8.85
N LYS D 40 0.29 6.38 8.45
CA LYS D 40 -0.68 5.95 7.45
C LYS D 40 0.01 5.43 6.18
N ASP D 41 0.82 6.29 5.57
CA ASP D 41 1.54 5.92 4.35
C ASP D 41 2.44 4.71 4.59
N PHE D 42 3.24 4.78 5.65
CA PHE D 42 4.14 3.68 6.00
C PHE D 42 3.37 2.37 6.15
N GLN D 43 2.30 2.41 6.94
CA GLN D 43 1.48 1.23 7.19
C GLN D 43 1.01 0.62 5.88
N ASN D 44 0.67 1.46 4.90
CA ASN D 44 0.21 0.97 3.61
C ASN D 44 1.29 0.19 2.88
N ALA D 45 2.47 0.82 2.76
CA ALA D 45 3.60 0.19 2.08
C ALA D 45 3.96 -1.15 2.73
N PHE D 46 4.08 -1.15 4.06
CA PHE D 46 4.41 -2.35 4.79
C PHE D 46 3.42 -3.46 4.47
N LYS D 47 2.15 -3.11 4.37
CA LYS D 47 1.10 -4.08 4.07
C LYS D 47 1.35 -4.69 2.70
N ILE D 48 1.84 -3.88 1.77
CA ILE D 48 2.14 -4.34 0.42
C ILE D 48 3.18 -5.45 0.45
N HIS D 49 4.27 -5.19 1.16
CA HIS D 49 5.36 -6.15 1.28
C HIS D 49 4.90 -7.40 2.04
N ASN D 50 3.95 -7.23 2.94
CA ASN D 50 3.44 -8.35 3.73
C ASN D 50 2.74 -9.40 2.88
N ALA D 51 1.66 -8.99 2.21
CA ALA D 51 0.89 -9.91 1.36
C ALA D 51 1.70 -10.37 0.16
N ILE D 52 2.27 -9.43 -0.58
CA ILE D 52 3.08 -9.77 -1.75
C ILE D 52 4.17 -10.76 -1.37
N THR D 53 4.72 -10.61 -0.17
CA THR D 53 5.74 -11.51 0.32
C THR D 53 5.18 -12.92 0.41
N VAL D 54 4.01 -13.00 1.04
CA VAL D 54 3.31 -14.26 1.22
C VAL D 54 3.14 -14.99 -0.11
N HIS D 55 2.62 -14.28 -1.11
CA HIS D 55 2.43 -14.87 -2.43
C HIS D 55 3.78 -15.24 -3.04
N MET D 56 4.81 -14.48 -2.68
CA MET D 56 6.16 -14.71 -3.18
C MET D 56 6.66 -16.09 -2.76
N ASN D 57 6.71 -16.33 -1.46
CA ASN D 57 7.17 -17.61 -0.93
C ASN D 57 6.30 -18.75 -1.44
N LYS D 58 5.00 -18.50 -1.55
CA LYS D 58 4.07 -19.52 -2.02
C LYS D 58 4.45 -20.01 -3.41
N ALA D 59 4.39 -19.09 -4.38
CA ALA D 59 4.73 -19.43 -5.77
C ALA D 59 3.87 -20.58 -6.28
N SER D 60 4.24 -21.11 -7.44
CA SER D 60 3.49 -22.21 -8.05
C SER D 60 3.83 -23.54 -7.38
N ASN A 1 16.22 16.09 6.12
CA ASN A 1 16.67 14.86 5.48
C ASN A 1 15.92 13.64 6.03
N PRO A 2 14.96 13.10 5.27
CA PRO A 2 14.18 11.94 5.70
C PRO A 2 15.04 10.68 5.87
N ALA A 3 16.15 10.64 5.14
CA ALA A 3 17.06 9.50 5.21
C ALA A 3 17.57 9.30 6.64
N ALA A 4 17.70 10.40 7.38
CA ALA A 4 18.18 10.34 8.75
C ALA A 4 17.26 9.47 9.61
N GLU A 5 15.96 9.54 9.35
CA GLU A 5 14.99 8.77 10.08
C GLU A 5 15.22 7.27 9.88
N LYS A 6 15.23 6.85 8.63
CA LYS A 6 15.44 5.45 8.30
C LYS A 6 16.78 4.96 8.85
N MET A 7 17.82 5.77 8.66
CA MET A 7 19.15 5.43 9.15
C MET A 7 19.12 5.28 10.67
N GLN A 8 18.43 6.21 11.32
CA GLN A 8 18.30 6.19 12.77
C GLN A 8 17.41 5.02 13.19
N VAL A 9 16.47 4.68 12.31
CA VAL A 9 15.54 3.57 12.57
C VAL A 9 16.31 2.26 12.66
N LEU A 10 17.06 1.93 11.62
CA LEU A 10 17.84 0.71 11.59
C LEU A 10 18.80 0.66 12.78
N GLN A 11 19.43 1.80 13.05
CA GLN A 11 20.33 1.90 14.18
C GLN A 11 19.56 1.80 15.48
N VAL A 12 18.29 2.22 15.43
CA VAL A 12 17.41 2.16 16.59
C VAL A 12 16.98 0.72 16.84
N LEU A 13 16.69 0.00 15.77
CA LEU A 13 16.27 -1.38 15.87
C LEU A 13 17.36 -2.24 16.49
N ASP A 14 18.61 -1.95 16.13
CA ASP A 14 19.75 -2.69 16.67
C ASP A 14 19.99 -2.33 18.12
N ARG A 15 19.85 -1.05 18.44
CA ARG A 15 20.06 -0.58 19.81
C ARG A 15 19.00 -1.15 20.76
N LEU A 16 17.74 -0.95 20.43
CA LEU A 16 16.65 -1.46 21.25
C LEU A 16 16.80 -2.96 21.46
N ARG A 17 16.90 -3.69 20.35
CA ARG A 17 17.05 -5.14 20.40
C ARG A 17 18.19 -5.54 21.33
N GLY A 18 19.27 -4.75 21.33
CA GLY A 18 20.40 -5.05 22.19
C GLY A 18 20.04 -5.00 23.65
N LYS A 19 19.35 -3.93 24.05
CA LYS A 19 18.93 -3.77 25.43
C LYS A 19 18.04 -4.93 25.86
N LEU A 20 17.28 -5.46 24.91
CA LEU A 20 16.38 -6.58 25.20
C LEU A 20 17.17 -7.83 25.54
N GLN A 21 18.14 -8.15 24.70
CA GLN A 21 19.00 -9.31 24.92
C GLN A 21 19.71 -9.18 26.25
N GLU A 22 19.91 -7.93 26.68
CA GLU A 22 20.57 -7.66 27.95
C GLU A 22 19.58 -7.77 29.10
N LYS A 23 18.32 -7.45 28.81
CA LYS A 23 17.27 -7.50 29.81
C LYS A 23 16.74 -8.93 30.00
N GLY A 24 16.61 -9.66 28.89
CA GLY A 24 16.13 -11.03 28.97
C GLY A 24 14.96 -11.29 28.02
N ASP A 25 14.33 -10.24 27.53
CA ASP A 25 13.22 -10.37 26.62
C ASP A 25 13.69 -10.20 25.19
N THR A 26 14.37 -11.23 24.69
CA THR A 26 14.89 -11.20 23.33
C THR A 26 13.86 -11.77 22.36
N THR A 27 12.64 -11.94 22.85
CA THR A 27 11.57 -12.46 22.03
C THR A 27 11.17 -11.42 20.99
N GLN A 28 11.26 -10.15 21.39
CA GLN A 28 10.93 -9.05 20.50
C GLN A 28 12.05 -8.83 19.48
N ASN A 29 13.18 -9.48 19.70
CA ASN A 29 14.32 -9.37 18.79
C ASN A 29 13.92 -9.79 17.39
N GLU A 30 13.12 -10.84 17.29
CA GLU A 30 12.65 -11.35 16.01
C GLU A 30 11.93 -10.24 15.25
N LYS A 31 11.22 -9.40 16.00
CA LYS A 31 10.51 -8.28 15.40
C LYS A 31 11.50 -7.27 14.82
N LEU A 32 12.40 -6.83 15.69
CA LEU A 32 13.43 -5.87 15.31
C LEU A 32 14.29 -6.40 14.17
N SER A 33 14.44 -7.72 14.12
CA SER A 33 15.24 -8.35 13.08
C SER A 33 14.48 -8.38 11.77
N ALA A 34 13.17 -8.56 11.87
CA ALA A 34 12.30 -8.61 10.71
C ALA A 34 12.08 -7.22 10.13
N PHE A 35 11.86 -6.25 11.01
CA PHE A 35 11.63 -4.87 10.58
C PHE A 35 12.93 -4.26 10.07
N TYR A 36 14.01 -4.46 10.82
CA TYR A 36 15.32 -3.94 10.45
C TYR A 36 15.76 -4.46 9.08
N GLU A 37 15.74 -5.78 8.92
CA GLU A 37 16.13 -6.39 7.65
C GLU A 37 15.18 -5.96 6.54
N THR A 38 13.88 -6.07 6.78
CA THR A 38 12.88 -5.68 5.79
C THR A 38 13.16 -4.26 5.33
N LEU A 39 13.64 -3.43 6.25
CA LEU A 39 13.98 -2.05 5.95
C LEU A 39 15.20 -2.01 5.03
N LYS A 40 16.09 -2.99 5.22
CA LYS A 40 17.31 -3.10 4.44
C LYS A 40 16.98 -3.41 2.98
N SER A 41 15.89 -4.15 2.79
CA SER A 41 15.47 -4.56 1.45
C SER A 41 15.42 -3.37 0.50
N PRO A 42 15.99 -3.52 -0.72
CA PRO A 42 15.99 -2.46 -1.72
C PRO A 42 14.61 -2.21 -2.32
N LEU A 43 13.87 -3.30 -2.51
CA LEU A 43 12.53 -3.22 -3.06
C LEU A 43 11.60 -2.51 -2.09
N PHE A 44 11.63 -2.96 -0.83
CA PHE A 44 10.80 -2.36 0.21
C PHE A 44 11.13 -0.87 0.36
N ASN A 45 12.43 -0.57 0.36
CA ASN A 45 12.89 0.81 0.47
C ASN A 45 12.29 1.66 -0.63
N GLN A 46 12.20 1.09 -1.83
CA GLN A 46 11.63 1.79 -2.97
C GLN A 46 10.18 2.15 -2.69
N ILE A 47 9.44 1.21 -2.09
CA ILE A 47 8.05 1.44 -1.75
C ILE A 47 7.91 2.64 -0.83
N LEU A 48 8.67 2.63 0.26
CA LEU A 48 8.64 3.73 1.23
C LEU A 48 8.98 5.05 0.54
N THR A 49 9.94 5.00 -0.37
CA THR A 49 10.35 6.19 -1.11
C THR A 49 9.13 6.83 -1.77
N LEU A 50 8.32 6.00 -2.41
CA LEU A 50 7.10 6.47 -3.05
C LEU A 50 6.19 7.12 -2.03
N GLN A 51 6.15 6.51 -0.83
CA GLN A 51 5.33 7.02 0.25
C GLN A 51 5.80 8.42 0.64
N GLN A 52 7.12 8.61 0.60
CA GLN A 52 7.71 9.90 0.94
C GLN A 52 7.23 10.97 -0.04
N SER A 53 7.14 10.61 -1.31
CA SER A 53 6.68 11.53 -2.33
C SER A 53 5.25 12.00 -2.03
N ILE A 54 4.37 11.04 -1.75
CA ILE A 54 2.98 11.35 -1.43
C ILE A 54 2.92 12.23 -0.18
N LYS A 55 3.83 11.97 0.75
CA LYS A 55 3.89 12.75 2.00
C LYS A 55 4.09 14.23 1.69
N GLN A 56 5.01 14.50 0.76
CA GLN A 56 5.29 15.88 0.36
C GLN A 56 4.05 16.51 -0.26
N LEU A 57 3.33 15.73 -1.06
CA LEU A 57 2.12 16.20 -1.72
C LEU A 57 1.12 16.72 -0.69
N LYS A 58 0.99 15.99 0.42
CA LYS A 58 0.07 16.37 1.47
C LYS A 58 0.48 17.69 2.11
N GLY A 59 1.74 17.76 2.54
CA GLY A 59 2.24 18.98 3.15
C GLY A 59 2.12 20.19 2.24
N GLN A 60 2.26 19.96 0.94
CA GLN A 60 2.17 21.04 -0.03
C GLN A 60 0.71 21.34 -0.38
N LEU A 61 -0.13 20.31 -0.32
CA LEU A 61 -1.54 20.46 -0.64
C LEU A 61 -2.31 20.92 0.60
N SER A 62 -1.96 22.08 1.12
CA SER A 62 -2.62 22.62 2.30
C SER A 62 -3.12 24.04 2.05
N ALA B 1 -12.96 17.22 -3.66
CA ALA B 1 -11.56 17.23 -4.06
C ALA B 1 -10.96 15.83 -4.04
N VAL B 2 -10.20 15.50 -5.08
CA VAL B 2 -9.56 14.20 -5.20
C VAL B 2 -10.48 13.06 -4.75
N LYS B 3 -11.32 12.58 -5.66
CA LYS B 3 -12.24 11.50 -5.35
C LYS B 3 -11.48 10.26 -4.89
N ILE B 4 -11.99 9.61 -3.85
CA ILE B 4 -11.35 8.42 -3.31
C ILE B 4 -11.85 7.17 -4.03
N LEU B 5 -13.13 7.16 -4.37
CA LEU B 5 -13.73 6.02 -5.07
C LEU B 5 -13.85 4.80 -4.17
N GLU B 6 -12.75 4.39 -3.56
CA GLU B 6 -12.76 3.21 -2.68
C GLU B 6 -13.12 1.97 -3.48
N ILE B 7 -12.18 1.03 -3.59
CA ILE B 7 -12.43 -0.19 -4.34
C ILE B 7 -13.69 -0.90 -3.86
N GLU B 8 -14.08 -0.68 -2.62
CA GLU B 8 -15.28 -1.33 -2.11
C GLU B 8 -16.50 -0.83 -2.85
N ASP B 9 -16.57 0.48 -3.04
CA ASP B 9 -17.69 1.08 -3.76
C ASP B 9 -17.46 0.95 -5.26
N LEU B 10 -16.19 1.02 -5.66
CA LEU B 10 -15.83 0.88 -7.06
C LEU B 10 -15.99 -0.57 -7.51
N PHE B 11 -15.77 -1.50 -6.59
CA PHE B 11 -15.91 -2.92 -6.89
C PHE B 11 -17.37 -3.29 -7.04
N SER B 12 -18.18 -2.87 -6.06
CA SER B 12 -19.61 -3.13 -6.11
C SER B 12 -20.20 -2.44 -7.34
N SER B 13 -19.59 -1.34 -7.75
CA SER B 13 -20.03 -0.60 -8.91
C SER B 13 -19.89 -1.45 -10.17
N LEU B 14 -18.71 -2.00 -10.38
CA LEU B 14 -18.46 -2.84 -11.55
C LEU B 14 -19.47 -3.99 -11.57
N LYS B 15 -19.78 -4.50 -10.40
CA LYS B 15 -20.75 -5.58 -10.28
C LYS B 15 -22.09 -5.14 -10.85
N HIS B 16 -22.46 -3.89 -10.55
CA HIS B 16 -23.70 -3.32 -11.06
C HIS B 16 -23.56 -3.12 -12.56
N ILE B 17 -22.51 -2.42 -12.95
CA ILE B 17 -22.22 -2.14 -14.35
C ILE B 17 -22.23 -3.43 -15.17
N GLN B 18 -21.71 -4.50 -14.59
CA GLN B 18 -21.67 -5.79 -15.26
C GLN B 18 -23.08 -6.30 -15.53
N HIS B 19 -23.92 -6.29 -14.49
CA HIS B 19 -25.29 -6.74 -14.62
C HIS B 19 -26.17 -5.63 -15.18
N THR B 20 -25.56 -4.48 -15.43
CA THR B 20 -26.26 -3.33 -15.97
C THR B 20 -26.00 -3.18 -17.46
N LEU B 21 -24.80 -3.55 -17.88
CA LEU B 21 -24.43 -3.47 -19.28
C LEU B 21 -24.75 -4.78 -19.99
N VAL B 22 -24.20 -5.87 -19.46
CA VAL B 22 -24.41 -7.21 -20.01
C VAL B 22 -24.37 -7.20 -21.54
N ASP B 23 -23.49 -6.37 -22.09
CA ASP B 23 -23.33 -6.28 -23.54
C ASP B 23 -22.14 -7.11 -24.00
N SER B 24 -21.81 -8.15 -23.24
CA SER B 24 -20.69 -9.02 -23.56
C SER B 24 -19.38 -8.26 -23.45
N GLN B 25 -19.10 -7.40 -24.42
CA GLN B 25 -17.88 -6.60 -24.41
C GLN B 25 -17.84 -5.74 -23.14
N SER B 26 -19.02 -5.41 -22.63
CA SER B 26 -19.14 -4.62 -21.42
C SER B 26 -18.75 -5.45 -20.20
N GLN B 27 -19.30 -6.66 -20.11
CA GLN B 27 -19.02 -7.55 -18.99
C GLN B 27 -17.56 -7.99 -19.01
N GLU B 28 -16.98 -8.10 -20.20
CA GLU B 28 -15.59 -8.51 -20.33
C GLU B 28 -14.67 -7.36 -19.92
N ASP B 29 -15.05 -6.15 -20.29
CA ASP B 29 -14.29 -4.96 -19.94
C ASP B 29 -14.45 -4.71 -18.45
N ILE B 30 -15.68 -4.84 -17.99
CA ILE B 30 -15.99 -4.67 -16.58
C ILE B 30 -15.19 -5.66 -15.75
N SER B 31 -15.24 -6.93 -16.17
CA SER B 31 -14.51 -7.99 -15.49
C SER B 31 -13.04 -7.62 -15.38
N LEU B 32 -12.50 -7.01 -16.43
CA LEU B 32 -11.11 -6.60 -16.44
C LEU B 32 -10.82 -5.68 -15.26
N LEU B 33 -11.66 -4.65 -15.11
CA LEU B 33 -11.50 -3.71 -14.01
C LEU B 33 -11.64 -4.45 -12.69
N LEU B 34 -12.58 -5.39 -12.67
CA LEU B 34 -12.83 -6.21 -11.49
C LEU B 34 -11.57 -7.00 -11.14
N GLN B 35 -10.91 -7.53 -12.16
CA GLN B 35 -9.70 -8.31 -11.97
C GLN B 35 -8.60 -7.46 -11.34
N LEU B 36 -8.33 -6.31 -11.96
CA LEU B 36 -7.32 -5.41 -11.45
C LEU B 36 -7.72 -4.85 -10.10
N VAL B 37 -9.02 -4.63 -9.91
CA VAL B 37 -9.54 -4.11 -8.65
C VAL B 37 -9.42 -5.14 -7.53
N GLN B 38 -9.70 -6.40 -7.86
CA GLN B 38 -9.63 -7.45 -6.87
C GLN B 38 -8.20 -7.95 -6.65
N ASN B 39 -7.29 -7.57 -7.53
CA ASN B 39 -5.89 -7.98 -7.42
C ASN B 39 -5.35 -7.63 -6.03
N LYS B 40 -4.86 -8.63 -5.31
CA LYS B 40 -4.33 -8.43 -3.97
C LYS B 40 -3.35 -7.25 -3.90
N ASP B 41 -2.28 -7.34 -4.67
CA ASP B 41 -1.27 -6.28 -4.69
C ASP B 41 -1.89 -4.94 -5.09
N PHE B 42 -2.63 -4.95 -6.20
CA PHE B 42 -3.27 -3.73 -6.67
C PHE B 42 -4.17 -3.14 -5.60
N GLN B 43 -5.05 -3.96 -5.05
CA GLN B 43 -5.97 -3.52 -4.01
C GLN B 43 -5.22 -2.79 -2.90
N ASN B 44 -4.03 -3.27 -2.57
CA ASN B 44 -3.22 -2.65 -1.54
C ASN B 44 -2.78 -1.26 -1.96
N ALA B 45 -2.25 -1.16 -3.17
CA ALA B 45 -1.79 0.13 -3.70
C ALA B 45 -2.90 1.16 -3.70
N PHE B 46 -4.06 0.78 -4.23
CA PHE B 46 -5.21 1.68 -4.28
C PHE B 46 -5.62 2.12 -2.90
N LYS B 47 -5.47 1.21 -1.93
CA LYS B 47 -5.82 1.50 -0.55
C LYS B 47 -4.88 2.55 0.03
N ILE B 48 -3.63 2.53 -0.44
CA ILE B 48 -2.63 3.50 0.03
C ILE B 48 -3.00 4.89 -0.43
N HIS B 49 -3.30 5.03 -1.72
CA HIS B 49 -3.68 6.32 -2.28
C HIS B 49 -5.05 6.74 -1.78
N ASN B 50 -5.95 5.78 -1.64
CA ASN B 50 -7.30 6.06 -1.19
C ASN B 50 -7.32 6.78 0.15
N ALA B 51 -6.75 6.16 1.18
CA ALA B 51 -6.71 6.74 2.51
C ALA B 51 -5.87 8.01 2.54
N ILE B 52 -4.66 7.93 1.98
CA ILE B 52 -3.76 9.07 1.96
C ILE B 52 -4.41 10.27 1.27
N THR B 53 -5.12 10.01 0.17
CA THR B 53 -5.80 11.09 -0.55
C THR B 53 -6.83 11.75 0.35
N VAL B 54 -7.58 10.91 1.08
CA VAL B 54 -8.61 11.37 1.99
C VAL B 54 -8.04 12.40 2.97
N HIS B 55 -6.93 12.04 3.60
CA HIS B 55 -6.28 12.94 4.56
C HIS B 55 -5.79 14.20 3.85
N MET B 56 -5.43 14.06 2.57
CA MET B 56 -4.95 15.18 1.78
C MET B 56 -5.98 16.31 1.74
N ASN B 57 -7.14 16.01 1.19
CA ASN B 57 -8.20 17.01 1.08
C ASN B 57 -8.79 17.32 2.45
N LYS B 58 -9.09 16.28 3.21
CA LYS B 58 -9.66 16.45 4.55
C LYS B 58 -8.71 17.23 5.44
N ALA B 59 -7.41 17.11 5.19
CA ALA B 59 -6.40 17.80 5.97
C ALA B 59 -6.46 17.39 7.44
N SER B 60 -5.61 18.00 8.26
CA SER B 60 -5.58 17.70 9.69
C SER B 60 -5.12 18.91 10.48
N ASN C 1 2.21 -7.71 -22.60
CA ASN C 1 2.38 -6.30 -22.26
C ASN C 1 1.33 -5.84 -21.26
N PRO C 2 1.72 -5.68 -19.98
CA PRO C 2 0.79 -5.24 -18.93
C PRO C 2 0.29 -3.83 -19.14
N ALA C 3 1.09 -3.02 -19.82
CA ALA C 3 0.73 -1.64 -20.10
C ALA C 3 -0.47 -1.56 -21.04
N ALA C 4 -0.60 -2.56 -21.90
CA ALA C 4 -1.71 -2.61 -22.84
C ALA C 4 -3.05 -2.66 -22.11
N GLU C 5 -3.15 -3.56 -21.15
CA GLU C 5 -4.37 -3.71 -20.36
C GLU C 5 -4.71 -2.41 -19.62
N LYS C 6 -3.67 -1.71 -19.16
CA LYS C 6 -3.87 -0.45 -18.45
C LYS C 6 -4.47 0.59 -19.40
N MET C 7 -3.87 0.73 -20.57
CA MET C 7 -4.37 1.66 -21.57
C MET C 7 -5.78 1.26 -21.96
N GLN C 8 -6.00 -0.06 -22.01
CA GLN C 8 -7.30 -0.62 -22.34
C GLN C 8 -8.27 -0.37 -21.18
N VAL C 9 -7.73 -0.41 -19.97
CA VAL C 9 -8.53 -0.18 -18.76
C VAL C 9 -9.17 1.20 -18.80
N LEU C 10 -8.35 2.22 -19.06
CA LEU C 10 -8.85 3.58 -19.15
C LEU C 10 -9.88 3.69 -20.25
N GLN C 11 -9.56 3.11 -21.41
CA GLN C 11 -10.48 3.11 -22.54
C GLN C 11 -11.73 2.33 -22.18
N VAL C 12 -11.58 1.36 -21.28
CA VAL C 12 -12.69 0.54 -20.82
C VAL C 12 -13.58 1.36 -19.89
N LEU C 13 -12.95 2.20 -19.08
CA LEU C 13 -13.68 3.04 -18.15
C LEU C 13 -14.57 4.02 -18.88
N ASP C 14 -14.07 4.58 -19.97
CA ASP C 14 -14.83 5.53 -20.76
C ASP C 14 -15.96 4.83 -21.49
N ARG C 15 -15.67 3.64 -22.02
CA ARG C 15 -16.67 2.85 -22.74
C ARG C 15 -17.79 2.41 -21.81
N LEU C 16 -17.42 1.75 -20.72
CA LEU C 16 -18.40 1.27 -19.76
C LEU C 16 -19.29 2.41 -19.27
N ARG C 17 -18.67 3.44 -18.72
CA ARG C 17 -19.40 4.60 -18.23
C ARG C 17 -20.28 5.19 -19.32
N GLY C 18 -19.84 5.06 -20.57
CA GLY C 18 -20.62 5.58 -21.68
C GLY C 18 -21.94 4.85 -21.82
N LYS C 19 -21.90 3.53 -21.77
CA LYS C 19 -23.10 2.72 -21.90
C LYS C 19 -24.07 3.03 -20.76
N LEU C 20 -23.53 3.27 -19.57
CA LEU C 20 -24.36 3.58 -18.41
C LEU C 20 -25.11 4.89 -18.63
N GLN C 21 -24.38 5.92 -19.05
CA GLN C 21 -24.98 7.22 -19.32
C GLN C 21 -26.05 7.09 -20.40
N GLU C 22 -25.87 6.10 -21.27
CA GLU C 22 -26.82 5.86 -22.35
C GLU C 22 -28.00 5.05 -21.85
N LYS C 23 -27.75 4.17 -20.88
CA LYS C 23 -28.79 3.33 -20.31
C LYS C 23 -29.60 4.09 -19.26
N GLY C 24 -28.94 5.02 -18.58
CA GLY C 24 -29.61 5.80 -17.55
C GLY C 24 -28.99 5.62 -16.18
N ASP C 25 -27.73 5.18 -16.16
CA ASP C 25 -27.01 4.97 -14.92
C ASP C 25 -25.81 5.91 -14.83
N THR C 26 -26.07 7.14 -14.41
CA THR C 26 -25.02 8.14 -14.28
C THR C 26 -24.47 8.13 -12.87
N THR C 27 -24.77 7.07 -12.14
CA THR C 27 -24.31 6.92 -10.76
C THR C 27 -22.95 6.24 -10.73
N GLN C 28 -22.79 5.20 -11.54
CA GLN C 28 -21.54 4.45 -11.60
C GLN C 28 -20.49 5.23 -12.40
N ASN C 29 -20.96 6.08 -13.32
CA ASN C 29 -20.07 6.88 -14.15
C ASN C 29 -19.06 7.64 -13.28
N GLU C 30 -19.55 8.18 -12.18
CA GLU C 30 -18.69 8.91 -11.25
C GLU C 30 -17.54 8.03 -10.78
N LYS C 31 -17.82 6.74 -10.67
CA LYS C 31 -16.83 5.77 -10.25
C LYS C 31 -15.80 5.55 -11.35
N LEU C 32 -16.30 5.41 -12.58
CA LEU C 32 -15.43 5.19 -13.73
C LEU C 32 -14.55 6.41 -13.96
N SER C 33 -15.07 7.58 -13.62
CA SER C 33 -14.32 8.82 -13.78
C SER C 33 -13.29 8.95 -12.66
N ALA C 34 -13.66 8.45 -11.47
CA ALA C 34 -12.78 8.48 -10.32
C ALA C 34 -11.64 7.50 -10.49
N PHE C 35 -11.97 6.29 -10.94
CA PHE C 35 -10.98 5.25 -11.15
C PHE C 35 -10.09 5.60 -12.35
N TYR C 36 -10.74 6.05 -13.42
CA TYR C 36 -10.04 6.43 -14.64
C TYR C 36 -9.02 7.54 -14.37
N GLU C 37 -9.48 8.62 -13.77
CA GLU C 37 -8.60 9.75 -13.45
C GLU C 37 -7.46 9.30 -12.54
N THR C 38 -7.80 8.57 -11.48
CA THR C 38 -6.80 8.08 -10.54
C THR C 38 -5.77 7.22 -11.26
N LEU C 39 -6.23 6.40 -12.19
CA LEU C 39 -5.35 5.53 -12.96
C LEU C 39 -4.37 6.37 -13.76
N LYS C 40 -4.81 7.55 -14.19
CA LYS C 40 -3.96 8.45 -14.97
C LYS C 40 -2.91 9.09 -14.09
N SER C 41 -3.26 9.31 -12.83
CA SER C 41 -2.34 9.92 -11.87
C SER C 41 -0.95 9.27 -11.93
N PRO C 42 0.10 10.06 -12.21
CA PRO C 42 1.47 9.55 -12.30
C PRO C 42 1.94 8.95 -10.98
N LEU C 43 1.55 9.57 -9.87
CA LEU C 43 1.93 9.10 -8.56
C LEU C 43 1.31 7.73 -8.29
N PHE C 44 0.00 7.64 -8.42
CA PHE C 44 -0.72 6.39 -8.21
C PHE C 44 -0.16 5.31 -9.14
N ASN C 45 0.08 5.69 -10.40
CA ASN C 45 0.61 4.76 -11.38
C ASN C 45 1.91 4.15 -10.88
N GLN C 46 2.72 4.97 -10.23
CA GLN C 46 3.99 4.52 -9.69
C GLN C 46 3.75 3.47 -8.61
N ILE C 47 2.73 3.71 -7.78
CA ILE C 47 2.39 2.77 -6.71
C ILE C 47 2.06 1.39 -7.29
N LEU C 48 1.22 1.37 -8.31
CA LEU C 48 0.82 0.12 -8.95
C LEU C 48 2.01 -0.50 -9.67
N THR C 49 2.78 0.34 -10.37
CA THR C 49 3.95 -0.12 -11.10
C THR C 49 4.89 -0.86 -10.15
N LEU C 50 5.02 -0.34 -8.95
CA LEU C 50 5.86 -0.94 -7.93
C LEU C 50 5.34 -2.33 -7.57
N GLN C 51 4.04 -2.40 -7.30
CA GLN C 51 3.41 -3.67 -6.96
C GLN C 51 3.60 -4.67 -8.10
N GLN C 52 3.56 -4.15 -9.34
CA GLN C 52 3.75 -4.99 -10.51
C GLN C 52 5.12 -5.62 -10.50
N SER C 53 6.11 -4.84 -10.06
CA SER C 53 7.49 -5.31 -9.98
C SER C 53 7.58 -6.50 -9.04
N ILE C 54 7.06 -6.33 -7.82
CA ILE C 54 7.07 -7.41 -6.84
C ILE C 54 6.30 -8.61 -7.36
N LYS C 55 5.16 -8.35 -8.00
CA LYS C 55 4.34 -9.40 -8.57
C LYS C 55 5.15 -10.21 -9.58
N GLN C 56 6.02 -9.52 -10.29
CA GLN C 56 6.88 -10.17 -11.27
C GLN C 56 7.86 -11.11 -10.59
N LEU C 57 8.38 -10.66 -9.45
CA LEU C 57 9.32 -11.48 -8.68
C LEU C 57 8.70 -12.81 -8.31
N LYS C 58 7.46 -12.76 -7.86
CA LYS C 58 6.73 -13.97 -7.47
C LYS C 58 6.55 -14.90 -8.66
N GLY C 59 6.20 -14.32 -9.81
CA GLY C 59 5.99 -15.11 -11.01
C GLY C 59 7.30 -15.53 -11.67
N GLN C 60 8.36 -14.77 -11.43
CA GLN C 60 9.66 -15.08 -12.00
C GLN C 60 10.38 -16.13 -11.18
N LEU C 61 10.67 -15.81 -9.93
CA LEU C 61 11.36 -16.73 -9.04
C LEU C 61 10.59 -18.04 -8.89
N SER C 62 11.18 -19.13 -9.36
CA SER C 62 10.56 -20.44 -9.28
C SER C 62 11.48 -21.46 -8.62
N ALA D 1 15.11 -14.39 2.74
CA ALA D 1 14.64 -13.41 1.77
C ALA D 1 13.12 -13.30 1.79
N VAL D 2 12.57 -13.23 3.00
CA VAL D 2 11.12 -13.13 3.18
C VAL D 2 10.75 -13.14 4.66
N LYS D 3 11.57 -12.45 5.47
CA LYS D 3 11.34 -12.38 6.90
C LYS D 3 10.42 -11.21 7.26
N ILE D 4 9.16 -11.51 7.51
CA ILE D 4 8.18 -10.48 7.88
C ILE D 4 7.83 -10.58 9.36
N LEU D 5 6.97 -9.68 9.81
CA LEU D 5 6.57 -9.68 11.23
C LEU D 5 5.23 -8.98 11.48
N GLU D 6 4.60 -8.46 10.44
CA GLU D 6 3.32 -7.77 10.58
C GLU D 6 3.43 -6.60 11.56
N ILE D 7 2.73 -5.51 11.27
CA ILE D 7 2.76 -4.34 12.12
C ILE D 7 2.07 -4.59 13.45
N GLU D 8 0.98 -5.36 13.43
CA GLU D 8 0.26 -5.64 14.66
C GLU D 8 1.15 -6.38 15.65
N ASP D 9 1.95 -7.29 15.13
CA ASP D 9 2.85 -8.08 15.96
C ASP D 9 4.06 -7.24 16.37
N LEU D 10 4.62 -6.52 15.41
CA LEU D 10 5.78 -5.68 15.71
C LEU D 10 5.38 -4.46 16.52
N PHE D 11 4.14 -4.02 16.35
CA PHE D 11 3.64 -2.87 17.11
C PHE D 11 3.47 -3.26 18.56
N SER D 12 2.90 -4.44 18.78
CA SER D 12 2.71 -4.94 20.13
C SER D 12 4.08 -5.13 20.79
N SER D 13 5.06 -5.53 19.99
CA SER D 13 6.41 -5.72 20.47
C SER D 13 6.99 -4.41 20.99
N LEU D 14 6.95 -3.37 20.16
CA LEU D 14 7.48 -2.06 20.57
C LEU D 14 6.84 -1.63 21.87
N LYS D 15 5.57 -1.96 22.03
CA LYS D 15 4.86 -1.62 23.26
C LYS D 15 5.55 -2.26 24.44
N HIS D 16 5.90 -3.54 24.28
CA HIS D 16 6.62 -4.26 25.32
C HIS D 16 8.01 -3.65 25.50
N ILE D 17 8.74 -3.61 24.39
CA ILE D 17 10.08 -3.05 24.36
C ILE D 17 10.11 -1.65 24.98
N GLN D 18 9.03 -0.91 24.79
CA GLN D 18 8.94 0.44 25.34
C GLN D 18 8.89 0.39 26.86
N HIS D 19 8.02 -0.46 27.38
CA HIS D 19 7.88 -0.62 28.83
C HIS D 19 9.04 -1.44 29.40
N THR D 20 9.70 -2.19 28.51
CA THR D 20 10.83 -3.02 28.90
C THR D 20 12.11 -2.18 28.91
N LEU D 21 12.22 -1.28 27.96
CA LEU D 21 13.38 -0.39 27.87
C LEU D 21 13.01 0.95 28.46
N VAL D 22 13.12 1.03 29.77
CA VAL D 22 12.79 2.24 30.51
C VAL D 22 14.03 3.10 30.75
N ASP D 23 14.92 3.12 29.76
CA ASP D 23 16.14 3.91 29.86
C ASP D 23 15.93 5.31 29.27
N SER D 24 14.68 5.70 29.09
CA SER D 24 14.34 7.00 28.54
C SER D 24 14.71 7.09 27.07
N GLN D 25 16.01 7.09 26.79
CA GLN D 25 16.49 7.16 25.41
C GLN D 25 15.92 6.01 24.59
N SER D 26 15.73 4.87 25.24
CA SER D 26 15.18 3.70 24.57
C SER D 26 13.73 3.93 24.21
N GLN D 27 12.97 4.55 25.11
CA GLN D 27 11.56 4.82 24.87
C GLN D 27 11.41 5.75 23.66
N GLU D 28 12.38 6.65 23.51
CA GLU D 28 12.37 7.60 22.40
C GLU D 28 12.62 6.88 21.07
N ASP D 29 13.55 5.95 21.08
CA ASP D 29 13.88 5.18 19.89
C ASP D 29 12.73 4.23 19.58
N ILE D 30 12.20 3.63 20.64
CA ILE D 30 11.08 2.73 20.54
C ILE D 30 9.89 3.47 19.96
N SER D 31 9.61 4.63 20.55
CA SER D 31 8.49 5.46 20.10
C SER D 31 8.65 5.79 18.61
N LEU D 32 9.90 5.94 18.19
CA LEU D 32 10.20 6.25 16.80
C LEU D 32 9.64 5.15 15.90
N LEU D 33 9.98 3.90 16.21
CA LEU D 33 9.49 2.77 15.44
C LEU D 33 7.98 2.73 15.50
N LEU D 34 7.45 2.96 16.70
CA LEU D 34 6.02 2.98 16.92
C LEU D 34 5.36 4.02 16.02
N GLN D 35 5.95 5.21 15.98
CA GLN D 35 5.44 6.30 15.17
C GLN D 35 5.43 5.93 13.70
N LEU D 36 6.47 5.23 13.27
CA LEU D 36 6.56 4.79 11.89
C LEU D 36 5.48 3.76 11.63
N VAL D 37 5.32 2.85 12.57
CA VAL D 37 4.32 1.80 12.49
C VAL D 37 2.92 2.38 12.37
N GLN D 38 2.55 3.27 13.31
CA GLN D 38 1.24 3.88 13.30
C GLN D 38 1.03 4.75 12.06
N ASN D 39 2.13 5.24 11.48
CA ASN D 39 2.05 6.07 10.30
C ASN D 39 1.23 5.38 9.20
N LYS D 40 0.22 6.08 8.71
CA LYS D 40 -0.66 5.54 7.67
C LYS D 40 0.14 5.07 6.45
N ASP D 41 0.90 5.98 5.85
CA ASP D 41 1.70 5.66 4.67
C ASP D 41 2.64 4.49 4.95
N PHE D 42 3.38 4.59 6.05
CA PHE D 42 4.33 3.54 6.42
C PHE D 42 3.60 2.20 6.55
N GLN D 43 2.58 2.16 7.40
CA GLN D 43 1.81 0.95 7.61
C GLN D 43 1.36 0.36 6.28
N ASN D 44 1.08 1.23 5.32
CA ASN D 44 0.65 0.80 4.00
C ASN D 44 1.77 0.10 3.26
N ALA D 45 2.96 0.70 3.28
CA ALA D 45 4.12 0.15 2.60
C ALA D 45 4.45 -1.25 3.13
N PHE D 46 4.52 -1.39 4.44
CA PHE D 46 4.83 -2.68 5.06
C PHE D 46 3.75 -3.70 4.76
N LYS D 47 2.50 -3.23 4.69
CA LYS D 47 1.38 -4.10 4.40
C LYS D 47 1.51 -4.71 3.02
N ILE D 48 2.06 -3.94 2.09
CA ILE D 48 2.25 -4.40 0.72
C ILE D 48 3.38 -5.43 0.65
N HIS D 49 4.52 -5.09 1.23
CA HIS D 49 5.68 -5.98 1.23
C HIS D 49 5.40 -7.22 2.06
N ASN D 50 4.68 -7.05 3.16
CA ASN D 50 4.38 -8.16 4.06
C ASN D 50 3.46 -9.19 3.41
N ALA D 51 2.27 -8.77 3.01
CA ALA D 51 1.30 -9.67 2.40
C ALA D 51 1.83 -10.28 1.11
N ILE D 52 2.29 -9.43 0.19
CA ILE D 52 2.81 -9.90 -1.08
C ILE D 52 3.91 -10.95 -0.88
N THR D 53 4.85 -10.68 0.01
CA THR D 53 5.92 -11.62 0.28
C THR D 53 5.34 -12.98 0.70
N VAL D 54 4.34 -12.92 1.57
CA VAL D 54 3.67 -14.10 2.06
C VAL D 54 3.09 -14.91 0.90
N HIS D 55 2.46 -14.22 -0.03
CA HIS D 55 1.88 -14.87 -1.20
C HIS D 55 2.99 -15.50 -2.04
N MET D 56 4.16 -14.86 -2.04
CA MET D 56 5.31 -15.36 -2.79
C MET D 56 5.70 -16.75 -2.30
N ASN D 57 5.77 -16.90 -0.98
CA ASN D 57 6.13 -18.17 -0.37
C ASN D 57 5.05 -19.22 -0.61
N LYS D 58 3.80 -18.78 -0.64
CA LYS D 58 2.67 -19.67 -0.88
C LYS D 58 2.70 -20.22 -2.30
N ALA D 59 2.56 -19.33 -3.27
CA ALA D 59 2.55 -19.73 -4.68
C ALA D 59 1.41 -20.69 -4.97
N SER D 60 0.47 -20.23 -5.80
CA SER D 60 -0.68 -21.05 -6.17
C SER D 60 -1.17 -20.70 -7.57
N ASN A 1 15.64 15.48 6.53
CA ASN A 1 15.65 14.52 5.43
C ASN A 1 14.93 13.23 5.83
N PRO A 2 14.07 12.70 4.93
CA PRO A 2 13.32 11.47 5.21
C PRO A 2 14.24 10.28 5.46
N ALA A 3 15.15 10.05 4.52
CA ALA A 3 16.10 8.95 4.62
C ALA A 3 16.81 8.94 5.97
N ALA A 4 16.96 10.12 6.56
CA ALA A 4 17.62 10.24 7.86
C ALA A 4 16.89 9.43 8.93
N GLU A 5 15.57 9.38 8.82
CA GLU A 5 14.75 8.64 9.77
C GLU A 5 14.99 7.14 9.64
N LYS A 6 14.82 6.62 8.42
CA LYS A 6 15.02 5.19 8.17
C LYS A 6 16.41 4.74 8.62
N MET A 7 17.42 5.55 8.33
CA MET A 7 18.78 5.21 8.73
C MET A 7 18.87 5.13 10.25
N GLN A 8 18.33 6.15 10.92
CA GLN A 8 18.32 6.18 12.37
C GLN A 8 17.48 5.02 12.90
N VAL A 9 16.45 4.66 12.14
CA VAL A 9 15.57 3.56 12.52
C VAL A 9 16.35 2.26 12.62
N LEU A 10 17.03 1.90 11.55
CA LEU A 10 17.82 0.67 11.54
C LEU A 10 18.79 0.67 12.71
N GLN A 11 19.44 1.80 12.93
CA GLN A 11 20.37 1.94 14.04
C GLN A 11 19.60 1.86 15.36
N VAL A 12 18.34 2.27 15.32
CA VAL A 12 17.48 2.24 16.49
C VAL A 12 17.07 0.80 16.80
N LEU A 13 16.84 0.04 15.73
CA LEU A 13 16.44 -1.36 15.88
C LEU A 13 17.55 -2.17 16.55
N ASP A 14 18.79 -1.90 16.15
CA ASP A 14 19.94 -2.59 16.71
C ASP A 14 20.15 -2.22 18.18
N ARG A 15 20.04 -0.93 18.47
CA ARG A 15 20.20 -0.44 19.84
C ARG A 15 19.16 -1.04 20.77
N LEU A 16 17.89 -0.88 20.41
CA LEU A 16 16.80 -1.41 21.21
C LEU A 16 17.01 -2.89 21.48
N ARG A 17 17.15 -3.66 20.42
CA ARG A 17 17.37 -5.10 20.51
C ARG A 17 18.48 -5.41 21.50
N GLY A 18 19.51 -4.57 21.52
CA GLY A 18 20.63 -4.77 22.42
C GLY A 18 20.19 -4.72 23.88
N LYS A 19 19.47 -3.67 24.23
CA LYS A 19 18.99 -3.50 25.60
C LYS A 19 18.13 -4.69 26.03
N LEU A 20 17.37 -5.24 25.08
CA LEU A 20 16.51 -6.39 25.37
C LEU A 20 17.33 -7.61 25.71
N GLN A 21 18.30 -7.92 24.87
CA GLN A 21 19.17 -9.08 25.08
C GLN A 21 19.89 -8.96 26.42
N GLU A 22 20.10 -7.71 26.86
CA GLU A 22 20.77 -7.46 28.13
C GLU A 22 19.78 -7.58 29.28
N LYS A 23 18.56 -7.12 29.02
CA LYS A 23 17.50 -7.16 30.02
C LYS A 23 16.94 -8.57 30.18
N GLY A 24 16.94 -9.33 29.10
CA GLY A 24 16.42 -10.69 29.15
C GLY A 24 15.18 -10.87 28.30
N ASP A 25 14.98 -9.97 27.34
CA ASP A 25 13.83 -10.03 26.46
C ASP A 25 14.27 -10.36 25.04
N THR A 26 14.51 -11.63 24.78
CA THR A 26 14.93 -12.08 23.47
C THR A 26 13.73 -12.50 22.63
N THR A 27 12.56 -12.00 23.01
CA THR A 27 11.32 -12.31 22.32
C THR A 27 11.02 -11.25 21.27
N GLN A 28 11.19 -9.98 21.65
CA GLN A 28 10.93 -8.87 20.75
C GLN A 28 12.04 -8.77 19.71
N ASN A 29 13.22 -9.27 20.05
CA ASN A 29 14.36 -9.26 19.14
C ASN A 29 13.97 -9.77 17.76
N GLU A 30 13.15 -10.82 17.74
CA GLU A 30 12.68 -11.40 16.49
C GLU A 30 11.96 -10.34 15.67
N LYS A 31 11.28 -9.43 16.36
CA LYS A 31 10.55 -8.37 15.71
C LYS A 31 11.52 -7.32 15.18
N LEU A 32 12.54 -7.00 15.98
CA LEU A 32 13.54 -6.02 15.59
C LEU A 32 14.36 -6.54 14.43
N SER A 33 14.60 -7.85 14.42
CA SER A 33 15.36 -8.49 13.35
C SER A 33 14.50 -8.60 12.10
N ALA A 34 13.21 -8.84 12.32
CA ALA A 34 12.25 -8.97 11.23
C ALA A 34 12.02 -7.61 10.58
N PHE A 35 11.91 -6.58 11.43
CA PHE A 35 11.70 -5.22 10.95
C PHE A 35 12.96 -4.69 10.30
N TYR A 36 14.07 -4.81 11.02
CA TYR A 36 15.37 -4.33 10.54
C TYR A 36 15.71 -4.92 9.18
N GLU A 37 15.67 -6.25 9.07
CA GLU A 37 15.98 -6.91 7.82
C GLU A 37 15.03 -6.45 6.70
N THR A 38 13.73 -6.53 6.97
CA THR A 38 12.73 -6.11 5.98
C THR A 38 12.93 -4.66 5.60
N LEU A 39 13.34 -3.84 6.57
CA LEU A 39 13.59 -2.43 6.33
C LEU A 39 14.72 -2.26 5.32
N LYS A 40 15.67 -3.20 5.36
CA LYS A 40 16.82 -3.17 4.46
C LYS A 40 16.44 -3.68 3.06
N SER A 41 15.47 -4.58 3.00
CA SER A 41 15.02 -5.15 1.74
C SER A 41 14.87 -4.08 0.66
N PRO A 42 15.26 -4.40 -0.60
CA PRO A 42 15.16 -3.46 -1.72
C PRO A 42 13.72 -3.27 -2.18
N LEU A 43 13.00 -4.37 -2.31
CA LEU A 43 11.61 -4.33 -2.75
C LEU A 43 10.78 -3.47 -1.78
N PHE A 44 10.83 -3.83 -0.50
CA PHE A 44 10.10 -3.09 0.51
C PHE A 44 10.51 -1.62 0.49
N ASN A 45 11.81 -1.39 0.31
CA ASN A 45 12.34 -0.02 0.26
C ASN A 45 11.66 0.77 -0.84
N GLN A 46 11.51 0.14 -2.00
CA GLN A 46 10.86 0.79 -3.14
C GLN A 46 9.45 1.22 -2.77
N ILE A 47 8.77 0.37 -2.00
CA ILE A 47 7.41 0.67 -1.56
C ILE A 47 7.37 1.93 -0.71
N LEU A 48 8.21 1.97 0.32
CA LEU A 48 8.27 3.12 1.21
C LEU A 48 8.79 4.34 0.46
N THR A 49 9.71 4.12 -0.47
CA THR A 49 10.28 5.20 -1.26
C THR A 49 9.15 5.99 -1.92
N LEU A 50 8.25 5.27 -2.58
CA LEU A 50 7.09 5.89 -3.22
C LEU A 50 6.28 6.65 -2.19
N GLN A 51 6.06 6.01 -1.04
CA GLN A 51 5.32 6.63 0.04
C GLN A 51 6.04 7.88 0.51
N GLN A 52 7.38 7.85 0.42
CA GLN A 52 8.19 8.99 0.80
C GLN A 52 7.83 10.20 -0.05
N SER A 53 7.66 9.96 -1.34
CA SER A 53 7.29 11.02 -2.26
C SER A 53 5.95 11.61 -1.85
N ILE A 54 5.01 10.72 -1.50
CA ILE A 54 3.69 11.14 -1.05
C ILE A 54 3.82 12.01 0.19
N LYS A 55 4.75 11.63 1.07
CA LYS A 55 5.00 12.37 2.30
C LYS A 55 5.38 13.80 1.97
N GLN A 56 6.18 13.96 0.91
CA GLN A 56 6.60 15.28 0.48
C GLN A 56 5.41 16.10 0.02
N LEU A 57 4.48 15.45 -0.69
CA LEU A 57 3.28 16.10 -1.18
C LEU A 57 2.53 16.77 -0.04
N LYS A 58 2.29 16.00 1.03
CA LYS A 58 1.58 16.51 2.19
C LYS A 58 2.32 17.68 2.82
N GLY A 59 3.64 17.57 2.91
CA GLY A 59 4.45 18.62 3.49
C GLY A 59 4.33 19.92 2.71
N GLN A 60 4.58 19.86 1.42
CA GLN A 60 4.51 21.05 0.57
C GLN A 60 3.11 21.65 0.60
N LEU A 61 2.11 20.79 0.65
CA LEU A 61 0.72 21.24 0.68
C LEU A 61 0.35 21.78 2.07
N SER A 62 0.59 23.07 2.26
CA SER A 62 0.30 23.71 3.54
C SER A 62 0.04 25.20 3.35
N ALA B 1 -10.42 17.41 -7.79
CA ALA B 1 -10.00 16.11 -8.31
C ALA B 1 -9.15 15.36 -7.29
N VAL B 2 -9.81 14.60 -6.43
CA VAL B 2 -9.11 13.83 -5.40
C VAL B 2 -10.07 12.92 -4.65
N LYS B 3 -10.87 12.16 -5.40
CA LYS B 3 -11.84 11.24 -4.82
C LYS B 3 -11.14 9.96 -4.36
N ILE B 4 -11.79 9.23 -3.46
CA ILE B 4 -11.23 7.98 -2.94
C ILE B 4 -11.71 6.80 -3.75
N LEU B 5 -13.02 6.67 -3.87
CA LEU B 5 -13.62 5.58 -4.63
C LEU B 5 -13.28 4.22 -4.01
N GLU B 6 -13.54 4.08 -2.72
CA GLU B 6 -13.26 2.83 -2.01
C GLU B 6 -13.57 1.63 -2.91
N ILE B 7 -12.59 0.74 -3.07
CA ILE B 7 -12.77 -0.43 -3.91
C ILE B 7 -14.05 -1.17 -3.60
N GLU B 8 -14.53 -1.07 -2.37
CA GLU B 8 -15.75 -1.75 -1.99
C GLU B 8 -16.93 -1.18 -2.78
N ASP B 9 -16.94 0.13 -2.93
CA ASP B 9 -18.00 0.80 -3.67
C ASP B 9 -17.74 0.69 -5.17
N LEU B 10 -16.47 0.80 -5.55
CA LEU B 10 -16.08 0.70 -6.94
C LEU B 10 -16.21 -0.75 -7.43
N PHE B 11 -16.04 -1.70 -6.51
CA PHE B 11 -16.16 -3.11 -6.83
C PHE B 11 -17.62 -3.47 -7.07
N SER B 12 -18.48 -3.07 -6.13
CA SER B 12 -19.90 -3.32 -6.26
C SER B 12 -20.43 -2.61 -7.50
N SER B 13 -19.78 -1.51 -7.85
CA SER B 13 -20.16 -0.72 -9.01
C SER B 13 -19.99 -1.54 -10.29
N LEU B 14 -18.79 -2.10 -10.47
CA LEU B 14 -18.50 -2.90 -11.66
C LEU B 14 -19.46 -4.09 -11.71
N LYS B 15 -19.82 -4.59 -10.54
CA LYS B 15 -20.74 -5.71 -10.46
C LYS B 15 -22.07 -5.32 -11.10
N HIS B 16 -22.52 -4.11 -10.80
CA HIS B 16 -23.76 -3.59 -11.38
C HIS B 16 -23.55 -3.36 -12.87
N ILE B 17 -22.50 -2.62 -13.19
CA ILE B 17 -22.15 -2.32 -14.58
C ILE B 17 -22.08 -3.60 -15.41
N GLN B 18 -21.52 -4.65 -14.82
CA GLN B 18 -21.40 -5.93 -15.51
C GLN B 18 -22.77 -6.49 -15.87
N HIS B 19 -23.65 -6.57 -14.88
CA HIS B 19 -25.00 -7.08 -15.10
C HIS B 19 -25.89 -5.99 -15.70
N THR B 20 -25.34 -4.79 -15.83
CA THR B 20 -26.06 -3.67 -16.39
C THR B 20 -25.73 -3.50 -17.87
N LEU B 21 -24.50 -3.83 -18.24
CA LEU B 21 -24.07 -3.72 -19.63
C LEU B 21 -24.32 -5.05 -20.35
N VAL B 22 -23.72 -6.11 -19.83
CA VAL B 22 -23.88 -7.45 -20.40
C VAL B 22 -23.82 -7.43 -21.92
N ASP B 23 -22.98 -6.56 -22.46
CA ASP B 23 -22.82 -6.45 -23.91
C ASP B 23 -21.63 -7.26 -24.38
N SER B 24 -21.27 -8.30 -23.62
CA SER B 24 -20.15 -9.17 -23.95
C SER B 24 -18.83 -8.39 -23.84
N GLN B 25 -18.60 -7.49 -24.79
CA GLN B 25 -17.39 -6.69 -24.77
C GLN B 25 -17.38 -5.83 -23.51
N SER B 26 -18.57 -5.49 -23.03
CA SER B 26 -18.70 -4.68 -21.82
C SER B 26 -18.35 -5.50 -20.59
N GLN B 27 -18.87 -6.72 -20.51
CA GLN B 27 -18.59 -7.58 -19.37
C GLN B 27 -17.11 -7.92 -19.30
N GLU B 28 -16.47 -7.98 -20.47
CA GLU B 28 -15.04 -8.28 -20.54
C GLU B 28 -14.22 -7.10 -20.04
N ASP B 29 -14.65 -5.90 -20.42
CA ASP B 29 -13.97 -4.68 -20.00
C ASP B 29 -14.23 -4.47 -18.51
N ILE B 30 -15.47 -4.71 -18.13
CA ILE B 30 -15.88 -4.57 -16.75
C ILE B 30 -15.09 -5.55 -15.89
N SER B 31 -15.05 -6.80 -16.34
CA SER B 31 -14.32 -7.84 -15.63
C SER B 31 -12.86 -7.43 -15.46
N LEU B 32 -12.32 -6.73 -16.46
CA LEU B 32 -10.96 -6.26 -16.41
C LEU B 32 -10.74 -5.38 -15.19
N LEU B 33 -11.61 -4.38 -15.04
CA LEU B 33 -11.52 -3.47 -13.89
C LEU B 33 -11.70 -4.27 -12.61
N LEU B 34 -12.65 -5.18 -12.64
CA LEU B 34 -12.94 -6.03 -11.50
C LEU B 34 -11.69 -6.80 -11.07
N GLN B 35 -11.04 -7.44 -12.04
CA GLN B 35 -9.83 -8.22 -11.78
C GLN B 35 -8.74 -7.33 -11.22
N LEU B 36 -8.58 -6.16 -11.81
CA LEU B 36 -7.58 -5.20 -11.35
C LEU B 36 -7.88 -4.81 -9.91
N VAL B 37 -9.14 -4.61 -9.62
CA VAL B 37 -9.59 -4.23 -8.28
C VAL B 37 -9.32 -5.35 -7.27
N GLN B 38 -9.80 -6.55 -7.57
CA GLN B 38 -9.62 -7.69 -6.67
C GLN B 38 -8.15 -8.08 -6.54
N ASN B 39 -7.31 -7.61 -7.46
CA ASN B 39 -5.88 -7.93 -7.42
C ASN B 39 -5.29 -7.55 -6.07
N LYS B 40 -4.54 -8.47 -5.47
CA LYS B 40 -3.92 -8.23 -4.16
C LYS B 40 -3.00 -7.02 -4.19
N ASP B 41 -2.00 -7.05 -5.06
CA ASP B 41 -1.05 -5.95 -5.17
C ASP B 41 -1.75 -4.65 -5.52
N PHE B 42 -2.62 -4.70 -6.53
CA PHE B 42 -3.36 -3.52 -6.94
C PHE B 42 -4.13 -2.92 -5.77
N GLN B 43 -4.93 -3.75 -5.11
CA GLN B 43 -5.72 -3.32 -3.96
C GLN B 43 -4.83 -2.56 -2.97
N ASN B 44 -3.62 -3.06 -2.78
CA ASN B 44 -2.68 -2.43 -1.85
C ASN B 44 -2.38 -1.00 -2.31
N ALA B 45 -2.13 -0.82 -3.59
CA ALA B 45 -1.84 0.50 -4.15
C ALA B 45 -3.02 1.44 -3.95
N PHE B 46 -4.22 0.94 -4.20
CA PHE B 46 -5.43 1.73 -4.05
C PHE B 46 -5.65 2.14 -2.60
N LYS B 47 -5.32 1.23 -1.68
CA LYS B 47 -5.49 1.50 -0.26
C LYS B 47 -4.54 2.60 0.21
N ILE B 48 -3.30 2.55 -0.27
CA ILE B 48 -2.30 3.55 0.11
C ILE B 48 -2.76 4.94 -0.31
N HIS B 49 -3.16 5.06 -1.57
CA HIS B 49 -3.62 6.34 -2.10
C HIS B 49 -4.96 6.71 -1.48
N ASN B 50 -5.80 5.71 -1.22
CA ASN B 50 -7.11 5.94 -0.63
C ASN B 50 -7.02 6.71 0.68
N ALA B 51 -6.33 6.15 1.65
CA ALA B 51 -6.18 6.79 2.96
C ALA B 51 -5.40 8.09 2.86
N ILE B 52 -4.24 8.05 2.20
CA ILE B 52 -3.41 9.24 2.06
C ILE B 52 -4.19 10.38 1.39
N THR B 53 -4.89 10.08 0.30
CA THR B 53 -5.68 11.10 -0.39
C THR B 53 -6.65 11.74 0.59
N VAL B 54 -7.34 10.89 1.34
CA VAL B 54 -8.31 11.34 2.33
C VAL B 54 -7.64 12.31 3.31
N HIS B 55 -6.48 11.90 3.82
CA HIS B 55 -5.73 12.73 4.76
C HIS B 55 -5.30 14.03 4.09
N MET B 56 -5.07 13.96 2.78
CA MET B 56 -4.65 15.11 2.00
C MET B 56 -5.77 16.14 1.94
N ASN B 57 -6.99 15.67 1.71
CA ASN B 57 -8.16 16.53 1.62
C ASN B 57 -8.37 17.29 2.94
N LYS B 58 -8.43 16.54 4.02
CA LYS B 58 -8.63 17.12 5.34
C LYS B 58 -7.40 17.90 5.80
N ALA B 59 -6.25 17.23 5.80
CA ALA B 59 -4.99 17.84 6.20
C ALA B 59 -5.05 18.31 7.66
N SER B 60 -4.37 17.57 8.53
CA SER B 60 -4.35 17.90 9.95
C SER B 60 -3.08 17.38 10.61
N ASN C 1 2.97 -6.58 -20.95
CA ASN C 1 3.09 -5.12 -20.82
C ASN C 1 2.07 -4.58 -19.82
N PRO C 2 2.51 -4.21 -18.61
CA PRO C 2 1.62 -3.68 -17.57
C PRO C 2 0.98 -2.36 -17.98
N ALA C 3 1.67 -1.61 -18.83
CA ALA C 3 1.17 -0.32 -19.30
C ALA C 3 0.01 -0.50 -20.27
N ALA C 4 0.03 -1.61 -21.01
CA ALA C 4 -1.02 -1.90 -21.97
C ALA C 4 -2.37 -2.08 -21.27
N GLU C 5 -2.36 -2.76 -20.13
CA GLU C 5 -3.57 -2.98 -19.37
C GLU C 5 -4.18 -1.67 -18.90
N LYS C 6 -3.34 -0.82 -18.30
CA LYS C 6 -3.80 0.47 -17.80
C LYS C 6 -4.40 1.30 -18.93
N MET C 7 -3.73 1.29 -20.09
CA MET C 7 -4.20 2.04 -21.23
C MET C 7 -5.58 1.53 -21.66
N GLN C 8 -5.71 0.21 -21.70
CA GLN C 8 -6.98 -0.41 -22.05
C GLN C 8 -8.01 -0.14 -20.97
N VAL C 9 -7.53 -0.08 -19.73
CA VAL C 9 -8.39 0.19 -18.58
C VAL C 9 -9.03 1.57 -18.69
N LEU C 10 -8.20 2.59 -18.91
CA LEU C 10 -8.70 3.95 -19.03
C LEU C 10 -9.69 4.04 -20.17
N GLN C 11 -9.39 3.36 -21.27
CA GLN C 11 -10.27 3.32 -22.42
C GLN C 11 -11.50 2.50 -22.12
N VAL C 12 -11.34 1.52 -21.22
CA VAL C 12 -12.42 0.66 -20.80
C VAL C 12 -13.39 1.44 -19.92
N LEU C 13 -12.83 2.26 -19.04
CA LEU C 13 -13.63 3.07 -18.14
C LEU C 13 -14.47 4.07 -18.91
N ASP C 14 -13.86 4.67 -19.93
CA ASP C 14 -14.56 5.65 -20.76
C ASP C 14 -15.70 4.98 -21.51
N ARG C 15 -15.46 3.78 -22.01
CA ARG C 15 -16.47 3.04 -22.75
C ARG C 15 -17.60 2.58 -21.83
N LEU C 16 -17.23 1.87 -20.77
CA LEU C 16 -18.20 1.38 -19.81
C LEU C 16 -19.07 2.52 -19.29
N ARG C 17 -18.40 3.53 -18.75
CA ARG C 17 -19.08 4.71 -18.22
C ARG C 17 -20.05 5.30 -19.24
N GLY C 18 -19.62 5.34 -20.50
CA GLY C 18 -20.47 5.88 -21.55
C GLY C 18 -21.75 5.09 -21.71
N LYS C 19 -21.64 3.77 -21.60
CA LYS C 19 -22.79 2.90 -21.74
C LYS C 19 -23.76 3.09 -20.59
N LEU C 20 -23.24 3.41 -19.42
CA LEU C 20 -24.07 3.63 -18.24
C LEU C 20 -24.91 4.89 -18.41
N GLN C 21 -24.24 5.96 -18.77
CA GLN C 21 -24.90 7.23 -19.00
C GLN C 21 -25.89 7.12 -20.16
N GLU C 22 -25.61 6.18 -21.07
CA GLU C 22 -26.49 5.97 -22.22
C GLU C 22 -27.65 5.06 -21.85
N LYS C 23 -27.39 4.11 -20.96
CA LYS C 23 -28.41 3.16 -20.51
C LYS C 23 -29.32 3.79 -19.46
N GLY C 24 -28.78 4.73 -18.70
CA GLY C 24 -29.57 5.39 -17.66
C GLY C 24 -28.97 5.23 -16.28
N ASP C 25 -27.71 4.79 -16.22
CA ASP C 25 -27.02 4.60 -14.96
C ASP C 25 -25.97 5.69 -14.78
N THR C 26 -26.42 6.87 -14.36
CA THR C 26 -25.52 7.98 -14.14
C THR C 26 -25.07 8.03 -12.69
N THR C 27 -25.13 6.88 -12.03
CA THR C 27 -24.74 6.77 -10.63
C THR C 27 -23.36 6.14 -10.52
N GLN C 28 -23.22 4.96 -11.13
CA GLN C 28 -21.95 4.24 -11.12
C GLN C 28 -20.95 4.91 -12.07
N ASN C 29 -21.47 5.66 -13.03
CA ASN C 29 -20.62 6.35 -14.00
C ASN C 29 -19.60 7.22 -13.28
N GLU C 30 -20.01 7.78 -12.15
CA GLU C 30 -19.13 8.62 -11.35
C GLU C 30 -17.97 7.78 -10.82
N LYS C 31 -18.25 6.51 -10.55
CA LYS C 31 -17.24 5.60 -10.06
C LYS C 31 -16.18 5.38 -11.13
N LEU C 32 -16.63 5.19 -12.36
CA LEU C 32 -15.73 4.98 -13.49
C LEU C 32 -14.87 6.22 -13.72
N SER C 33 -15.44 7.39 -13.41
CA SER C 33 -14.72 8.65 -13.56
C SER C 33 -13.71 8.80 -12.43
N ALA C 34 -14.08 8.31 -11.25
CA ALA C 34 -13.21 8.39 -10.09
C ALA C 34 -12.05 7.41 -10.23
N PHE C 35 -12.36 6.19 -10.67
CA PHE C 35 -11.35 5.17 -10.87
C PHE C 35 -10.43 5.55 -12.01
N TYR C 36 -11.05 5.89 -13.15
CA TYR C 36 -10.31 6.29 -14.33
C TYR C 36 -9.36 7.45 -14.03
N GLU C 37 -9.89 8.52 -13.45
CA GLU C 37 -9.09 9.69 -13.11
C GLU C 37 -7.94 9.30 -12.17
N THR C 38 -8.28 8.56 -11.12
CA THR C 38 -7.28 8.11 -10.15
C THR C 38 -6.14 7.38 -10.85
N LEU C 39 -6.50 6.58 -11.85
CA LEU C 39 -5.51 5.83 -12.62
C LEU C 39 -4.60 6.80 -13.37
N LYS C 40 -5.17 7.92 -13.80
CA LYS C 40 -4.41 8.94 -14.52
C LYS C 40 -3.42 9.63 -13.61
N SER C 41 -3.76 9.71 -12.32
CA SER C 41 -2.89 10.35 -11.34
C SER C 41 -1.45 9.91 -11.50
N PRO C 42 -0.49 10.87 -11.47
CA PRO C 42 0.94 10.56 -11.62
C PRO C 42 1.47 9.77 -10.43
N LEU C 43 1.16 10.23 -9.23
CA LEU C 43 1.60 9.58 -8.01
C LEU C 43 1.02 8.17 -7.94
N PHE C 44 -0.30 8.06 -8.09
CA PHE C 44 -0.97 6.77 -8.05
C PHE C 44 -0.37 5.81 -9.06
N ASN C 45 -0.11 6.32 -10.27
CA ASN C 45 0.49 5.52 -11.33
C ASN C 45 1.81 4.94 -10.87
N GLN C 46 2.59 5.74 -10.14
CA GLN C 46 3.87 5.30 -9.63
C GLN C 46 3.70 4.14 -8.65
N ILE C 47 2.64 4.21 -7.85
CA ILE C 47 2.35 3.16 -6.88
C ILE C 47 2.11 1.82 -7.59
N LEU C 48 1.30 1.86 -8.64
CA LEU C 48 0.99 0.66 -9.41
C LEU C 48 2.25 0.13 -10.08
N THR C 49 3.07 1.05 -10.58
CA THR C 49 4.33 0.68 -11.24
C THR C 49 5.15 -0.22 -10.32
N LEU C 50 5.27 0.20 -9.06
CA LEU C 50 6.01 -0.57 -8.07
C LEU C 50 5.38 -1.95 -7.92
N GLN C 51 4.06 -1.99 -7.83
CA GLN C 51 3.33 -3.24 -7.69
C GLN C 51 3.62 -4.15 -8.90
N GLN C 52 3.76 -3.53 -10.06
CA GLN C 52 4.05 -4.27 -11.28
C GLN C 52 5.39 -4.97 -11.17
N SER C 53 6.35 -4.27 -10.57
CA SER C 53 7.69 -4.82 -10.38
C SER C 53 7.61 -6.09 -9.52
N ILE C 54 6.86 -5.99 -8.43
CA ILE C 54 6.68 -7.13 -7.54
C ILE C 54 6.03 -8.29 -8.28
N LYS C 55 5.13 -7.95 -9.20
CA LYS C 55 4.45 -8.96 -10.00
C LYS C 55 5.46 -9.75 -10.80
N GLN C 56 6.47 -9.05 -11.33
CA GLN C 56 7.51 -9.68 -12.10
C GLN C 56 8.28 -10.67 -11.23
N LEU C 57 8.57 -10.25 -10.00
CA LEU C 57 9.29 -11.10 -9.05
C LEU C 57 8.61 -12.45 -8.94
N LYS C 58 7.31 -12.44 -8.71
CA LYS C 58 6.52 -13.66 -8.58
C LYS C 58 6.67 -14.54 -9.82
N GLY C 59 6.51 -13.93 -10.98
CA GLY C 59 6.62 -14.67 -12.23
C GLY C 59 8.05 -15.04 -12.57
N GLN C 60 9.02 -14.47 -11.84
CA GLN C 60 10.42 -14.75 -12.08
C GLN C 60 11.09 -15.36 -10.86
N LEU C 61 11.44 -14.51 -9.90
CA LEU C 61 12.10 -14.96 -8.67
C LEU C 61 13.31 -15.83 -8.97
N SER C 62 13.09 -17.14 -9.14
CA SER C 62 14.17 -18.07 -9.43
C SER C 62 13.67 -19.51 -9.41
N ALA D 1 14.30 -15.78 4.47
CA ALA D 1 13.68 -15.69 3.15
C ALA D 1 12.36 -14.92 3.21
N VAL D 2 12.39 -13.67 2.72
CA VAL D 2 11.20 -12.82 2.71
C VAL D 2 10.44 -12.89 4.04
N LYS D 3 11.18 -12.97 5.14
CA LYS D 3 10.58 -13.05 6.46
C LYS D 3 9.66 -11.85 6.72
N ILE D 4 8.48 -12.12 7.23
CA ILE D 4 7.51 -11.06 7.51
C ILE D 4 7.69 -10.52 8.93
N LEU D 5 6.72 -9.75 9.40
CA LEU D 5 6.79 -9.17 10.74
C LEU D 5 5.39 -8.81 11.26
N GLU D 6 4.55 -8.29 10.37
CA GLU D 6 3.20 -7.90 10.75
C GLU D 6 3.25 -6.76 11.77
N ILE D 7 3.04 -5.54 11.31
CA ILE D 7 3.08 -4.38 12.19
C ILE D 7 2.23 -4.58 13.44
N GLU D 8 1.22 -5.44 13.35
CA GLU D 8 0.36 -5.69 14.50
C GLU D 8 1.18 -6.29 15.64
N ASP D 9 1.96 -7.31 15.30
CA ASP D 9 2.81 -7.96 16.29
C ASP D 9 4.01 -7.07 16.60
N LEU D 10 4.49 -6.39 15.56
CA LEU D 10 5.63 -5.50 15.68
C LEU D 10 5.25 -4.25 16.48
N PHE D 11 3.97 -3.87 16.40
CA PHE D 11 3.47 -2.71 17.12
C PHE D 11 3.39 -3.02 18.60
N SER D 12 2.80 -4.16 18.92
CA SER D 12 2.69 -4.59 20.31
C SER D 12 4.09 -4.80 20.90
N SER D 13 5.04 -5.14 20.03
CA SER D 13 6.42 -5.36 20.45
C SER D 13 7.03 -4.05 20.95
N LEU D 14 6.96 -3.00 20.14
CA LEU D 14 7.53 -1.71 20.54
C LEU D 14 6.88 -1.23 21.83
N LYS D 15 5.59 -1.48 21.97
CA LYS D 15 4.87 -1.09 23.17
C LYS D 15 5.50 -1.75 24.39
N HIS D 16 5.83 -3.03 24.25
CA HIS D 16 6.48 -3.77 25.34
C HIS D 16 7.89 -3.23 25.53
N ILE D 17 8.65 -3.21 24.43
CA ILE D 17 10.01 -2.71 24.44
C ILE D 17 10.09 -1.33 25.09
N GLN D 18 9.08 -0.51 24.84
CA GLN D 18 9.03 0.83 25.41
C GLN D 18 8.93 0.77 26.92
N HIS D 19 8.01 -0.04 27.42
CA HIS D 19 7.82 -0.20 28.85
C HIS D 19 8.83 -1.21 29.42
N THR D 20 9.64 -1.77 28.53
CA THR D 20 10.64 -2.75 28.92
C THR D 20 12.02 -2.10 29.01
N LEU D 21 12.27 -1.13 28.13
CA LEU D 21 13.55 -0.43 28.12
C LEU D 21 13.50 0.75 29.08
N VAL D 22 12.50 1.61 28.90
CA VAL D 22 12.32 2.79 29.75
C VAL D 22 13.64 3.47 30.09
N ASP D 23 14.55 3.48 29.11
CA ASP D 23 15.85 4.10 29.29
C ASP D 23 15.86 5.52 28.72
N SER D 24 14.68 6.12 28.62
CA SER D 24 14.55 7.47 28.09
C SER D 24 14.93 7.52 26.61
N GLN D 25 16.23 7.38 26.34
CA GLN D 25 16.71 7.39 24.97
C GLN D 25 16.10 6.22 24.20
N SER D 26 15.83 5.14 24.91
CA SER D 26 15.22 3.96 24.31
C SER D 26 13.77 4.23 23.94
N GLN D 27 13.07 4.96 24.81
CA GLN D 27 11.66 5.28 24.55
C GLN D 27 11.54 6.15 23.31
N GLU D 28 12.51 7.04 23.13
CA GLU D 28 12.53 7.93 21.98
C GLU D 28 12.79 7.16 20.69
N ASP D 29 13.70 6.20 20.77
CA ASP D 29 14.03 5.37 19.61
C ASP D 29 12.86 4.44 19.33
N ILE D 30 12.33 3.86 20.40
CA ILE D 30 11.19 2.98 20.30
C ILE D 30 10.03 3.72 19.68
N SER D 31 9.76 4.91 20.21
CA SER D 31 8.67 5.75 19.72
C SER D 31 8.88 6.04 18.24
N LEU D 32 10.14 6.17 17.83
CA LEU D 32 10.46 6.42 16.44
C LEU D 32 9.88 5.33 15.56
N LEU D 33 10.15 4.08 15.92
CA LEU D 33 9.63 2.95 15.17
C LEU D 33 8.11 2.94 15.27
N LEU D 34 7.61 3.25 16.46
CA LEU D 34 6.18 3.30 16.71
C LEU D 34 5.51 4.30 15.79
N GLN D 35 6.16 5.45 15.59
CA GLN D 35 5.64 6.49 14.73
C GLN D 35 5.49 5.98 13.30
N LEU D 36 6.57 5.43 12.77
CA LEU D 36 6.56 4.88 11.42
C LEU D 36 5.53 3.76 11.32
N VAL D 37 5.62 2.84 12.27
CA VAL D 37 4.70 1.70 12.33
C VAL D 37 3.25 2.16 12.34
N GLN D 38 2.97 3.23 13.08
CA GLN D 38 1.61 3.74 13.19
C GLN D 38 1.29 4.72 12.07
N ASN D 39 2.30 5.08 11.27
CA ASN D 39 2.11 6.00 10.16
C ASN D 39 1.19 5.37 9.11
N LYS D 40 0.18 6.14 8.67
CA LYS D 40 -0.77 5.64 7.67
C LYS D 40 -0.06 5.09 6.44
N ASP D 41 0.73 5.94 5.78
CA ASP D 41 1.45 5.54 4.58
C ASP D 41 2.41 4.40 4.86
N PHE D 42 3.24 4.56 5.89
CA PHE D 42 4.21 3.54 6.26
C PHE D 42 3.52 2.19 6.50
N GLN D 43 2.54 2.20 7.40
CA GLN D 43 1.80 0.97 7.72
C GLN D 43 1.22 0.33 6.47
N ASN D 44 0.80 1.17 5.52
CA ASN D 44 0.22 0.66 4.28
C ASN D 44 1.22 -0.20 3.52
N ALA D 45 2.41 0.35 3.31
CA ALA D 45 3.48 -0.36 2.60
C ALA D 45 3.78 -1.70 3.26
N PHE D 46 3.97 -1.69 4.57
CA PHE D 46 4.27 -2.90 5.32
C PHE D 46 3.23 -3.98 5.05
N LYS D 47 1.96 -3.57 5.00
CA LYS D 47 0.88 -4.51 4.74
C LYS D 47 1.02 -5.11 3.35
N ILE D 48 1.47 -4.30 2.39
CA ILE D 48 1.65 -4.78 1.03
C ILE D 48 2.72 -5.87 0.98
N HIS D 49 3.85 -5.59 1.60
CA HIS D 49 4.95 -6.54 1.64
C HIS D 49 4.56 -7.78 2.44
N ASN D 50 3.66 -7.61 3.40
CA ASN D 50 3.22 -8.71 4.24
C ASN D 50 2.48 -9.79 3.44
N ALA D 51 1.37 -9.40 2.81
CA ALA D 51 0.58 -10.33 2.03
C ALA D 51 1.31 -10.78 0.76
N ILE D 52 1.82 -9.82 -0.01
CA ILE D 52 2.54 -10.15 -1.23
C ILE D 52 3.66 -11.15 -0.98
N THR D 53 4.38 -10.98 0.14
CA THR D 53 5.46 -11.90 0.48
C THR D 53 4.89 -13.28 0.72
N VAL D 54 3.86 -13.34 1.55
CA VAL D 54 3.20 -14.60 1.88
C VAL D 54 2.73 -15.31 0.60
N HIS D 55 2.03 -14.57 -0.25
CA HIS D 55 1.54 -15.14 -1.50
C HIS D 55 2.70 -15.55 -2.39
N MET D 56 3.82 -14.83 -2.26
CA MET D 56 5.02 -15.13 -3.05
C MET D 56 5.48 -16.56 -2.80
N ASN D 57 5.69 -16.90 -1.55
CA ASN D 57 6.15 -18.24 -1.17
C ASN D 57 5.05 -19.27 -1.42
N LYS D 58 3.80 -18.87 -1.20
CA LYS D 58 2.67 -19.75 -1.40
C LYS D 58 2.61 -20.26 -2.84
N ALA D 59 2.62 -19.34 -3.78
CA ALA D 59 2.56 -19.69 -5.19
C ALA D 59 1.31 -20.49 -5.52
N SER D 60 1.17 -20.87 -6.78
CA SER D 60 0.01 -21.64 -7.23
C SER D 60 0.36 -22.52 -8.42
N ASN A 1 18.46 14.77 7.35
CA ASN A 1 18.42 13.92 6.16
C ASN A 1 17.43 12.77 6.36
N PRO A 2 16.65 12.44 5.32
CA PRO A 2 15.66 11.35 5.40
C PRO A 2 16.32 10.02 5.70
N ALA A 3 17.31 9.66 4.90
CA ALA A 3 18.03 8.41 5.08
C ALA A 3 18.54 8.25 6.51
N ALA A 4 18.82 9.38 7.16
CA ALA A 4 19.29 9.37 8.53
C ALA A 4 18.32 8.65 9.46
N GLU A 5 17.03 8.83 9.20
CA GLU A 5 16.00 8.20 10.01
C GLU A 5 16.08 6.68 9.90
N LYS A 6 15.98 6.17 8.67
CA LYS A 6 16.06 4.74 8.43
C LYS A 6 17.37 4.18 8.95
N MET A 7 18.45 4.90 8.72
CA MET A 7 19.76 4.48 9.18
C MET A 7 19.76 4.37 10.70
N GLN A 8 19.15 5.35 11.35
CA GLN A 8 19.04 5.37 12.79
C GLN A 8 18.09 4.27 13.24
N VAL A 9 17.08 4.00 12.42
CA VAL A 9 16.11 2.97 12.71
C VAL A 9 16.79 1.61 12.82
N LEU A 10 17.51 1.23 11.77
CA LEU A 10 18.22 -0.04 11.76
C LEU A 10 19.12 -0.14 12.98
N GLN A 11 19.88 0.92 13.23
CA GLN A 11 20.76 0.96 14.40
C GLN A 11 19.92 0.93 15.67
N VAL A 12 18.70 1.45 15.58
CA VAL A 12 17.79 1.48 16.71
C VAL A 12 17.24 0.08 16.97
N LEU A 13 17.00 -0.66 15.90
CA LEU A 13 16.48 -2.01 16.01
C LEU A 13 17.48 -2.93 16.72
N ASP A 14 18.75 -2.78 16.38
CA ASP A 14 19.80 -3.59 16.97
C ASP A 14 20.02 -3.20 18.43
N ARG A 15 19.95 -1.90 18.71
CA ARG A 15 20.15 -1.39 20.06
C ARG A 15 19.02 -1.84 20.98
N LEU A 16 17.79 -1.57 20.58
CA LEU A 16 16.62 -1.96 21.38
C LEU A 16 16.64 -3.46 21.67
N ARG A 17 16.67 -4.24 20.60
CA ARG A 17 16.69 -5.69 20.72
C ARG A 17 17.86 -6.15 21.59
N GLY A 18 18.94 -5.38 21.58
CA GLY A 18 20.10 -5.71 22.38
C GLY A 18 19.80 -5.63 23.86
N LYS A 19 19.19 -4.53 24.28
CA LYS A 19 18.85 -4.34 25.68
C LYS A 19 17.88 -5.42 26.14
N LEU A 20 17.02 -5.87 25.23
CA LEU A 20 16.06 -6.91 25.54
C LEU A 20 16.76 -8.21 25.85
N GLN A 21 17.68 -8.61 24.97
CA GLN A 21 18.44 -9.83 25.16
C GLN A 21 19.21 -9.76 26.48
N GLU A 22 19.52 -8.54 26.89
CA GLU A 22 20.26 -8.32 28.13
C GLU A 22 19.31 -8.36 29.33
N LYS A 23 18.05 -7.97 29.09
CA LYS A 23 17.04 -7.96 30.14
C LYS A 23 16.41 -9.33 30.32
N GLY A 24 16.18 -10.02 29.22
CA GLY A 24 15.57 -11.35 29.28
C GLY A 24 14.37 -11.48 28.36
N ASP A 25 13.81 -10.36 27.93
CA ASP A 25 12.66 -10.37 27.04
C ASP A 25 13.11 -10.31 25.60
N THR A 26 13.74 -11.39 25.14
CA THR A 26 14.22 -11.46 23.77
C THR A 26 13.13 -11.95 22.84
N THR A 27 11.89 -11.95 23.34
CA THR A 27 10.76 -12.38 22.55
C THR A 27 10.48 -11.35 21.46
N GLN A 28 10.69 -10.08 21.79
CA GLN A 28 10.47 -8.99 20.85
C GLN A 28 11.66 -8.86 19.89
N ASN A 29 12.82 -9.37 20.30
CA ASN A 29 14.02 -9.31 19.46
C ASN A 29 13.70 -9.78 18.05
N GLU A 30 13.00 -10.91 17.95
CA GLU A 30 12.63 -11.46 16.66
C GLU A 30 11.84 -10.43 15.87
N LYS A 31 11.09 -9.60 16.58
CA LYS A 31 10.29 -8.55 15.96
C LYS A 31 11.20 -7.44 15.46
N LEU A 32 12.25 -7.15 16.22
CA LEU A 32 13.20 -6.12 15.83
C LEU A 32 13.99 -6.58 14.63
N SER A 33 14.37 -7.85 14.63
CA SER A 33 15.10 -8.44 13.52
C SER A 33 14.19 -8.59 12.32
N ALA A 34 12.93 -8.95 12.60
CA ALA A 34 11.94 -9.10 11.55
C ALA A 34 11.74 -7.77 10.84
N PHE A 35 11.59 -6.71 11.63
CA PHE A 35 11.44 -5.37 11.07
C PHE A 35 12.75 -4.93 10.45
N TYR A 36 13.84 -5.33 11.09
CA TYR A 36 15.19 -5.01 10.64
C TYR A 36 15.40 -5.42 9.18
N GLU A 37 15.13 -6.68 8.88
CA GLU A 37 15.30 -7.21 7.53
C GLU A 37 14.32 -6.54 6.57
N THR A 38 13.04 -6.57 6.93
CA THR A 38 12.00 -5.97 6.08
C THR A 38 12.35 -4.52 5.76
N LEU A 39 13.11 -3.89 6.65
CA LEU A 39 13.53 -2.51 6.46
C LEU A 39 14.65 -2.44 5.41
N LYS A 40 15.55 -3.41 5.47
CA LYS A 40 16.67 -3.46 4.54
C LYS A 40 16.19 -3.74 3.13
N SER A 41 15.04 -4.38 3.01
CA SER A 41 14.46 -4.71 1.71
C SER A 41 14.52 -3.52 0.75
N PRO A 42 15.21 -3.66 -0.39
CA PRO A 42 15.32 -2.59 -1.39
C PRO A 42 13.97 -2.23 -1.99
N LEU A 43 13.21 -3.25 -2.34
CA LEU A 43 11.89 -3.04 -2.92
C LEU A 43 11.00 -2.28 -1.94
N PHE A 44 11.05 -2.69 -0.68
CA PHE A 44 10.26 -2.05 0.36
C PHE A 44 10.60 -0.56 0.43
N ASN A 45 11.89 -0.26 0.41
CA ASN A 45 12.35 1.13 0.46
C ASN A 45 11.74 1.94 -0.66
N GLN A 46 11.65 1.33 -1.84
CA GLN A 46 11.07 2.00 -3.00
C GLN A 46 9.62 2.37 -2.73
N ILE A 47 8.89 1.47 -2.08
CA ILE A 47 7.49 1.71 -1.76
C ILE A 47 7.35 2.95 -0.87
N LEU A 48 8.15 3.01 0.18
CA LEU A 48 8.11 4.14 1.10
C LEU A 48 8.56 5.41 0.39
N THR A 49 9.59 5.29 -0.45
CA THR A 49 10.09 6.44 -1.20
C THR A 49 8.95 7.10 -1.96
N LEU A 50 8.15 6.28 -2.65
CA LEU A 50 7.01 6.78 -3.40
C LEU A 50 6.07 7.52 -2.47
N GLN A 51 5.80 6.92 -1.31
CA GLN A 51 4.93 7.53 -0.31
C GLN A 51 5.52 8.86 0.14
N GLN A 52 6.85 8.92 0.18
CA GLN A 52 7.55 10.13 0.58
C GLN A 52 7.19 11.26 -0.37
N SER A 53 7.11 10.94 -1.65
CA SER A 53 6.75 11.93 -2.66
C SER A 53 5.35 12.46 -2.39
N ILE A 54 4.41 11.54 -2.18
CA ILE A 54 3.04 11.92 -1.88
C ILE A 54 2.99 12.72 -0.59
N LYS A 55 3.82 12.33 0.37
CA LYS A 55 3.89 13.02 1.64
C LYS A 55 4.42 14.44 1.46
N GLN A 56 5.35 14.59 0.52
CA GLN A 56 5.93 15.89 0.23
C GLN A 56 4.84 16.86 -0.19
N LEU A 57 4.14 16.53 -1.28
CA LEU A 57 3.06 17.39 -1.76
C LEU A 57 2.10 17.73 -0.62
N LYS A 58 1.72 16.71 0.16
CA LYS A 58 0.82 16.90 1.28
C LYS A 58 1.26 18.09 2.13
N GLY A 59 2.55 18.16 2.40
CA GLY A 59 3.08 19.25 3.20
C GLY A 59 3.88 20.25 2.38
N GLN A 60 3.73 20.20 1.06
CA GLN A 60 4.44 21.12 0.17
C GLN A 60 3.59 21.53 -1.03
N LEU A 61 2.27 21.39 -0.91
CA LEU A 61 1.36 21.77 -1.99
C LEU A 61 0.74 23.14 -1.72
N SER A 62 1.57 24.10 -1.31
CA SER A 62 1.09 25.45 -1.02
C SER A 62 1.92 26.48 -1.76
N ALA B 1 -7.57 16.96 -8.30
CA ALA B 1 -8.68 16.61 -7.42
C ALA B 1 -8.20 15.78 -6.24
N VAL B 2 -9.14 15.12 -5.57
CA VAL B 2 -8.80 14.29 -4.42
C VAL B 2 -9.84 13.19 -4.19
N LYS B 3 -10.32 12.61 -5.29
CA LYS B 3 -11.31 11.54 -5.21
C LYS B 3 -10.68 10.25 -4.68
N ILE B 4 -11.38 9.60 -3.76
CA ILE B 4 -10.87 8.35 -3.17
C ILE B 4 -11.38 7.15 -3.94
N LEU B 5 -12.70 7.00 -3.96
CA LEU B 5 -13.32 5.88 -4.66
C LEU B 5 -12.91 4.55 -4.06
N GLU B 6 -13.10 4.41 -2.75
CA GLU B 6 -12.74 3.17 -2.05
C GLU B 6 -13.15 1.96 -2.88
N ILE B 7 -12.21 1.05 -3.09
CA ILE B 7 -12.47 -0.15 -3.89
C ILE B 7 -13.75 -0.86 -3.47
N GLU B 8 -14.16 -0.67 -2.22
CA GLU B 8 -15.36 -1.33 -1.74
C GLU B 8 -16.58 -0.81 -2.50
N ASP B 9 -16.66 0.51 -2.66
CA ASP B 9 -17.76 1.12 -3.38
C ASP B 9 -17.55 0.95 -4.89
N LEU B 10 -16.29 1.04 -5.29
CA LEU B 10 -15.93 0.90 -6.70
C LEU B 10 -16.06 -0.56 -7.15
N PHE B 11 -15.84 -1.48 -6.22
CA PHE B 11 -15.96 -2.91 -6.51
C PHE B 11 -17.43 -3.27 -6.68
N SER B 12 -18.25 -2.79 -5.77
CA SER B 12 -19.69 -3.04 -5.82
C SER B 12 -20.26 -2.41 -7.09
N SER B 13 -19.65 -1.31 -7.51
CA SER B 13 -20.08 -0.61 -8.71
C SER B 13 -19.91 -1.51 -9.94
N LEU B 14 -18.70 -2.03 -10.12
CA LEU B 14 -18.42 -2.93 -11.25
C LEU B 14 -19.38 -4.09 -11.22
N LYS B 15 -19.72 -4.53 -10.01
CA LYS B 15 -20.65 -5.64 -9.85
C LYS B 15 -21.99 -5.29 -10.49
N HIS B 16 -22.45 -4.07 -10.26
CA HIS B 16 -23.69 -3.59 -10.86
C HIS B 16 -23.49 -3.47 -12.36
N ILE B 17 -22.47 -2.70 -12.73
CA ILE B 17 -22.13 -2.48 -14.13
C ILE B 17 -22.00 -3.81 -14.87
N GLN B 18 -21.53 -4.84 -14.18
CA GLN B 18 -21.38 -6.17 -14.77
C GLN B 18 -22.74 -6.75 -15.13
N HIS B 19 -23.66 -6.72 -14.18
CA HIS B 19 -25.01 -7.25 -14.40
C HIS B 19 -25.82 -6.27 -15.25
N THR B 20 -25.38 -5.02 -15.26
CA THR B 20 -26.06 -3.98 -16.02
C THR B 20 -25.60 -4.02 -17.48
N LEU B 21 -24.32 -4.31 -17.67
CA LEU B 21 -23.76 -4.41 -19.00
C LEU B 21 -23.59 -5.89 -19.35
N VAL B 22 -24.68 -6.49 -19.80
CA VAL B 22 -24.70 -7.90 -20.16
C VAL B 22 -24.50 -8.09 -21.65
N ASP B 23 -23.66 -7.26 -22.24
CA ASP B 23 -23.36 -7.35 -23.67
C ASP B 23 -22.16 -8.26 -23.93
N SER B 24 -21.82 -9.09 -22.95
CA SER B 24 -20.69 -10.01 -23.07
C SER B 24 -19.37 -9.26 -23.08
N GLN B 25 -19.13 -8.51 -24.16
CA GLN B 25 -17.89 -7.75 -24.28
C GLN B 25 -17.74 -6.78 -23.11
N SER B 26 -18.86 -6.26 -22.64
CA SER B 26 -18.87 -5.34 -21.52
C SER B 26 -18.46 -6.06 -20.24
N GLN B 27 -18.94 -7.28 -20.06
CA GLN B 27 -18.61 -8.06 -18.87
C GLN B 27 -17.12 -8.35 -18.83
N GLU B 28 -16.52 -8.49 -20.01
CA GLU B 28 -15.09 -8.76 -20.11
C GLU B 28 -14.28 -7.53 -19.71
N ASP B 29 -14.74 -6.36 -20.16
CA ASP B 29 -14.07 -5.11 -19.83
C ASP B 29 -14.28 -4.81 -18.36
N ILE B 30 -15.51 -5.02 -17.92
CA ILE B 30 -15.88 -4.82 -16.53
C ILE B 30 -15.05 -5.74 -15.65
N SER B 31 -15.02 -7.00 -16.03
CA SER B 31 -14.26 -8.00 -15.28
C SER B 31 -12.80 -7.56 -15.17
N LEU B 32 -12.31 -6.90 -16.22
CA LEU B 32 -10.95 -6.41 -16.24
C LEU B 32 -10.73 -5.46 -15.06
N LEU B 33 -11.63 -4.49 -14.92
CA LEU B 33 -11.55 -3.54 -13.82
C LEU B 33 -11.65 -4.28 -12.50
N LEU B 34 -12.55 -5.26 -12.48
CA LEU B 34 -12.75 -6.07 -11.29
C LEU B 34 -11.49 -6.84 -10.93
N GLN B 35 -10.81 -7.36 -11.95
CA GLN B 35 -9.58 -8.11 -11.73
C GLN B 35 -8.51 -7.20 -11.13
N LEU B 36 -8.48 -5.95 -11.59
CA LEU B 36 -7.53 -4.98 -11.07
C LEU B 36 -7.91 -4.61 -9.65
N VAL B 37 -9.17 -4.20 -9.49
CA VAL B 37 -9.71 -3.80 -8.20
C VAL B 37 -9.61 -4.93 -7.18
N GLN B 38 -9.77 -6.17 -7.65
CA GLN B 38 -9.72 -7.32 -6.77
C GLN B 38 -8.29 -7.83 -6.59
N ASN B 39 -7.39 -7.41 -7.49
CA ASN B 39 -5.99 -7.83 -7.41
C ASN B 39 -5.39 -7.48 -6.06
N LYS B 40 -4.45 -8.29 -5.60
CA LYS B 40 -3.80 -8.06 -4.31
C LYS B 40 -2.87 -6.86 -4.36
N ASP B 41 -1.88 -6.92 -5.24
CA ASP B 41 -0.92 -5.83 -5.39
C ASP B 41 -1.62 -4.54 -5.78
N PHE B 42 -2.56 -4.63 -6.72
CA PHE B 42 -3.31 -3.46 -7.17
C PHE B 42 -4.03 -2.81 -6.00
N GLN B 43 -4.85 -3.59 -5.30
CA GLN B 43 -5.59 -3.09 -4.15
C GLN B 43 -4.66 -2.37 -3.19
N ASN B 44 -3.45 -2.88 -3.07
CA ASN B 44 -2.46 -2.29 -2.20
C ASN B 44 -2.13 -0.87 -2.63
N ALA B 45 -1.88 -0.69 -3.93
CA ALA B 45 -1.57 0.62 -4.48
C ALA B 45 -2.73 1.59 -4.30
N PHE B 46 -3.93 1.15 -4.67
CA PHE B 46 -5.12 1.97 -4.56
C PHE B 46 -5.40 2.34 -3.11
N LYS B 47 -5.14 1.41 -2.20
CA LYS B 47 -5.37 1.64 -0.78
C LYS B 47 -4.47 2.76 -0.26
N ILE B 48 -3.21 2.75 -0.72
CA ILE B 48 -2.26 3.77 -0.31
C ILE B 48 -2.73 5.15 -0.73
N HIS B 49 -3.11 5.28 -2.00
CA HIS B 49 -3.57 6.53 -2.54
C HIS B 49 -4.88 6.96 -1.89
N ASN B 50 -5.78 6.01 -1.67
CA ASN B 50 -7.08 6.31 -1.07
C ASN B 50 -6.93 7.04 0.26
N ALA B 51 -6.20 6.45 1.20
CA ALA B 51 -6.01 7.06 2.52
C ALA B 51 -5.16 8.32 2.44
N ILE B 52 -3.99 8.22 1.80
CA ILE B 52 -3.09 9.35 1.67
C ILE B 52 -3.80 10.53 0.99
N THR B 53 -4.55 10.27 -0.07
CA THR B 53 -5.27 11.33 -0.76
C THR B 53 -6.22 12.03 0.21
N VAL B 54 -6.95 11.22 0.96
CA VAL B 54 -7.88 11.73 1.95
C VAL B 54 -7.17 12.71 2.88
N HIS B 55 -6.03 12.26 3.42
CA HIS B 55 -5.23 13.11 4.29
C HIS B 55 -4.70 14.31 3.50
N MET B 56 -4.46 14.10 2.20
CA MET B 56 -3.96 15.15 1.33
C MET B 56 -4.81 16.42 1.45
N ASN B 57 -6.10 16.27 1.18
CA ASN B 57 -7.02 17.41 1.26
C ASN B 57 -7.28 17.81 2.71
N LYS B 58 -7.23 16.82 3.60
CA LYS B 58 -7.46 17.07 5.02
C LYS B 58 -6.27 17.82 5.64
N ALA B 59 -5.18 17.09 5.86
CA ALA B 59 -3.99 17.69 6.45
C ALA B 59 -4.26 18.23 7.85
N SER B 60 -3.83 17.48 8.86
CA SER B 60 -4.03 17.89 10.25
C SER B 60 -3.08 19.01 10.63
N ASN C 1 3.95 -5.75 -22.12
CA ASN C 1 3.62 -4.34 -21.95
C ASN C 1 2.54 -4.16 -20.88
N PRO C 2 2.94 -3.84 -19.64
CA PRO C 2 2.00 -3.65 -18.53
C PRO C 2 1.09 -2.45 -18.77
N ALA C 3 1.69 -1.36 -19.22
CA ALA C 3 0.94 -0.14 -19.50
C ALA C 3 -0.26 -0.42 -20.39
N ALA C 4 -0.15 -1.45 -21.22
CA ALA C 4 -1.22 -1.82 -22.13
C ALA C 4 -2.50 -2.14 -21.36
N GLU C 5 -2.36 -2.88 -20.26
CA GLU C 5 -3.50 -3.25 -19.44
C GLU C 5 -4.21 -2.00 -18.91
N LYS C 6 -3.45 -1.15 -18.24
CA LYS C 6 -4.00 0.09 -17.70
C LYS C 6 -4.57 0.96 -18.81
N MET C 7 -3.87 0.99 -19.94
CA MET C 7 -4.31 1.78 -21.09
C MET C 7 -5.66 1.25 -21.56
N GLN C 8 -5.77 -0.06 -21.65
CA GLN C 8 -7.02 -0.70 -22.07
C GLN C 8 -8.08 -0.43 -21.02
N VAL C 9 -7.66 -0.41 -19.75
CA VAL C 9 -8.55 -0.15 -18.64
C VAL C 9 -9.20 1.22 -18.78
N LEU C 10 -8.37 2.24 -19.03
CA LEU C 10 -8.89 3.59 -19.20
C LEU C 10 -9.90 3.62 -20.33
N GLN C 11 -9.59 2.92 -21.41
CA GLN C 11 -10.48 2.83 -22.55
C GLN C 11 -11.71 2.02 -22.17
N VAL C 12 -11.54 1.11 -21.20
CA VAL C 12 -12.64 0.29 -20.71
C VAL C 12 -13.56 1.13 -19.85
N LEU C 13 -12.97 2.02 -19.07
CA LEU C 13 -13.72 2.90 -18.20
C LEU C 13 -14.62 3.83 -19.00
N ASP C 14 -14.09 4.34 -20.10
CA ASP C 14 -14.83 5.25 -20.96
C ASP C 14 -15.94 4.51 -21.70
N ARG C 15 -15.62 3.32 -22.21
CA ARG C 15 -16.59 2.50 -22.93
C ARG C 15 -17.72 2.06 -22.02
N LEU C 16 -17.35 1.42 -20.91
CA LEU C 16 -18.35 0.95 -19.95
C LEU C 16 -19.30 2.07 -19.55
N ARG C 17 -18.72 3.16 -19.04
CA ARG C 17 -19.50 4.31 -18.62
C ARG C 17 -20.44 4.77 -19.72
N GLY C 18 -19.97 4.70 -20.97
CA GLY C 18 -20.80 5.10 -22.09
C GLY C 18 -22.08 4.29 -22.18
N LYS C 19 -21.94 2.97 -22.04
CA LYS C 19 -23.09 2.08 -22.09
C LYS C 19 -24.07 2.38 -20.97
N LEU C 20 -23.54 2.75 -19.80
CA LEU C 20 -24.37 3.07 -18.65
C LEU C 20 -25.20 4.32 -18.92
N GLN C 21 -24.54 5.37 -19.38
CA GLN C 21 -25.22 6.61 -19.71
C GLN C 21 -26.29 6.37 -20.77
N GLU C 22 -26.06 5.36 -21.60
CA GLU C 22 -27.00 5.01 -22.65
C GLU C 22 -28.13 4.14 -22.09
N LYS C 23 -27.79 3.33 -21.10
CA LYS C 23 -28.76 2.43 -20.48
C LYS C 23 -29.60 3.17 -19.45
N GLY C 24 -29.01 4.17 -18.80
CA GLY C 24 -29.73 4.93 -17.80
C GLY C 24 -29.13 4.78 -16.41
N ASP C 25 -27.85 4.43 -16.35
CA ASP C 25 -27.16 4.26 -15.09
C ASP C 25 -26.02 5.26 -14.97
N THR C 26 -26.36 6.49 -14.59
CA THR C 26 -25.36 7.53 -14.44
C THR C 26 -24.88 7.60 -13.00
N THR C 27 -25.18 6.55 -12.23
CA THR C 27 -24.77 6.48 -10.84
C THR C 27 -23.35 5.92 -10.73
N GLN C 28 -23.08 4.87 -11.49
CA GLN C 28 -21.77 4.25 -11.48
C GLN C 28 -20.78 5.06 -12.32
N ASN C 29 -21.32 5.87 -13.24
CA ASN C 29 -20.51 6.70 -14.11
C ASN C 29 -19.53 7.55 -13.30
N GLU C 30 -20.03 8.17 -12.24
CA GLU C 30 -19.21 9.00 -11.38
C GLU C 30 -18.03 8.20 -10.83
N LYS C 31 -18.28 6.91 -10.62
CA LYS C 31 -17.24 6.01 -10.12
C LYS C 31 -16.17 5.79 -11.18
N LEU C 32 -16.61 5.57 -12.41
CA LEU C 32 -15.69 5.35 -13.52
C LEU C 32 -14.80 6.57 -13.72
N SER C 33 -15.34 7.74 -13.40
CA SER C 33 -14.58 8.98 -13.53
C SER C 33 -13.55 9.07 -12.42
N ALA C 34 -13.94 8.59 -11.24
CA ALA C 34 -13.06 8.59 -10.09
C ALA C 34 -11.93 7.60 -10.29
N PHE C 35 -12.29 6.37 -10.67
CA PHE C 35 -11.32 5.32 -10.91
C PHE C 35 -10.40 5.69 -12.07
N TYR C 36 -11.02 6.08 -13.17
CA TYR C 36 -10.28 6.47 -14.38
C TYR C 36 -9.28 7.59 -14.07
N GLU C 37 -9.78 8.67 -13.47
CA GLU C 37 -8.93 9.80 -13.11
C GLU C 37 -7.82 9.35 -12.17
N THR C 38 -8.17 8.51 -11.20
CA THR C 38 -7.20 8.00 -10.25
C THR C 38 -6.12 7.19 -10.97
N LEU C 39 -6.56 6.40 -11.95
CA LEU C 39 -5.63 5.59 -12.74
C LEU C 39 -4.67 6.49 -13.50
N LYS C 40 -5.14 7.68 -13.85
CA LYS C 40 -4.34 8.64 -14.60
C LYS C 40 -3.47 9.48 -13.67
N SER C 41 -3.92 9.65 -12.43
CA SER C 41 -3.19 10.44 -11.43
C SER C 41 -1.69 10.12 -11.45
N PRO C 42 -0.83 11.14 -11.32
CA PRO C 42 0.63 10.96 -11.33
C PRO C 42 1.10 10.05 -10.21
N LEU C 43 0.74 10.39 -8.98
CA LEU C 43 1.12 9.61 -7.82
C LEU C 43 0.66 8.16 -7.95
N PHE C 44 -0.65 7.99 -8.18
CA PHE C 44 -1.22 6.66 -8.32
C PHE C 44 -0.45 5.83 -9.34
N ASN C 45 -0.17 6.43 -10.50
CA ASN C 45 0.56 5.74 -11.55
C ASN C 45 1.90 5.22 -11.03
N GLN C 46 2.56 6.02 -10.21
CA GLN C 46 3.85 5.64 -9.64
C GLN C 46 3.67 4.45 -8.69
N ILE C 47 2.57 4.44 -7.96
CA ILE C 47 2.28 3.36 -7.02
C ILE C 47 2.17 2.02 -7.74
N LEU C 48 1.50 2.03 -8.90
CA LEU C 48 1.33 0.81 -9.67
C LEU C 48 2.66 0.37 -10.29
N THR C 49 3.45 1.34 -10.72
CA THR C 49 4.76 1.05 -11.30
C THR C 49 5.57 0.20 -10.33
N LEU C 50 5.58 0.62 -9.07
CA LEU C 50 6.29 -0.10 -8.02
C LEU C 50 5.70 -1.51 -7.88
N GLN C 51 4.38 -1.59 -7.82
CA GLN C 51 3.69 -2.86 -7.71
C GLN C 51 4.02 -3.74 -8.91
N GLN C 52 4.23 -3.09 -10.06
CA GLN C 52 4.57 -3.80 -11.28
C GLN C 52 5.92 -4.49 -11.11
N SER C 53 6.83 -3.81 -10.42
CA SER C 53 8.16 -4.35 -10.17
C SER C 53 8.04 -5.64 -9.36
N ILE C 54 7.24 -5.59 -8.29
CA ILE C 54 7.03 -6.76 -7.46
C ILE C 54 6.43 -7.90 -8.28
N LYS C 55 5.51 -7.54 -9.17
CA LYS C 55 4.86 -8.53 -10.03
C LYS C 55 5.91 -9.27 -10.85
N GLN C 56 6.94 -8.53 -11.27
CA GLN C 56 8.03 -9.11 -12.04
C GLN C 56 8.82 -10.09 -11.18
N LEU C 57 9.00 -9.74 -9.92
CA LEU C 57 9.73 -10.60 -8.98
C LEU C 57 9.08 -11.98 -8.91
N LYS C 58 7.75 -11.99 -8.80
CA LYS C 58 7.01 -13.24 -8.71
C LYS C 58 7.13 -14.04 -10.01
N GLY C 59 7.06 -13.36 -11.13
CA GLY C 59 7.15 -14.03 -12.42
C GLY C 59 8.58 -14.35 -12.82
N GLN C 60 9.53 -13.64 -12.24
CA GLN C 60 10.95 -13.86 -12.54
C GLN C 60 11.55 -14.94 -11.65
N LEU C 61 11.15 -14.94 -10.37
CA LEU C 61 11.65 -15.93 -9.42
C LEU C 61 11.35 -17.35 -9.89
N SER C 62 10.30 -17.96 -9.35
CA SER C 62 9.92 -19.32 -9.73
C SER C 62 11.14 -20.25 -9.79
N ALA D 1 12.75 -18.82 4.18
CA ALA D 1 11.33 -18.54 4.07
C ALA D 1 11.09 -17.10 3.64
N VAL D 2 9.96 -16.54 4.03
CA VAL D 2 9.63 -15.16 3.69
C VAL D 2 8.89 -14.47 4.84
N LYS D 3 9.26 -14.83 6.06
CA LYS D 3 8.64 -14.24 7.25
C LYS D 3 8.65 -12.71 7.15
N ILE D 4 7.57 -12.08 7.60
CA ILE D 4 7.46 -10.63 7.55
C ILE D 4 7.60 -10.02 8.94
N LEU D 5 6.48 -9.74 9.62
CA LEU D 5 6.52 -9.14 10.95
C LEU D 5 5.13 -8.63 11.36
N GLU D 6 4.42 -8.04 10.40
CA GLU D 6 3.09 -7.50 10.67
C GLU D 6 3.18 -6.37 11.69
N ILE D 7 2.89 -5.14 11.26
CA ILE D 7 2.94 -3.98 12.14
C ILE D 7 2.07 -4.17 13.37
N GLU D 8 1.02 -4.97 13.26
CA GLU D 8 0.14 -5.19 14.40
C GLU D 8 0.90 -5.85 15.54
N ASP D 9 1.64 -6.91 15.22
CA ASP D 9 2.44 -7.62 16.20
C ASP D 9 3.70 -6.83 16.51
N LEU D 10 4.23 -6.16 15.49
CA LEU D 10 5.43 -5.35 15.64
C LEU D 10 5.14 -4.08 16.43
N PHE D 11 3.89 -3.60 16.32
CA PHE D 11 3.46 -2.40 17.03
C PHE D 11 3.31 -2.70 18.51
N SER D 12 2.59 -3.78 18.81
CA SER D 12 2.39 -4.19 20.19
C SER D 12 3.74 -4.52 20.82
N SER D 13 4.65 -5.00 19.99
CA SER D 13 5.99 -5.34 20.44
C SER D 13 6.70 -4.10 20.98
N LEU D 14 6.74 -3.04 20.17
CA LEU D 14 7.40 -1.80 20.59
C LEU D 14 6.80 -1.33 21.90
N LYS D 15 5.49 -1.52 22.03
CA LYS D 15 4.81 -1.14 23.26
C LYS D 15 5.40 -1.90 24.43
N HIS D 16 5.73 -3.16 24.19
CA HIS D 16 6.35 -3.99 25.22
C HIS D 16 7.77 -3.49 25.46
N ILE D 17 8.54 -3.41 24.38
CA ILE D 17 9.92 -2.93 24.44
C ILE D 17 10.01 -1.60 25.18
N GLN D 18 9.02 -0.75 24.94
CA GLN D 18 8.99 0.57 25.59
C GLN D 18 8.84 0.42 27.10
N HIS D 19 7.86 -0.37 27.52
CA HIS D 19 7.62 -0.60 28.94
C HIS D 19 8.58 -1.67 29.47
N THR D 20 9.38 -2.23 28.57
CA THR D 20 10.35 -3.26 28.93
C THR D 20 11.72 -2.63 29.13
N LEU D 21 12.03 -1.62 28.34
CA LEU D 21 13.31 -0.93 28.44
C LEU D 21 13.19 0.24 29.41
N VAL D 22 12.30 1.17 29.06
CA VAL D 22 12.03 2.35 29.90
C VAL D 22 13.32 2.95 30.45
N ASP D 23 14.31 3.11 29.59
CA ASP D 23 15.58 3.68 29.98
C ASP D 23 15.59 5.19 29.69
N SER D 24 15.50 5.52 28.40
CA SER D 24 15.48 6.90 27.94
C SER D 24 15.87 6.95 26.47
N GLN D 25 17.06 6.49 26.17
CA GLN D 25 17.54 6.46 24.80
C GLN D 25 16.79 5.39 24.03
N SER D 26 16.44 4.32 24.73
CA SER D 26 15.70 3.22 24.14
C SER D 26 14.26 3.64 23.86
N GLN D 27 13.71 4.47 24.74
CA GLN D 27 12.34 4.95 24.58
C GLN D 27 12.22 5.82 23.35
N GLU D 28 13.22 6.70 23.16
CA GLU D 28 13.24 7.58 22.01
C GLU D 28 13.42 6.78 20.73
N ASP D 29 14.26 5.75 20.80
CA ASP D 29 14.51 4.88 19.67
C ASP D 29 13.27 4.05 19.39
N ILE D 30 12.67 3.58 20.47
CA ILE D 30 11.45 2.79 20.40
C ILE D 30 10.35 3.60 19.74
N SER D 31 10.18 4.81 20.24
CA SER D 31 9.16 5.73 19.70
C SER D 31 9.44 5.96 18.22
N LEU D 32 10.71 5.96 17.85
CA LEU D 32 11.11 6.14 16.47
C LEU D 32 10.44 5.09 15.60
N LEU D 33 10.58 3.83 15.99
CA LEU D 33 9.96 2.74 15.27
C LEU D 33 8.46 2.88 15.31
N LEU D 34 7.95 3.21 16.49
CA LEU D 34 6.52 3.40 16.68
C LEU D 34 5.98 4.45 15.73
N GLN D 35 6.75 5.53 15.53
CA GLN D 35 6.33 6.59 14.63
C GLN D 35 6.19 6.06 13.21
N LEU D 36 7.23 5.40 12.72
CA LEU D 36 7.21 4.84 11.38
C LEU D 36 6.10 3.81 11.27
N VAL D 37 6.07 2.89 12.22
CA VAL D 37 5.07 1.83 12.28
C VAL D 37 3.66 2.39 12.33
N GLN D 38 3.48 3.49 13.06
CA GLN D 38 2.16 4.10 13.18
C GLN D 38 1.86 5.07 12.05
N ASN D 39 2.87 5.39 11.24
CA ASN D 39 2.68 6.30 10.12
C ASN D 39 1.66 5.73 9.13
N LYS D 40 0.75 6.57 8.68
CA LYS D 40 -0.28 6.15 7.73
C LYS D 40 0.34 5.61 6.44
N ASP D 41 1.12 6.45 5.78
CA ASP D 41 1.77 6.04 4.53
C ASP D 41 2.66 4.83 4.75
N PHE D 42 3.51 4.89 5.76
CA PHE D 42 4.41 3.79 6.08
C PHE D 42 3.63 2.50 6.31
N GLN D 43 2.57 2.59 7.11
CA GLN D 43 1.74 1.44 7.42
C GLN D 43 1.22 0.78 6.14
N ASN D 44 0.86 1.60 5.17
CA ASN D 44 0.33 1.09 3.91
C ASN D 44 1.39 0.27 3.17
N ALA D 45 2.57 0.84 3.00
CA ALA D 45 3.66 0.16 2.30
C ALA D 45 3.99 -1.17 2.96
N PHE D 46 4.17 -1.13 4.27
CA PHE D 46 4.49 -2.34 5.03
C PHE D 46 3.46 -3.43 4.77
N LYS D 47 2.20 -3.04 4.70
CA LYS D 47 1.12 -3.98 4.45
C LYS D 47 1.26 -4.59 3.06
N ILE D 48 1.76 -3.80 2.11
CA ILE D 48 1.96 -4.27 0.75
C ILE D 48 3.00 -5.38 0.71
N HIS D 49 4.14 -5.13 1.35
CA HIS D 49 5.22 -6.10 1.39
C HIS D 49 4.83 -7.32 2.22
N ASN D 50 3.95 -7.13 3.19
CA ASN D 50 3.52 -8.22 4.05
C ASN D 50 2.71 -9.26 3.29
N ALA D 51 1.58 -8.83 2.72
CA ALA D 51 0.71 -9.73 1.98
C ALA D 51 1.38 -10.24 0.70
N ILE D 52 1.94 -9.32 -0.08
CA ILE D 52 2.60 -9.70 -1.32
C ILE D 52 3.69 -10.75 -1.08
N THR D 53 4.49 -10.57 -0.03
CA THR D 53 5.54 -11.52 0.30
C THR D 53 4.92 -12.89 0.58
N VAL D 54 3.89 -12.87 1.43
CA VAL D 54 3.18 -14.09 1.79
C VAL D 54 2.64 -14.78 0.54
N HIS D 55 2.03 -13.99 -0.33
CA HIS D 55 1.48 -14.52 -1.57
C HIS D 55 2.59 -15.09 -2.45
N MET D 56 3.77 -14.48 -2.37
CA MET D 56 4.92 -14.92 -3.14
C MET D 56 5.28 -16.36 -2.79
N ASN D 57 5.34 -16.64 -1.49
CA ASN D 57 5.66 -17.98 -1.01
C ASN D 57 4.62 -18.99 -1.47
N LYS D 58 3.35 -18.67 -1.23
CA LYS D 58 2.25 -19.55 -1.61
C LYS D 58 2.24 -19.80 -3.11
N ALA D 59 2.35 -18.72 -3.88
CA ALA D 59 2.37 -18.83 -5.34
C ALA D 59 3.48 -17.98 -5.94
N SER D 60 4.33 -18.62 -6.74
CA SER D 60 5.44 -17.93 -7.38
C SER D 60 5.57 -18.34 -8.85
N ASN A 1 17.93 16.22 9.23
CA ASN A 1 17.85 15.56 7.93
C ASN A 1 16.80 14.44 7.96
N PRO A 2 16.03 14.30 6.87
CA PRO A 2 14.98 13.27 6.77
C PRO A 2 15.56 11.86 6.78
N ALA A 3 16.72 11.71 6.17
CA ALA A 3 17.39 10.41 6.10
C ALA A 3 17.85 9.95 7.49
N ALA A 4 18.18 10.92 8.34
CA ALA A 4 18.62 10.62 9.69
C ALA A 4 17.57 9.82 10.45
N GLU A 5 16.31 10.02 10.08
CA GLU A 5 15.21 9.31 10.73
C GLU A 5 15.31 7.81 10.47
N LYS A 6 15.30 7.43 9.20
CA LYS A 6 15.40 6.02 8.82
C LYS A 6 16.71 5.43 9.33
N MET A 7 17.79 6.15 9.15
CA MET A 7 19.11 5.69 9.60
C MET A 7 19.09 5.51 11.11
N GLN A 8 18.44 6.45 11.80
CA GLN A 8 18.33 6.39 13.24
C GLN A 8 17.40 5.25 13.63
N VAL A 9 16.39 5.01 12.79
CA VAL A 9 15.44 3.94 13.01
C VAL A 9 16.14 2.59 13.04
N LEU A 10 16.87 2.29 11.97
CA LEU A 10 17.60 1.03 11.88
C LEU A 10 18.55 0.90 13.06
N GLN A 11 19.20 2.00 13.42
CA GLN A 11 20.11 2.03 14.54
C GLN A 11 19.31 1.87 15.84
N VAL A 12 18.06 2.31 15.80
CA VAL A 12 17.16 2.20 16.94
C VAL A 12 16.71 0.76 17.11
N LEU A 13 16.49 0.09 15.98
CA LEU A 13 16.05 -1.29 15.99
C LEU A 13 17.13 -2.19 16.60
N ASP A 14 18.37 -1.92 16.24
CA ASP A 14 19.50 -2.71 16.75
C ASP A 14 19.74 -2.42 18.22
N ARG A 15 19.55 -1.15 18.61
CA ARG A 15 19.73 -0.75 20.00
C ARG A 15 18.70 -1.40 20.90
N LEU A 16 17.43 -1.21 20.57
CA LEU A 16 16.34 -1.79 21.35
C LEU A 16 16.56 -3.29 21.50
N ARG A 17 16.85 -3.94 20.37
CA ARG A 17 17.09 -5.38 20.36
C ARG A 17 18.12 -5.75 21.44
N GLY A 18 19.25 -5.07 21.44
CA GLY A 18 20.28 -5.34 22.43
C GLY A 18 19.72 -5.32 23.84
N LYS A 19 18.94 -4.30 24.15
CA LYS A 19 18.34 -4.16 25.46
C LYS A 19 17.46 -5.37 25.79
N LEU A 20 16.84 -5.96 24.76
CA LEU A 20 16.00 -7.12 24.95
C LEU A 20 16.83 -8.35 25.28
N GLN A 21 17.89 -8.52 24.50
CA GLN A 21 18.79 -9.66 24.71
C GLN A 21 19.38 -9.60 26.12
N GLU A 22 19.47 -8.39 26.68
CA GLU A 22 20.00 -8.20 28.01
C GLU A 22 18.94 -8.47 29.06
N LYS A 23 17.69 -8.14 28.74
CA LYS A 23 16.58 -8.34 29.64
C LYS A 23 16.06 -9.78 29.58
N GLY A 24 16.15 -10.38 28.41
CA GLY A 24 15.67 -11.75 28.24
C GLY A 24 14.53 -11.86 27.24
N ASP A 25 13.87 -10.74 26.96
CA ASP A 25 12.78 -10.72 26.00
C ASP A 25 13.31 -10.90 24.59
N THR A 26 13.65 -12.14 24.25
CA THR A 26 14.15 -12.45 22.93
C THR A 26 12.99 -12.73 21.99
N THR A 27 11.79 -12.38 22.43
CA THR A 27 10.58 -12.58 21.64
C THR A 27 10.39 -11.44 20.65
N GLN A 28 10.49 -10.21 21.15
CA GLN A 28 10.34 -9.03 20.31
C GLN A 28 11.56 -8.84 19.42
N ASN A 29 12.69 -9.37 19.85
CA ASN A 29 13.93 -9.28 19.10
C ASN A 29 13.72 -9.72 17.65
N GLU A 30 13.06 -10.86 17.49
CA GLU A 30 12.78 -11.40 16.17
C GLU A 30 12.01 -10.38 15.33
N LYS A 31 11.18 -9.59 16.00
CA LYS A 31 10.40 -8.56 15.35
C LYS A 31 11.30 -7.42 14.88
N LEU A 32 12.30 -7.11 15.69
CA LEU A 32 13.24 -6.05 15.36
C LEU A 32 14.11 -6.45 14.17
N SER A 33 14.35 -7.75 14.04
CA SER A 33 15.15 -8.27 12.93
C SER A 33 14.33 -8.29 11.66
N ALA A 34 13.04 -8.54 11.81
CA ALA A 34 12.12 -8.57 10.68
C ALA A 34 11.87 -7.16 10.15
N PHE A 35 11.65 -6.24 11.07
CA PHE A 35 11.40 -4.85 10.72
C PHE A 35 12.66 -4.21 10.15
N TYR A 36 13.75 -4.36 10.90
CA TYR A 36 15.04 -3.80 10.50
C TYR A 36 15.44 -4.27 9.10
N GLU A 37 15.41 -5.58 8.88
CA GLU A 37 15.78 -6.14 7.58
C GLU A 37 14.92 -5.55 6.46
N THR A 38 13.60 -5.61 6.65
CA THR A 38 12.68 -5.07 5.65
C THR A 38 13.02 -3.62 5.32
N LEU A 39 13.19 -2.81 6.36
CA LEU A 39 13.54 -1.41 6.19
C LEU A 39 14.78 -1.26 5.32
N LYS A 40 15.70 -2.20 5.48
CA LYS A 40 16.95 -2.20 4.73
C LYS A 40 16.75 -2.74 3.31
N SER A 41 15.84 -3.69 3.17
CA SER A 41 15.56 -4.30 1.86
C SER A 41 15.38 -3.22 0.79
N PRO A 42 15.89 -3.49 -0.44
CA PRO A 42 15.79 -2.53 -1.55
C PRO A 42 14.36 -2.43 -2.08
N LEU A 43 13.68 -3.56 -2.13
CA LEU A 43 12.31 -3.61 -2.61
C LEU A 43 11.41 -2.74 -1.72
N PHE A 44 11.42 -3.03 -0.42
CA PHE A 44 10.62 -2.26 0.52
C PHE A 44 11.00 -0.80 0.48
N ASN A 45 12.32 -0.54 0.42
CA ASN A 45 12.83 0.82 0.36
C ASN A 45 12.23 1.56 -0.82
N GLN A 46 12.09 0.86 -1.95
CA GLN A 46 11.51 1.45 -3.14
C GLN A 46 10.08 1.89 -2.87
N ILE A 47 9.33 1.04 -2.18
CA ILE A 47 7.94 1.33 -1.84
C ILE A 47 7.84 2.63 -1.04
N LEU A 48 8.66 2.73 0.01
CA LEU A 48 8.67 3.91 0.86
C LEU A 48 9.17 5.12 0.07
N THR A 49 10.09 4.88 -0.84
CA THR A 49 10.64 5.95 -1.67
C THR A 49 9.50 6.70 -2.36
N LEU A 50 8.62 5.94 -2.99
CA LEU A 50 7.46 6.52 -3.67
C LEU A 50 6.60 7.27 -2.65
N GLN A 51 6.37 6.63 -1.50
CA GLN A 51 5.58 7.23 -0.44
C GLN A 51 6.23 8.53 0.01
N GLN A 52 7.56 8.57 -0.04
CA GLN A 52 8.30 9.77 0.34
C GLN A 52 8.01 10.90 -0.63
N SER A 53 7.87 10.55 -1.90
CA SER A 53 7.56 11.54 -2.93
C SER A 53 6.23 12.21 -2.62
N ILE A 54 5.21 11.40 -2.34
CA ILE A 54 3.90 11.92 -2.01
C ILE A 54 3.98 12.78 -0.76
N LYS A 55 4.85 12.39 0.17
CA LYS A 55 5.04 13.14 1.40
C LYS A 55 5.51 14.55 1.08
N GLN A 56 6.33 14.66 0.04
CA GLN A 56 6.83 15.95 -0.40
C GLN A 56 5.71 16.79 -1.00
N LEU A 57 4.81 16.11 -1.72
CA LEU A 57 3.68 16.79 -2.34
C LEU A 57 2.86 17.53 -1.30
N LYS A 58 2.56 16.86 -0.20
CA LYS A 58 1.79 17.45 0.88
C LYS A 58 2.53 18.61 1.52
N GLY A 59 3.73 18.34 2.04
CA GLY A 59 4.52 19.39 2.67
C GLY A 59 4.77 20.57 1.76
N GLN A 60 5.06 20.30 0.50
CA GLN A 60 5.33 21.35 -0.48
C GLN A 60 4.08 22.17 -0.74
N LEU A 61 2.99 21.50 -1.07
CA LEU A 61 1.72 22.19 -1.35
C LEU A 61 1.25 22.96 -0.12
N SER A 62 0.61 24.09 -0.36
CA SER A 62 0.10 24.94 0.72
C SER A 62 -0.46 26.24 0.17
N ALA B 1 -7.67 18.54 -7.82
CA ALA B 1 -8.66 17.52 -7.55
C ALA B 1 -8.00 16.17 -7.34
N VAL B 2 -8.83 15.19 -7.02
CA VAL B 2 -8.36 13.84 -6.79
C VAL B 2 -9.50 12.82 -6.82
N LYS B 3 -10.51 13.04 -5.99
CA LYS B 3 -11.66 12.15 -5.93
C LYS B 3 -11.23 10.71 -5.72
N ILE B 4 -11.37 10.23 -4.48
CA ILE B 4 -11.00 8.86 -4.15
C ILE B 4 -11.89 7.87 -4.92
N LEU B 5 -12.20 6.72 -4.31
CA LEU B 5 -13.03 5.72 -4.99
C LEU B 5 -13.26 4.51 -4.10
N GLU B 6 -12.24 4.13 -3.34
CA GLU B 6 -12.33 2.98 -2.46
C GLU B 6 -12.70 1.72 -3.25
N ILE B 7 -11.72 0.85 -3.46
CA ILE B 7 -11.97 -0.37 -4.22
C ILE B 7 -13.19 -1.12 -3.72
N GLU B 8 -13.55 -0.92 -2.45
CA GLU B 8 -14.72 -1.60 -1.92
C GLU B 8 -15.97 -1.09 -2.61
N ASP B 9 -16.03 0.21 -2.83
CA ASP B 9 -17.16 0.81 -3.52
C ASP B 9 -17.01 0.63 -5.02
N LEU B 10 -15.77 0.73 -5.49
CA LEU B 10 -15.45 0.57 -6.89
C LEU B 10 -15.64 -0.88 -7.32
N PHE B 11 -15.37 -1.80 -6.39
CA PHE B 11 -15.52 -3.23 -6.65
C PHE B 11 -16.99 -3.60 -6.72
N SER B 12 -17.75 -3.17 -5.71
CA SER B 12 -19.17 -3.44 -5.67
C SER B 12 -19.84 -2.75 -6.87
N SER B 13 -19.26 -1.64 -7.31
CA SER B 13 -19.77 -0.91 -8.44
C SER B 13 -19.72 -1.77 -9.70
N LEU B 14 -18.54 -2.32 -10.00
CA LEU B 14 -18.39 -3.17 -11.17
C LEU B 14 -19.39 -4.31 -11.12
N LYS B 15 -19.62 -4.81 -9.91
CA LYS B 15 -20.57 -5.90 -9.73
C LYS B 15 -21.94 -5.46 -10.19
N HIS B 16 -22.28 -4.19 -9.93
CA HIS B 16 -23.55 -3.63 -10.35
C HIS B 16 -23.52 -3.44 -11.87
N ILE B 17 -22.47 -2.79 -12.33
CA ILE B 17 -22.27 -2.52 -13.75
C ILE B 17 -22.37 -3.80 -14.57
N GLN B 18 -21.76 -4.88 -14.10
CA GLN B 18 -21.82 -6.14 -14.83
C GLN B 18 -23.25 -6.67 -14.88
N HIS B 19 -23.96 -6.55 -13.77
CA HIS B 19 -25.34 -6.99 -13.71
C HIS B 19 -26.29 -5.88 -14.19
N THR B 20 -25.70 -4.75 -14.57
CA THR B 20 -26.47 -3.61 -15.05
C THR B 20 -26.39 -3.51 -16.57
N LEU B 21 -25.23 -3.86 -17.11
CA LEU B 21 -25.03 -3.83 -18.56
C LEU B 21 -25.44 -5.16 -19.17
N VAL B 22 -24.87 -6.23 -18.64
CA VAL B 22 -25.19 -7.59 -19.10
C VAL B 22 -25.30 -7.68 -20.61
N ASP B 23 -24.37 -7.04 -21.31
CA ASP B 23 -24.36 -7.06 -22.77
C ASP B 23 -23.44 -8.16 -23.26
N SER B 24 -22.15 -8.01 -22.96
CA SER B 24 -21.12 -8.97 -23.36
C SER B 24 -19.75 -8.32 -23.33
N GLN B 25 -19.60 -7.27 -24.13
CA GLN B 25 -18.35 -6.53 -24.19
C GLN B 25 -18.15 -5.76 -22.89
N SER B 26 -19.26 -5.37 -22.26
CA SER B 26 -19.23 -4.65 -21.02
C SER B 26 -18.81 -5.57 -19.87
N GLN B 27 -19.29 -6.81 -19.92
CA GLN B 27 -18.95 -7.79 -18.88
C GLN B 27 -17.48 -8.11 -18.91
N GLU B 28 -16.94 -8.27 -20.12
CA GLU B 28 -15.53 -8.57 -20.29
C GLU B 28 -14.67 -7.38 -19.86
N ASP B 29 -15.15 -6.18 -20.17
CA ASP B 29 -14.46 -4.96 -19.81
C ASP B 29 -14.57 -4.76 -18.30
N ILE B 30 -15.75 -5.05 -17.78
CA ILE B 30 -16.02 -4.95 -16.36
C ILE B 30 -15.12 -5.91 -15.61
N SER B 31 -15.10 -7.16 -16.06
CA SER B 31 -14.29 -8.19 -15.44
C SER B 31 -12.83 -7.75 -15.43
N LEU B 32 -12.41 -7.07 -16.49
CA LEU B 32 -11.05 -6.57 -16.58
C LEU B 32 -10.73 -5.69 -15.37
N LEU B 33 -11.61 -4.72 -15.13
CA LEU B 33 -11.44 -3.83 -13.99
C LEU B 33 -11.51 -4.64 -12.71
N LEU B 34 -12.48 -5.55 -12.65
CA LEU B 34 -12.67 -6.41 -11.50
C LEU B 34 -11.38 -7.16 -11.17
N GLN B 35 -10.70 -7.65 -12.20
CA GLN B 35 -9.45 -8.39 -12.01
C GLN B 35 -8.41 -7.50 -11.34
N LEU B 36 -8.19 -6.33 -11.92
CA LEU B 36 -7.23 -5.38 -11.38
C LEU B 36 -7.61 -4.99 -9.96
N VAL B 37 -8.88 -4.66 -9.78
CA VAL B 37 -9.41 -4.27 -8.48
C VAL B 37 -9.21 -5.37 -7.43
N GLN B 38 -9.41 -6.61 -7.83
CA GLN B 38 -9.27 -7.74 -6.91
C GLN B 38 -7.81 -8.17 -6.76
N ASN B 39 -6.94 -7.69 -7.62
CA ASN B 39 -5.52 -8.03 -7.55
C ASN B 39 -4.94 -7.62 -6.20
N LYS B 40 -4.24 -8.54 -5.55
CA LYS B 40 -3.65 -8.26 -4.24
C LYS B 40 -2.72 -7.05 -4.29
N ASP B 41 -1.69 -7.13 -5.13
CA ASP B 41 -0.73 -6.03 -5.26
C ASP B 41 -1.44 -4.74 -5.66
N PHE B 42 -2.30 -4.83 -6.67
CA PHE B 42 -3.05 -3.67 -7.15
C PHE B 42 -3.84 -3.03 -6.01
N GLN B 43 -4.57 -3.86 -5.27
CA GLN B 43 -5.37 -3.38 -4.15
C GLN B 43 -4.53 -2.57 -3.17
N ASN B 44 -3.31 -3.04 -2.94
CA ASN B 44 -2.40 -2.37 -2.02
C ASN B 44 -2.01 -0.98 -2.54
N ALA B 45 -1.71 -0.91 -3.84
CA ALA B 45 -1.33 0.35 -4.45
C ALA B 45 -2.46 1.36 -4.37
N PHE B 46 -3.66 0.94 -4.76
CA PHE B 46 -4.82 1.81 -4.72
C PHE B 46 -5.13 2.24 -3.29
N LYS B 47 -4.87 1.35 -2.35
CA LYS B 47 -5.11 1.65 -0.94
C LYS B 47 -4.20 2.78 -0.48
N ILE B 48 -2.96 2.79 -0.97
CA ILE B 48 -2.01 3.83 -0.62
C ILE B 48 -2.51 5.19 -1.09
N HIS B 49 -2.92 5.25 -2.36
CA HIS B 49 -3.42 6.48 -2.94
C HIS B 49 -4.72 6.92 -2.28
N ASN B 50 -5.48 5.95 -1.77
CA ASN B 50 -6.77 6.24 -1.12
C ASN B 50 -6.58 7.03 0.17
N ALA B 51 -5.88 6.44 1.13
CA ALA B 51 -5.66 7.10 2.42
C ALA B 51 -4.80 8.34 2.28
N ILE B 52 -3.67 8.22 1.61
CA ILE B 52 -2.77 9.35 1.42
C ILE B 52 -3.51 10.54 0.81
N THR B 53 -4.36 10.27 -0.19
CA THR B 53 -5.14 11.33 -0.81
C THR B 53 -5.99 12.03 0.25
N VAL B 54 -6.68 11.23 1.03
CA VAL B 54 -7.54 11.73 2.09
C VAL B 54 -6.76 12.66 3.02
N HIS B 55 -5.57 12.23 3.42
CA HIS B 55 -4.73 13.03 4.29
C HIS B 55 -4.33 14.33 3.60
N MET B 56 -4.22 14.27 2.28
CA MET B 56 -3.85 15.44 1.49
C MET B 56 -4.91 16.53 1.60
N ASN B 57 -6.13 16.22 1.19
CA ASN B 57 -7.23 17.17 1.25
C ASN B 57 -7.46 17.65 2.68
N LYS B 58 -7.47 16.71 3.62
CA LYS B 58 -7.67 17.04 5.02
C LYS B 58 -6.59 18.00 5.53
N ALA B 59 -5.40 17.89 4.95
CA ALA B 59 -4.29 18.75 5.34
C ALA B 59 -4.40 20.13 4.68
N SER B 60 -3.55 21.05 5.11
CA SER B 60 -3.55 22.40 4.56
C SER B 60 -2.28 23.14 4.95
N ASN C 1 1.48 -6.76 -23.77
CA ASN C 1 2.20 -5.75 -23.00
C ASN C 1 1.38 -5.31 -21.78
N PRO C 2 2.03 -5.12 -20.63
CA PRO C 2 1.36 -4.70 -19.40
C PRO C 2 0.69 -3.33 -19.54
N ALA C 3 1.25 -2.50 -20.41
CA ALA C 3 0.71 -1.16 -20.63
C ALA C 3 -0.65 -1.24 -21.33
N ALA C 4 -0.82 -2.25 -22.16
CA ALA C 4 -2.07 -2.44 -22.89
C ALA C 4 -3.24 -2.59 -21.93
N GLU C 5 -2.98 -3.18 -20.76
CA GLU C 5 -4.01 -3.39 -19.75
C GLU C 5 -4.51 -2.06 -19.21
N LYS C 6 -3.59 -1.25 -18.68
CA LYS C 6 -3.94 0.05 -18.13
C LYS C 6 -4.58 0.93 -19.20
N MET C 7 -4.01 0.91 -20.40
CA MET C 7 -4.54 1.70 -21.51
C MET C 7 -5.95 1.25 -21.82
N GLN C 8 -6.11 -0.05 -22.05
CA GLN C 8 -7.43 -0.62 -22.34
C GLN C 8 -8.38 -0.31 -21.19
N VAL C 9 -7.87 -0.37 -19.97
CA VAL C 9 -8.66 -0.09 -18.77
C VAL C 9 -9.30 1.29 -18.87
N LEU C 10 -8.48 2.30 -19.12
CA LEU C 10 -9.00 3.66 -19.25
C LEU C 10 -10.11 3.72 -20.28
N GLN C 11 -9.90 3.02 -21.40
CA GLN C 11 -10.90 2.96 -22.45
C GLN C 11 -12.10 2.14 -21.98
N VAL C 12 -11.85 1.21 -21.07
CA VAL C 12 -12.89 0.36 -20.52
C VAL C 12 -13.76 1.16 -19.56
N LEU C 13 -13.12 2.01 -18.78
CA LEU C 13 -13.82 2.85 -17.81
C LEU C 13 -14.75 3.83 -18.50
N ASP C 14 -14.27 4.44 -19.58
CA ASP C 14 -15.07 5.40 -20.33
C ASP C 14 -16.23 4.71 -21.03
N ARG C 15 -15.97 3.56 -21.62
CA ARG C 15 -17.00 2.80 -22.32
C ARG C 15 -18.08 2.32 -21.36
N LEU C 16 -17.67 1.62 -20.31
CA LEU C 16 -18.61 1.11 -19.32
C LEU C 16 -19.48 2.24 -18.77
N ARG C 17 -18.83 3.24 -18.21
CA ARG C 17 -19.53 4.38 -17.64
C ARG C 17 -20.46 5.01 -18.66
N GLY C 18 -20.09 4.92 -19.93
CA GLY C 18 -20.92 5.48 -20.99
C GLY C 18 -22.23 4.74 -21.12
N LYS C 19 -22.17 3.42 -21.13
CA LYS C 19 -23.35 2.59 -21.23
C LYS C 19 -24.30 2.86 -20.07
N LEU C 20 -23.73 3.12 -18.89
CA LEU C 20 -24.53 3.41 -17.71
C LEU C 20 -25.27 4.72 -17.89
N GLN C 21 -24.56 5.74 -18.33
CA GLN C 21 -25.15 7.05 -18.57
C GLN C 21 -26.29 6.93 -19.56
N GLU C 22 -26.21 5.93 -20.44
CA GLU C 22 -27.24 5.70 -21.44
C GLU C 22 -28.40 4.91 -20.84
N LYS C 23 -28.09 4.06 -19.87
CA LYS C 23 -29.10 3.24 -19.22
C LYS C 23 -29.80 4.01 -18.11
N GLY C 24 -29.07 4.89 -17.44
CA GLY C 24 -29.63 5.67 -16.37
C GLY C 24 -28.91 5.47 -15.05
N ASP C 25 -27.75 4.83 -15.09
CA ASP C 25 -26.95 4.58 -13.91
C ASP C 25 -25.77 5.53 -13.86
N THR C 26 -26.01 6.75 -13.39
CA THR C 26 -24.98 7.75 -13.29
C THR C 26 -24.34 7.71 -11.91
N THR C 27 -24.53 6.58 -11.22
CA THR C 27 -23.99 6.39 -9.89
C THR C 27 -22.60 5.76 -9.96
N GLN C 28 -22.44 4.80 -10.87
CA GLN C 28 -21.16 4.12 -11.04
C GLN C 28 -20.23 4.94 -11.93
N ASN C 29 -20.82 5.79 -12.77
CA ASN C 29 -20.02 6.64 -13.66
C ASN C 29 -18.96 7.39 -12.87
N GLU C 30 -19.33 7.86 -11.69
CA GLU C 30 -18.39 8.57 -10.82
C GLU C 30 -17.23 7.65 -10.47
N LYS C 31 -17.57 6.39 -10.19
CA LYS C 31 -16.57 5.39 -9.86
C LYS C 31 -15.58 5.23 -11.00
N LEU C 32 -16.13 4.96 -12.18
CA LEU C 32 -15.32 4.78 -13.38
C LEU C 32 -14.48 6.01 -13.66
N SER C 33 -15.05 7.18 -13.44
CA SER C 33 -14.35 8.44 -13.66
C SER C 33 -13.33 8.65 -12.55
N ALA C 34 -13.64 8.13 -11.37
CA ALA C 34 -12.77 8.24 -10.21
C ALA C 34 -11.55 7.36 -10.38
N PHE C 35 -11.77 6.11 -10.79
CA PHE C 35 -10.69 5.16 -11.01
C PHE C 35 -9.88 5.56 -12.24
N TYR C 36 -10.61 5.92 -13.29
CA TYR C 36 -10.00 6.34 -14.55
C TYR C 36 -9.01 7.48 -14.33
N GLU C 37 -9.48 8.55 -13.70
CA GLU C 37 -8.62 9.70 -13.43
C GLU C 37 -7.41 9.30 -12.60
N THR C 38 -7.68 8.60 -11.50
CA THR C 38 -6.60 8.15 -10.61
C THR C 38 -5.58 7.31 -11.40
N LEU C 39 -6.08 6.46 -12.29
CA LEU C 39 -5.22 5.62 -13.11
C LEU C 39 -4.28 6.49 -13.94
N LYS C 40 -4.80 7.63 -14.40
CA LYS C 40 -4.02 8.56 -15.21
C LYS C 40 -2.95 9.23 -14.37
N SER C 41 -3.24 9.42 -13.09
CA SER C 41 -2.30 10.06 -12.17
C SER C 41 -0.89 9.51 -12.33
N PRO C 42 0.10 10.38 -12.60
CA PRO C 42 1.50 9.97 -12.78
C PRO C 42 2.05 9.28 -11.54
N LEU C 43 1.87 9.92 -10.40
CA LEU C 43 2.34 9.37 -9.13
C LEU C 43 1.73 8.00 -8.88
N PHE C 44 0.40 7.93 -8.96
CA PHE C 44 -0.31 6.67 -8.76
C PHE C 44 0.21 5.61 -9.72
N ASN C 45 0.50 6.02 -10.94
CA ASN C 45 1.02 5.10 -11.96
C ASN C 45 2.30 4.45 -11.46
N GLN C 46 3.16 5.26 -10.84
CA GLN C 46 4.42 4.75 -10.30
C GLN C 46 4.15 3.72 -9.22
N ILE C 47 3.10 3.96 -8.44
CA ILE C 47 2.71 3.04 -7.36
C ILE C 47 2.43 1.66 -7.92
N LEU C 48 1.62 1.60 -8.97
CA LEU C 48 1.27 0.32 -9.59
C LEU C 48 2.50 -0.30 -10.24
N THR C 49 3.30 0.53 -10.90
CA THR C 49 4.51 0.06 -11.56
C THR C 49 5.41 -0.65 -10.54
N LEU C 50 5.51 -0.08 -9.35
CA LEU C 50 6.31 -0.66 -8.29
C LEU C 50 5.78 -2.04 -7.92
N GLN C 51 4.47 -2.12 -7.69
CA GLN C 51 3.85 -3.39 -7.35
C GLN C 51 4.05 -4.41 -8.46
N GLN C 52 4.05 -3.92 -9.70
CA GLN C 52 4.25 -4.79 -10.86
C GLN C 52 5.61 -5.45 -10.79
N SER C 53 6.62 -4.68 -10.36
CA SER C 53 7.96 -5.19 -10.22
C SER C 53 7.99 -6.32 -9.20
N ILE C 54 7.33 -6.09 -8.06
CA ILE C 54 7.26 -7.09 -7.01
C ILE C 54 6.59 -8.36 -7.53
N LYS C 55 5.59 -8.17 -8.39
CA LYS C 55 4.89 -9.30 -8.97
C LYS C 55 5.85 -10.16 -9.78
N GLN C 56 6.76 -9.50 -10.49
CA GLN C 56 7.76 -10.20 -11.30
C GLN C 56 8.66 -11.03 -10.39
N LEU C 57 9.01 -10.47 -9.24
CA LEU C 57 9.86 -11.16 -8.27
C LEU C 57 9.24 -12.49 -7.88
N LYS C 58 7.96 -12.46 -7.55
CA LYS C 58 7.24 -13.67 -7.15
C LYS C 58 7.26 -14.71 -8.26
N GLY C 59 6.78 -14.32 -9.43
CA GLY C 59 6.74 -15.24 -10.56
C GLY C 59 8.12 -15.77 -10.92
N GLN C 60 9.10 -14.87 -10.94
CA GLN C 60 10.47 -15.25 -11.26
C GLN C 60 11.02 -16.24 -10.25
N LEU C 61 10.93 -15.89 -8.97
CA LEU C 61 11.42 -16.74 -7.89
C LEU C 61 10.47 -17.92 -7.67
N SER C 62 10.89 -19.11 -8.08
CA SER C 62 10.08 -20.30 -7.92
C SER C 62 10.92 -21.46 -7.37
N ALA D 1 14.52 -16.44 4.83
CA ALA D 1 14.61 -15.47 3.76
C ALA D 1 13.24 -15.15 3.17
N VAL D 2 12.25 -15.04 4.05
CA VAL D 2 10.88 -14.76 3.62
C VAL D 2 9.93 -14.71 4.81
N LYS D 3 10.42 -14.17 5.93
CA LYS D 3 9.62 -14.06 7.13
C LYS D 3 8.87 -12.73 7.17
N ILE D 4 7.62 -12.77 7.64
CA ILE D 4 6.80 -11.56 7.73
C ILE D 4 7.00 -10.88 9.07
N LEU D 5 6.13 -9.91 9.36
CA LEU D 5 6.21 -9.17 10.62
C LEU D 5 4.84 -8.65 11.03
N GLU D 6 4.05 -8.22 10.06
CA GLU D 6 2.70 -7.69 10.32
C GLU D 6 2.76 -6.58 11.36
N ILE D 7 2.52 -5.34 10.92
CA ILE D 7 2.55 -4.19 11.82
C ILE D 7 1.72 -4.43 13.07
N GLU D 8 0.71 -5.27 12.98
CA GLU D 8 -0.12 -5.53 14.15
C GLU D 8 0.69 -6.21 15.24
N ASP D 9 1.50 -7.18 14.84
CA ASP D 9 2.37 -7.89 15.77
C ASP D 9 3.60 -7.05 16.08
N LEU D 10 4.06 -6.31 15.07
CA LEU D 10 5.23 -5.45 15.23
C LEU D 10 4.87 -4.23 16.08
N PHE D 11 3.61 -3.81 16.00
CA PHE D 11 3.12 -2.67 16.76
C PHE D 11 3.01 -3.04 18.24
N SER D 12 2.35 -4.16 18.50
CA SER D 12 2.19 -4.64 19.86
C SER D 12 3.56 -4.95 20.45
N SER D 13 4.49 -5.32 19.59
CA SER D 13 5.85 -5.62 20.01
C SER D 13 6.51 -4.38 20.60
N LEU D 14 6.50 -3.28 19.84
CA LEU D 14 7.10 -2.03 20.31
C LEU D 14 6.47 -1.63 21.63
N LYS D 15 5.17 -1.88 21.75
CA LYS D 15 4.46 -1.56 22.97
C LYS D 15 5.08 -2.32 24.14
N HIS D 16 5.45 -3.57 23.87
CA HIS D 16 6.10 -4.40 24.87
C HIS D 16 7.49 -3.85 25.15
N ILE D 17 8.25 -3.68 24.07
CA ILE D 17 9.61 -3.15 24.14
C ILE D 17 9.64 -1.84 24.93
N GLN D 18 8.64 -1.00 24.69
CA GLN D 18 8.55 0.28 25.38
C GLN D 18 8.41 0.09 26.89
N HIS D 19 7.46 -0.74 27.29
CA HIS D 19 7.24 -1.02 28.71
C HIS D 19 8.25 -2.06 29.21
N THR D 20 9.05 -2.59 28.27
CA THR D 20 10.04 -3.57 28.58
C THR D 20 11.40 -2.91 28.82
N LEU D 21 11.65 -1.83 28.11
CA LEU D 21 12.90 -1.10 28.24
C LEU D 21 12.78 -0.02 29.31
N VAL D 22 11.75 0.81 29.18
CA VAL D 22 11.48 1.89 30.13
C VAL D 22 12.76 2.60 30.56
N ASP D 23 13.70 2.73 29.61
CA ASP D 23 14.95 3.40 29.89
C ASP D 23 14.92 4.84 29.40
N SER D 24 13.72 5.38 29.26
CA SER D 24 13.54 6.76 28.80
C SER D 24 14.01 6.91 27.35
N GLN D 25 15.31 6.87 27.14
CA GLN D 25 15.88 7.00 25.81
C GLN D 25 15.34 5.89 24.91
N SER D 26 15.10 4.73 25.51
CA SER D 26 14.57 3.58 24.79
C SER D 26 13.14 3.84 24.35
N GLN D 27 12.36 4.47 25.23
CA GLN D 27 10.97 4.79 24.93
C GLN D 27 10.89 5.74 23.75
N GLU D 28 11.85 6.65 23.67
CA GLU D 28 11.90 7.62 22.60
C GLU D 28 12.23 6.94 21.27
N ASP D 29 13.16 5.99 21.31
CA ASP D 29 13.55 5.26 20.12
C ASP D 29 12.41 4.33 19.72
N ILE D 30 11.84 3.68 20.73
CA ILE D 30 10.71 2.79 20.54
C ILE D 30 9.56 3.55 19.92
N SER D 31 9.25 4.70 20.51
CA SER D 31 8.17 5.54 20.04
C SER D 31 8.39 5.89 18.58
N LEU D 32 9.65 6.10 18.20
CA LEU D 32 10.00 6.43 16.83
C LEU D 32 9.49 5.34 15.89
N LEU D 33 9.83 4.09 16.20
CA LEU D 33 9.37 2.96 15.40
C LEU D 33 7.86 2.91 15.40
N LEU D 34 7.28 3.12 16.58
CA LEU D 34 5.84 3.12 16.73
C LEU D 34 5.20 4.14 15.81
N GLN D 35 5.73 5.37 15.81
CA GLN D 35 5.22 6.43 14.96
C GLN D 35 5.33 6.05 13.49
N LEU D 36 6.49 5.53 13.13
CA LEU D 36 6.73 5.11 11.76
C LEU D 36 5.71 4.04 11.35
N VAL D 37 5.40 3.17 12.30
CA VAL D 37 4.44 2.09 12.08
C VAL D 37 3.01 2.63 11.93
N GLN D 38 2.57 3.41 12.91
CA GLN D 38 1.21 3.97 12.88
C GLN D 38 1.01 4.90 11.69
N ASN D 39 2.09 5.37 11.09
CA ASN D 39 2.00 6.27 9.94
C ASN D 39 1.07 5.68 8.88
N LYS D 40 0.19 6.52 8.34
CA LYS D 40 -0.78 6.08 7.33
C LYS D 40 -0.06 5.58 6.07
N ASP D 41 0.73 6.44 5.46
CA ASP D 41 1.46 6.08 4.24
C ASP D 41 2.36 4.88 4.49
N PHE D 42 3.15 4.95 5.55
CA PHE D 42 4.06 3.87 5.91
C PHE D 42 3.30 2.57 6.09
N GLN D 43 2.19 2.63 6.82
CA GLN D 43 1.36 1.46 7.08
C GLN D 43 0.97 0.78 5.77
N ASN D 44 0.64 1.59 4.77
CA ASN D 44 0.25 1.05 3.47
C ASN D 44 1.43 0.39 2.76
N ALA D 45 2.56 1.09 2.73
CA ALA D 45 3.77 0.56 2.11
C ALA D 45 4.18 -0.77 2.72
N PHE D 46 4.22 -0.80 4.04
CA PHE D 46 4.58 -2.01 4.78
C PHE D 46 3.62 -3.15 4.46
N LYS D 47 2.34 -2.82 4.33
CA LYS D 47 1.34 -3.83 4.02
C LYS D 47 1.61 -4.47 2.67
N ILE D 48 2.07 -3.67 1.71
CA ILE D 48 2.37 -4.16 0.39
C ILE D 48 3.50 -5.19 0.44
N HIS D 49 4.58 -4.83 1.12
CA HIS D 49 5.72 -5.72 1.24
C HIS D 49 5.38 -6.95 2.07
N ASN D 50 4.59 -6.75 3.11
CA ASN D 50 4.20 -7.84 4.00
C ASN D 50 3.35 -8.90 3.29
N ALA D 51 2.20 -8.49 2.77
CA ALA D 51 1.30 -9.42 2.08
C ALA D 51 1.95 -10.03 0.84
N ILE D 52 2.46 -9.17 -0.04
CA ILE D 52 3.09 -9.65 -1.26
C ILE D 52 4.20 -10.65 -0.94
N THR D 53 4.92 -10.42 0.16
CA THR D 53 5.98 -11.32 0.58
C THR D 53 5.38 -12.66 0.94
N VAL D 54 4.31 -12.62 1.73
CA VAL D 54 3.62 -13.82 2.17
C VAL D 54 3.25 -14.70 0.98
N HIS D 55 2.60 -14.10 -0.01
CA HIS D 55 2.20 -14.82 -1.20
C HIS D 55 3.43 -15.32 -1.96
N MET D 56 4.52 -14.56 -1.85
CA MET D 56 5.77 -14.91 -2.52
C MET D 56 6.26 -16.30 -2.09
N ASN D 57 6.54 -16.45 -0.80
CA ASN D 57 7.01 -17.72 -0.25
C ASN D 57 5.93 -18.80 -0.38
N LYS D 58 4.67 -18.39 -0.25
CA LYS D 58 3.56 -19.32 -0.35
C LYS D 58 3.54 -20.00 -1.71
N ALA D 59 3.33 -19.20 -2.76
CA ALA D 59 3.29 -19.72 -4.12
C ALA D 59 2.14 -20.70 -4.30
N SER D 60 1.23 -20.37 -5.21
CA SER D 60 0.08 -21.22 -5.49
C SER D 60 -0.79 -21.37 -4.24
N ASN A 1 16.38 16.00 6.42
CA ASN A 1 17.00 14.80 5.90
C ASN A 1 16.16 13.56 6.21
N PRO A 2 15.40 13.07 5.23
CA PRO A 2 14.55 11.88 5.42
C PRO A 2 15.36 10.63 5.71
N ALA A 3 16.59 10.61 5.21
CA ALA A 3 17.48 9.46 5.42
C ALA A 3 17.90 9.36 6.89
N ALA A 4 17.92 10.50 7.58
CA ALA A 4 18.30 10.53 8.99
C ALA A 4 17.36 9.69 9.83
N GLU A 5 16.06 9.79 9.55
CA GLU A 5 15.06 9.02 10.27
C GLU A 5 15.24 7.52 10.04
N LYS A 6 15.24 7.13 8.77
CA LYS A 6 15.42 5.73 8.41
C LYS A 6 16.74 5.20 8.95
N MET A 7 17.79 6.01 8.81
CA MET A 7 19.11 5.62 9.29
C MET A 7 19.08 5.41 10.79
N GLN A 8 18.48 6.37 11.49
CA GLN A 8 18.35 6.29 12.94
C GLN A 8 17.46 5.11 13.31
N VAL A 9 16.46 4.86 12.47
CA VAL A 9 15.53 3.75 12.68
C VAL A 9 16.28 2.42 12.72
N LEU A 10 17.03 2.14 11.67
CA LEU A 10 17.80 0.90 11.60
C LEU A 10 18.69 0.77 12.83
N GLN A 11 19.33 1.87 13.19
CA GLN A 11 20.20 1.89 14.36
C GLN A 11 19.36 1.75 15.63
N VAL A 12 18.12 2.21 15.55
CA VAL A 12 17.20 2.12 16.68
C VAL A 12 16.77 0.68 16.88
N LEU A 13 16.55 -0.02 15.76
CA LEU A 13 16.13 -1.40 15.82
C LEU A 13 17.22 -2.27 16.44
N ASP A 14 18.46 -1.99 16.07
CA ASP A 14 19.60 -2.75 16.59
C ASP A 14 19.77 -2.50 18.09
N ARG A 15 19.57 -1.25 18.51
CA ARG A 15 19.71 -0.89 19.91
C ARG A 15 18.59 -1.51 20.75
N LEU A 16 17.35 -1.28 20.35
CA LEU A 16 16.20 -1.82 21.06
C LEU A 16 16.33 -3.34 21.20
N ARG A 17 16.50 -4.00 20.06
CA ARG A 17 16.64 -5.45 20.03
C ARG A 17 17.75 -5.91 20.97
N GLY A 18 18.84 -5.14 21.01
CA GLY A 18 19.95 -5.49 21.88
C GLY A 18 19.54 -5.54 23.33
N LYS A 19 18.73 -4.58 23.75
CA LYS A 19 18.25 -4.52 25.12
C LYS A 19 17.37 -5.71 25.46
N LEU A 20 16.52 -6.10 24.50
CA LEU A 20 15.62 -7.23 24.71
C LEU A 20 16.40 -8.52 24.92
N GLN A 21 17.35 -8.78 24.03
CA GLN A 21 18.18 -9.97 24.14
C GLN A 21 19.00 -9.93 25.42
N GLU A 22 19.29 -8.73 25.89
CA GLU A 22 20.07 -8.56 27.11
C GLU A 22 19.17 -8.69 28.33
N LYS A 23 17.91 -8.25 28.18
CA LYS A 23 16.95 -8.31 29.27
C LYS A 23 16.33 -9.69 29.38
N GLY A 24 16.14 -10.35 28.24
CA GLY A 24 15.55 -11.67 28.25
C GLY A 24 14.40 -11.80 27.27
N ASP A 25 13.87 -10.67 26.83
CA ASP A 25 12.76 -10.66 25.88
C ASP A 25 13.26 -11.07 24.51
N THR A 26 13.41 -12.38 24.31
CA THR A 26 13.85 -12.90 23.04
C THR A 26 12.66 -13.18 22.15
N THR A 27 11.55 -12.50 22.44
CA THR A 27 10.32 -12.67 21.69
C THR A 27 10.13 -11.50 20.73
N GLN A 28 10.23 -10.28 21.26
CA GLN A 28 10.07 -9.08 20.44
C GLN A 28 11.26 -8.91 19.51
N ASN A 29 12.38 -9.54 19.86
CA ASN A 29 13.59 -9.46 19.04
C ASN A 29 13.30 -9.87 17.61
N GLU A 30 12.53 -10.94 17.45
CA GLU A 30 12.17 -11.43 16.12
C GLU A 30 11.49 -10.32 15.33
N LYS A 31 10.75 -9.47 16.03
CA LYS A 31 10.05 -8.37 15.39
C LYS A 31 11.04 -7.29 14.97
N LEU A 32 12.01 -7.02 15.85
CA LEU A 32 13.03 -6.02 15.57
C LEU A 32 13.91 -6.47 14.42
N SER A 33 14.17 -7.78 14.36
CA SER A 33 14.98 -8.34 13.30
C SER A 33 14.17 -8.42 12.01
N ALA A 34 12.87 -8.63 12.16
CA ALA A 34 11.97 -8.70 11.03
C ALA A 34 11.79 -7.32 10.39
N PHE A 35 11.62 -6.32 11.23
CA PHE A 35 11.46 -4.95 10.76
C PHE A 35 12.79 -4.44 10.21
N TYR A 36 13.84 -4.66 10.98
CA TYR A 36 15.19 -4.24 10.61
C TYR A 36 15.57 -4.77 9.23
N GLU A 37 15.44 -6.08 9.04
CA GLU A 37 15.76 -6.70 7.77
C GLU A 37 14.88 -6.14 6.65
N THR A 38 13.58 -6.15 6.86
CA THR A 38 12.64 -5.62 5.87
C THR A 38 13.00 -4.19 5.50
N LEU A 39 13.38 -3.40 6.50
CA LEU A 39 13.77 -2.02 6.28
C LEU A 39 14.95 -1.94 5.32
N LYS A 40 15.87 -2.91 5.45
CA LYS A 40 17.04 -2.96 4.60
C LYS A 40 16.66 -3.34 3.17
N SER A 41 15.57 -4.11 3.05
CA SER A 41 15.09 -4.55 1.74
C SER A 41 15.08 -3.40 0.73
N PRO A 42 15.66 -3.61 -0.47
CA PRO A 42 15.71 -2.59 -1.51
C PRO A 42 14.34 -2.25 -2.06
N LEU A 43 13.59 -3.26 -2.46
CA LEU A 43 12.26 -3.07 -3.01
C LEU A 43 11.36 -2.35 -1.99
N PHE A 44 11.50 -2.72 -0.72
CA PHE A 44 10.71 -2.09 0.33
C PHE A 44 11.04 -0.61 0.41
N ASN A 45 12.33 -0.29 0.34
CA ASN A 45 12.77 1.09 0.39
C ASN A 45 12.09 1.91 -0.71
N GLN A 46 11.94 1.28 -1.88
CA GLN A 46 11.27 1.93 -3.00
C GLN A 46 9.85 2.29 -2.63
N ILE A 47 9.16 1.36 -1.97
CA ILE A 47 7.78 1.58 -1.54
C ILE A 47 7.69 2.80 -0.64
N LEU A 48 8.52 2.83 0.39
CA LEU A 48 8.53 3.95 1.34
C LEU A 48 8.96 5.23 0.62
N THR A 49 9.88 5.10 -0.31
CA THR A 49 10.37 6.24 -1.08
C THR A 49 9.23 6.87 -1.87
N LEU A 50 8.37 6.03 -2.44
CA LEU A 50 7.24 6.51 -3.22
C LEU A 50 6.29 7.32 -2.33
N GLN A 51 5.90 6.74 -1.20
CA GLN A 51 5.00 7.42 -0.28
C GLN A 51 5.64 8.72 0.20
N GLN A 52 6.96 8.72 0.30
CA GLN A 52 7.70 9.90 0.73
C GLN A 52 7.47 11.04 -0.26
N SER A 53 7.48 10.69 -1.54
CA SER A 53 7.24 11.67 -2.59
C SER A 53 5.86 12.26 -2.43
N ILE A 54 4.89 11.40 -2.12
CA ILE A 54 3.52 11.83 -1.91
C ILE A 54 3.47 12.79 -0.72
N LYS A 55 4.30 12.53 0.27
CA LYS A 55 4.38 13.38 1.45
C LYS A 55 4.77 14.79 1.03
N GLN A 56 5.71 14.87 0.09
CA GLN A 56 6.16 16.16 -0.41
C GLN A 56 5.02 16.89 -1.10
N LEU A 57 4.19 16.13 -1.83
CA LEU A 57 3.05 16.70 -2.54
C LEU A 57 2.14 17.44 -1.57
N LYS A 58 1.84 16.81 -0.45
CA LYS A 58 0.97 17.40 0.56
C LYS A 58 1.68 18.57 1.26
N GLY A 59 3.00 18.51 1.31
CA GLY A 59 3.77 19.58 1.95
C GLY A 59 4.08 20.72 1.01
N GLN A 60 4.08 20.45 -0.29
CA GLN A 60 4.37 21.48 -1.29
C GLN A 60 3.09 22.19 -1.74
N LEU A 61 1.98 21.46 -1.72
CA LEU A 61 0.69 22.02 -2.14
C LEU A 61 0.01 22.72 -0.97
N SER A 62 0.44 23.94 -0.68
CA SER A 62 -0.14 24.72 0.41
C SER A 62 -0.13 26.21 0.08
N ALA B 1 -9.87 20.10 -5.53
CA ALA B 1 -10.17 19.02 -4.61
C ALA B 1 -9.43 17.75 -5.01
N VAL B 2 -10.06 16.62 -4.78
CA VAL B 2 -9.47 15.32 -5.10
C VAL B 2 -10.53 14.25 -5.32
N LYS B 3 -11.39 14.04 -4.33
CA LYS B 3 -12.44 13.03 -4.42
C LYS B 3 -11.83 11.64 -4.56
N ILE B 4 -12.16 10.75 -3.63
CA ILE B 4 -11.65 9.39 -3.66
C ILE B 4 -12.60 8.46 -4.40
N LEU B 5 -12.32 7.17 -4.32
CA LEU B 5 -13.14 6.16 -4.98
C LEU B 5 -13.42 4.98 -4.05
N GLU B 6 -12.41 4.60 -3.26
CA GLU B 6 -12.55 3.48 -2.34
C GLU B 6 -12.93 2.21 -3.09
N ILE B 7 -11.98 1.27 -3.20
CA ILE B 7 -12.23 0.02 -3.90
C ILE B 7 -13.51 -0.65 -3.43
N GLU B 8 -13.91 -0.41 -2.18
CA GLU B 8 -15.12 -1.04 -1.67
C GLU B 8 -16.33 -0.52 -2.44
N ASP B 9 -16.36 0.79 -2.68
CA ASP B 9 -17.44 1.41 -3.42
C ASP B 9 -17.23 1.19 -4.92
N LEU B 10 -15.97 1.18 -5.33
CA LEU B 10 -15.62 0.97 -6.73
C LEU B 10 -15.84 -0.49 -7.11
N PHE B 11 -15.66 -1.38 -6.14
CA PHE B 11 -15.85 -2.81 -6.35
C PHE B 11 -17.34 -3.12 -6.50
N SER B 12 -18.12 -2.61 -5.57
CA SER B 12 -19.57 -2.80 -5.60
C SER B 12 -20.13 -2.16 -6.86
N SER B 13 -19.45 -1.11 -7.33
CA SER B 13 -19.87 -0.41 -8.53
C SER B 13 -19.78 -1.33 -9.74
N LEU B 14 -18.61 -1.94 -9.94
CA LEU B 14 -18.42 -2.86 -11.06
C LEU B 14 -19.45 -3.97 -11.01
N LYS B 15 -19.77 -4.40 -9.79
CA LYS B 15 -20.75 -5.46 -9.59
C LYS B 15 -22.09 -5.01 -10.17
N HIS B 16 -22.44 -3.76 -9.94
CA HIS B 16 -23.68 -3.20 -10.48
C HIS B 16 -23.55 -3.08 -11.99
N ILE B 17 -22.49 -2.42 -12.42
CA ILE B 17 -22.20 -2.22 -13.83
C ILE B 17 -22.26 -3.54 -14.59
N GLN B 18 -21.73 -4.60 -13.97
CA GLN B 18 -21.73 -5.91 -14.59
C GLN B 18 -23.16 -6.41 -14.82
N HIS B 19 -23.97 -6.35 -13.77
CA HIS B 19 -25.36 -6.78 -13.86
C HIS B 19 -26.22 -5.68 -14.47
N THR B 20 -25.60 -4.55 -14.76
CA THR B 20 -26.30 -3.40 -15.33
C THR B 20 -26.07 -3.34 -16.84
N LEU B 21 -24.88 -3.76 -17.26
CA LEU B 21 -24.55 -3.75 -18.69
C LEU B 21 -24.93 -5.07 -19.32
N VAL B 22 -24.47 -6.16 -18.73
CA VAL B 22 -24.77 -7.52 -19.22
C VAL B 22 -24.71 -7.59 -20.74
N ASP B 23 -23.78 -6.84 -21.32
CA ASP B 23 -23.62 -6.83 -22.77
C ASP B 23 -22.52 -7.79 -23.21
N SER B 24 -22.20 -8.75 -22.35
CA SER B 24 -21.16 -9.74 -22.63
C SER B 24 -19.79 -9.07 -22.68
N GLN B 25 -19.55 -8.28 -23.72
CA GLN B 25 -18.28 -7.57 -23.86
C GLN B 25 -18.08 -6.63 -22.69
N SER B 26 -19.18 -6.10 -22.18
CA SER B 26 -19.14 -5.19 -21.04
C SER B 26 -18.76 -5.94 -19.77
N GLN B 27 -19.28 -7.16 -19.62
CA GLN B 27 -18.98 -7.98 -18.46
C GLN B 27 -17.50 -8.33 -18.42
N GLU B 28 -16.92 -8.52 -19.60
CA GLU B 28 -15.51 -8.85 -19.72
C GLU B 28 -14.65 -7.65 -19.34
N ASP B 29 -15.07 -6.47 -19.77
CA ASP B 29 -14.35 -5.25 -19.44
C ASP B 29 -14.52 -4.95 -17.97
N ILE B 30 -15.74 -5.11 -17.50
CA ILE B 30 -16.07 -4.91 -16.10
C ILE B 30 -15.26 -5.86 -15.24
N SER B 31 -15.28 -7.13 -15.62
CA SER B 31 -14.53 -8.15 -14.89
C SER B 31 -13.07 -7.79 -14.82
N LEU B 32 -12.55 -7.19 -15.88
CA LEU B 32 -11.16 -6.77 -15.92
C LEU B 32 -10.86 -5.81 -14.77
N LEU B 33 -11.69 -4.78 -14.64
CA LEU B 33 -11.52 -3.81 -13.55
C LEU B 33 -11.67 -4.53 -12.22
N LEU B 34 -12.66 -5.41 -12.16
CA LEU B 34 -12.92 -6.19 -10.95
C LEU B 34 -11.68 -6.97 -10.53
N GLN B 35 -11.08 -7.67 -11.49
CA GLN B 35 -9.88 -8.46 -11.24
C GLN B 35 -8.75 -7.56 -10.73
N LEU B 36 -8.55 -6.45 -11.41
CA LEU B 36 -7.51 -5.49 -11.03
C LEU B 36 -7.75 -5.04 -9.60
N VAL B 37 -9.00 -4.78 -9.28
CA VAL B 37 -9.40 -4.34 -7.95
C VAL B 37 -9.13 -5.40 -6.89
N GLN B 38 -9.65 -6.60 -7.11
CA GLN B 38 -9.47 -7.69 -6.15
C GLN B 38 -8.00 -8.10 -6.00
N ASN B 39 -7.17 -7.72 -6.96
CA ASN B 39 -5.74 -8.05 -6.89
C ASN B 39 -5.14 -7.60 -5.56
N LYS B 40 -4.18 -8.36 -5.05
CA LYS B 40 -3.54 -8.04 -3.78
C LYS B 40 -2.62 -6.82 -3.91
N ASP B 41 -1.61 -6.92 -4.78
CA ASP B 41 -0.67 -5.83 -4.98
C ASP B 41 -1.40 -4.57 -5.44
N PHE B 42 -2.30 -4.73 -6.40
CA PHE B 42 -3.07 -3.60 -6.92
C PHE B 42 -3.80 -2.89 -5.79
N GLN B 43 -4.60 -3.64 -5.04
CA GLN B 43 -5.35 -3.09 -3.92
C GLN B 43 -4.44 -2.26 -3.01
N ASN B 44 -3.22 -2.76 -2.81
CA ASN B 44 -2.25 -2.08 -1.96
C ASN B 44 -1.96 -0.68 -2.50
N ALA B 45 -1.71 -0.60 -3.81
CA ALA B 45 -1.42 0.68 -4.44
C ALA B 45 -2.57 1.66 -4.23
N PHE B 46 -3.79 1.14 -4.35
CA PHE B 46 -4.99 1.96 -4.17
C PHE B 46 -5.14 2.40 -2.73
N LYS B 47 -4.82 1.52 -1.79
CA LYS B 47 -4.93 1.82 -0.38
C LYS B 47 -3.99 2.97 0.01
N ILE B 48 -2.84 3.02 -0.66
CA ILE B 48 -1.87 4.08 -0.41
C ILE B 48 -2.36 5.41 -0.93
N HIS B 49 -2.79 5.42 -2.18
CA HIS B 49 -3.28 6.63 -2.81
C HIS B 49 -4.55 7.12 -2.11
N ASN B 50 -5.50 6.21 -1.93
CA ASN B 50 -6.77 6.55 -1.27
C ASN B 50 -6.56 7.17 0.10
N ALA B 51 -5.91 6.44 1.00
CA ALA B 51 -5.68 6.93 2.35
C ALA B 51 -4.87 8.22 2.35
N ILE B 52 -3.73 8.21 1.66
CA ILE B 52 -2.87 9.39 1.60
C ILE B 52 -3.61 10.58 1.01
N THR B 53 -4.38 10.35 -0.07
CA THR B 53 -5.14 11.44 -0.68
C THR B 53 -6.12 12.02 0.33
N VAL B 54 -6.79 11.12 1.06
CA VAL B 54 -7.75 11.52 2.07
C VAL B 54 -7.12 12.51 3.04
N HIS B 55 -5.95 12.13 3.56
CA HIS B 55 -5.22 12.99 4.48
C HIS B 55 -4.79 14.28 3.77
N MET B 56 -4.55 14.16 2.47
CA MET B 56 -4.14 15.30 1.65
C MET B 56 -5.11 16.45 1.80
N ASN B 57 -6.40 16.18 1.59
CA ASN B 57 -7.43 17.20 1.70
C ASN B 57 -7.89 17.35 3.14
N LYS B 58 -7.84 16.26 3.90
CA LYS B 58 -8.26 16.29 5.30
C LYS B 58 -7.22 16.99 6.17
N ALA B 59 -6.04 16.37 6.31
CA ALA B 59 -4.96 16.93 7.10
C ALA B 59 -5.34 16.95 8.58
N SER B 60 -4.75 16.04 9.36
CA SER B 60 -5.02 15.96 10.78
C SER B 60 -3.73 15.75 11.57
N ASN C 1 1.53 -8.16 -21.31
CA ASN C 1 2.16 -6.98 -20.74
C ASN C 1 1.24 -6.28 -19.73
N PRO C 2 1.77 -5.94 -18.55
CA PRO C 2 0.98 -5.28 -17.50
C PRO C 2 0.36 -3.96 -17.98
N ALA C 3 1.22 -3.07 -18.45
CA ALA C 3 0.79 -1.77 -18.95
C ALA C 3 -0.32 -1.92 -19.99
N ALA C 4 -0.29 -3.03 -20.72
CA ALA C 4 -1.30 -3.28 -21.74
C ALA C 4 -2.70 -3.36 -21.13
N GLU C 5 -2.79 -4.01 -19.97
CA GLU C 5 -4.07 -4.16 -19.28
C GLU C 5 -4.57 -2.81 -18.77
N LYS C 6 -3.71 -2.09 -18.06
CA LYS C 6 -4.07 -0.78 -17.51
C LYS C 6 -4.58 0.14 -18.61
N MET C 7 -3.92 0.10 -19.77
CA MET C 7 -4.33 0.93 -20.89
C MET C 7 -5.75 0.56 -21.31
N GLN C 8 -5.98 -0.73 -21.52
CA GLN C 8 -7.30 -1.21 -21.90
C GLN C 8 -8.31 -0.85 -20.81
N VAL C 9 -7.84 -0.91 -19.56
CA VAL C 9 -8.67 -0.58 -18.41
C VAL C 9 -9.22 0.83 -18.52
N LEU C 10 -8.34 1.79 -18.81
CA LEU C 10 -8.76 3.17 -18.95
C LEU C 10 -9.83 3.31 -20.03
N GLN C 11 -9.56 2.71 -21.19
CA GLN C 11 -10.50 2.73 -22.29
C GLN C 11 -11.76 1.94 -21.90
N VAL C 12 -11.57 0.96 -21.01
CA VAL C 12 -12.67 0.15 -20.53
C VAL C 12 -13.56 0.95 -19.59
N LEU C 13 -12.91 1.78 -18.77
CA LEU C 13 -13.62 2.61 -17.82
C LEU C 13 -14.52 3.61 -18.51
N ASP C 14 -14.02 4.22 -19.57
CA ASP C 14 -14.79 5.20 -20.33
C ASP C 14 -15.91 4.51 -21.09
N ARG C 15 -15.63 3.32 -21.61
CA ARG C 15 -16.62 2.56 -22.36
C ARG C 15 -17.73 2.08 -21.46
N LEU C 16 -17.37 1.46 -20.34
CA LEU C 16 -18.36 0.96 -19.38
C LEU C 16 -19.27 2.08 -18.92
N ARG C 17 -18.68 3.12 -18.35
CA ARG C 17 -19.43 4.27 -17.86
C ARG C 17 -20.31 4.85 -18.96
N GLY C 18 -19.83 4.79 -20.19
CA GLY C 18 -20.61 5.30 -21.31
C GLY C 18 -21.90 4.53 -21.49
N LYS C 19 -21.81 3.21 -21.44
CA LYS C 19 -22.98 2.36 -21.60
C LYS C 19 -23.98 2.62 -20.49
N LEU C 20 -23.49 2.88 -19.29
CA LEU C 20 -24.37 3.16 -18.15
C LEU C 20 -25.11 4.47 -18.35
N GLN C 21 -24.35 5.52 -18.68
CA GLN C 21 -24.94 6.83 -18.91
C GLN C 21 -26.02 6.74 -19.99
N GLU C 22 -25.87 5.78 -20.90
CA GLU C 22 -26.84 5.58 -21.97
C GLU C 22 -28.01 4.75 -21.46
N LYS C 23 -27.74 3.86 -20.52
CA LYS C 23 -28.77 3.01 -19.94
C LYS C 23 -29.58 3.75 -18.89
N GLY C 24 -28.92 4.65 -18.17
CA GLY C 24 -29.58 5.41 -17.13
C GLY C 24 -28.88 5.28 -15.78
N ASP C 25 -27.77 4.55 -15.74
CA ASP C 25 -27.02 4.36 -14.51
C ASP C 25 -25.72 5.14 -14.56
N THR C 26 -25.83 6.46 -14.48
CA THR C 26 -24.65 7.32 -14.50
C THR C 26 -24.13 7.55 -13.09
N THR C 27 -24.65 6.76 -12.15
CA THR C 27 -24.24 6.85 -10.76
C THR C 27 -22.85 6.26 -10.58
N GLN C 28 -22.55 5.24 -11.38
CA GLN C 28 -21.24 4.58 -11.33
C GLN C 28 -20.23 5.36 -12.18
N ASN C 29 -20.73 6.12 -13.15
CA ASN C 29 -19.87 6.92 -14.02
C ASN C 29 -18.84 7.68 -13.20
N GLU C 30 -19.31 8.36 -12.15
CA GLU C 30 -18.42 9.11 -11.28
C GLU C 30 -17.35 8.20 -10.72
N LYS C 31 -17.71 6.94 -10.50
CA LYS C 31 -16.79 5.94 -9.99
C LYS C 31 -15.80 5.55 -11.07
N LEU C 32 -16.31 5.28 -12.27
CA LEU C 32 -15.47 4.92 -13.41
C LEU C 32 -14.51 6.05 -13.72
N SER C 33 -14.92 7.29 -13.44
CA SER C 33 -14.10 8.46 -13.68
C SER C 33 -13.03 8.57 -12.59
N ALA C 34 -13.44 8.25 -11.37
CA ALA C 34 -12.54 8.29 -10.22
C ALA C 34 -11.48 7.21 -10.36
N PHE C 35 -11.92 6.03 -10.79
CA PHE C 35 -11.03 4.90 -10.99
C PHE C 35 -10.14 5.13 -12.20
N TYR C 36 -10.74 5.66 -13.26
CA TYR C 36 -10.03 5.95 -14.50
C TYR C 36 -8.98 7.05 -14.30
N GLU C 37 -9.40 8.16 -13.72
CA GLU C 37 -8.49 9.28 -13.48
C GLU C 37 -7.32 8.86 -12.61
N THR C 38 -7.60 8.11 -11.55
CA THR C 38 -6.55 7.64 -10.66
C THR C 38 -5.52 6.81 -11.41
N LEU C 39 -5.99 5.88 -12.23
CA LEU C 39 -5.10 5.02 -13.03
C LEU C 39 -4.23 5.88 -13.93
N LYS C 40 -4.78 6.99 -14.38
CA LYS C 40 -4.07 7.91 -15.27
C LYS C 40 -3.10 8.79 -14.50
N SER C 41 -3.49 9.17 -13.29
CA SER C 41 -2.66 10.03 -12.44
C SER C 41 -1.21 9.56 -12.43
N PRO C 42 -0.24 10.50 -12.48
CA PRO C 42 1.19 10.17 -12.46
C PRO C 42 1.63 9.56 -11.13
N LEU C 43 1.13 10.14 -10.04
CA LEU C 43 1.45 9.66 -8.71
C LEU C 43 1.00 8.21 -8.54
N PHE C 44 -0.27 7.97 -8.79
CA PHE C 44 -0.81 6.62 -8.69
C PHE C 44 -0.07 5.68 -9.62
N ASN C 45 0.19 6.14 -10.84
CA ASN C 45 0.91 5.35 -11.82
C ASN C 45 2.25 4.90 -11.27
N GLN C 46 2.90 5.79 -10.52
CA GLN C 46 4.19 5.46 -9.91
C GLN C 46 4.04 4.32 -8.93
N ILE C 47 2.96 4.36 -8.15
CA ILE C 47 2.70 3.31 -7.17
C ILE C 47 2.54 1.95 -7.84
N LEU C 48 1.73 1.91 -8.89
CA LEU C 48 1.50 0.68 -9.64
C LEU C 48 2.81 0.17 -10.24
N THR C 49 3.64 1.11 -10.68
CA THR C 49 4.93 0.76 -11.27
C THR C 49 5.78 -0.01 -10.27
N LEU C 50 5.77 0.45 -9.03
CA LEU C 50 6.54 -0.20 -7.96
C LEU C 50 6.08 -1.64 -7.78
N GLN C 51 4.77 -1.83 -7.61
CA GLN C 51 4.22 -3.16 -7.46
C GLN C 51 4.49 -4.00 -8.70
N GLN C 52 4.54 -3.33 -9.85
CA GLN C 52 4.82 -4.00 -11.11
C GLN C 52 6.18 -4.69 -11.03
N SER C 53 7.14 -3.99 -10.43
CA SER C 53 8.49 -4.52 -10.27
C SER C 53 8.43 -5.77 -9.38
N ILE C 54 7.73 -5.65 -8.26
CA ILE C 54 7.57 -6.77 -7.34
C ILE C 54 6.89 -7.93 -8.06
N LYS C 55 5.97 -7.61 -8.95
CA LYS C 55 5.25 -8.62 -9.72
C LYS C 55 6.23 -9.44 -10.53
N GLN C 56 7.22 -8.76 -11.12
CA GLN C 56 8.24 -9.42 -11.92
C GLN C 56 9.03 -10.40 -11.05
N LEU C 57 9.33 -9.95 -9.82
CA LEU C 57 10.07 -10.79 -8.88
C LEU C 57 9.37 -12.12 -8.67
N LYS C 58 8.05 -12.06 -8.48
CA LYS C 58 7.25 -13.26 -8.27
C LYS C 58 7.33 -14.18 -9.48
N GLY C 59 7.24 -13.59 -10.67
CA GLY C 59 7.30 -14.38 -11.89
C GLY C 59 8.63 -15.09 -12.06
N GLN C 60 9.71 -14.33 -12.02
CA GLN C 60 11.05 -14.90 -12.17
C GLN C 60 11.32 -15.96 -11.11
N LEU C 61 11.22 -15.56 -9.85
CA LEU C 61 11.45 -16.48 -8.74
C LEU C 61 10.34 -17.53 -8.67
N SER C 62 10.50 -18.59 -9.45
CA SER C 62 9.52 -19.68 -9.48
C SER C 62 10.15 -20.98 -9.96
N ALA D 1 13.02 -19.22 3.99
CA ALA D 1 11.68 -18.64 3.86
C ALA D 1 11.74 -17.13 3.75
N VAL D 2 10.76 -16.46 4.35
CA VAL D 2 10.69 -15.01 4.32
C VAL D 2 10.29 -14.46 5.68
N LYS D 3 9.29 -15.08 6.30
CA LYS D 3 8.80 -14.65 7.60
C LYS D 3 8.40 -13.18 7.59
N ILE D 4 7.10 -12.94 7.74
CA ILE D 4 6.58 -11.57 7.75
C ILE D 4 6.72 -10.96 9.14
N LEU D 5 6.32 -9.70 9.25
CA LEU D 5 6.40 -8.99 10.53
C LEU D 5 5.01 -8.60 11.03
N GLU D 6 4.15 -8.18 10.10
CA GLU D 6 2.80 -7.75 10.46
C GLU D 6 2.86 -6.64 11.49
N ILE D 7 2.65 -5.40 11.03
CA ILE D 7 2.70 -4.25 11.93
C ILE D 7 1.85 -4.47 13.18
N GLU D 8 0.84 -5.31 13.07
CA GLU D 8 -0.02 -5.57 14.23
C GLU D 8 0.78 -6.21 15.35
N ASP D 9 1.59 -7.21 15.01
CA ASP D 9 2.42 -7.88 15.99
C ASP D 9 3.64 -7.03 16.31
N LEU D 10 4.13 -6.32 15.29
CA LEU D 10 5.28 -5.45 15.46
C LEU D 10 4.90 -4.21 16.26
N PHE D 11 3.64 -3.80 16.15
CA PHE D 11 3.13 -2.64 16.88
C PHE D 11 3.00 -2.97 18.35
N SER D 12 2.34 -4.08 18.63
CA SER D 12 2.18 -4.54 20.00
C SER D 12 3.55 -4.83 20.61
N SER D 13 4.49 -5.20 19.75
CA SER D 13 5.85 -5.50 20.17
C SER D 13 6.51 -4.25 20.74
N LEU D 14 6.49 -3.16 19.98
CA LEU D 14 7.10 -1.90 20.43
C LEU D 14 6.47 -1.49 21.74
N LYS D 15 5.17 -1.71 21.87
CA LYS D 15 4.47 -1.37 23.10
C LYS D 15 5.09 -2.12 24.26
N HIS D 16 5.43 -3.39 24.03
CA HIS D 16 6.05 -4.21 25.05
C HIS D 16 7.47 -3.69 25.29
N ILE D 17 8.24 -3.59 24.21
CA ILE D 17 9.61 -3.10 24.25
C ILE D 17 9.68 -1.77 24.99
N GLN D 18 8.68 -0.92 24.77
CA GLN D 18 8.63 0.37 25.42
C GLN D 18 8.55 0.23 26.93
N HIS D 19 7.58 -0.57 27.40
CA HIS D 19 7.41 -0.80 28.82
C HIS D 19 8.38 -1.86 29.31
N THR D 20 9.16 -2.42 28.38
CA THR D 20 10.15 -3.43 28.70
C THR D 20 11.54 -2.82 28.81
N LEU D 21 11.78 -1.77 28.03
CA LEU D 21 13.08 -1.10 28.06
C LEU D 21 13.06 0.02 29.09
N VAL D 22 12.07 0.90 28.97
CA VAL D 22 11.91 2.03 29.90
C VAL D 22 13.25 2.65 30.25
N ASP D 23 14.16 2.68 29.30
CA ASP D 23 15.49 3.26 29.52
C ASP D 23 15.53 4.69 29.00
N SER D 24 14.37 5.34 28.93
CA SER D 24 14.27 6.71 28.45
C SER D 24 14.66 6.81 26.98
N GLN D 25 15.94 6.65 26.70
CA GLN D 25 16.43 6.70 25.33
C GLN D 25 15.78 5.60 24.50
N SER D 26 15.46 4.50 25.16
CA SER D 26 14.81 3.37 24.50
C SER D 26 13.38 3.72 24.14
N GLN D 27 12.69 4.42 25.03
CA GLN D 27 11.30 4.81 24.80
C GLN D 27 11.21 5.73 23.59
N GLU D 28 12.19 6.61 23.46
CA GLU D 28 12.23 7.55 22.35
C GLU D 28 12.50 6.83 21.03
N ASP D 29 13.38 5.84 21.09
CA ASP D 29 13.71 5.05 19.91
C ASP D 29 12.52 4.17 19.56
N ILE D 30 11.94 3.59 20.59
CA ILE D 30 10.78 2.73 20.45
C ILE D 30 9.64 3.52 19.83
N SER D 31 9.38 4.69 20.40
CA SER D 31 8.33 5.57 19.91
C SER D 31 8.56 5.91 18.45
N LEU D 32 9.84 6.04 18.08
CA LEU D 32 10.20 6.33 16.69
C LEU D 32 9.62 5.26 15.77
N LEU D 33 9.87 4.01 16.10
CA LEU D 33 9.35 2.91 15.31
C LEU D 33 7.83 2.92 15.36
N LEU D 34 7.31 3.16 16.55
CA LEU D 34 5.87 3.22 16.76
C LEU D 34 5.24 4.26 15.85
N GLN D 35 5.88 5.41 15.72
CA GLN D 35 5.38 6.48 14.86
C GLN D 35 5.33 6.03 13.41
N LEU D 36 6.44 5.51 12.92
CA LEU D 36 6.51 5.03 11.55
C LEU D 36 5.48 3.93 11.32
N VAL D 37 5.46 2.97 12.23
CA VAL D 37 4.53 1.84 12.16
C VAL D 37 3.08 2.33 12.11
N GLN D 38 2.76 3.34 12.92
CA GLN D 38 1.39 3.86 12.96
C GLN D 38 1.14 4.86 11.84
N ASN D 39 2.18 5.28 11.14
CA ASN D 39 2.04 6.23 10.05
C ASN D 39 1.17 5.64 8.94
N LYS D 40 0.14 6.39 8.52
CA LYS D 40 -0.76 5.93 7.49
C LYS D 40 -0.02 5.48 6.24
N ASP D 41 0.77 6.38 5.65
CA ASP D 41 1.53 6.07 4.46
C ASP D 41 2.46 4.89 4.70
N PHE D 42 3.24 4.96 5.77
CA PHE D 42 4.17 3.90 6.13
C PHE D 42 3.45 2.56 6.24
N GLN D 43 2.40 2.53 7.05
CA GLN D 43 1.62 1.31 7.25
C GLN D 43 1.15 0.74 5.92
N ASN D 44 0.89 1.62 4.96
CA ASN D 44 0.44 1.18 3.64
C ASN D 44 1.52 0.40 2.92
N ALA D 45 2.71 0.99 2.82
CA ALA D 45 3.84 0.36 2.15
C ALA D 45 4.18 -0.98 2.78
N PHE D 46 4.30 -0.98 4.10
CA PHE D 46 4.61 -2.21 4.84
C PHE D 46 3.60 -3.30 4.53
N LYS D 47 2.33 -2.90 4.44
CA LYS D 47 1.27 -3.85 4.14
C LYS D 47 1.47 -4.45 2.75
N ILE D 48 2.00 -3.64 1.84
CA ILE D 48 2.26 -4.10 0.48
C ILE D 48 3.29 -5.23 0.48
N HIS D 49 4.40 -4.99 1.18
CA HIS D 49 5.46 -5.98 1.28
C HIS D 49 4.99 -7.23 2.02
N ASN D 50 4.23 -7.03 3.09
CA ASN D 50 3.75 -8.14 3.90
C ASN D 50 2.98 -9.16 3.05
N ALA D 51 1.88 -8.72 2.44
CA ALA D 51 1.07 -9.62 1.62
C ALA D 51 1.83 -10.11 0.39
N ILE D 52 2.41 -9.18 -0.36
CA ILE D 52 3.15 -9.54 -1.56
C ILE D 52 4.27 -10.54 -1.23
N THR D 53 4.96 -10.32 -0.10
CA THR D 53 6.02 -11.23 0.30
C THR D 53 5.45 -12.63 0.51
N VAL D 54 4.29 -12.68 1.17
CA VAL D 54 3.62 -13.94 1.43
C VAL D 54 3.44 -14.73 0.15
N HIS D 55 2.96 -14.07 -0.90
CA HIS D 55 2.77 -14.71 -2.19
C HIS D 55 4.11 -15.18 -2.75
N MET D 56 5.15 -14.42 -2.44
CA MET D 56 6.50 -14.75 -2.89
C MET D 56 6.95 -16.10 -2.33
N ASN D 57 6.66 -16.31 -1.05
CA ASN D 57 7.02 -17.55 -0.38
C ASN D 57 6.22 -18.72 -0.95
N LYS D 58 4.95 -18.48 -1.24
CA LYS D 58 4.08 -19.51 -1.79
C LYS D 58 4.54 -19.92 -3.19
N ALA D 59 4.56 -18.95 -4.10
CA ALA D 59 4.97 -19.20 -5.47
C ALA D 59 4.03 -20.17 -6.16
N SER D 60 3.56 -19.80 -7.35
CA SER D 60 2.65 -20.64 -8.12
C SER D 60 3.42 -21.64 -8.97
N ASN A 1 18.89 15.13 4.74
CA ASN A 1 19.23 13.73 4.58
C ASN A 1 18.20 12.83 5.26
N PRO A 2 17.13 12.47 4.55
CA PRO A 2 16.08 11.60 5.10
C PRO A 2 16.58 10.20 5.42
N ALA A 3 17.66 9.80 4.75
CA ALA A 3 18.24 8.47 4.97
C ALA A 3 18.65 8.30 6.43
N ALA A 4 19.01 9.40 7.08
CA ALA A 4 19.42 9.36 8.48
C ALA A 4 18.33 8.75 9.35
N GLU A 5 17.08 9.07 9.03
CA GLU A 5 15.95 8.55 9.79
C GLU A 5 15.91 7.04 9.73
N LYS A 6 15.86 6.50 8.52
CA LYS A 6 15.82 5.05 8.32
C LYS A 6 17.07 4.41 8.88
N MET A 7 18.22 5.03 8.62
CA MET A 7 19.49 4.51 9.12
C MET A 7 19.48 4.48 10.65
N GLN A 8 18.93 5.54 11.24
CA GLN A 8 18.82 5.63 12.68
C GLN A 8 17.83 4.58 13.18
N VAL A 9 16.79 4.35 12.37
CA VAL A 9 15.76 3.38 12.69
C VAL A 9 16.39 1.98 12.83
N LEU A 10 17.21 1.62 11.85
CA LEU A 10 17.86 0.32 11.88
C LEU A 10 18.78 0.24 13.08
N GLN A 11 19.53 1.31 13.31
CA GLN A 11 20.43 1.38 14.46
C GLN A 11 19.61 1.34 15.74
N VAL A 12 18.38 1.86 15.65
CA VAL A 12 17.46 1.86 16.77
C VAL A 12 16.98 0.44 17.04
N LEU A 13 16.79 -0.32 15.97
CA LEU A 13 16.35 -1.69 16.06
C LEU A 13 17.38 -2.55 16.80
N ASP A 14 18.65 -2.32 16.51
CA ASP A 14 19.71 -3.08 17.16
C ASP A 14 19.95 -2.60 18.58
N ARG A 15 19.65 -1.33 18.83
CA ARG A 15 19.82 -0.76 20.17
C ARG A 15 18.73 -1.26 21.11
N LEU A 16 17.48 -1.07 20.71
CA LEU A 16 16.36 -1.54 21.51
C LEU A 16 16.49 -3.03 21.75
N ARG A 17 16.74 -3.77 20.68
CA ARG A 17 16.91 -5.22 20.75
C ARG A 17 17.93 -5.59 21.82
N GLY A 18 19.08 -4.91 21.79
CA GLY A 18 20.12 -5.19 22.77
C GLY A 18 19.59 -5.10 24.20
N LYS A 19 18.82 -4.06 24.46
CA LYS A 19 18.24 -3.86 25.78
C LYS A 19 17.27 -4.99 26.14
N LEU A 20 16.54 -5.49 25.15
CA LEU A 20 15.59 -6.57 25.38
C LEU A 20 16.32 -7.85 25.77
N GLN A 21 17.32 -8.20 24.98
CA GLN A 21 18.11 -9.40 25.25
C GLN A 21 18.79 -9.28 26.61
N GLU A 22 19.04 -8.05 27.04
CA GLU A 22 19.67 -7.79 28.33
C GLU A 22 18.64 -7.85 29.45
N LYS A 23 17.42 -7.43 29.14
CA LYS A 23 16.34 -7.42 30.13
C LYS A 23 15.69 -8.79 30.26
N GLY A 24 15.67 -9.54 29.16
CA GLY A 24 15.07 -10.86 29.20
C GLY A 24 13.86 -10.98 28.29
N ASP A 25 13.75 -10.05 27.33
CA ASP A 25 12.64 -10.06 26.38
C ASP A 25 13.14 -10.44 25.00
N THR A 26 13.37 -11.73 24.80
CA THR A 26 13.86 -12.23 23.53
C THR A 26 12.67 -12.60 22.64
N THR A 27 11.47 -12.24 23.08
CA THR A 27 10.26 -12.53 22.34
C THR A 27 10.04 -11.47 21.26
N GLN A 28 10.01 -10.21 21.67
CA GLN A 28 9.83 -9.10 20.74
C GLN A 28 11.00 -9.05 19.77
N ASN A 29 12.11 -9.68 20.16
CA ASN A 29 13.31 -9.72 19.33
C ASN A 29 12.96 -10.06 17.88
N GLU A 30 12.13 -11.09 17.70
CA GLU A 30 11.70 -11.50 16.38
C GLU A 30 11.07 -10.33 15.65
N LYS A 31 10.35 -9.50 16.40
CA LYS A 31 9.70 -8.32 15.85
C LYS A 31 10.75 -7.39 15.27
N LEU A 32 11.83 -7.20 16.03
CA LEU A 32 12.93 -6.34 15.61
C LEU A 32 13.70 -6.97 14.46
N SER A 33 13.81 -8.30 14.48
CA SER A 33 14.52 -9.03 13.45
C SER A 33 13.70 -9.02 12.16
N ALA A 34 12.39 -9.07 12.31
CA ALA A 34 11.49 -9.05 11.18
C ALA A 34 11.40 -7.64 10.61
N PHE A 35 11.36 -6.66 11.49
CA PHE A 35 11.28 -5.26 11.08
C PHE A 35 12.60 -4.81 10.47
N TYR A 36 13.69 -5.07 11.18
CA TYR A 36 15.02 -4.70 10.73
C TYR A 36 15.31 -5.28 9.35
N GLU A 37 15.09 -6.58 9.19
CA GLU A 37 15.34 -7.25 7.92
C GLU A 37 14.54 -6.61 6.79
N THR A 38 13.23 -6.47 6.99
CA THR A 38 12.37 -5.87 5.98
C THR A 38 12.82 -4.44 5.66
N LEU A 39 13.05 -3.66 6.72
CA LEU A 39 13.50 -2.28 6.56
C LEU A 39 14.77 -2.22 5.71
N LYS A 40 15.61 -3.23 5.85
CA LYS A 40 16.86 -3.30 5.12
C LYS A 40 16.65 -3.73 3.67
N SER A 41 15.67 -4.60 3.45
CA SER A 41 15.36 -5.10 2.12
C SER A 41 15.30 -3.96 1.10
N PRO A 42 15.94 -4.14 -0.07
CA PRO A 42 15.95 -3.12 -1.12
C PRO A 42 14.56 -2.89 -1.74
N LEU A 43 13.84 -3.99 -1.94
CA LEU A 43 12.51 -3.92 -2.52
C LEU A 43 11.59 -3.07 -1.63
N PHE A 44 11.51 -3.43 -0.35
CA PHE A 44 10.68 -2.70 0.59
C PHE A 44 11.12 -1.24 0.66
N ASN A 45 12.43 -1.02 0.63
CA ASN A 45 12.98 0.33 0.68
C ASN A 45 12.46 1.16 -0.48
N GLN A 46 12.37 0.54 -1.66
CA GLN A 46 11.87 1.23 -2.84
C GLN A 46 10.43 1.67 -2.63
N ILE A 47 9.63 0.79 -2.02
CA ILE A 47 8.23 1.10 -1.75
C ILE A 47 8.11 2.35 -0.90
N LEU A 48 8.93 2.44 0.14
CA LEU A 48 8.91 3.61 1.03
C LEU A 48 9.36 4.85 0.27
N THR A 49 10.31 4.67 -0.64
CA THR A 49 10.83 5.77 -1.44
C THR A 49 9.67 6.48 -2.14
N LEU A 50 8.84 5.71 -2.82
CA LEU A 50 7.68 6.25 -3.52
C LEU A 50 6.78 6.97 -2.52
N GLN A 51 6.53 6.33 -1.38
CA GLN A 51 5.70 6.90 -0.34
C GLN A 51 6.29 8.22 0.14
N GLN A 52 7.62 8.30 0.14
CA GLN A 52 8.32 9.51 0.56
C GLN A 52 7.98 10.65 -0.39
N SER A 53 7.93 10.35 -1.67
CA SER A 53 7.60 11.34 -2.68
C SER A 53 6.22 11.91 -2.42
N ILE A 54 5.27 11.01 -2.15
CA ILE A 54 3.91 11.42 -1.85
C ILE A 54 3.88 12.27 -0.59
N LYS A 55 4.77 11.94 0.35
CA LYS A 55 4.87 12.69 1.60
C LYS A 55 5.15 14.15 1.30
N GLN A 56 6.06 14.38 0.35
CA GLN A 56 6.41 15.73 -0.04
C GLN A 56 5.21 16.44 -0.68
N LEU A 57 4.45 15.69 -1.47
CA LEU A 57 3.26 16.23 -2.13
C LEU A 57 2.34 16.88 -1.11
N LYS A 58 2.10 16.17 -0.01
CA LYS A 58 1.23 16.67 1.04
C LYS A 58 1.81 17.93 1.67
N GLY A 59 3.09 17.87 2.05
CA GLY A 59 3.74 19.01 2.66
C GLY A 59 3.80 20.20 1.73
N GLN A 60 3.89 19.94 0.43
CA GLN A 60 3.95 21.01 -0.56
C GLN A 60 2.57 21.57 -0.85
N LEU A 61 1.59 20.69 -0.96
CA LEU A 61 0.22 21.10 -1.25
C LEU A 61 -0.54 21.37 0.05
N SER A 62 0.03 22.23 0.90
CA SER A 62 -0.59 22.57 2.18
C SER A 62 -1.61 23.68 2.00
N ALA B 1 -10.94 17.69 -2.69
CA ALA B 1 -9.50 17.60 -2.87
C ALA B 1 -9.06 16.18 -3.20
N VAL B 2 -8.61 15.99 -4.44
CA VAL B 2 -8.14 14.68 -4.90
C VAL B 2 -9.04 13.54 -4.42
N LYS B 3 -10.21 13.40 -5.04
CA LYS B 3 -11.14 12.34 -4.68
C LYS B 3 -10.49 10.97 -4.92
N ILE B 4 -10.98 9.95 -4.22
CA ILE B 4 -10.43 8.61 -4.37
C ILE B 4 -11.42 7.69 -5.10
N LEU B 5 -12.11 6.80 -4.37
CA LEU B 5 -13.07 5.87 -4.97
C LEU B 5 -13.33 4.68 -4.05
N GLU B 6 -12.27 4.16 -3.45
CA GLU B 6 -12.38 3.01 -2.55
C GLU B 6 -12.75 1.76 -3.34
N ILE B 7 -11.81 0.81 -3.41
CA ILE B 7 -12.05 -0.43 -4.15
C ILE B 7 -13.28 -1.17 -3.63
N GLU B 8 -13.59 -1.02 -2.36
CA GLU B 8 -14.75 -1.70 -1.80
C GLU B 8 -16.02 -1.24 -2.50
N ASP B 9 -16.17 0.07 -2.63
CA ASP B 9 -17.32 0.64 -3.29
C ASP B 9 -17.18 0.49 -4.80
N LEU B 10 -15.95 0.63 -5.28
CA LEU B 10 -15.65 0.51 -6.70
C LEU B 10 -15.78 -0.95 -7.15
N PHE B 11 -15.53 -1.87 -6.23
CA PHE B 11 -15.62 -3.30 -6.52
C PHE B 11 -17.08 -3.69 -6.66
N SER B 12 -17.88 -3.31 -5.68
CA SER B 12 -19.31 -3.60 -5.71
C SER B 12 -19.95 -2.90 -6.92
N SER B 13 -19.35 -1.78 -7.31
CA SER B 13 -19.84 -1.01 -8.44
C SER B 13 -19.71 -1.81 -9.73
N LEU B 14 -18.52 -2.35 -9.99
CA LEU B 14 -18.31 -3.14 -11.21
C LEU B 14 -19.25 -4.33 -11.22
N LYS B 15 -19.47 -4.91 -10.05
CA LYS B 15 -20.37 -6.05 -9.94
C LYS B 15 -21.77 -5.67 -10.39
N HIS B 16 -22.18 -4.45 -10.05
CA HIS B 16 -23.49 -3.95 -10.46
C HIS B 16 -23.46 -3.67 -11.95
N ILE B 17 -22.44 -2.94 -12.37
CA ILE B 17 -22.24 -2.57 -13.76
C ILE B 17 -22.26 -3.78 -14.67
N GLN B 18 -21.57 -4.85 -14.27
CA GLN B 18 -21.53 -6.06 -15.07
C GLN B 18 -22.93 -6.65 -15.23
N HIS B 19 -23.68 -6.68 -14.13
CA HIS B 19 -25.05 -7.20 -14.16
C HIS B 19 -26.03 -6.11 -14.59
N THR B 20 -25.50 -4.91 -14.83
CA THR B 20 -26.32 -3.78 -15.24
C THR B 20 -26.19 -3.54 -16.75
N LEU B 21 -25.01 -3.81 -17.28
CA LEU B 21 -24.77 -3.62 -18.72
C LEU B 21 -25.26 -4.83 -19.50
N VAL B 22 -24.85 -6.02 -19.06
CA VAL B 22 -25.25 -7.27 -19.69
C VAL B 22 -25.13 -7.18 -21.21
N ASP B 23 -23.96 -6.76 -21.68
CA ASP B 23 -23.71 -6.62 -23.11
C ASP B 23 -22.55 -7.51 -23.56
N SER B 24 -22.25 -8.53 -22.77
CA SER B 24 -21.16 -9.44 -23.08
C SER B 24 -19.81 -8.72 -23.08
N GLN B 25 -19.56 -7.95 -24.14
CA GLN B 25 -18.33 -7.19 -24.26
C GLN B 25 -18.16 -6.31 -23.04
N SER B 26 -19.28 -5.90 -22.45
CA SER B 26 -19.26 -5.06 -21.26
C SER B 26 -18.72 -5.83 -20.08
N GLN B 27 -19.15 -7.09 -19.94
CA GLN B 27 -18.68 -7.94 -18.86
C GLN B 27 -17.18 -8.12 -18.93
N GLU B 28 -16.67 -8.20 -20.15
CA GLU B 28 -15.23 -8.38 -20.37
C GLU B 28 -14.44 -7.15 -19.95
N ASP B 29 -14.97 -5.97 -20.29
CA ASP B 29 -14.31 -4.72 -19.93
C ASP B 29 -14.44 -4.51 -18.43
N ILE B 30 -15.64 -4.75 -17.93
CA ILE B 30 -15.94 -4.64 -16.52
C ILE B 30 -15.03 -5.59 -15.74
N SER B 31 -14.97 -6.83 -16.20
CA SER B 31 -14.13 -7.85 -15.57
C SER B 31 -12.69 -7.38 -15.53
N LEU B 32 -12.28 -6.66 -16.57
CA LEU B 32 -10.93 -6.13 -16.65
C LEU B 32 -10.63 -5.29 -15.42
N LEU B 33 -11.52 -4.34 -15.16
CA LEU B 33 -11.38 -3.46 -13.99
C LEU B 33 -11.44 -4.31 -12.73
N LEU B 34 -12.38 -5.25 -12.72
CA LEU B 34 -12.57 -6.14 -11.59
C LEU B 34 -11.27 -6.89 -11.28
N GLN B 35 -10.58 -7.32 -12.32
CA GLN B 35 -9.32 -8.04 -12.16
C GLN B 35 -8.29 -7.18 -11.45
N LEU B 36 -8.09 -5.98 -11.98
CA LEU B 36 -7.14 -5.04 -11.40
C LEU B 36 -7.54 -4.71 -9.96
N VAL B 37 -8.80 -4.36 -9.80
CA VAL B 37 -9.35 -4.01 -8.49
C VAL B 37 -9.19 -5.15 -7.49
N GLN B 38 -9.35 -6.39 -7.98
CA GLN B 38 -9.24 -7.55 -7.10
C GLN B 38 -7.80 -8.05 -7.00
N ASN B 39 -6.91 -7.49 -7.81
CA ASN B 39 -5.50 -7.89 -7.78
C ASN B 39 -4.90 -7.61 -6.40
N LYS B 40 -3.90 -8.40 -6.02
CA LYS B 40 -3.27 -8.23 -4.72
C LYS B 40 -2.38 -6.99 -4.70
N ASP B 41 -1.40 -6.94 -5.59
CA ASP B 41 -0.48 -5.81 -5.66
C ASP B 41 -1.24 -4.52 -6.00
N PHE B 42 -2.12 -4.59 -6.99
CA PHE B 42 -2.91 -3.44 -7.40
C PHE B 42 -3.69 -2.87 -6.21
N GLN B 43 -4.39 -3.76 -5.51
CA GLN B 43 -5.18 -3.35 -4.35
C GLN B 43 -4.32 -2.58 -3.34
N ASN B 44 -3.12 -3.09 -3.08
CA ASN B 44 -2.22 -2.44 -2.13
C ASN B 44 -1.90 -1.02 -2.57
N ALA B 45 -1.55 -0.87 -3.84
CA ALA B 45 -1.22 0.45 -4.39
C ALA B 45 -2.39 1.41 -4.21
N PHE B 46 -3.59 0.90 -4.43
CA PHE B 46 -4.80 1.71 -4.31
C PHE B 46 -5.00 2.14 -2.85
N LYS B 47 -4.71 1.24 -1.92
CA LYS B 47 -4.87 1.54 -0.51
C LYS B 47 -3.96 2.70 -0.11
N ILE B 48 -2.77 2.74 -0.69
CA ILE B 48 -1.82 3.80 -0.41
C ILE B 48 -2.37 5.13 -0.88
N HIS B 49 -2.83 5.17 -2.12
CA HIS B 49 -3.39 6.37 -2.71
C HIS B 49 -4.70 6.75 -2.02
N ASN B 50 -5.39 5.76 -1.48
CA ASN B 50 -6.66 6.00 -0.81
C ASN B 50 -6.48 6.82 0.47
N ALA B 51 -5.72 6.28 1.41
CA ALA B 51 -5.49 6.96 2.68
C ALA B 51 -4.67 8.23 2.50
N ILE B 52 -3.54 8.12 1.80
CA ILE B 52 -2.67 9.27 1.57
C ILE B 52 -3.45 10.44 0.98
N THR B 53 -4.22 10.18 -0.07
CA THR B 53 -5.03 11.22 -0.71
C THR B 53 -5.94 11.87 0.32
N VAL B 54 -6.71 11.02 1.00
CA VAL B 54 -7.64 11.48 2.02
C VAL B 54 -6.93 12.34 3.05
N HIS B 55 -5.76 11.88 3.49
CA HIS B 55 -4.96 12.62 4.45
C HIS B 55 -4.52 13.95 3.85
N MET B 56 -4.27 13.94 2.55
CA MET B 56 -3.85 15.15 1.83
C MET B 56 -4.97 16.18 1.82
N ASN B 57 -6.20 15.71 1.68
CA ASN B 57 -7.36 16.58 1.66
C ASN B 57 -7.74 17.01 3.06
N LYS B 58 -7.57 16.11 4.03
CA LYS B 58 -7.90 16.40 5.41
C LYS B 58 -6.97 17.46 5.99
N ALA B 59 -5.70 17.09 6.14
CA ALA B 59 -4.70 18.01 6.68
C ALA B 59 -4.09 18.88 5.58
N SER B 60 -3.61 20.05 5.96
CA SER B 60 -3.00 20.97 5.00
C SER B 60 -1.54 20.63 4.76
N ASN C 1 3.03 -6.64 -21.47
CA ASN C 1 2.84 -5.19 -21.41
C ASN C 1 1.75 -4.83 -20.40
N PRO C 2 2.14 -4.60 -19.13
CA PRO C 2 1.19 -4.25 -18.07
C PRO C 2 0.53 -2.89 -18.31
N ALA C 3 1.24 -2.01 -19.02
CA ALA C 3 0.72 -0.68 -19.32
C ALA C 3 -0.46 -0.76 -20.29
N ALA C 4 -0.42 -1.74 -21.18
CA ALA C 4 -1.48 -1.93 -22.16
C ALA C 4 -2.83 -2.15 -21.48
N GLU C 5 -2.80 -2.81 -20.33
CA GLU C 5 -4.02 -3.08 -19.57
C GLU C 5 -4.61 -1.78 -19.02
N LYS C 6 -3.83 -1.07 -18.23
CA LYS C 6 -4.28 0.19 -17.64
C LYS C 6 -4.84 1.13 -18.70
N MET C 7 -4.17 1.19 -19.85
CA MET C 7 -4.62 2.04 -20.94
C MET C 7 -6.00 1.59 -21.40
N GLN C 8 -6.13 0.31 -21.69
CA GLN C 8 -7.41 -0.26 -22.12
C GLN C 8 -8.45 -0.03 -21.03
N VAL C 9 -8.01 -0.10 -19.77
CA VAL C 9 -8.89 0.11 -18.63
C VAL C 9 -9.52 1.49 -18.69
N LEU C 10 -8.70 2.50 -19.00
CA LEU C 10 -9.19 3.87 -19.10
C LEU C 10 -10.26 3.95 -20.18
N GLN C 11 -9.96 3.40 -21.34
CA GLN C 11 -10.91 3.38 -22.45
C GLN C 11 -12.12 2.55 -22.06
N VAL C 12 -11.89 1.57 -21.18
CA VAL C 12 -12.95 0.70 -20.70
C VAL C 12 -13.85 1.47 -19.73
N LEU C 13 -13.23 2.32 -18.92
CA LEU C 13 -13.97 3.11 -17.94
C LEU C 13 -14.92 4.08 -18.64
N ASP C 14 -14.46 4.65 -19.74
CA ASP C 14 -15.28 5.59 -20.50
C ASP C 14 -16.40 4.86 -21.23
N ARG C 15 -16.09 3.68 -21.75
CA ARG C 15 -17.09 2.89 -22.47
C ARG C 15 -18.16 2.39 -21.52
N LEU C 16 -17.74 1.72 -20.44
CA LEU C 16 -18.68 1.19 -19.46
C LEU C 16 -19.61 2.29 -18.97
N ARG C 17 -19.02 3.35 -18.43
CA ARG C 17 -19.78 4.48 -17.92
C ARG C 17 -20.76 4.99 -18.97
N GLY C 18 -20.34 4.98 -20.24
CA GLY C 18 -21.20 5.43 -21.30
C GLY C 18 -22.49 4.63 -21.37
N LYS C 19 -22.37 3.31 -21.29
CA LYS C 19 -23.53 2.44 -21.32
C LYS C 19 -24.40 2.66 -20.09
N LEU C 20 -23.78 2.98 -18.96
CA LEU C 20 -24.51 3.22 -17.72
C LEU C 20 -25.36 4.47 -17.85
N GLN C 21 -24.75 5.55 -18.29
CA GLN C 21 -25.46 6.81 -18.47
C GLN C 21 -26.57 6.64 -19.50
N GLU C 22 -26.38 5.68 -20.41
CA GLU C 22 -27.37 5.40 -21.44
C GLU C 22 -28.47 4.50 -20.91
N LYS C 23 -28.10 3.61 -20.00
CA LYS C 23 -29.05 2.68 -19.40
C LYS C 23 -29.87 3.34 -18.30
N GLY C 24 -29.26 4.31 -17.62
CA GLY C 24 -29.96 5.01 -16.55
C GLY C 24 -29.33 4.75 -15.19
N ASP C 25 -28.05 4.39 -15.19
CA ASP C 25 -27.33 4.13 -13.96
C ASP C 25 -26.15 5.08 -13.82
N THR C 26 -26.44 6.28 -13.32
CA THR C 26 -25.42 7.29 -13.13
C THR C 26 -24.87 7.23 -11.71
N THR C 27 -25.11 6.10 -11.05
CA THR C 27 -24.66 5.89 -9.68
C THR C 27 -23.22 5.39 -9.66
N GLN C 28 -22.89 4.53 -10.62
CA GLN C 28 -21.54 3.99 -10.72
C GLN C 28 -20.66 4.90 -11.57
N ASN C 29 -21.29 5.79 -12.32
CA ASN C 29 -20.57 6.73 -13.17
C ASN C 29 -19.44 7.41 -12.40
N GLU C 30 -19.77 7.99 -11.26
CA GLU C 30 -18.79 8.66 -10.43
C GLU C 30 -17.66 7.71 -10.05
N LYS C 31 -18.00 6.43 -9.90
CA LYS C 31 -17.03 5.41 -9.56
C LYS C 31 -16.04 5.24 -10.71
N LEU C 32 -16.56 5.28 -11.93
CA LEU C 32 -15.73 5.14 -13.13
C LEU C 32 -14.86 6.37 -13.31
N SER C 33 -15.42 7.54 -13.01
CA SER C 33 -14.68 8.79 -13.13
C SER C 33 -13.62 8.86 -12.04
N ALA C 34 -13.96 8.29 -10.89
CA ALA C 34 -13.05 8.26 -9.76
C ALA C 34 -11.92 7.28 -10.02
N PHE C 35 -12.28 6.10 -10.50
CA PHE C 35 -11.31 5.06 -10.82
C PHE C 35 -10.45 5.48 -12.00
N TYR C 36 -11.11 6.06 -13.01
CA TYR C 36 -10.43 6.52 -14.22
C TYR C 36 -9.32 7.52 -13.89
N GLU C 37 -9.69 8.57 -13.14
CA GLU C 37 -8.74 9.59 -12.74
C GLU C 37 -7.58 9.01 -11.96
N THR C 38 -7.89 8.16 -10.99
CA THR C 38 -6.85 7.53 -10.17
C THR C 38 -5.84 6.78 -11.03
N LEU C 39 -6.33 6.14 -12.09
CA LEU C 39 -5.46 5.39 -13.00
C LEU C 39 -4.66 6.35 -13.89
N LYS C 40 -5.23 7.52 -14.13
CA LYS C 40 -4.58 8.52 -14.97
C LYS C 40 -3.54 9.32 -14.20
N SER C 41 -3.83 9.60 -12.94
CA SER C 41 -2.91 10.35 -12.09
C SER C 41 -1.48 9.82 -12.20
N PRO C 42 -0.48 10.72 -12.32
CA PRO C 42 0.93 10.33 -12.43
C PRO C 42 1.44 9.68 -11.15
N LEU C 43 0.98 10.19 -10.02
CA LEU C 43 1.37 9.67 -8.72
C LEU C 43 0.93 8.22 -8.59
N PHE C 44 -0.35 7.96 -8.88
CA PHE C 44 -0.88 6.61 -8.81
C PHE C 44 -0.10 5.66 -9.70
N ASN C 45 0.17 6.11 -10.93
CA ASN C 45 0.92 5.31 -11.89
C ASN C 45 2.26 4.90 -11.31
N GLN C 46 2.89 5.81 -10.57
CA GLN C 46 4.18 5.53 -9.94
C GLN C 46 4.05 4.39 -8.93
N ILE C 47 2.96 4.43 -8.16
CA ILE C 47 2.72 3.40 -7.16
C ILE C 47 2.60 2.02 -7.81
N LEU C 48 1.82 1.94 -8.88
CA LEU C 48 1.64 0.67 -9.59
C LEU C 48 2.94 0.25 -10.25
N THR C 49 3.70 1.22 -10.74
CA THR C 49 4.98 0.94 -11.39
C THR C 49 5.86 0.11 -10.46
N LEU C 50 6.01 0.56 -9.23
CA LEU C 50 6.81 -0.15 -8.24
C LEU C 50 6.22 -1.54 -8.00
N GLN C 51 4.90 -1.59 -7.84
CA GLN C 51 4.22 -2.86 -7.62
C GLN C 51 4.46 -3.80 -8.80
N GLN C 52 4.55 -3.22 -9.99
CA GLN C 52 4.79 -4.00 -11.19
C GLN C 52 6.16 -4.67 -11.12
N SER C 53 7.14 -3.93 -10.60
CA SER C 53 8.49 -4.44 -10.46
C SER C 53 8.48 -5.67 -9.55
N ILE C 54 7.77 -5.56 -8.43
CA ILE C 54 7.66 -6.65 -7.48
C ILE C 54 7.03 -7.86 -8.16
N LYS C 55 6.10 -7.61 -9.07
CA LYS C 55 5.43 -8.67 -9.81
C LYS C 55 6.46 -9.45 -10.62
N GLN C 56 7.38 -8.72 -11.24
CA GLN C 56 8.43 -9.33 -12.03
C GLN C 56 9.29 -10.24 -11.17
N LEU C 57 9.56 -9.78 -9.95
CA LEU C 57 10.37 -10.55 -9.00
C LEU C 57 9.76 -11.94 -8.78
N LYS C 58 8.48 -11.96 -8.44
CA LYS C 58 7.77 -13.21 -8.20
C LYS C 58 7.79 -14.10 -9.44
N GLY C 59 7.74 -13.47 -10.61
CA GLY C 59 7.75 -14.22 -11.85
C GLY C 59 9.13 -14.33 -12.47
N GLN C 60 10.15 -13.83 -11.78
CA GLN C 60 11.51 -13.89 -12.29
C GLN C 60 12.50 -14.34 -11.22
N LEU C 61 11.98 -14.79 -10.08
CA LEU C 61 12.83 -15.25 -8.99
C LEU C 61 13.59 -16.52 -9.38
N SER C 62 14.77 -16.71 -8.80
CA SER C 62 15.59 -17.87 -9.09
C SER C 62 16.85 -17.88 -8.24
N ALA D 1 13.17 -17.56 4.76
CA ALA D 1 13.26 -16.73 3.56
C ALA D 1 12.02 -15.86 3.40
N VAL D 2 12.24 -14.58 3.12
CA VAL D 2 11.16 -13.61 2.93
C VAL D 2 10.06 -13.79 3.98
N LYS D 3 10.38 -13.47 5.22
CA LYS D 3 9.42 -13.59 6.32
C LYS D 3 8.65 -12.28 6.50
N ILE D 4 7.44 -12.38 7.04
CA ILE D 4 6.60 -11.20 7.25
C ILE D 4 6.85 -10.59 8.63
N LEU D 5 5.98 -9.68 9.03
CA LEU D 5 6.11 -9.02 10.32
C LEU D 5 4.75 -8.52 10.81
N GLU D 6 3.93 -8.03 9.88
CA GLU D 6 2.62 -7.51 10.22
C GLU D 6 2.73 -6.41 11.28
N ILE D 7 2.56 -5.16 10.86
CA ILE D 7 2.66 -4.03 11.77
C ILE D 7 1.81 -4.24 13.01
N GLU D 8 0.77 -5.05 12.91
CA GLU D 8 -0.09 -5.29 14.06
C GLU D 8 0.70 -5.98 15.18
N ASP D 9 1.46 -7.01 14.83
CA ASP D 9 2.27 -7.73 15.79
C ASP D 9 3.52 -6.92 16.13
N LEU D 10 4.03 -6.21 15.13
CA LEU D 10 5.22 -5.38 15.30
C LEU D 10 4.88 -4.14 16.11
N PHE D 11 3.65 -3.66 15.97
CA PHE D 11 3.19 -2.48 16.70
C PHE D 11 3.01 -2.82 18.17
N SER D 12 2.36 -3.94 18.44
CA SER D 12 2.16 -4.39 19.80
C SER D 12 3.51 -4.66 20.44
N SER D 13 4.45 -5.11 19.62
CA SER D 13 5.80 -5.41 20.08
C SER D 13 6.48 -4.15 20.64
N LEU D 14 6.48 -3.08 19.86
CA LEU D 14 7.09 -1.83 20.30
C LEU D 14 6.42 -1.34 21.58
N LYS D 15 5.12 -1.57 21.66
CA LYS D 15 4.37 -1.16 22.85
C LYS D 15 4.94 -1.84 24.08
N HIS D 16 5.24 -3.13 23.94
CA HIS D 16 5.83 -3.88 25.05
C HIS D 16 7.24 -3.35 25.31
N ILE D 17 8.03 -3.30 24.24
CA ILE D 17 9.40 -2.81 24.32
C ILE D 17 9.46 -1.44 25.00
N GLN D 18 8.50 -0.59 24.66
CA GLN D 18 8.44 0.75 25.24
C GLN D 18 8.29 0.67 26.76
N HIS D 19 7.30 -0.10 27.21
CA HIS D 19 7.06 -0.26 28.64
C HIS D 19 8.00 -1.31 29.23
N THR D 20 8.84 -1.88 28.37
CA THR D 20 9.79 -2.90 28.79
C THR D 20 11.18 -2.30 28.95
N LEU D 21 11.49 -1.31 28.12
CA LEU D 21 12.79 -0.66 28.18
C LEU D 21 12.78 0.49 29.17
N VAL D 22 11.83 1.41 28.97
CA VAL D 22 11.68 2.56 29.85
C VAL D 22 13.02 3.18 30.23
N ASP D 23 13.92 3.23 29.26
CA ASP D 23 15.25 3.81 29.49
C ASP D 23 15.33 5.23 28.93
N SER D 24 14.17 5.87 28.78
CA SER D 24 14.10 7.23 28.27
C SER D 24 14.56 7.27 26.81
N GLN D 25 15.86 7.12 26.60
CA GLN D 25 16.41 7.13 25.25
C GLN D 25 15.81 5.99 24.44
N SER D 26 15.47 4.90 25.13
CA SER D 26 14.86 3.75 24.49
C SER D 26 13.45 4.06 24.03
N GLN D 27 12.71 4.80 24.87
CA GLN D 27 11.34 5.18 24.55
C GLN D 27 11.30 6.05 23.30
N GLU D 28 12.31 6.91 23.18
CA GLU D 28 12.41 7.81 22.03
C GLU D 28 12.70 7.03 20.76
N ASP D 29 13.59 6.06 20.86
CA ASP D 29 13.94 5.22 19.72
C ASP D 29 12.76 4.32 19.38
N ILE D 30 12.17 3.77 20.42
CA ILE D 30 11.01 2.91 20.28
C ILE D 30 9.89 3.68 19.60
N SER D 31 9.63 4.88 20.13
CA SER D 31 8.60 5.74 19.57
C SER D 31 8.89 6.02 18.10
N LEU D 32 10.17 6.10 17.77
CA LEU D 32 10.59 6.34 16.40
C LEU D 32 10.01 5.27 15.49
N LEU D 33 10.21 4.01 15.86
CA LEU D 33 9.68 2.89 15.10
C LEU D 33 8.16 2.95 15.10
N LEU D 34 7.60 3.25 16.27
CA LEU D 34 6.16 3.34 16.43
C LEU D 34 5.58 4.38 15.48
N GLN D 35 6.28 5.50 15.33
CA GLN D 35 5.83 6.57 14.45
C GLN D 35 5.77 6.06 13.02
N LEU D 36 6.86 5.47 12.55
CA LEU D 36 6.93 4.93 11.21
C LEU D 36 5.85 3.87 11.01
N VAL D 37 5.81 2.93 11.95
CA VAL D 37 4.83 1.85 11.92
C VAL D 37 3.40 2.39 11.91
N GLN D 38 3.15 3.42 12.71
CA GLN D 38 1.83 4.01 12.80
C GLN D 38 1.58 5.02 11.68
N ASN D 39 2.63 5.33 10.90
CA ASN D 39 2.50 6.28 9.81
C ASN D 39 1.56 5.74 8.74
N LYS D 40 0.69 6.60 8.23
CA LYS D 40 -0.27 6.21 7.21
C LYS D 40 0.43 5.67 5.97
N ASP D 41 1.29 6.48 5.37
CA ASP D 41 2.02 6.08 4.17
C ASP D 41 2.89 4.87 4.45
N PHE D 42 3.68 4.93 5.51
CA PHE D 42 4.56 3.83 5.87
C PHE D 42 3.77 2.54 6.05
N GLN D 43 2.62 2.65 6.71
CA GLN D 43 1.77 1.49 6.95
C GLN D 43 1.36 0.83 5.63
N ASN D 44 0.95 1.64 4.67
CA ASN D 44 0.53 1.12 3.37
C ASN D 44 1.67 0.37 2.68
N ALA D 45 2.85 0.98 2.70
CA ALA D 45 4.03 0.37 2.08
C ALA D 45 4.31 -1.01 2.66
N PHE D 46 4.30 -1.09 3.99
CA PHE D 46 4.55 -2.36 4.67
C PHE D 46 3.52 -3.41 4.29
N LYS D 47 2.28 -2.98 4.09
CA LYS D 47 1.20 -3.89 3.71
C LYS D 47 1.47 -4.49 2.34
N ILE D 48 2.04 -3.69 1.45
CA ILE D 48 2.35 -4.16 0.11
C ILE D 48 3.41 -5.25 0.14
N HIS D 49 4.50 -4.97 0.86
CA HIS D 49 5.60 -5.92 0.99
C HIS D 49 5.17 -7.15 1.78
N ASN D 50 4.27 -6.96 2.74
CA ASN D 50 3.79 -8.06 3.57
C ASN D 50 3.04 -9.11 2.75
N ALA D 51 1.95 -8.71 2.11
CA ALA D 51 1.14 -9.63 1.31
C ALA D 51 1.89 -10.12 0.08
N ILE D 52 2.43 -9.20 -0.71
CA ILE D 52 3.16 -9.57 -1.92
C ILE D 52 4.27 -10.58 -1.58
N THR D 53 4.89 -10.41 -0.42
CA THR D 53 5.93 -11.33 0.01
C THR D 53 5.33 -12.71 0.19
N VAL D 54 4.23 -12.75 0.93
CA VAL D 54 3.52 -13.99 1.21
C VAL D 54 3.21 -14.74 -0.08
N HIS D 55 2.60 -14.03 -1.03
CA HIS D 55 2.27 -14.62 -2.32
C HIS D 55 3.55 -15.05 -3.06
N MET D 56 4.62 -14.31 -2.82
CA MET D 56 5.91 -14.59 -3.45
C MET D 56 6.37 -16.01 -3.13
N ASN D 57 6.57 -16.29 -1.85
CA ASN D 57 7.01 -17.62 -1.42
C ASN D 57 5.93 -18.66 -1.67
N LYS D 58 4.67 -18.23 -1.66
CA LYS D 58 3.55 -19.12 -1.89
C LYS D 58 3.67 -19.81 -3.24
N ALA D 59 3.71 -19.01 -4.30
CA ALA D 59 3.83 -19.54 -5.65
C ALA D 59 2.65 -20.46 -5.98
N SER D 60 1.68 -19.93 -6.73
CA SER D 60 0.51 -20.70 -7.11
C SER D 60 0.86 -21.72 -8.21
N ASN A 1 16.60 15.81 6.25
CA ASN A 1 17.28 14.57 5.90
C ASN A 1 16.41 13.35 6.24
N PRO A 2 15.61 12.88 5.26
CA PRO A 2 14.73 11.72 5.46
C PRO A 2 15.52 10.44 5.73
N ALA A 3 16.52 10.20 4.91
CA ALA A 3 17.36 9.00 5.03
C ALA A 3 17.94 8.89 6.45
N ALA A 4 18.15 10.03 7.08
CA ALA A 4 18.71 10.06 8.43
C ALA A 4 17.81 9.32 9.41
N GLU A 5 16.50 9.38 9.16
CA GLU A 5 15.53 8.71 10.02
C GLU A 5 15.65 7.20 9.91
N LYS A 6 15.50 6.69 8.69
CA LYS A 6 15.60 5.26 8.43
C LYS A 6 16.94 4.72 8.89
N MET A 7 18.01 5.45 8.60
CA MET A 7 19.35 5.02 9.01
C MET A 7 19.43 4.94 10.52
N GLN A 8 18.93 5.98 11.19
CA GLN A 8 18.92 6.02 12.64
C GLN A 8 18.02 4.91 13.17
N VAL A 9 16.95 4.63 12.43
CA VAL A 9 16.00 3.59 12.81
C VAL A 9 16.70 2.24 12.89
N LEU A 10 17.46 1.91 11.85
CA LEU A 10 18.18 0.65 11.82
C LEU A 10 19.14 0.58 13.01
N GLN A 11 19.81 1.69 13.27
CA GLN A 11 20.73 1.77 14.40
C GLN A 11 19.94 1.67 15.70
N VAL A 12 18.69 2.12 15.65
CA VAL A 12 17.80 2.07 16.81
C VAL A 12 17.35 0.63 17.04
N LEU A 13 17.10 -0.08 15.95
CA LEU A 13 16.67 -1.47 16.03
C LEU A 13 17.75 -2.34 16.65
N ASP A 14 19.00 -2.06 16.33
CA ASP A 14 20.11 -2.82 16.85
C ASP A 14 20.33 -2.53 18.34
N ARG A 15 20.29 -1.25 18.70
CA ARG A 15 20.48 -0.84 20.09
C ARG A 15 19.40 -1.44 20.99
N LEU A 16 18.14 -1.21 20.63
CA LEU A 16 17.01 -1.73 21.39
C LEU A 16 17.15 -3.23 21.59
N ARG A 17 17.25 -3.95 20.47
CA ARG A 17 17.39 -5.40 20.49
C ARG A 17 18.50 -5.83 21.44
N GLY A 18 19.57 -5.02 21.51
CA GLY A 18 20.67 -5.35 22.38
C GLY A 18 20.27 -5.34 23.84
N LYS A 19 19.59 -4.28 24.26
CA LYS A 19 19.14 -4.15 25.63
C LYS A 19 18.22 -5.31 26.02
N LEU A 20 17.39 -5.75 25.08
CA LEU A 20 16.47 -6.85 25.33
C LEU A 20 17.24 -8.13 25.62
N GLN A 21 18.18 -8.45 24.74
CA GLN A 21 19.00 -9.64 24.90
C GLN A 21 19.74 -9.59 26.23
N GLU A 22 20.01 -8.39 26.71
CA GLU A 22 20.71 -8.20 27.98
C GLU A 22 19.74 -8.30 29.14
N LYS A 23 18.50 -7.87 28.91
CA LYS A 23 17.47 -7.90 29.95
C LYS A 23 16.82 -9.28 30.03
N GLY A 24 16.75 -9.97 28.90
CA GLY A 24 16.15 -11.29 28.88
C GLY A 24 14.87 -11.33 28.05
N ASP A 25 14.74 -10.38 27.13
CA ASP A 25 13.58 -10.30 26.26
C ASP A 25 13.98 -10.59 24.83
N THR A 26 14.15 -11.87 24.52
CA THR A 26 14.53 -12.28 23.18
C THR A 26 13.29 -12.60 22.35
N THR A 27 12.14 -12.14 22.84
CA THR A 27 10.88 -12.36 22.16
C THR A 27 10.64 -11.29 21.10
N GLN A 28 10.98 -10.05 21.44
CA GLN A 28 10.82 -8.93 20.52
C GLN A 28 11.99 -8.88 19.55
N ASN A 29 13.13 -9.43 19.96
CA ASN A 29 14.31 -9.45 19.12
C ASN A 29 13.98 -9.94 17.71
N GLU A 30 13.17 -10.99 17.63
CA GLU A 30 12.76 -11.52 16.34
C GLU A 30 12.05 -10.45 15.52
N LYS A 31 11.34 -9.57 16.22
CA LYS A 31 10.62 -8.49 15.57
C LYS A 31 11.60 -7.43 15.06
N LEU A 32 12.64 -7.17 15.85
CA LEU A 32 13.65 -6.20 15.48
C LEU A 32 14.47 -6.71 14.31
N SER A 33 14.63 -8.03 14.22
CA SER A 33 15.39 -8.64 13.13
C SER A 33 14.56 -8.59 11.86
N ALA A 34 13.25 -8.74 12.01
CA ALA A 34 12.34 -8.70 10.88
C ALA A 34 12.15 -7.28 10.38
N PHE A 35 11.88 -6.36 11.31
CA PHE A 35 11.69 -4.96 10.98
C PHE A 35 12.96 -4.39 10.35
N TYR A 36 14.09 -4.68 10.98
CA TYR A 36 15.39 -4.21 10.51
C TYR A 36 15.64 -4.68 9.08
N GLU A 37 15.52 -5.98 8.85
CA GLU A 37 15.75 -6.54 7.52
C GLU A 37 14.76 -5.98 6.50
N THR A 38 13.47 -6.06 6.82
CA THR A 38 12.43 -5.55 5.94
C THR A 38 12.68 -4.08 5.59
N LEU A 39 13.25 -3.36 6.55
CA LEU A 39 13.56 -1.95 6.36
C LEU A 39 14.68 -1.79 5.34
N LYS A 40 15.63 -2.72 5.39
CA LYS A 40 16.78 -2.70 4.49
C LYS A 40 16.39 -3.22 3.10
N SER A 41 15.43 -4.13 3.06
CA SER A 41 14.96 -4.73 1.81
C SER A 41 14.89 -3.69 0.68
N PRO A 42 15.52 -3.98 -0.48
CA PRO A 42 15.53 -3.06 -1.62
C PRO A 42 14.12 -2.73 -2.10
N LEU A 43 13.36 -3.77 -2.43
CA LEU A 43 12.00 -3.61 -2.91
C LEU A 43 11.16 -2.85 -1.87
N PHE A 44 11.28 -3.25 -0.61
CA PHE A 44 10.54 -2.61 0.46
C PHE A 44 10.89 -1.13 0.53
N ASN A 45 12.19 -0.83 0.50
CA ASN A 45 12.66 0.55 0.55
C ASN A 45 12.03 1.36 -0.58
N GLN A 46 11.80 0.69 -1.71
CA GLN A 46 11.18 1.35 -2.86
C GLN A 46 9.76 1.76 -2.54
N ILE A 47 9.03 0.88 -1.86
CA ILE A 47 7.65 1.16 -1.49
C ILE A 47 7.58 2.40 -0.60
N LEU A 48 8.44 2.45 0.40
CA LEU A 48 8.50 3.59 1.31
C LEU A 48 8.93 4.84 0.56
N THR A 49 9.87 4.66 -0.37
CA THR A 49 10.35 5.78 -1.17
C THR A 49 9.19 6.51 -1.83
N LEU A 50 8.31 5.74 -2.44
CA LEU A 50 7.12 6.29 -3.09
C LEU A 50 6.30 7.05 -2.06
N GLN A 51 6.12 6.44 -0.89
CA GLN A 51 5.36 7.06 0.19
C GLN A 51 6.03 8.35 0.61
N GLN A 52 7.36 8.37 0.57
CA GLN A 52 8.12 9.57 0.93
C GLN A 52 7.74 10.73 0.03
N SER A 53 7.60 10.44 -1.26
CA SER A 53 7.21 11.46 -2.22
C SER A 53 5.85 12.02 -1.87
N ILE A 54 4.91 11.13 -1.57
CA ILE A 54 3.57 11.54 -1.18
C ILE A 54 3.62 12.37 0.09
N LYS A 55 4.55 12.03 0.98
CA LYS A 55 4.73 12.75 2.23
C LYS A 55 5.06 14.20 1.93
N GLN A 56 5.90 14.41 0.91
CA GLN A 56 6.28 15.76 0.51
C GLN A 56 5.08 16.52 0.00
N LEU A 57 4.23 15.84 -0.76
CA LEU A 57 3.01 16.44 -1.31
C LEU A 57 2.20 17.09 -0.21
N LYS A 58 1.88 16.31 0.82
CA LYS A 58 1.11 16.81 1.94
C LYS A 58 1.82 17.97 2.63
N GLY A 59 3.13 17.87 2.73
CA GLY A 59 3.91 18.92 3.36
C GLY A 59 4.04 20.16 2.49
N GLN A 60 3.97 19.95 1.18
CA GLN A 60 4.09 21.06 0.23
C GLN A 60 2.84 21.94 0.27
N LEU A 61 1.68 21.31 0.41
CA LEU A 61 0.42 22.03 0.46
C LEU A 61 0.26 22.75 1.80
N SER A 62 0.63 24.02 1.85
CA SER A 62 0.54 24.81 3.07
C SER A 62 -0.14 26.15 2.79
N ALA B 1 -11.35 17.84 -5.90
CA ALA B 1 -9.94 17.70 -5.56
C ALA B 1 -9.65 16.35 -4.92
N VAL B 2 -8.65 15.64 -5.44
CA VAL B 2 -8.26 14.33 -4.94
C VAL B 2 -9.48 13.46 -4.62
N LYS B 3 -10.24 13.12 -5.65
CA LYS B 3 -11.44 12.30 -5.48
C LYS B 3 -11.06 10.83 -5.31
N ILE B 4 -11.67 10.18 -4.32
CA ILE B 4 -11.39 8.78 -4.04
C ILE B 4 -12.37 7.87 -4.76
N LEU B 5 -12.30 6.58 -4.45
CA LEU B 5 -13.18 5.59 -5.05
C LEU B 5 -12.90 4.21 -4.47
N GLU B 6 -13.11 4.09 -3.16
CA GLU B 6 -12.89 2.81 -2.47
C GLU B 6 -13.31 1.63 -3.34
N ILE B 7 -12.38 0.72 -3.59
CA ILE B 7 -12.65 -0.44 -4.43
C ILE B 7 -13.92 -1.16 -4.01
N GLU B 8 -14.32 -1.02 -2.75
CA GLU B 8 -15.52 -1.69 -2.28
C GLU B 8 -16.75 -1.18 -3.04
N ASP B 9 -16.88 0.13 -3.15
CA ASP B 9 -17.99 0.73 -3.88
C ASP B 9 -17.74 0.63 -5.37
N LEU B 10 -16.47 0.73 -5.76
CA LEU B 10 -16.09 0.65 -7.17
C LEU B 10 -16.22 -0.79 -7.66
N PHE B 11 -16.04 -1.75 -6.76
CA PHE B 11 -16.14 -3.16 -7.09
C PHE B 11 -17.60 -3.54 -7.31
N SER B 12 -18.44 -3.16 -6.36
CA SER B 12 -19.87 -3.43 -6.46
C SER B 12 -20.43 -2.71 -7.69
N SER B 13 -19.81 -1.59 -8.02
CA SER B 13 -20.23 -0.80 -9.18
C SER B 13 -20.06 -1.61 -10.46
N LEU B 14 -18.85 -2.14 -10.68
CA LEU B 14 -18.60 -2.94 -11.87
C LEU B 14 -19.56 -4.10 -11.95
N LYS B 15 -19.88 -4.66 -10.79
CA LYS B 15 -20.81 -5.77 -10.73
C LYS B 15 -22.16 -5.36 -11.30
N HIS B 16 -22.58 -4.14 -10.97
CA HIS B 16 -23.83 -3.60 -11.48
C HIS B 16 -23.68 -3.35 -12.98
N ILE B 17 -22.60 -2.65 -13.32
CA ILE B 17 -22.30 -2.33 -14.70
C ILE B 17 -22.32 -3.58 -15.58
N GLN B 18 -21.71 -4.64 -15.10
CA GLN B 18 -21.67 -5.90 -15.84
C GLN B 18 -23.09 -6.42 -16.12
N HIS B 19 -23.91 -6.46 -15.07
CA HIS B 19 -25.29 -6.93 -15.21
C HIS B 19 -26.17 -5.80 -15.75
N THR B 20 -25.58 -4.63 -15.93
CA THR B 20 -26.29 -3.47 -16.44
C THR B 20 -26.07 -3.32 -17.93
N LEU B 21 -24.87 -3.69 -18.39
CA LEU B 21 -24.53 -3.61 -19.81
C LEU B 21 -24.97 -4.87 -20.53
N VAL B 22 -24.62 -6.02 -19.95
CA VAL B 22 -24.98 -7.32 -20.51
C VAL B 22 -24.80 -7.34 -22.04
N ASP B 23 -23.72 -6.74 -22.51
CA ASP B 23 -23.43 -6.69 -23.93
C ASP B 23 -22.29 -7.66 -24.29
N SER B 24 -22.05 -8.63 -23.41
CA SER B 24 -20.99 -9.61 -23.62
C SER B 24 -19.62 -8.94 -23.60
N GLN B 25 -19.30 -8.21 -24.65
CA GLN B 25 -18.04 -7.50 -24.73
C GLN B 25 -17.89 -6.56 -23.55
N SER B 26 -19.03 -6.09 -23.03
CA SER B 26 -19.04 -5.18 -21.90
C SER B 26 -18.60 -5.92 -20.65
N GLN B 27 -19.12 -7.14 -20.46
CA GLN B 27 -18.77 -7.94 -19.30
C GLN B 27 -17.28 -8.23 -19.30
N GLU B 28 -16.72 -8.36 -20.49
CA GLU B 28 -15.29 -8.64 -20.66
C GLU B 28 -14.45 -7.43 -20.23
N ASP B 29 -14.90 -6.25 -20.64
CA ASP B 29 -14.22 -5.01 -20.30
C ASP B 29 -14.40 -4.74 -18.81
N ILE B 30 -15.62 -4.95 -18.36
CA ILE B 30 -15.95 -4.77 -16.96
C ILE B 30 -15.11 -5.72 -16.11
N SER B 31 -15.08 -6.98 -16.53
CA SER B 31 -14.30 -7.99 -15.84
C SER B 31 -12.85 -7.55 -15.75
N LEU B 32 -12.38 -6.86 -16.79
CA LEU B 32 -11.01 -6.36 -16.83
C LEU B 32 -10.77 -5.48 -15.62
N LEU B 33 -11.65 -4.51 -15.42
CA LEU B 33 -11.55 -3.61 -14.28
C LEU B 33 -11.68 -4.40 -12.99
N LEU B 34 -12.63 -5.33 -12.99
CA LEU B 34 -12.87 -6.18 -11.83
C LEU B 34 -11.61 -6.94 -11.45
N GLN B 35 -10.87 -7.41 -12.46
CA GLN B 35 -9.64 -8.15 -12.22
C GLN B 35 -8.63 -7.27 -11.49
N LEU B 36 -8.39 -6.09 -12.04
CA LEU B 36 -7.46 -5.15 -11.43
C LEU B 36 -7.94 -4.76 -10.04
N VAL B 37 -9.22 -4.42 -9.96
CA VAL B 37 -9.85 -4.02 -8.70
C VAL B 37 -9.77 -5.15 -7.67
N GLN B 38 -9.90 -6.39 -8.12
CA GLN B 38 -9.88 -7.53 -7.22
C GLN B 38 -8.45 -8.05 -6.99
N ASN B 39 -7.49 -7.53 -7.76
CA ASN B 39 -6.10 -7.96 -7.61
C ASN B 39 -5.61 -7.71 -6.18
N LYS B 40 -4.67 -8.53 -5.72
CA LYS B 40 -4.13 -8.39 -4.38
C LYS B 40 -3.23 -7.16 -4.26
N ASP B 41 -2.18 -7.12 -5.07
CA ASP B 41 -1.25 -6.00 -5.05
C ASP B 41 -1.97 -4.70 -5.42
N PHE B 42 -2.77 -4.76 -6.48
CA PHE B 42 -3.53 -3.60 -6.93
C PHE B 42 -4.39 -3.05 -5.81
N GLN B 43 -5.19 -3.93 -5.20
CA GLN B 43 -6.07 -3.53 -4.10
C GLN B 43 -5.29 -2.82 -3.02
N ASN B 44 -4.08 -3.29 -2.74
CA ASN B 44 -3.24 -2.70 -1.71
C ASN B 44 -2.91 -1.25 -2.06
N ALA B 45 -2.40 -1.04 -3.27
CA ALA B 45 -2.03 0.29 -3.73
C ALA B 45 -3.21 1.25 -3.65
N PHE B 46 -4.35 0.82 -4.18
CA PHE B 46 -5.56 1.64 -4.19
C PHE B 46 -5.94 2.08 -2.78
N LYS B 47 -5.84 1.16 -1.83
CA LYS B 47 -6.18 1.44 -0.45
C LYS B 47 -5.25 2.52 0.12
N ILE B 48 -3.98 2.46 -0.26
CA ILE B 48 -3.00 3.43 0.20
C ILE B 48 -3.43 4.84 -0.21
N HIS B 49 -3.75 5.00 -1.48
CA HIS B 49 -4.18 6.28 -1.99
C HIS B 49 -5.47 6.73 -1.32
N ASN B 50 -6.33 5.77 -1.01
CA ASN B 50 -7.60 6.06 -0.36
C ASN B 50 -7.41 6.86 0.92
N ALA B 51 -6.70 6.28 1.88
CA ALA B 51 -6.45 6.94 3.16
C ALA B 51 -5.52 8.13 3.01
N ILE B 52 -4.40 7.94 2.32
CA ILE B 52 -3.44 9.02 2.12
C ILE B 52 -4.10 10.23 1.48
N THR B 53 -4.96 10.00 0.48
CA THR B 53 -5.66 11.09 -0.18
C THR B 53 -6.53 11.82 0.83
N VAL B 54 -7.32 11.06 1.56
CA VAL B 54 -8.21 11.60 2.58
C VAL B 54 -7.42 12.44 3.58
N HIS B 55 -6.26 11.94 3.98
CA HIS B 55 -5.41 12.65 4.93
C HIS B 55 -4.94 13.97 4.31
N MET B 56 -4.79 13.98 3.00
CA MET B 56 -4.35 15.17 2.28
C MET B 56 -5.41 16.26 2.36
N ASN B 57 -6.65 15.89 2.09
CA ASN B 57 -7.76 16.84 2.12
C ASN B 57 -7.95 17.41 3.52
N LYS B 58 -7.74 16.57 4.53
CA LYS B 58 -7.88 16.98 5.92
C LYS B 58 -6.67 17.78 6.37
N ALA B 59 -5.55 17.09 6.57
CA ALA B 59 -4.32 17.74 7.01
C ALA B 59 -4.52 18.45 8.35
N SER B 60 -4.53 17.69 9.43
CA SER B 60 -4.71 18.25 10.77
C SER B 60 -3.50 17.98 11.64
N ASN C 1 2.98 -6.14 -23.57
CA ASN C 1 3.28 -4.93 -22.83
C ASN C 1 2.27 -4.72 -21.71
N PRO C 2 2.75 -4.51 -20.46
CA PRO C 2 1.88 -4.30 -19.30
C PRO C 2 1.08 -3.00 -19.41
N ALA C 3 1.64 -2.02 -20.12
CA ALA C 3 0.98 -0.74 -20.29
C ALA C 3 -0.30 -0.89 -21.11
N ALA C 4 -0.31 -1.87 -22.00
CA ALA C 4 -1.48 -2.13 -22.84
C ALA C 4 -2.72 -2.37 -22.00
N GLU C 5 -2.57 -3.11 -20.92
CA GLU C 5 -3.68 -3.41 -20.02
C GLU C 5 -4.24 -2.13 -19.41
N LYS C 6 -3.38 -1.39 -18.74
CA LYS C 6 -3.78 -0.13 -18.11
C LYS C 6 -4.36 0.82 -19.14
N MET C 7 -3.74 0.88 -20.31
CA MET C 7 -4.22 1.74 -21.38
C MET C 7 -5.62 1.33 -21.80
N GLN C 8 -5.77 0.05 -22.12
CA GLN C 8 -7.07 -0.50 -22.50
C GLN C 8 -8.08 -0.25 -21.39
N VAL C 9 -7.62 -0.39 -20.15
CA VAL C 9 -8.47 -0.18 -18.99
C VAL C 9 -9.10 1.21 -19.02
N LEU C 10 -8.28 2.24 -19.16
CA LEU C 10 -8.78 3.61 -19.21
C LEU C 10 -9.83 3.73 -20.32
N GLN C 11 -9.53 3.11 -21.46
CA GLN C 11 -10.46 3.12 -22.58
C GLN C 11 -11.69 2.29 -22.24
N VAL C 12 -11.49 1.30 -21.37
CA VAL C 12 -12.58 0.43 -20.93
C VAL C 12 -13.50 1.19 -19.99
N LEU C 13 -12.90 2.04 -19.15
CA LEU C 13 -13.67 2.83 -18.20
C LEU C 13 -14.58 3.81 -18.94
N ASP C 14 -14.03 4.46 -19.96
CA ASP C 14 -14.79 5.42 -20.74
C ASP C 14 -15.88 4.73 -21.56
N ARG C 15 -15.53 3.61 -22.18
CA ARG C 15 -16.48 2.85 -22.98
C ARG C 15 -17.68 2.41 -22.15
N LEU C 16 -17.40 1.72 -21.05
CA LEU C 16 -18.46 1.25 -20.17
C LEU C 16 -19.37 2.40 -19.77
N ARG C 17 -18.77 3.43 -19.18
CA ARG C 17 -19.52 4.61 -18.76
C ARG C 17 -20.43 5.11 -19.87
N GLY C 18 -19.95 5.05 -21.11
CA GLY C 18 -20.74 5.50 -22.23
C GLY C 18 -22.03 4.71 -22.35
N LYS C 19 -21.92 3.39 -22.33
CA LYS C 19 -23.09 2.52 -22.42
C LYS C 19 -24.06 2.79 -21.28
N LEU C 20 -23.53 3.11 -20.11
CA LEU C 20 -24.37 3.39 -18.94
C LEU C 20 -25.15 4.68 -19.14
N GLN C 21 -24.45 5.73 -19.54
CA GLN C 21 -25.08 7.03 -19.77
C GLN C 21 -26.18 6.90 -20.81
N GLU C 22 -26.02 5.92 -21.71
CA GLU C 22 -27.00 5.68 -22.76
C GLU C 22 -28.14 4.83 -22.22
N LYS C 23 -27.78 3.89 -21.37
CA LYS C 23 -28.77 2.99 -20.77
C LYS C 23 -29.58 3.70 -19.69
N GLY C 24 -28.96 4.68 -19.03
CA GLY C 24 -29.65 5.41 -17.98
C GLY C 24 -29.06 5.14 -16.61
N ASP C 25 -27.80 4.71 -16.58
CA ASP C 25 -27.11 4.41 -15.34
C ASP C 25 -25.94 5.35 -15.15
N THR C 26 -26.22 6.57 -14.71
CA THR C 26 -25.19 7.57 -14.49
C THR C 26 -24.68 7.47 -13.05
N THR C 27 -25.11 6.43 -12.35
CA THR C 27 -24.71 6.21 -10.97
C THR C 27 -23.28 5.69 -10.91
N GLN C 28 -22.95 4.77 -11.82
CA GLN C 28 -21.62 4.21 -11.88
C GLN C 28 -20.65 5.18 -12.57
N ASN C 29 -21.22 6.06 -13.41
CA ASN C 29 -20.44 7.06 -14.13
C ASN C 29 -19.40 7.72 -13.21
N GLU C 30 -19.88 8.21 -12.07
CA GLU C 30 -19.00 8.86 -11.10
C GLU C 30 -17.88 7.92 -10.68
N LYS C 31 -18.18 6.62 -10.65
CA LYS C 31 -17.19 5.62 -10.28
C LYS C 31 -16.17 5.44 -11.40
N LEU C 32 -16.65 5.46 -12.64
CA LEU C 32 -15.78 5.31 -13.79
C LEU C 32 -14.90 6.53 -13.97
N SER C 33 -15.42 7.69 -13.57
CA SER C 33 -14.66 8.93 -13.67
C SER C 33 -13.62 9.01 -12.56
N ALA C 34 -13.95 8.41 -11.43
CA ALA C 34 -13.05 8.38 -10.28
C ALA C 34 -11.95 7.35 -10.48
N PHE C 35 -12.36 6.14 -10.89
CA PHE C 35 -11.41 5.06 -11.14
C PHE C 35 -10.50 5.41 -12.31
N TYR C 36 -11.08 6.08 -13.29
CA TYR C 36 -10.34 6.49 -14.49
C TYR C 36 -9.29 7.55 -14.17
N GLU C 37 -9.72 8.63 -13.50
CA GLU C 37 -8.81 9.71 -13.15
C GLU C 37 -7.66 9.21 -12.28
N THR C 38 -7.99 8.51 -11.19
CA THR C 38 -6.98 7.97 -10.29
C THR C 38 -6.00 7.09 -11.06
N LEU C 39 -6.53 6.30 -11.98
CA LEU C 39 -5.70 5.41 -12.79
C LEU C 39 -4.67 6.22 -13.59
N LYS C 40 -5.11 7.39 -14.05
CA LYS C 40 -4.27 8.26 -14.84
C LYS C 40 -3.29 9.05 -13.96
N SER C 41 -3.72 9.38 -12.75
CA SER C 41 -2.90 10.12 -11.81
C SER C 41 -1.46 9.59 -11.78
N PRO C 42 -0.45 10.49 -11.82
CA PRO C 42 0.95 10.09 -11.80
C PRO C 42 1.35 9.46 -10.47
N LEU C 43 0.88 10.06 -9.39
CA LEU C 43 1.17 9.56 -8.04
C LEU C 43 0.65 8.14 -7.88
N PHE C 44 -0.65 7.96 -8.14
CA PHE C 44 -1.27 6.66 -8.04
C PHE C 44 -0.58 5.66 -8.97
N ASN C 45 -0.33 6.10 -10.21
CA ASN C 45 0.34 5.26 -11.19
C ASN C 45 1.68 4.78 -10.67
N GLN C 46 2.36 5.64 -9.90
CA GLN C 46 3.65 5.29 -9.33
C GLN C 46 3.49 4.16 -8.32
N ILE C 47 2.45 4.24 -7.51
CA ILE C 47 2.19 3.22 -6.50
C ILE C 47 2.00 1.84 -7.16
N LEU C 48 1.23 1.80 -8.23
CA LEU C 48 0.98 0.55 -8.94
C LEU C 48 2.25 0.07 -9.63
N THR C 49 3.04 1.03 -10.13
CA THR C 49 4.29 0.69 -10.80
C THR C 49 5.14 -0.18 -9.89
N LEU C 50 5.26 0.25 -8.64
CA LEU C 50 6.02 -0.50 -7.65
C LEU C 50 5.39 -1.88 -7.46
N GLN C 51 4.08 -1.90 -7.29
CA GLN C 51 3.35 -3.15 -7.12
C GLN C 51 3.58 -4.05 -8.34
N GLN C 52 3.75 -3.41 -9.50
CA GLN C 52 3.99 -4.14 -10.74
C GLN C 52 5.33 -4.86 -10.66
N SER C 53 6.31 -4.21 -10.05
CA SER C 53 7.64 -4.79 -9.89
C SER C 53 7.54 -6.07 -9.07
N ILE C 54 6.86 -6.00 -7.92
CA ILE C 54 6.68 -7.15 -7.07
C ILE C 54 5.94 -8.24 -7.83
N LYS C 55 4.99 -7.83 -8.67
CA LYS C 55 4.23 -8.76 -9.47
C LYS C 55 5.15 -9.56 -10.38
N GLN C 56 6.19 -8.89 -10.87
CA GLN C 56 7.16 -9.54 -11.74
C GLN C 56 7.94 -10.59 -10.97
N LEU C 57 8.29 -10.25 -9.73
CA LEU C 57 9.02 -11.17 -8.86
C LEU C 57 8.29 -12.50 -8.76
N LYS C 58 7.00 -12.44 -8.45
CA LYS C 58 6.18 -13.63 -8.31
C LYS C 58 6.09 -14.38 -9.65
N GLY C 59 6.02 -13.63 -10.74
CA GLY C 59 5.93 -14.23 -12.05
C GLY C 59 7.10 -15.15 -12.35
N GLN C 60 8.31 -14.59 -12.31
CA GLN C 60 9.51 -15.38 -12.59
C GLN C 60 9.63 -16.56 -11.63
N LEU C 61 9.64 -16.28 -10.34
CA LEU C 61 9.74 -17.32 -9.33
C LEU C 61 8.70 -18.41 -9.54
N SER C 62 7.61 -18.07 -10.20
CA SER C 62 6.54 -19.04 -10.47
C SER C 62 6.71 -19.65 -11.86
N ALA D 1 14.83 -16.27 4.98
CA ALA D 1 14.61 -14.82 4.91
C ALA D 1 13.30 -14.49 4.22
N VAL D 2 12.20 -14.75 4.93
CA VAL D 2 10.87 -14.49 4.38
C VAL D 2 9.81 -14.51 5.47
N LYS D 3 10.21 -14.14 6.69
CA LYS D 3 9.29 -14.13 7.82
C LYS D 3 8.50 -12.82 7.85
N ILE D 4 7.23 -12.92 8.22
CA ILE D 4 6.37 -11.73 8.29
C ILE D 4 6.58 -10.98 9.59
N LEU D 5 6.19 -9.72 9.59
CA LEU D 5 6.30 -8.88 10.77
C LEU D 5 5.16 -7.88 10.84
N GLU D 6 3.94 -8.39 10.76
CA GLU D 6 2.76 -7.54 10.82
C GLU D 6 2.92 -6.45 11.87
N ILE D 7 2.73 -5.19 11.47
CA ILE D 7 2.89 -4.07 12.38
C ILE D 7 2.14 -4.29 13.68
N GLU D 8 1.10 -5.10 13.67
CA GLU D 8 0.34 -5.34 14.88
C GLU D 8 1.21 -6.02 15.92
N ASP D 9 2.00 -7.00 15.48
CA ASP D 9 2.89 -7.72 16.38
C ASP D 9 4.14 -6.88 16.66
N LEU D 10 4.62 -6.21 15.62
CA LEU D 10 5.81 -5.38 15.76
C LEU D 10 5.48 -4.10 16.53
N PHE D 11 4.24 -3.67 16.45
CA PHE D 11 3.79 -2.47 17.16
C PHE D 11 3.68 -2.78 18.65
N SER D 12 3.05 -3.91 18.96
CA SER D 12 2.90 -4.34 20.34
C SER D 12 4.28 -4.63 20.93
N SER D 13 5.21 -5.02 20.06
CA SER D 13 6.56 -5.33 20.48
C SER D 13 7.27 -4.07 21.00
N LEU D 14 7.20 -2.99 20.21
CA LEU D 14 7.84 -1.73 20.61
C LEU D 14 7.24 -1.24 21.91
N LYS D 15 5.93 -1.40 22.06
CA LYS D 15 5.25 -0.99 23.27
C LYS D 15 5.82 -1.72 24.48
N HIS D 16 6.10 -3.01 24.31
CA HIS D 16 6.69 -3.80 25.38
C HIS D 16 8.12 -3.34 25.59
N ILE D 17 8.86 -3.24 24.49
CA ILE D 17 10.24 -2.81 24.51
C ILE D 17 10.39 -1.49 25.27
N GLN D 18 9.54 -0.53 24.95
CA GLN D 18 9.58 0.77 25.62
C GLN D 18 9.43 0.62 27.13
N HIS D 19 8.41 -0.13 27.54
CA HIS D 19 8.17 -0.36 28.97
C HIS D 19 9.07 -1.47 29.50
N THR D 20 9.89 -2.02 28.61
CA THR D 20 10.81 -3.10 28.96
C THR D 20 12.22 -2.54 29.16
N LEU D 21 12.55 -1.51 28.39
CA LEU D 21 13.86 -0.89 28.50
C LEU D 21 13.85 0.23 29.54
N VAL D 22 12.83 1.08 29.46
CA VAL D 22 12.68 2.18 30.41
C VAL D 22 14.01 2.89 30.69
N ASP D 23 14.79 3.07 29.63
CA ASP D 23 16.09 3.73 29.75
C ASP D 23 16.02 5.17 29.22
N SER D 24 14.80 5.71 29.11
CA SER D 24 14.60 7.06 28.62
C SER D 24 15.02 7.18 27.16
N GLN D 25 16.33 7.14 26.92
CA GLN D 25 16.86 7.23 25.57
C GLN D 25 16.28 6.12 24.70
N SER D 26 16.04 4.98 25.33
CA SER D 26 15.47 3.82 24.65
C SER D 26 14.03 4.11 24.22
N GLN D 27 13.27 4.74 25.11
CA GLN D 27 11.88 5.07 24.83
C GLN D 27 11.79 5.99 23.62
N GLU D 28 12.77 6.88 23.50
CA GLU D 28 12.81 7.82 22.39
C GLU D 28 13.10 7.10 21.08
N ASP D 29 14.03 6.15 21.13
CA ASP D 29 14.38 5.38 19.95
C ASP D 29 13.23 4.45 19.61
N ILE D 30 12.66 3.85 20.64
CA ILE D 30 11.52 2.96 20.49
C ILE D 30 10.37 3.73 19.86
N SER D 31 10.09 4.90 20.42
CA SER D 31 9.02 5.75 19.93
C SER D 31 9.26 6.06 18.45
N LEU D 32 10.52 6.19 18.07
CA LEU D 32 10.89 6.46 16.70
C LEU D 32 10.32 5.37 15.79
N LEU D 33 10.58 4.12 16.15
CA LEU D 33 10.07 2.99 15.38
C LEU D 33 8.56 2.99 15.44
N LEU D 34 8.03 3.27 16.64
CA LEU D 34 6.59 3.32 16.85
C LEU D 34 5.94 4.33 15.91
N GLN D 35 6.60 5.47 15.73
CA GLN D 35 6.08 6.52 14.86
C GLN D 35 5.98 6.02 13.43
N LEU D 36 7.08 5.46 12.92
CA LEU D 36 7.12 4.93 11.58
C LEU D 36 6.08 3.82 11.43
N VAL D 37 6.13 2.87 12.35
CA VAL D 37 5.21 1.74 12.36
C VAL D 37 3.76 2.20 12.39
N GLN D 38 3.51 3.32 13.08
CA GLN D 38 2.16 3.85 13.19
C GLN D 38 1.88 4.91 12.13
N ASN D 39 2.88 5.24 11.32
CA ASN D 39 2.71 6.23 10.26
C ASN D 39 1.74 5.72 9.20
N LYS D 40 0.73 6.53 8.88
CA LYS D 40 -0.27 6.15 7.88
C LYS D 40 0.38 5.65 6.60
N ASP D 41 1.19 6.49 5.98
CA ASP D 41 1.87 6.13 4.74
C ASP D 41 2.77 4.91 4.94
N PHE D 42 3.58 4.96 5.99
CA PHE D 42 4.50 3.86 6.30
C PHE D 42 3.73 2.55 6.45
N GLN D 43 2.68 2.58 7.25
CA GLN D 43 1.86 1.40 7.49
C GLN D 43 1.35 0.82 6.17
N ASN D 44 1.00 1.70 5.23
CA ASN D 44 0.50 1.26 3.93
C ASN D 44 1.55 0.42 3.21
N ALA D 45 2.76 0.95 3.13
CA ALA D 45 3.86 0.26 2.47
C ALA D 45 4.10 -1.11 3.09
N PHE D 46 4.06 -1.15 4.41
CA PHE D 46 4.28 -2.39 5.15
C PHE D 46 3.17 -3.40 4.87
N LYS D 47 1.93 -2.92 4.78
CA LYS D 47 0.81 -3.80 4.51
C LYS D 47 0.96 -4.47 3.16
N ILE D 48 1.51 -3.74 2.20
CA ILE D 48 1.72 -4.28 0.86
C ILE D 48 2.75 -5.40 0.89
N HIS D 49 3.88 -5.14 1.52
CA HIS D 49 4.94 -6.12 1.61
C HIS D 49 4.52 -7.29 2.49
N ASN D 50 3.80 -6.99 3.56
CA ASN D 50 3.34 -8.02 4.50
C ASN D 50 2.52 -9.10 3.79
N ALA D 51 1.41 -8.70 3.19
CA ALA D 51 0.54 -9.65 2.50
C ALA D 51 1.19 -10.24 1.25
N ILE D 52 1.70 -9.37 0.38
CA ILE D 52 2.34 -9.83 -0.84
C ILE D 52 3.45 -10.83 -0.51
N THR D 53 4.14 -10.61 0.60
CA THR D 53 5.19 -11.52 1.04
C THR D 53 4.57 -12.88 1.35
N VAL D 54 3.56 -12.84 2.20
CA VAL D 54 2.84 -14.04 2.61
C VAL D 54 2.37 -14.83 1.39
N HIS D 55 1.77 -14.14 0.43
CA HIS D 55 1.29 -14.78 -0.78
C HIS D 55 2.45 -15.37 -1.56
N MET D 56 3.61 -14.74 -1.45
CA MET D 56 4.81 -15.21 -2.15
C MET D 56 5.19 -16.61 -1.69
N ASN D 57 5.42 -16.77 -0.39
CA ASN D 57 5.79 -18.06 0.16
C ASN D 57 4.71 -19.10 -0.11
N LYS D 58 3.46 -18.68 0.01
CA LYS D 58 2.33 -19.57 -0.23
C LYS D 58 2.24 -19.98 -1.70
N ALA D 59 1.92 -19.00 -2.55
CA ALA D 59 1.81 -19.25 -3.98
C ALA D 59 3.06 -18.80 -4.72
N SER D 60 3.66 -19.70 -5.48
CA SER D 60 4.87 -19.39 -6.24
C SER D 60 4.63 -18.23 -7.20
N ASN A 1 14.05 15.20 8.48
CA ASN A 1 14.97 14.37 7.72
C ASN A 1 14.43 12.95 7.58
N PRO A 2 13.68 12.67 6.49
CA PRO A 2 13.09 11.35 6.25
C PRO A 2 14.15 10.25 6.14
N ALA A 3 15.33 10.62 5.64
CA ALA A 3 16.42 9.67 5.49
C ALA A 3 17.09 9.39 6.83
N ALA A 4 17.23 10.42 7.65
CA ALA A 4 17.86 10.28 8.95
C ALA A 4 17.03 9.35 9.85
N GLU A 5 15.73 9.35 9.64
CA GLU A 5 14.82 8.51 10.42
C GLU A 5 15.09 7.03 10.15
N LYS A 6 15.18 6.69 8.88
CA LYS A 6 15.42 5.30 8.49
C LYS A 6 16.76 4.82 9.03
N MET A 7 17.79 5.66 8.90
CA MET A 7 19.11 5.32 9.40
C MET A 7 19.06 5.13 10.91
N GLN A 8 18.44 6.09 11.60
CA GLN A 8 18.29 6.01 13.04
C GLN A 8 17.45 4.81 13.42
N VAL A 9 16.47 4.49 12.56
CA VAL A 9 15.60 3.36 12.79
C VAL A 9 16.40 2.06 12.89
N LEU A 10 17.18 1.77 11.87
CA LEU A 10 18.00 0.57 11.85
C LEU A 10 18.89 0.51 13.08
N GLN A 11 19.46 1.67 13.44
CA GLN A 11 20.30 1.76 14.62
C GLN A 11 19.45 1.60 15.87
N VAL A 12 18.18 1.98 15.77
CA VAL A 12 17.24 1.88 16.89
C VAL A 12 16.83 0.42 17.08
N LEU A 13 16.65 -0.28 15.97
CA LEU A 13 16.26 -1.67 16.00
C LEU A 13 17.33 -2.53 16.65
N ASP A 14 18.58 -2.24 16.32
CA ASP A 14 19.71 -2.97 16.88
C ASP A 14 19.89 -2.64 18.37
N ARG A 15 19.75 -1.37 18.71
CA ARG A 15 19.90 -0.91 20.08
C ARG A 15 18.79 -1.49 20.96
N LEU A 16 17.54 -1.28 20.57
CA LEU A 16 16.41 -1.78 21.33
C LEU A 16 16.54 -3.27 21.56
N ARG A 17 16.64 -4.02 20.47
CA ARG A 17 16.77 -5.48 20.55
C ARG A 17 17.93 -5.86 21.46
N GLY A 18 18.97 -5.04 21.47
CA GLY A 18 20.12 -5.31 22.30
C GLY A 18 19.75 -5.35 23.77
N LYS A 19 19.03 -4.32 24.21
CA LYS A 19 18.60 -4.23 25.60
C LYS A 19 17.69 -5.39 25.96
N LEU A 20 16.86 -5.80 25.00
CA LEU A 20 15.95 -6.92 25.20
C LEU A 20 16.70 -8.20 25.47
N GLN A 21 17.67 -8.50 24.61
CA GLN A 21 18.48 -9.70 24.77
C GLN A 21 19.14 -9.67 26.15
N GLU A 22 19.44 -8.46 26.62
CA GLU A 22 20.06 -8.28 27.93
C GLU A 22 18.99 -8.29 29.02
N LYS A 23 17.77 -7.92 28.64
CA LYS A 23 16.64 -7.88 29.56
C LYS A 23 16.07 -9.27 29.78
N GLY A 24 16.03 -10.08 28.72
CA GLY A 24 15.49 -11.42 28.82
C GLY A 24 14.31 -11.64 27.89
N ASP A 25 13.83 -10.57 27.25
CA ASP A 25 12.72 -10.66 26.34
C ASP A 25 13.22 -10.83 24.91
N THR A 26 13.45 -12.07 24.52
CA THR A 26 13.92 -12.37 23.17
C THR A 26 12.73 -12.63 22.26
N THR A 27 11.55 -12.24 22.74
CA THR A 27 10.33 -12.44 21.99
C THR A 27 10.19 -11.37 20.90
N GLN A 28 10.24 -10.11 21.31
CA GLN A 28 10.13 -9.00 20.38
C GLN A 28 11.40 -8.86 19.55
N ASN A 29 12.50 -9.42 20.05
CA ASN A 29 13.78 -9.36 19.37
C ASN A 29 13.65 -9.81 17.92
N GLU A 30 12.98 -10.95 17.72
CA GLU A 30 12.76 -11.48 16.38
C GLU A 30 12.07 -10.45 15.51
N LYS A 31 11.23 -9.63 16.13
CA LYS A 31 10.50 -8.59 15.42
C LYS A 31 11.46 -7.52 14.93
N LEU A 32 12.37 -7.10 15.81
CA LEU A 32 13.35 -6.08 15.47
C LEU A 32 14.21 -6.56 14.30
N SER A 33 14.43 -7.86 14.23
CA SER A 33 15.23 -8.44 13.15
C SER A 33 14.40 -8.50 11.88
N ALA A 34 13.09 -8.70 12.04
CA ALA A 34 12.18 -8.75 10.91
C ALA A 34 12.01 -7.37 10.29
N PHE A 35 11.81 -6.37 11.14
CA PHE A 35 11.64 -5.00 10.68
C PHE A 35 12.96 -4.47 10.12
N TYR A 36 14.02 -4.66 10.90
CA TYR A 36 15.36 -4.21 10.53
C TYR A 36 15.76 -4.78 9.16
N GLU A 37 15.70 -6.09 9.02
CA GLU A 37 16.06 -6.74 7.77
C GLU A 37 15.16 -6.26 6.63
N THR A 38 13.85 -6.34 6.84
CA THR A 38 12.89 -5.90 5.83
C THR A 38 13.17 -4.46 5.41
N LEU A 39 13.68 -3.66 6.35
CA LEU A 39 14.00 -2.27 6.07
C LEU A 39 15.19 -2.17 5.12
N LYS A 40 16.13 -3.11 5.25
CA LYS A 40 17.31 -3.13 4.39
C LYS A 40 16.93 -3.52 2.97
N SER A 41 15.92 -4.38 2.86
CA SER A 41 15.45 -4.86 1.55
C SER A 41 15.32 -3.71 0.55
N PRO A 42 15.98 -3.82 -0.63
CA PRO A 42 15.92 -2.79 -1.66
C PRO A 42 14.51 -2.58 -2.19
N LEU A 43 13.75 -3.66 -2.24
CA LEU A 43 12.37 -3.61 -2.72
C LEU A 43 11.52 -2.76 -1.78
N PHE A 44 11.51 -3.13 -0.49
CA PHE A 44 10.74 -2.39 0.50
C PHE A 44 11.17 -0.93 0.54
N ASN A 45 12.48 -0.70 0.49
CA ASN A 45 13.02 0.64 0.50
C ASN A 45 12.47 1.46 -0.66
N GLN A 46 12.29 0.80 -1.80
CA GLN A 46 11.77 1.46 -2.98
C GLN A 46 10.32 1.91 -2.73
N ILE A 47 9.55 1.07 -2.06
CA ILE A 47 8.16 1.38 -1.75
C ILE A 47 8.07 2.66 -0.92
N LEU A 48 8.90 2.74 0.11
CA LEU A 48 8.92 3.91 0.99
C LEU A 48 9.37 5.14 0.21
N THR A 49 10.32 4.95 -0.69
CA THR A 49 10.83 6.05 -1.51
C THR A 49 9.68 6.75 -2.21
N LEU A 50 8.85 5.98 -2.88
CA LEU A 50 7.68 6.51 -3.58
C LEU A 50 6.79 7.25 -2.58
N GLN A 51 6.61 6.64 -1.41
CA GLN A 51 5.79 7.22 -0.36
C GLN A 51 6.37 8.56 0.07
N GLN A 52 7.70 8.63 0.11
CA GLN A 52 8.38 9.86 0.49
C GLN A 52 8.01 10.99 -0.46
N SER A 53 7.94 10.65 -1.74
CA SER A 53 7.57 11.63 -2.76
C SER A 53 6.17 12.17 -2.48
N ILE A 54 5.25 11.26 -2.18
CA ILE A 54 3.88 11.64 -1.87
C ILE A 54 3.85 12.54 -0.64
N LYS A 55 4.77 12.28 0.30
CA LYS A 55 4.86 13.07 1.50
C LYS A 55 5.16 14.53 1.15
N GLN A 56 6.07 14.71 0.19
CA GLN A 56 6.43 16.04 -0.27
C GLN A 56 5.22 16.73 -0.86
N LEU A 57 4.41 15.97 -1.59
CA LEU A 57 3.21 16.50 -2.22
C LEU A 57 2.30 17.12 -1.17
N LYS A 58 2.14 16.42 -0.06
CA LYS A 58 1.29 16.90 1.04
C LYS A 58 1.80 18.24 1.56
N GLY A 59 3.05 18.27 1.98
CA GLY A 59 3.64 19.49 2.51
C GLY A 59 3.66 20.61 1.48
N GLN A 60 3.92 20.25 0.22
CA GLN A 60 3.97 21.24 -0.86
C GLN A 60 2.62 21.90 -1.05
N LEU A 61 1.55 21.10 -0.99
CA LEU A 61 0.20 21.61 -1.17
C LEU A 61 -0.33 22.19 0.14
N SER A 62 -0.48 23.52 0.18
CA SER A 62 -0.98 24.19 1.37
C SER A 62 -1.43 25.61 1.03
N ALA B 1 -11.51 18.55 -2.48
CA ALA B 1 -10.16 18.41 -3.01
C ALA B 1 -9.81 16.94 -3.24
N VAL B 2 -9.14 16.66 -4.35
CA VAL B 2 -8.73 15.30 -4.70
C VAL B 2 -9.82 14.27 -4.39
N LYS B 3 -10.76 14.11 -5.32
CA LYS B 3 -11.85 13.15 -5.13
C LYS B 3 -11.34 11.73 -5.22
N ILE B 4 -11.72 10.91 -4.25
CA ILE B 4 -11.29 9.51 -4.22
C ILE B 4 -12.32 8.59 -4.88
N LEU B 5 -12.19 7.29 -4.67
CA LEU B 5 -13.10 6.32 -5.26
C LEU B 5 -13.34 5.14 -4.31
N GLU B 6 -12.29 4.70 -3.63
CA GLU B 6 -12.40 3.58 -2.70
C GLU B 6 -12.81 2.32 -3.44
N ILE B 7 -11.91 1.33 -3.48
CA ILE B 7 -12.19 0.08 -4.17
C ILE B 7 -13.45 -0.59 -3.61
N GLU B 8 -13.79 -0.30 -2.37
CA GLU B 8 -14.97 -0.92 -1.79
C GLU B 8 -16.22 -0.46 -2.53
N ASP B 9 -16.33 0.83 -2.75
CA ASP B 9 -17.46 1.38 -3.48
C ASP B 9 -17.27 1.16 -4.98
N LEU B 10 -16.02 1.20 -5.42
CA LEU B 10 -15.69 1.00 -6.82
C LEU B 10 -15.85 -0.47 -7.19
N PHE B 11 -15.65 -1.36 -6.21
CA PHE B 11 -15.78 -2.79 -6.42
C PHE B 11 -17.26 -3.15 -6.55
N SER B 12 -18.05 -2.68 -5.60
CA SER B 12 -19.48 -2.93 -5.62
C SER B 12 -20.09 -2.30 -6.87
N SER B 13 -19.44 -1.24 -7.34
CA SER B 13 -19.90 -0.54 -8.54
C SER B 13 -19.79 -1.43 -9.76
N LEU B 14 -18.61 -2.02 -9.96
CA LEU B 14 -18.40 -2.90 -11.11
C LEU B 14 -19.39 -4.05 -11.08
N LYS B 15 -19.66 -4.54 -9.88
CA LYS B 15 -20.62 -5.63 -9.71
C LYS B 15 -21.98 -5.20 -10.23
N HIS B 16 -22.36 -3.97 -9.93
CA HIS B 16 -23.62 -3.43 -10.41
C HIS B 16 -23.56 -3.27 -11.93
N ILE B 17 -22.49 -2.61 -12.38
CA ILE B 17 -22.26 -2.38 -13.79
C ILE B 17 -22.36 -3.67 -14.58
N GLN B 18 -21.72 -4.72 -14.09
CA GLN B 18 -21.76 -6.01 -14.77
C GLN B 18 -23.19 -6.51 -14.93
N HIS B 19 -23.94 -6.49 -13.83
CA HIS B 19 -25.33 -6.94 -13.86
C HIS B 19 -26.24 -5.83 -14.41
N THR B 20 -25.64 -4.68 -14.69
CA THR B 20 -26.37 -3.53 -15.21
C THR B 20 -26.22 -3.46 -16.73
N LEU B 21 -25.06 -3.88 -17.23
CA LEU B 21 -24.82 -3.87 -18.66
C LEU B 21 -25.28 -5.17 -19.30
N VAL B 22 -24.89 -6.29 -18.69
CA VAL B 22 -25.26 -7.61 -19.16
C VAL B 22 -25.15 -7.70 -20.69
N ASP B 23 -24.08 -7.13 -21.23
CA ASP B 23 -23.85 -7.16 -22.67
C ASP B 23 -22.78 -8.18 -23.03
N SER B 24 -22.48 -9.09 -22.10
CA SER B 24 -21.48 -10.13 -22.32
C SER B 24 -20.09 -9.51 -22.44
N GLN B 25 -19.84 -8.82 -23.54
CA GLN B 25 -18.56 -8.17 -23.76
C GLN B 25 -18.27 -7.17 -22.64
N SER B 26 -19.34 -6.56 -22.14
CA SER B 26 -19.23 -5.59 -21.05
C SER B 26 -18.81 -6.29 -19.77
N GLN B 27 -19.36 -7.48 -19.53
CA GLN B 27 -19.04 -8.25 -18.34
C GLN B 27 -17.55 -8.57 -18.32
N GLU B 28 -17.02 -8.88 -19.50
CA GLU B 28 -15.60 -9.20 -19.63
C GLU B 28 -14.73 -7.99 -19.33
N ASP B 29 -15.15 -6.82 -19.81
CA ASP B 29 -14.42 -5.59 -19.56
C ASP B 29 -14.55 -5.21 -18.10
N ILE B 30 -15.77 -5.34 -17.61
CA ILE B 30 -16.08 -5.06 -16.21
C ILE B 30 -15.22 -5.96 -15.32
N SER B 31 -15.23 -7.24 -15.65
CA SER B 31 -14.45 -8.23 -14.90
C SER B 31 -12.99 -7.83 -14.89
N LEU B 32 -12.54 -7.23 -16.00
CA LEU B 32 -11.16 -6.78 -16.11
C LEU B 32 -10.84 -5.82 -14.98
N LEU B 33 -11.70 -4.81 -14.82
CA LEU B 33 -11.52 -3.84 -13.75
C LEU B 33 -11.65 -4.53 -12.40
N LEU B 34 -12.62 -5.44 -12.31
CA LEU B 34 -12.85 -6.20 -11.09
C LEU B 34 -11.60 -6.97 -10.70
N GLN B 35 -10.92 -7.53 -11.69
CA GLN B 35 -9.70 -8.30 -11.45
C GLN B 35 -8.65 -7.41 -10.80
N LEU B 36 -8.38 -6.27 -11.43
CA LEU B 36 -7.41 -5.32 -10.91
C LEU B 36 -7.84 -4.84 -9.53
N VAL B 37 -9.09 -4.44 -9.44
CA VAL B 37 -9.66 -3.94 -8.19
C VAL B 37 -9.54 -4.98 -7.08
N GLN B 38 -9.62 -6.25 -7.44
CA GLN B 38 -9.53 -7.32 -6.45
C GLN B 38 -8.10 -7.84 -6.30
N ASN B 39 -7.20 -7.40 -7.18
CA ASN B 39 -5.80 -7.83 -7.11
C ASN B 39 -5.18 -7.42 -5.78
N LYS B 40 -4.41 -8.33 -5.18
CA LYS B 40 -3.77 -8.06 -3.89
C LYS B 40 -2.85 -6.84 -3.98
N ASP B 41 -1.85 -6.91 -4.86
CA ASP B 41 -0.91 -5.81 -5.02
C ASP B 41 -1.64 -4.53 -5.45
N PHE B 42 -2.52 -4.67 -6.43
CA PHE B 42 -3.29 -3.52 -6.92
C PHE B 42 -4.08 -2.87 -5.79
N GLN B 43 -4.83 -3.69 -5.06
CA GLN B 43 -5.64 -3.19 -3.95
C GLN B 43 -4.79 -2.41 -2.95
N ASN B 44 -3.56 -2.86 -2.74
CA ASN B 44 -2.67 -2.21 -1.79
C ASN B 44 -2.35 -0.79 -2.26
N ALA B 45 -1.90 -0.66 -3.50
CA ALA B 45 -1.57 0.65 -4.06
C ALA B 45 -2.74 1.62 -3.98
N PHE B 46 -3.90 1.17 -4.43
CA PHE B 46 -5.10 1.98 -4.40
C PHE B 46 -5.38 2.49 -2.99
N LYS B 47 -5.14 1.63 -2.00
CA LYS B 47 -5.36 2.00 -0.61
C LYS B 47 -4.37 3.06 -0.17
N ILE B 48 -3.17 3.02 -0.74
CA ILE B 48 -2.14 4.00 -0.41
C ILE B 48 -2.59 5.40 -0.80
N HIS B 49 -3.04 5.53 -2.04
CA HIS B 49 -3.50 6.81 -2.55
C HIS B 49 -4.76 7.27 -1.83
N ASN B 50 -5.65 6.33 -1.54
CA ASN B 50 -6.91 6.64 -0.87
C ASN B 50 -6.67 7.38 0.45
N ALA B 51 -5.97 6.75 1.38
CA ALA B 51 -5.70 7.35 2.68
C ALA B 51 -4.81 8.59 2.55
N ILE B 52 -3.71 8.45 1.82
CA ILE B 52 -2.78 9.56 1.63
C ILE B 52 -3.48 10.77 1.01
N THR B 53 -4.33 10.52 0.02
CA THR B 53 -5.07 11.62 -0.63
C THR B 53 -5.93 12.33 0.41
N VAL B 54 -6.62 11.53 1.22
CA VAL B 54 -7.48 12.05 2.27
C VAL B 54 -6.69 12.96 3.21
N HIS B 55 -5.57 12.45 3.70
CA HIS B 55 -4.71 13.22 4.59
C HIS B 55 -4.16 14.44 3.87
N MET B 56 -3.97 14.31 2.56
CA MET B 56 -3.45 15.40 1.75
C MET B 56 -4.31 16.65 1.89
N ASN B 57 -5.58 16.52 1.54
CA ASN B 57 -6.51 17.63 1.62
C ASN B 57 -6.84 17.97 3.07
N LYS B 58 -6.90 16.94 3.91
CA LYS B 58 -7.21 17.12 5.33
C LYS B 58 -6.09 17.89 6.03
N ALA B 59 -4.91 17.28 6.12
CA ALA B 59 -3.77 17.92 6.76
C ALA B 59 -4.07 18.23 8.22
N SER B 60 -4.18 17.19 9.03
CA SER B 60 -4.46 17.35 10.46
C SER B 60 -3.20 17.17 11.28
N ASN C 1 1.47 -8.52 -19.78
CA ASN C 1 1.98 -7.18 -19.50
C ASN C 1 0.99 -6.40 -18.62
N PRO C 2 1.42 -6.00 -17.41
CA PRO C 2 0.57 -5.24 -16.49
C PRO C 2 0.07 -3.94 -17.09
N ALA C 3 1.02 -3.12 -17.55
CA ALA C 3 0.69 -1.84 -18.16
C ALA C 3 -0.32 -2.00 -19.29
N ALA C 4 -0.23 -3.12 -20.00
CA ALA C 4 -1.14 -3.39 -21.11
C ALA C 4 -2.59 -3.41 -20.64
N GLU C 5 -2.82 -4.08 -19.51
CA GLU C 5 -4.17 -4.18 -18.95
C GLU C 5 -4.69 -2.79 -18.56
N LYS C 6 -3.86 -2.04 -17.84
CA LYS C 6 -4.25 -0.70 -17.40
C LYS C 6 -4.74 0.14 -18.56
N MET C 7 -4.06 0.04 -19.70
CA MET C 7 -4.46 0.79 -20.89
C MET C 7 -5.85 0.36 -21.32
N GLN C 8 -6.03 -0.96 -21.47
CA GLN C 8 -7.31 -1.50 -21.86
C GLN C 8 -8.37 -1.14 -20.82
N VAL C 9 -7.92 -1.03 -19.57
CA VAL C 9 -8.81 -0.66 -18.47
C VAL C 9 -9.38 0.73 -18.69
N LEU C 10 -8.53 1.68 -19.04
CA LEU C 10 -8.97 3.04 -19.29
C LEU C 10 -10.02 3.07 -20.39
N GLN C 11 -9.73 2.35 -21.47
CA GLN C 11 -10.67 2.25 -22.58
C GLN C 11 -11.93 1.52 -22.12
N VAL C 12 -11.75 0.63 -21.14
CA VAL C 12 -12.85 -0.13 -20.57
C VAL C 12 -13.71 0.77 -19.69
N LEU C 13 -13.06 1.67 -18.97
CA LEU C 13 -13.76 2.59 -18.09
C LEU C 13 -14.67 3.52 -18.88
N ASP C 14 -14.18 3.97 -20.03
CA ASP C 14 -14.95 4.87 -20.90
C ASP C 14 -16.13 4.14 -21.52
N ARG C 15 -15.86 2.94 -22.04
CA ARG C 15 -16.91 2.14 -22.69
C ARG C 15 -18.03 1.82 -21.72
N LEU C 16 -17.68 1.22 -20.57
CA LEU C 16 -18.67 0.87 -19.57
C LEU C 16 -19.50 2.10 -19.20
N ARG C 17 -18.81 3.15 -18.77
CA ARG C 17 -19.47 4.39 -18.39
C ARG C 17 -20.47 4.84 -19.45
N GLY C 18 -20.10 4.67 -20.71
CA GLY C 18 -20.99 5.06 -21.79
C GLY C 18 -22.30 4.31 -21.76
N LYS C 19 -22.22 2.99 -21.59
CA LYS C 19 -23.40 2.16 -21.54
C LYS C 19 -24.29 2.52 -20.35
N LEU C 20 -23.67 2.87 -19.22
CA LEU C 20 -24.43 3.24 -18.03
C LEU C 20 -25.22 4.51 -18.27
N GLN C 21 -24.54 5.53 -18.79
CA GLN C 21 -25.19 6.80 -19.08
C GLN C 21 -26.31 6.60 -20.09
N GLU C 22 -26.16 5.58 -20.92
CA GLU C 22 -27.18 5.27 -21.94
C GLU C 22 -28.32 4.47 -21.34
N LYS C 23 -27.99 3.64 -20.35
CA LYS C 23 -28.99 2.81 -19.69
C LYS C 23 -29.71 3.57 -18.59
N GLY C 24 -29.02 4.55 -18.00
CA GLY C 24 -29.60 5.33 -16.93
C GLY C 24 -28.90 5.13 -15.61
N ASP C 25 -27.66 4.63 -15.67
CA ASP C 25 -26.87 4.40 -14.47
C ASP C 25 -25.74 5.41 -14.39
N THR C 26 -26.08 6.63 -13.99
CA THR C 26 -25.08 7.68 -13.87
C THR C 26 -24.50 7.69 -12.47
N THR C 27 -24.82 6.65 -11.70
CA THR C 27 -24.33 6.51 -10.34
C THR C 27 -22.88 6.02 -10.34
N GLN C 28 -22.66 4.88 -10.98
CA GLN C 28 -21.32 4.31 -11.08
C GLN C 28 -20.43 5.16 -11.98
N ASN C 29 -21.07 5.96 -12.84
CA ASN C 29 -20.35 6.84 -13.78
C ASN C 29 -19.20 7.55 -13.08
N GLU C 30 -19.50 8.21 -11.96
CA GLU C 30 -18.50 8.93 -11.20
C GLU C 30 -17.36 8.00 -10.79
N LYS C 31 -17.72 6.73 -10.55
CA LYS C 31 -16.73 5.73 -10.16
C LYS C 31 -15.76 5.47 -11.30
N LEU C 32 -16.29 5.42 -12.52
CA LEU C 32 -15.48 5.17 -13.71
C LEU C 32 -14.58 6.37 -13.97
N SER C 33 -15.07 7.56 -13.66
CA SER C 33 -14.31 8.78 -13.84
C SER C 33 -13.27 8.92 -12.73
N ALA C 34 -13.60 8.41 -11.56
CA ALA C 34 -12.72 8.45 -10.41
C ALA C 34 -11.60 7.43 -10.56
N PHE C 35 -11.96 6.22 -10.98
CA PHE C 35 -10.99 5.16 -11.18
C PHE C 35 -10.11 5.45 -12.38
N TYR C 36 -10.73 5.90 -13.47
CA TYR C 36 -10.02 6.22 -14.69
C TYR C 36 -8.99 7.33 -14.45
N GLU C 37 -9.43 8.43 -13.87
CA GLU C 37 -8.55 9.56 -13.59
C GLU C 37 -7.39 9.13 -12.69
N THR C 38 -7.71 8.49 -11.57
CA THR C 38 -6.69 8.03 -10.64
C THR C 38 -5.71 7.09 -11.34
N LEU C 39 -6.22 6.28 -12.26
CA LEU C 39 -5.39 5.36 -13.03
C LEU C 39 -4.39 6.14 -13.88
N LYS C 40 -4.83 7.30 -14.35
CA LYS C 40 -3.99 8.16 -15.18
C LYS C 40 -3.09 9.04 -14.34
N SER C 41 -3.54 9.39 -13.14
CA SER C 41 -2.78 10.24 -12.24
C SER C 41 -1.30 9.82 -12.19
N PRO C 42 -0.38 10.80 -12.24
CA PRO C 42 1.06 10.52 -12.20
C PRO C 42 1.48 9.85 -10.90
N LEU C 43 1.02 10.41 -9.79
CA LEU C 43 1.32 9.88 -8.46
C LEU C 43 0.86 8.43 -8.36
N PHE C 44 -0.42 8.20 -8.63
CA PHE C 44 -0.98 6.86 -8.56
C PHE C 44 -0.21 5.91 -9.47
N ASN C 45 0.03 6.35 -10.70
CA ASN C 45 0.77 5.56 -11.68
C ASN C 45 2.13 5.16 -11.12
N GLN C 46 2.74 6.06 -10.38
CA GLN C 46 4.05 5.79 -9.79
C GLN C 46 3.96 4.65 -8.79
N ILE C 47 2.89 4.65 -8.00
CA ILE C 47 2.67 3.61 -7.00
C ILE C 47 2.56 2.24 -7.66
N LEU C 48 1.77 2.16 -8.72
CA LEU C 48 1.59 0.90 -9.44
C LEU C 48 2.88 0.51 -10.14
N THR C 49 3.61 1.52 -10.61
CA THR C 49 4.88 1.27 -11.30
C THR C 49 5.79 0.42 -10.43
N LEU C 50 6.01 0.88 -9.20
CA LEU C 50 6.84 0.16 -8.25
C LEU C 50 6.27 -1.24 -8.03
N GLN C 51 4.96 -1.31 -7.83
CA GLN C 51 4.28 -2.57 -7.63
C GLN C 51 4.47 -3.47 -8.85
N GLN C 52 4.58 -2.83 -10.02
CA GLN C 52 4.80 -3.56 -11.27
C GLN C 52 6.12 -4.29 -11.21
N SER C 53 7.14 -3.61 -10.68
CA SER C 53 8.46 -4.21 -10.55
C SER C 53 8.38 -5.45 -9.66
N ILE C 54 7.64 -5.31 -8.56
CA ILE C 54 7.45 -6.42 -7.64
C ILE C 54 6.76 -7.58 -8.34
N LYS C 55 5.86 -7.23 -9.26
CA LYS C 55 5.14 -8.24 -10.04
C LYS C 55 6.13 -9.09 -10.81
N GLN C 56 7.11 -8.43 -11.42
CA GLN C 56 8.14 -9.11 -12.17
C GLN C 56 8.91 -10.08 -11.28
N LEU C 57 9.21 -9.63 -10.08
CA LEU C 57 9.92 -10.46 -9.10
C LEU C 57 9.24 -11.81 -8.95
N LYS C 58 7.95 -11.77 -8.63
CA LYS C 58 7.16 -12.98 -8.45
C LYS C 58 7.12 -13.80 -9.73
N GLY C 59 7.20 -13.13 -10.87
CA GLY C 59 7.17 -13.81 -12.14
C GLY C 59 8.54 -14.05 -12.75
N GLN C 60 9.60 -13.70 -12.00
CA GLN C 60 10.96 -13.89 -12.50
C GLN C 60 11.94 -14.12 -11.35
N LEU C 61 11.44 -14.57 -10.21
CA LEU C 61 12.29 -14.84 -9.05
C LEU C 61 12.99 -16.18 -9.20
N SER C 62 14.31 -16.17 -9.02
CA SER C 62 15.11 -17.39 -9.14
C SER C 62 14.52 -18.52 -8.30
N ALA D 1 10.58 -19.25 5.13
CA ALA D 1 10.58 -18.64 3.80
C ALA D 1 10.06 -17.21 3.86
N VAL D 2 10.90 -16.26 3.43
CA VAL D 2 10.54 -14.84 3.43
C VAL D 2 9.80 -14.44 4.70
N LYS D 3 10.46 -14.59 5.84
CA LYS D 3 9.87 -14.25 7.13
C LYS D 3 9.42 -12.79 7.15
N ILE D 4 8.14 -12.57 7.43
CA ILE D 4 7.60 -11.22 7.48
C ILE D 4 7.61 -10.66 8.90
N LEU D 5 6.86 -9.59 9.13
CA LEU D 5 6.81 -8.97 10.46
C LEU D 5 5.40 -8.53 10.81
N GLU D 6 4.68 -7.97 9.84
CA GLU D 6 3.32 -7.49 10.06
C GLU D 6 3.31 -6.39 11.12
N ILE D 7 3.02 -5.17 10.71
CA ILE D 7 3.01 -4.04 11.62
C ILE D 7 2.06 -4.29 12.80
N GLU D 8 1.06 -5.13 12.62
CA GLU D 8 0.13 -5.40 13.72
C GLU D 8 0.86 -6.06 14.87
N ASP D 9 1.67 -7.07 14.55
CA ASP D 9 2.44 -7.77 15.55
C ASP D 9 3.66 -6.94 15.94
N LEU D 10 4.19 -6.21 14.96
CA LEU D 10 5.34 -5.36 15.18
C LEU D 10 4.95 -4.13 15.99
N PHE D 11 3.69 -3.70 15.85
CA PHE D 11 3.18 -2.55 16.58
C PHE D 11 2.99 -2.90 18.04
N SER D 12 2.30 -4.02 18.28
CA SER D 12 2.08 -4.49 19.64
C SER D 12 3.43 -4.80 20.29
N SER D 13 4.39 -5.19 19.45
CA SER D 13 5.72 -5.52 19.93
C SER D 13 6.39 -4.30 20.55
N LEU D 14 6.43 -3.19 19.80
CA LEU D 14 7.04 -1.96 20.31
C LEU D 14 6.36 -1.54 21.59
N LYS D 15 5.05 -1.73 21.64
CA LYS D 15 4.28 -1.38 22.82
C LYS D 15 4.80 -2.17 24.01
N HIS D 16 5.18 -3.42 23.76
CA HIS D 16 5.74 -4.27 24.80
C HIS D 16 7.14 -3.79 25.13
N ILE D 17 7.94 -3.58 24.08
CA ILE D 17 9.31 -3.12 24.22
C ILE D 17 9.39 -1.82 25.02
N GLN D 18 8.50 -0.89 24.74
CA GLN D 18 8.50 0.39 25.46
C GLN D 18 8.23 0.17 26.94
N HIS D 19 7.26 -0.69 27.25
CA HIS D 19 6.93 -1.00 28.63
C HIS D 19 7.83 -2.12 29.16
N THR D 20 8.71 -2.61 28.30
CA THR D 20 9.63 -3.69 28.66
C THR D 20 11.02 -3.13 28.92
N LEU D 21 11.38 -2.08 28.21
CA LEU D 21 12.68 -1.44 28.36
C LEU D 21 12.61 -0.33 29.41
N VAL D 22 11.61 0.53 29.27
CA VAL D 22 11.39 1.63 30.20
C VAL D 22 12.70 2.29 30.62
N ASP D 23 13.65 2.34 29.69
CA ASP D 23 14.94 2.95 29.95
C ASP D 23 14.98 4.41 29.48
N SER D 24 13.79 5.00 29.30
CA SER D 24 13.68 6.38 28.86
C SER D 24 14.18 6.53 27.43
N GLN D 25 15.48 6.41 27.25
CA GLN D 25 16.08 6.52 25.92
C GLN D 25 15.50 5.47 25.00
N SER D 26 15.17 4.32 25.57
CA SER D 26 14.59 3.21 24.81
C SER D 26 13.17 3.55 24.37
N GLN D 27 12.42 4.19 25.26
CA GLN D 27 11.04 4.57 24.96
C GLN D 27 11.00 5.56 23.80
N GLU D 28 12.02 6.43 23.75
CA GLU D 28 12.11 7.42 22.70
C GLU D 28 12.44 6.76 21.36
N ASP D 29 13.34 5.78 21.41
CA ASP D 29 13.73 5.05 20.21
C ASP D 29 12.58 4.17 19.76
N ILE D 30 11.95 3.55 20.75
CA ILE D 30 10.80 2.70 20.52
C ILE D 30 9.67 3.51 19.90
N SER D 31 9.38 4.64 20.53
CA SER D 31 8.33 5.53 20.05
C SER D 31 8.59 5.94 18.60
N LEU D 32 9.86 6.14 18.27
CA LEU D 32 10.23 6.50 16.92
C LEU D 32 9.73 5.44 15.94
N LEU D 33 10.03 4.18 16.24
CA LEU D 33 9.57 3.08 15.40
C LEU D 33 8.05 3.06 15.39
N LEU D 34 7.47 3.25 16.57
CA LEU D 34 6.02 3.27 16.71
C LEU D 34 5.42 4.33 15.79
N GLN D 35 6.10 5.47 15.69
CA GLN D 35 5.63 6.56 14.83
C GLN D 35 5.57 6.11 13.38
N LEU D 36 6.68 5.55 12.91
CA LEU D 36 6.75 5.06 11.53
C LEU D 36 5.71 3.98 11.31
N VAL D 37 5.67 3.03 12.23
CA VAL D 37 4.74 1.92 12.17
C VAL D 37 3.29 2.40 12.10
N GLN D 38 2.99 3.49 12.79
CA GLN D 38 1.63 4.04 12.81
C GLN D 38 1.41 5.04 11.67
N ASN D 39 2.49 5.44 11.00
CA ASN D 39 2.39 6.38 9.90
C ASN D 39 1.51 5.82 8.78
N LYS D 40 0.51 6.59 8.37
CA LYS D 40 -0.41 6.16 7.32
C LYS D 40 0.35 5.69 6.07
N ASP D 41 1.15 6.59 5.49
CA ASP D 41 1.92 6.25 4.30
C ASP D 41 2.86 5.08 4.55
N PHE D 42 3.58 5.15 5.67
CA PHE D 42 4.52 4.09 6.03
C PHE D 42 3.81 2.74 6.10
N GLN D 43 2.71 2.69 6.85
CA GLN D 43 1.94 1.47 7.01
C GLN D 43 1.53 0.89 5.66
N ASN D 44 1.18 1.78 4.73
CA ASN D 44 0.77 1.36 3.38
C ASN D 44 1.89 0.59 2.70
N ALA D 45 3.09 1.16 2.73
CA ALA D 45 4.25 0.52 2.11
C ALA D 45 4.50 -0.85 2.71
N PHE D 46 4.52 -0.91 4.04
CA PHE D 46 4.76 -2.15 4.75
C PHE D 46 3.71 -3.20 4.41
N LYS D 47 2.46 -2.77 4.32
CA LYS D 47 1.36 -3.68 4.01
C LYS D 47 1.54 -4.30 2.63
N ILE D 48 2.08 -3.51 1.69
CA ILE D 48 2.31 -3.99 0.34
C ILE D 48 3.34 -5.11 0.35
N HIS D 49 4.47 -4.87 1.02
CA HIS D 49 5.53 -5.85 1.10
C HIS D 49 5.07 -7.12 1.82
N ASN D 50 4.39 -6.94 2.94
CA ASN D 50 3.92 -8.07 3.73
C ASN D 50 3.06 -9.04 2.91
N ALA D 51 1.94 -8.55 2.38
CA ALA D 51 1.05 -9.39 1.59
C ALA D 51 1.72 -9.92 0.34
N ILE D 52 2.31 -9.04 -0.46
CA ILE D 52 2.97 -9.44 -1.69
C ILE D 52 4.04 -10.50 -1.43
N THR D 53 4.80 -10.34 -0.36
CA THR D 53 5.83 -11.32 -0.02
C THR D 53 5.19 -12.68 0.22
N VAL D 54 4.08 -12.66 0.95
CA VAL D 54 3.35 -13.87 1.27
C VAL D 54 2.96 -14.61 -0.01
N HIS D 55 2.36 -13.89 -0.95
CA HIS D 55 1.96 -14.48 -2.23
C HIS D 55 3.20 -14.91 -3.00
N MET D 56 4.30 -14.19 -2.79
CA MET D 56 5.57 -14.48 -3.46
C MET D 56 5.97 -15.94 -3.24
N ASN D 57 6.21 -16.29 -1.98
CA ASN D 57 6.61 -17.66 -1.63
C ASN D 57 5.54 -18.67 -2.02
N LYS D 58 4.28 -18.28 -1.81
CA LYS D 58 3.15 -19.15 -2.14
C LYS D 58 3.14 -19.50 -3.63
N ALA D 59 2.91 -18.49 -4.46
CA ALA D 59 2.88 -18.69 -5.91
C ALA D 59 1.78 -19.67 -6.29
N SER D 60 1.32 -19.57 -7.54
CA SER D 60 0.27 -20.44 -8.04
C SER D 60 0.85 -21.53 -8.93
N ASN A 1 15.51 15.10 6.78
CA ASN A 1 15.41 14.16 5.67
C ASN A 1 14.86 12.81 6.14
N PRO A 2 14.00 12.18 5.33
CA PRO A 2 13.40 10.88 5.67
C PRO A 2 14.44 9.76 5.76
N ALA A 3 15.52 9.91 4.99
CA ALA A 3 16.58 8.92 4.97
C ALA A 3 17.30 8.87 6.32
N ALA A 4 17.44 10.02 6.96
CA ALA A 4 18.10 10.10 8.25
C ALA A 4 17.37 9.28 9.29
N GLU A 5 16.04 9.24 9.19
CA GLU A 5 15.22 8.48 10.13
C GLU A 5 15.44 6.99 9.96
N LYS A 6 15.30 6.51 8.73
CA LYS A 6 15.49 5.08 8.44
C LYS A 6 16.85 4.60 8.93
N MET A 7 17.88 5.41 8.69
CA MET A 7 19.22 5.06 9.13
C MET A 7 19.26 4.92 10.64
N GLN A 8 18.62 5.87 11.32
CA GLN A 8 18.55 5.84 12.78
C GLN A 8 17.67 4.68 13.22
N VAL A 9 16.69 4.34 12.40
CA VAL A 9 15.77 3.25 12.69
C VAL A 9 16.53 1.93 12.76
N LEU A 10 17.23 1.60 11.69
CA LEU A 10 18.00 0.36 11.64
C LEU A 10 18.97 0.31 12.81
N GLN A 11 19.61 1.43 13.09
CA GLN A 11 20.54 1.52 14.21
C GLN A 11 19.76 1.45 15.52
N VAL A 12 18.51 1.90 15.47
CA VAL A 12 17.64 1.88 16.64
C VAL A 12 17.19 0.45 16.93
N LEU A 13 16.95 -0.30 15.85
CA LEU A 13 16.50 -1.67 15.97
C LEU A 13 17.57 -2.54 16.63
N ASP A 14 18.81 -2.37 16.18
CA ASP A 14 19.93 -3.14 16.72
C ASP A 14 20.20 -2.74 18.17
N ARG A 15 20.10 -1.45 18.45
CA ARG A 15 20.34 -0.94 19.80
C ARG A 15 19.23 -1.37 20.76
N LEU A 16 17.98 -1.09 20.38
CA LEU A 16 16.85 -1.44 21.22
C LEU A 16 16.89 -2.91 21.61
N ARG A 17 16.91 -3.77 20.60
CA ARG A 17 16.95 -5.21 20.84
C ARG A 17 18.16 -5.57 21.70
N GLY A 18 19.27 -4.89 21.46
CA GLY A 18 20.47 -5.14 22.23
C GLY A 18 20.23 -4.94 23.71
N LYS A 19 19.54 -3.85 24.05
CA LYS A 19 19.23 -3.57 25.44
C LYS A 19 18.35 -4.67 26.02
N LEU A 20 17.39 -5.12 25.23
CA LEU A 20 16.47 -6.17 25.64
C LEU A 20 17.23 -7.46 25.90
N GLN A 21 18.05 -7.86 24.96
CA GLN A 21 18.85 -9.07 25.10
C GLN A 21 19.66 -9.00 26.38
N GLU A 22 20.03 -7.77 26.76
CA GLU A 22 20.78 -7.54 27.99
C GLU A 22 19.83 -7.47 29.18
N LYS A 23 18.62 -6.97 28.92
CA LYS A 23 17.60 -6.83 29.95
C LYS A 23 17.00 -8.19 30.31
N GLY A 24 16.95 -9.08 29.32
CA GLY A 24 16.39 -10.41 29.54
C GLY A 24 15.21 -10.68 28.63
N ASP A 25 14.93 -9.77 27.70
CA ASP A 25 13.84 -9.92 26.77
C ASP A 25 14.38 -10.15 25.36
N THR A 26 14.71 -11.40 25.07
CA THR A 26 15.23 -11.76 23.76
C THR A 26 14.10 -12.27 22.88
N THR A 27 12.92 -11.72 23.11
CA THR A 27 11.73 -12.10 22.36
C THR A 27 11.43 -11.07 21.27
N GLN A 28 11.60 -9.80 21.62
CA GLN A 28 11.35 -8.71 20.68
C GLN A 28 12.45 -8.67 19.62
N ASN A 29 13.63 -9.15 19.98
CA ASN A 29 14.76 -9.17 19.06
C ASN A 29 14.36 -9.73 17.71
N GLU A 30 13.63 -10.84 17.72
CA GLU A 30 13.17 -11.46 16.48
C GLU A 30 12.34 -10.47 15.68
N LYS A 31 11.63 -9.60 16.39
CA LYS A 31 10.81 -8.59 15.75
C LYS A 31 11.69 -7.46 15.22
N LEU A 32 12.65 -7.04 16.04
CA LEU A 32 13.58 -5.99 15.65
C LEU A 32 14.41 -6.44 14.47
N SER A 33 14.67 -7.74 14.41
CA SER A 33 15.45 -8.31 13.31
C SER A 33 14.57 -8.42 12.07
N ALA A 34 13.29 -8.67 12.29
CA ALA A 34 12.33 -8.78 11.20
C ALA A 34 12.08 -7.41 10.56
N PHE A 35 11.83 -6.42 11.40
CA PHE A 35 11.59 -5.07 10.92
C PHE A 35 12.86 -4.51 10.29
N TYR A 36 13.98 -4.69 11.00
CA TYR A 36 15.28 -4.24 10.55
C TYR A 36 15.62 -4.84 9.20
N GLU A 37 15.55 -6.17 9.11
CA GLU A 37 15.86 -6.86 7.87
C GLU A 37 14.91 -6.43 6.76
N THR A 38 13.62 -6.50 7.04
CA THR A 38 12.61 -6.09 6.06
C THR A 38 12.84 -4.65 5.61
N LEU A 39 13.34 -3.83 6.53
CA LEU A 39 13.63 -2.44 6.23
C LEU A 39 14.74 -2.35 5.20
N LYS A 40 15.70 -3.27 5.30
CA LYS A 40 16.83 -3.32 4.37
C LYS A 40 16.38 -3.81 3.00
N SER A 41 15.34 -4.64 2.98
CA SER A 41 14.82 -5.19 1.74
C SER A 41 14.68 -4.11 0.66
N PRO A 42 15.27 -4.32 -0.53
CA PRO A 42 15.20 -3.35 -1.62
C PRO A 42 13.76 -3.12 -2.07
N LEU A 43 13.02 -4.21 -2.24
CA LEU A 43 11.63 -4.14 -2.65
C LEU A 43 10.82 -3.31 -1.66
N PHE A 44 10.92 -3.66 -0.38
CA PHE A 44 10.21 -2.94 0.67
C PHE A 44 10.62 -1.47 0.67
N ASN A 45 11.92 -1.23 0.62
CA ASN A 45 12.46 0.13 0.61
C ASN A 45 11.86 0.92 -0.56
N GLN A 46 11.68 0.25 -1.68
CA GLN A 46 11.12 0.89 -2.87
C GLN A 46 9.72 1.39 -2.58
N ILE A 47 8.92 0.56 -1.90
CA ILE A 47 7.55 0.92 -1.55
C ILE A 47 7.53 2.18 -0.70
N LEU A 48 8.44 2.26 0.26
CA LEU A 48 8.53 3.43 1.14
C LEU A 48 9.00 4.64 0.37
N THR A 49 9.92 4.43 -0.57
CA THR A 49 10.45 5.51 -1.38
C THR A 49 9.30 6.27 -2.05
N LEU A 50 8.40 5.53 -2.69
CA LEU A 50 7.24 6.13 -3.34
C LEU A 50 6.40 6.85 -2.30
N GLN A 51 6.16 6.18 -1.18
CA GLN A 51 5.37 6.75 -0.10
C GLN A 51 6.03 8.03 0.42
N GLN A 52 7.36 8.05 0.39
CA GLN A 52 8.10 9.22 0.84
C GLN A 52 7.77 10.41 -0.04
N SER A 53 7.67 10.16 -1.33
CA SER A 53 7.33 11.21 -2.29
C SER A 53 5.96 11.78 -1.95
N ILE A 54 5.03 10.89 -1.64
CA ILE A 54 3.67 11.30 -1.27
C ILE A 54 3.72 12.16 -0.02
N LYS A 55 4.62 11.81 0.90
CA LYS A 55 4.78 12.56 2.14
C LYS A 55 5.17 14.00 1.82
N GLN A 56 6.01 14.16 0.81
CA GLN A 56 6.44 15.49 0.39
C GLN A 56 5.27 16.28 -0.13
N LEU A 57 4.39 15.61 -0.89
CA LEU A 57 3.20 16.26 -1.44
C LEU A 57 2.38 16.90 -0.33
N LYS A 58 2.12 16.13 0.72
CA LYS A 58 1.34 16.61 1.85
C LYS A 58 2.01 17.84 2.49
N GLY A 59 3.30 17.72 2.76
CA GLY A 59 4.03 18.82 3.37
C GLY A 59 4.09 20.04 2.48
N GLN A 60 4.24 19.83 1.18
CA GLN A 60 4.31 20.93 0.22
C GLN A 60 2.98 21.67 0.15
N LEU A 61 1.91 20.94 -0.11
CA LEU A 61 0.59 21.53 -0.20
C LEU A 61 0.14 22.09 1.15
N SER A 62 0.51 23.34 1.40
CA SER A 62 0.16 24.00 2.65
C SER A 62 0.31 25.51 2.53
N ALA B 1 -8.15 17.74 -8.20
CA ALA B 1 -8.75 17.59 -6.88
C ALA B 1 -8.13 16.41 -6.14
N VAL B 2 -8.88 15.85 -5.19
CA VAL B 2 -8.39 14.73 -4.39
C VAL B 2 -9.52 13.76 -4.05
N LYS B 3 -10.46 13.61 -4.98
CA LYS B 3 -11.59 12.72 -4.78
C LYS B 3 -11.14 11.26 -4.85
N ILE B 4 -11.62 10.45 -3.91
CA ILE B 4 -11.28 9.04 -3.87
C ILE B 4 -12.28 8.20 -4.65
N LEU B 5 -12.25 6.88 -4.45
CA LEU B 5 -13.16 5.98 -5.16
C LEU B 5 -13.64 4.86 -4.26
N GLU B 6 -12.72 4.25 -3.51
CA GLU B 6 -13.05 3.16 -2.62
C GLU B 6 -13.43 1.92 -3.43
N ILE B 7 -12.49 1.00 -3.56
CA ILE B 7 -12.72 -0.23 -4.32
C ILE B 7 -14.01 -0.92 -3.90
N GLU B 8 -14.42 -0.72 -2.67
CA GLU B 8 -15.65 -1.34 -2.19
C GLU B 8 -16.85 -0.83 -2.98
N ASP B 9 -16.90 0.47 -3.16
CA ASP B 9 -17.98 1.09 -3.91
C ASP B 9 -17.76 0.90 -5.40
N LEU B 10 -16.50 0.96 -5.81
CA LEU B 10 -16.13 0.79 -7.21
C LEU B 10 -16.28 -0.67 -7.63
N PHE B 11 -16.10 -1.59 -6.68
CA PHE B 11 -16.23 -3.02 -6.94
C PHE B 11 -17.69 -3.37 -7.12
N SER B 12 -18.53 -2.88 -6.22
CA SER B 12 -19.96 -3.12 -6.29
C SER B 12 -20.51 -2.54 -7.59
N SER B 13 -19.92 -1.42 -8.01
CA SER B 13 -20.35 -0.77 -9.24
C SER B 13 -20.12 -1.68 -10.44
N LEU B 14 -18.89 -2.18 -10.60
CA LEU B 14 -18.58 -3.07 -11.72
C LEU B 14 -19.54 -4.24 -11.72
N LYS B 15 -19.91 -4.69 -10.53
CA LYS B 15 -20.85 -5.80 -10.40
C LYS B 15 -22.15 -5.45 -11.09
N HIS B 16 -22.63 -4.23 -10.84
CA HIS B 16 -23.86 -3.75 -11.47
C HIS B 16 -23.61 -3.60 -12.96
N ILE B 17 -22.59 -2.81 -13.29
CA ILE B 17 -22.21 -2.57 -14.67
C ILE B 17 -22.05 -3.87 -15.43
N GLN B 18 -21.59 -4.92 -14.75
CA GLN B 18 -21.41 -6.22 -15.38
C GLN B 18 -22.73 -6.80 -15.84
N HIS B 19 -23.72 -6.79 -14.94
CA HIS B 19 -25.04 -7.32 -15.25
C HIS B 19 -25.84 -6.31 -16.07
N THR B 20 -25.43 -5.05 -15.99
CA THR B 20 -26.09 -3.98 -16.73
C THR B 20 -25.52 -3.89 -18.14
N LEU B 21 -24.23 -4.19 -18.27
CA LEU B 21 -23.57 -4.18 -19.57
C LEU B 21 -23.29 -5.60 -20.00
N VAL B 22 -24.32 -6.24 -20.51
CA VAL B 22 -24.23 -7.63 -20.95
C VAL B 22 -24.04 -7.71 -22.46
N ASP B 23 -23.24 -6.79 -22.99
CA ASP B 23 -22.95 -6.76 -24.41
C ASP B 23 -21.73 -7.63 -24.75
N SER B 24 -21.38 -8.53 -23.83
CA SER B 24 -20.24 -9.43 -24.01
C SER B 24 -18.92 -8.67 -23.93
N GLN B 25 -18.66 -7.81 -24.91
CA GLN B 25 -17.44 -7.03 -24.93
C GLN B 25 -17.39 -6.13 -23.70
N SER B 26 -18.56 -5.72 -23.24
CA SER B 26 -18.67 -4.87 -22.06
C SER B 26 -18.34 -5.65 -20.80
N GLN B 27 -18.92 -6.84 -20.66
CA GLN B 27 -18.67 -7.67 -19.48
C GLN B 27 -17.19 -8.03 -19.41
N GLU B 28 -16.55 -8.14 -20.57
CA GLU B 28 -15.13 -8.46 -20.64
C GLU B 28 -14.29 -7.29 -20.15
N ASP B 29 -14.70 -6.08 -20.55
CA ASP B 29 -14.01 -4.87 -20.13
C ASP B 29 -14.24 -4.64 -18.65
N ILE B 30 -15.49 -4.88 -18.25
CA ILE B 30 -15.89 -4.73 -16.86
C ILE B 30 -15.08 -5.69 -15.99
N SER B 31 -15.02 -6.94 -16.43
CA SER B 31 -14.28 -7.96 -15.71
C SER B 31 -12.82 -7.51 -15.58
N LEU B 32 -12.33 -6.82 -16.60
CA LEU B 32 -10.98 -6.31 -16.60
C LEU B 32 -10.75 -5.43 -15.38
N LEU B 33 -11.65 -4.47 -15.17
CA LEU B 33 -11.57 -3.59 -14.02
C LEU B 33 -11.72 -4.39 -12.75
N LEU B 34 -12.68 -5.31 -12.77
CA LEU B 34 -12.94 -6.18 -11.63
C LEU B 34 -11.68 -6.94 -11.22
N GLN B 35 -10.94 -7.41 -12.22
CA GLN B 35 -9.71 -8.14 -11.96
C GLN B 35 -8.71 -7.27 -11.22
N LEU B 36 -8.45 -6.09 -11.78
CA LEU B 36 -7.52 -5.14 -11.16
C LEU B 36 -8.00 -4.76 -9.77
N VAL B 37 -9.27 -4.38 -9.69
CA VAL B 37 -9.88 -3.99 -8.42
C VAL B 37 -9.82 -5.11 -7.40
N GLN B 38 -9.97 -6.35 -7.87
CA GLN B 38 -9.96 -7.50 -6.98
C GLN B 38 -8.53 -8.05 -6.79
N ASN B 39 -7.57 -7.51 -7.54
CA ASN B 39 -6.19 -7.95 -7.44
C ASN B 39 -5.63 -7.64 -6.05
N LYS B 40 -4.67 -8.44 -5.60
CA LYS B 40 -4.06 -8.25 -4.29
C LYS B 40 -3.15 -7.02 -4.27
N ASP B 41 -2.15 -7.02 -5.14
CA ASP B 41 -1.22 -5.90 -5.22
C ASP B 41 -1.94 -4.61 -5.59
N PHE B 42 -2.78 -4.69 -6.61
CA PHE B 42 -3.53 -3.53 -7.07
C PHE B 42 -4.34 -2.92 -5.93
N GLN B 43 -5.11 -3.76 -5.24
CA GLN B 43 -5.92 -3.32 -4.12
C GLN B 43 -5.08 -2.57 -3.10
N ASN B 44 -3.88 -3.09 -2.83
CA ASN B 44 -2.98 -2.49 -1.87
C ASN B 44 -2.62 -1.06 -2.28
N ALA B 45 -2.22 -0.88 -3.53
CA ALA B 45 -1.86 0.44 -4.03
C ALA B 45 -3.02 1.41 -3.89
N PHE B 46 -4.22 0.96 -4.25
CA PHE B 46 -5.41 1.79 -4.17
C PHE B 46 -5.66 2.24 -2.73
N LYS B 47 -5.41 1.34 -1.78
CA LYS B 47 -5.62 1.65 -0.37
C LYS B 47 -4.66 2.74 0.08
N ILE B 48 -3.43 2.70 -0.42
CA ILE B 48 -2.43 3.70 -0.06
C ILE B 48 -2.89 5.09 -0.49
N HIS B 49 -3.32 5.20 -1.73
CA HIS B 49 -3.80 6.46 -2.28
C HIS B 49 -5.09 6.90 -1.59
N ASN B 50 -5.86 5.93 -1.13
CA ASN B 50 -7.14 6.22 -0.46
C ASN B 50 -6.93 6.99 0.84
N ALA B 51 -6.22 6.37 1.78
CA ALA B 51 -5.97 6.99 3.09
C ALA B 51 -5.09 8.24 2.97
N ILE B 52 -3.96 8.11 2.29
CA ILE B 52 -3.04 9.22 2.13
C ILE B 52 -3.75 10.45 1.56
N THR B 53 -4.63 10.22 0.57
CA THR B 53 -5.39 11.33 -0.02
C THR B 53 -6.26 11.98 1.03
N VAL B 54 -6.98 11.14 1.77
CA VAL B 54 -7.86 11.61 2.83
C VAL B 54 -7.10 12.46 3.84
N HIS B 55 -5.98 11.92 4.32
CA HIS B 55 -5.14 12.63 5.28
C HIS B 55 -4.58 13.89 4.64
N MET B 56 -4.35 13.84 3.33
CA MET B 56 -3.82 14.98 2.59
C MET B 56 -4.70 16.21 2.77
N ASN B 57 -5.98 16.06 2.48
CA ASN B 57 -6.93 17.16 2.62
C ASN B 57 -7.35 17.35 4.07
N LYS B 58 -7.44 16.26 4.81
CA LYS B 58 -7.82 16.30 6.21
C LYS B 58 -6.80 17.08 7.03
N ALA B 59 -5.63 16.47 7.24
CA ALA B 59 -4.56 17.10 8.01
C ALA B 59 -3.80 18.10 7.15
N SER B 60 -4.38 19.26 6.93
CA SER B 60 -3.75 20.30 6.13
C SER B 60 -2.93 21.25 7.01
N ASN C 1 4.52 -5.63 -21.76
CA ASN C 1 4.04 -4.26 -21.81
C ASN C 1 2.77 -4.09 -20.97
N PRO C 2 2.92 -3.93 -19.64
CA PRO C 2 1.80 -3.76 -18.72
C PRO C 2 1.00 -2.50 -19.02
N ALA C 3 1.63 -1.54 -19.68
CA ALA C 3 0.97 -0.28 -20.03
C ALA C 3 -0.28 -0.53 -20.85
N ALA C 4 -0.27 -1.62 -21.62
CA ALA C 4 -1.42 -1.97 -22.45
C ALA C 4 -2.68 -2.16 -21.61
N GLU C 5 -2.53 -2.85 -20.48
CA GLU C 5 -3.64 -3.10 -19.58
C GLU C 5 -4.21 -1.79 -19.04
N LYS C 6 -3.34 -0.98 -18.45
CA LYS C 6 -3.75 0.30 -17.90
C LYS C 6 -4.35 1.19 -18.98
N MET C 7 -3.71 1.20 -20.14
CA MET C 7 -4.21 1.99 -21.27
C MET C 7 -5.59 1.51 -21.66
N GLN C 8 -5.72 0.20 -21.83
CA GLN C 8 -7.00 -0.41 -22.19
C GLN C 8 -8.02 -0.15 -21.09
N VAL C 9 -7.53 -0.12 -19.85
CA VAL C 9 -8.38 0.13 -18.69
C VAL C 9 -9.06 1.49 -18.81
N LEU C 10 -8.25 2.54 -18.96
CA LEU C 10 -8.78 3.89 -19.08
C LEU C 10 -9.82 3.95 -20.19
N GLN C 11 -9.51 3.29 -21.31
CA GLN C 11 -10.43 3.26 -22.44
C GLN C 11 -11.66 2.44 -22.06
N VAL C 12 -11.48 1.49 -21.14
CA VAL C 12 -12.57 0.65 -20.68
C VAL C 12 -13.47 1.45 -19.73
N LEU C 13 -12.85 2.31 -18.93
CA LEU C 13 -13.59 3.13 -17.99
C LEU C 13 -14.52 4.09 -18.72
N ASP C 14 -14.03 4.70 -19.79
CA ASP C 14 -14.81 5.65 -20.57
C ASP C 14 -15.93 4.93 -21.33
N ARG C 15 -15.58 3.81 -21.96
CA ARG C 15 -16.54 3.04 -22.72
C ARG C 15 -17.66 2.52 -21.84
N LEU C 16 -17.29 1.81 -20.78
CA LEU C 16 -18.28 1.25 -19.86
C LEU C 16 -19.21 2.34 -19.34
N ARG C 17 -18.62 3.35 -18.72
CA ARG C 17 -19.39 4.46 -18.17
C ARG C 17 -20.29 5.08 -19.24
N GLY C 18 -19.85 5.02 -20.49
CA GLY C 18 -20.65 5.56 -21.57
C GLY C 18 -21.92 4.74 -21.78
N LYS C 19 -21.76 3.42 -21.75
CA LYS C 19 -22.88 2.51 -21.93
C LYS C 19 -23.93 2.75 -20.85
N LEU C 20 -23.47 3.04 -19.64
CA LEU C 20 -24.37 3.30 -18.52
C LEU C 20 -25.16 4.58 -18.76
N GLN C 21 -24.45 5.64 -19.10
CA GLN C 21 -25.10 6.92 -19.37
C GLN C 21 -26.13 6.78 -20.47
N GLU C 22 -25.91 5.80 -21.35
CA GLU C 22 -26.85 5.55 -22.45
C GLU C 22 -28.01 4.69 -21.97
N LYS C 23 -27.73 3.79 -21.04
CA LYS C 23 -28.74 2.91 -20.49
C LYS C 23 -29.59 3.61 -19.43
N GLY C 24 -28.98 4.56 -18.72
CA GLY C 24 -29.69 5.28 -17.69
C GLY C 24 -29.06 5.10 -16.32
N ASP C 25 -27.79 4.72 -16.30
CA ASP C 25 -27.07 4.52 -15.05
C ASP C 25 -25.92 5.52 -14.94
N THR C 26 -26.24 6.73 -14.52
CA THR C 26 -25.23 7.77 -14.38
C THR C 26 -24.63 7.74 -12.97
N THR C 27 -24.98 6.71 -12.21
CA THR C 27 -24.48 6.54 -10.86
C THR C 27 -23.14 5.82 -10.87
N GLN C 28 -23.05 4.78 -11.69
CA GLN C 28 -21.82 4.00 -11.81
C GLN C 28 -20.76 4.80 -12.55
N ASN C 29 -21.20 5.77 -13.34
CA ASN C 29 -20.28 6.61 -14.10
C ASN C 29 -19.30 7.31 -13.17
N GLU C 30 -19.80 7.73 -12.01
CA GLU C 30 -18.96 8.41 -11.02
C GLU C 30 -17.78 7.52 -10.66
N LYS C 31 -18.06 6.23 -10.49
CA LYS C 31 -17.04 5.25 -10.16
C LYS C 31 -15.99 5.21 -11.25
N LEU C 32 -16.46 4.98 -12.46
CA LEU C 32 -15.59 4.91 -13.63
C LEU C 32 -14.81 6.21 -13.79
N SER C 33 -15.45 7.32 -13.41
CA SER C 33 -14.82 8.63 -13.50
C SER C 33 -13.83 8.80 -12.35
N ALA C 34 -14.15 8.20 -11.22
CA ALA C 34 -13.30 8.27 -10.04
C ALA C 34 -12.05 7.43 -10.24
N PHE C 35 -12.22 6.24 -10.81
CA PHE C 35 -11.11 5.35 -11.08
C PHE C 35 -10.27 5.90 -12.22
N TYR C 36 -10.96 6.29 -13.29
CA TYR C 36 -10.33 6.84 -14.48
C TYR C 36 -9.41 8.02 -14.13
N GLU C 37 -9.96 9.00 -13.40
CA GLU C 37 -9.19 10.17 -13.00
C GLU C 37 -8.00 9.77 -12.13
N THR C 38 -8.26 8.99 -11.09
CA THR C 38 -7.21 8.55 -10.19
C THR C 38 -6.18 7.72 -10.96
N LEU C 39 -6.64 6.99 -11.97
CA LEU C 39 -5.75 6.18 -12.79
C LEU C 39 -4.75 7.08 -13.52
N LYS C 40 -5.22 8.25 -13.93
CA LYS C 40 -4.36 9.20 -14.63
C LYS C 40 -3.36 9.81 -13.67
N SER C 41 -3.78 9.98 -12.42
CA SER C 41 -2.92 10.56 -11.39
C SER C 41 -1.52 9.95 -11.43
N PRO C 42 -0.47 10.78 -11.55
CA PRO C 42 0.92 10.31 -11.60
C PRO C 42 1.29 9.59 -10.31
N LEU C 43 0.88 10.17 -9.19
CA LEU C 43 1.16 9.60 -7.88
C LEU C 43 0.61 8.18 -7.78
N PHE C 44 -0.69 8.02 -8.04
CA PHE C 44 -1.32 6.70 -7.98
C PHE C 44 -0.67 5.77 -8.99
N ASN C 45 -0.41 6.29 -10.18
CA ASN C 45 0.22 5.50 -11.24
C ASN C 45 1.57 4.97 -10.77
N GLN C 46 2.26 5.77 -9.97
CA GLN C 46 3.56 5.37 -9.45
C GLN C 46 3.40 4.21 -8.47
N ILE C 47 2.35 4.26 -7.66
CA ILE C 47 2.09 3.20 -6.70
C ILE C 47 1.89 1.86 -7.39
N LEU C 48 1.13 1.87 -8.47
CA LEU C 48 0.87 0.65 -9.23
C LEU C 48 2.16 0.16 -9.90
N THR C 49 2.97 1.11 -10.37
CA THR C 49 4.24 0.78 -11.01
C THR C 49 5.06 -0.11 -10.10
N LEU C 50 5.22 0.31 -8.86
CA LEU C 50 5.97 -0.46 -7.88
C LEU C 50 5.33 -1.83 -7.70
N GLN C 51 4.01 -1.85 -7.56
CA GLN C 51 3.28 -3.09 -7.40
C GLN C 51 3.50 -3.99 -8.62
N GLN C 52 3.64 -3.36 -9.78
CA GLN C 52 3.87 -4.08 -11.02
C GLN C 52 5.19 -4.84 -10.94
N SER C 53 6.19 -4.20 -10.35
CA SER C 53 7.49 -4.82 -10.19
C SER C 53 7.37 -6.07 -9.34
N ILE C 54 6.67 -5.94 -8.21
CA ILE C 54 6.46 -7.07 -7.32
C ILE C 54 5.71 -8.19 -8.04
N LYS C 55 4.80 -7.78 -8.93
CA LYS C 55 4.03 -8.74 -9.72
C LYS C 55 4.98 -9.57 -10.58
N GLN C 56 6.03 -8.91 -11.07
CA GLN C 56 7.02 -9.58 -11.90
C GLN C 56 7.77 -10.62 -11.07
N LEU C 57 8.06 -10.26 -9.82
CA LEU C 57 8.77 -11.17 -8.92
C LEU C 57 8.03 -12.50 -8.82
N LYS C 58 6.76 -12.43 -8.48
CA LYS C 58 5.93 -13.63 -8.36
C LYS C 58 5.80 -14.34 -9.70
N GLY C 59 5.86 -13.58 -10.79
CA GLY C 59 5.74 -14.16 -12.11
C GLY C 59 7.02 -14.84 -12.57
N GLN C 60 8.06 -14.05 -12.79
CA GLN C 60 9.35 -14.59 -13.24
C GLN C 60 9.76 -15.81 -12.42
N LEU C 61 9.60 -15.70 -11.10
CA LEU C 61 9.97 -16.80 -10.20
C LEU C 61 9.21 -18.07 -10.57
N SER C 62 7.92 -18.11 -10.24
CA SER C 62 7.09 -19.27 -10.54
C SER C 62 7.61 -20.52 -9.83
N ALA D 1 11.95 -18.85 4.45
CA ALA D 1 11.70 -18.19 3.18
C ALA D 1 10.76 -17.01 3.34
N VAL D 2 11.25 -15.82 2.97
CA VAL D 2 10.47 -14.59 3.07
C VAL D 2 9.66 -14.52 4.37
N LYS D 3 10.32 -14.13 5.45
CA LYS D 3 9.67 -14.02 6.74
C LYS D 3 9.08 -12.62 6.90
N ILE D 4 7.93 -12.54 7.58
CA ILE D 4 7.27 -11.25 7.81
C ILE D 4 7.48 -10.76 9.23
N LEU D 5 6.69 -9.77 9.61
CA LEU D 5 6.77 -9.18 10.95
C LEU D 5 5.40 -8.76 11.45
N GLU D 6 4.52 -8.33 10.54
CA GLU D 6 3.18 -7.89 10.91
C GLU D 6 3.25 -6.72 11.89
N ILE D 7 2.89 -5.53 11.42
CA ILE D 7 2.93 -4.34 12.26
C ILE D 7 2.13 -4.51 13.53
N GLU D 8 1.08 -5.33 13.50
CA GLU D 8 0.27 -5.54 14.68
C GLU D 8 1.09 -6.17 15.79
N ASP D 9 1.87 -7.18 15.44
CA ASP D 9 2.73 -7.85 16.40
C ASP D 9 3.97 -7.01 16.67
N LEU D 10 4.44 -6.32 15.62
CA LEU D 10 5.62 -5.46 15.74
C LEU D 10 5.27 -4.20 16.53
N PHE D 11 4.01 -3.78 16.45
CA PHE D 11 3.54 -2.59 17.16
C PHE D 11 3.44 -2.90 18.65
N SER D 12 2.77 -4.01 18.97
CA SER D 12 2.63 -4.42 20.36
C SER D 12 4.00 -4.70 20.96
N SER D 13 4.93 -5.13 20.09
CA SER D 13 6.29 -5.42 20.51
C SER D 13 6.97 -4.17 21.03
N LEU D 14 6.92 -3.09 20.24
CA LEU D 14 7.54 -1.83 20.64
C LEU D 14 6.93 -1.37 21.95
N LYS D 15 5.64 -1.61 22.10
CA LYS D 15 4.94 -1.24 23.32
C LYS D 15 5.57 -1.95 24.52
N HIS D 16 5.96 -3.20 24.30
CA HIS D 16 6.61 -3.99 25.35
C HIS D 16 8.01 -3.45 25.57
N ILE D 17 8.74 -3.31 24.47
CA ILE D 17 10.10 -2.81 24.49
C ILE D 17 10.17 -1.45 25.16
N GLN D 18 9.18 -0.61 24.89
CA GLN D 18 9.13 0.73 25.48
C GLN D 18 9.02 0.65 27.00
N HIS D 19 8.07 -0.13 27.49
CA HIS D 19 7.87 -0.29 28.92
C HIS D 19 8.86 -1.31 29.48
N THR D 20 9.68 -1.87 28.61
CA THR D 20 10.68 -2.86 28.99
C THR D 20 12.06 -2.21 29.10
N LEU D 21 12.32 -1.23 28.25
CA LEU D 21 13.60 -0.54 28.26
C LEU D 21 13.56 0.63 29.25
N VAL D 22 12.55 1.47 29.10
CA VAL D 22 12.36 2.63 29.97
C VAL D 22 13.68 3.32 30.30
N ASP D 23 14.59 3.34 29.32
CA ASP D 23 15.89 3.97 29.50
C ASP D 23 15.90 5.37 28.90
N SER D 24 14.72 5.96 28.75
CA SER D 24 14.60 7.31 28.17
C SER D 24 15.01 7.30 26.71
N GLN D 25 16.31 7.17 26.47
CA GLN D 25 16.83 7.15 25.11
C GLN D 25 16.21 5.97 24.34
N SER D 26 15.92 4.91 25.07
CA SER D 26 15.31 3.72 24.48
C SER D 26 13.88 4.00 24.06
N GLN D 27 13.15 4.74 24.90
CA GLN D 27 11.77 5.09 24.60
C GLN D 27 11.70 5.97 23.36
N GLU D 28 12.74 6.77 23.18
CA GLU D 28 12.81 7.66 22.02
C GLU D 28 13.07 6.86 20.75
N ASP D 29 13.93 5.86 20.85
CA ASP D 29 14.23 5.01 19.72
C ASP D 29 13.03 4.14 19.41
N ILE D 30 12.46 3.59 20.48
CA ILE D 30 11.28 2.76 20.40
C ILE D 30 10.13 3.55 19.80
N SER D 31 9.93 4.75 20.33
CA SER D 31 8.86 5.63 19.85
C SER D 31 9.05 5.92 18.37
N LEU D 32 10.31 5.99 17.94
CA LEU D 32 10.61 6.24 16.54
C LEU D 32 10.01 5.16 15.67
N LEU D 33 10.29 3.90 16.04
CA LEU D 33 9.74 2.77 15.28
C LEU D 33 8.23 2.81 15.37
N LEU D 34 7.73 3.08 16.57
CA LEU D 34 6.30 3.17 16.80
C LEU D 34 5.65 4.17 15.85
N GLN D 35 6.24 5.37 15.80
CA GLN D 35 5.73 6.42 14.93
C GLN D 35 5.79 5.97 13.47
N LEU D 36 6.91 5.38 13.09
CA LEU D 36 7.10 4.88 11.74
C LEU D 36 6.03 3.85 11.42
N VAL D 37 5.72 3.03 12.41
CA VAL D 37 4.72 1.98 12.27
C VAL D 37 3.31 2.56 12.11
N GLN D 38 2.92 3.40 13.06
CA GLN D 38 1.58 4.00 13.03
C GLN D 38 1.39 4.90 11.80
N ASN D 39 2.49 5.31 11.17
CA ASN D 39 2.40 6.16 9.99
C ASN D 39 1.50 5.52 8.94
N LYS D 40 0.38 6.17 8.66
CA LYS D 40 -0.60 5.68 7.70
C LYS D 40 0.08 5.24 6.38
N ASP D 41 0.95 6.09 5.85
CA ASP D 41 1.64 5.78 4.60
C ASP D 41 2.58 4.59 4.77
N PHE D 42 3.42 4.64 5.79
CA PHE D 42 4.35 3.55 6.06
C PHE D 42 3.59 2.25 6.30
N GLN D 43 2.54 2.34 7.11
CA GLN D 43 1.73 1.18 7.43
C GLN D 43 1.21 0.50 6.17
N ASN D 44 0.77 1.30 5.20
CA ASN D 44 0.24 0.76 3.95
C ASN D 44 1.34 0.02 3.18
N ALA D 45 2.52 0.62 3.14
CA ALA D 45 3.65 0.01 2.45
C ALA D 45 3.95 -1.37 3.01
N PHE D 46 4.05 -1.45 4.33
CA PHE D 46 4.32 -2.71 4.99
C PHE D 46 3.25 -3.76 4.67
N LYS D 47 2.02 -3.31 4.57
CA LYS D 47 0.90 -4.21 4.26
C LYS D 47 1.07 -4.81 2.88
N ILE D 48 1.59 -4.01 1.95
CA ILE D 48 1.81 -4.47 0.59
C ILE D 48 2.85 -5.59 0.56
N HIS D 49 3.98 -5.35 1.21
CA HIS D 49 5.05 -6.33 1.26
C HIS D 49 4.60 -7.59 1.99
N ASN D 50 4.02 -7.42 3.17
CA ASN D 50 3.57 -8.55 3.97
C ASN D 50 2.59 -9.44 3.20
N ALA D 51 1.49 -8.85 2.75
CA ALA D 51 0.48 -9.61 2.02
C ALA D 51 1.06 -10.24 0.76
N ILE D 52 1.72 -9.43 -0.07
CA ILE D 52 2.31 -9.93 -1.31
C ILE D 52 3.33 -11.04 -1.02
N THR D 53 4.18 -10.83 -0.01
CA THR D 53 5.18 -11.82 0.35
C THR D 53 4.49 -13.11 0.79
N VAL D 54 3.49 -12.95 1.66
CA VAL D 54 2.72 -14.08 2.15
C VAL D 54 2.09 -14.84 0.99
N HIS D 55 1.45 -14.10 0.09
CA HIS D 55 0.83 -14.71 -1.08
C HIS D 55 1.89 -15.36 -1.96
N MET D 56 3.09 -14.79 -1.93
CA MET D 56 4.21 -15.32 -2.71
C MET D 56 4.50 -16.76 -2.31
N ASN D 57 4.55 -17.00 -1.00
CA ASN D 57 4.81 -18.33 -0.47
C ASN D 57 3.68 -19.28 -0.81
N LYS D 58 2.45 -18.79 -0.67
CA LYS D 58 1.26 -19.59 -0.95
C LYS D 58 1.29 -20.11 -2.40
N ALA D 59 1.34 -19.18 -3.35
CA ALA D 59 1.36 -19.54 -4.76
C ALA D 59 2.68 -20.24 -5.12
N SER D 60 2.56 -21.45 -5.68
CA SER D 60 3.74 -22.22 -6.08
C SER D 60 4.62 -22.53 -4.87
N ASN A 1 16.57 15.67 6.86
CA ASN A 1 16.93 14.57 5.96
C ASN A 1 16.00 13.38 6.15
N PRO A 2 15.22 13.03 5.12
CA PRO A 2 14.28 11.89 5.19
C PRO A 2 14.99 10.57 5.36
N ALA A 3 16.22 10.48 4.87
CA ALA A 3 17.01 9.26 4.96
C ALA A 3 17.50 9.04 6.39
N ALA A 4 17.77 10.13 7.09
CA ALA A 4 18.26 10.07 8.47
C ALA A 4 17.29 9.29 9.35
N GLU A 5 16.00 9.44 9.09
CA GLU A 5 14.97 8.73 9.86
C GLU A 5 15.07 7.23 9.67
N LYS A 6 14.99 6.80 8.41
CA LYS A 6 15.08 5.38 8.09
C LYS A 6 16.42 4.81 8.53
N MET A 7 17.50 5.54 8.26
CA MET A 7 18.83 5.11 8.64
C MET A 7 18.91 4.96 10.15
N GLN A 8 18.42 5.97 10.86
CA GLN A 8 18.42 5.95 12.31
C GLN A 8 17.54 4.80 12.80
N VAL A 9 16.43 4.59 12.09
CA VAL A 9 15.50 3.53 12.43
C VAL A 9 16.22 2.19 12.48
N LEU A 10 16.90 1.84 11.38
CA LEU A 10 17.64 0.59 11.31
C LEU A 10 18.60 0.47 12.49
N GLN A 11 19.31 1.57 12.76
CA GLN A 11 20.25 1.60 13.88
C GLN A 11 19.49 1.51 15.20
N VAL A 12 18.25 2.00 15.19
CA VAL A 12 17.42 1.96 16.38
C VAL A 12 16.94 0.54 16.63
N LEU A 13 16.64 -0.17 15.55
CA LEU A 13 16.16 -1.54 15.64
C LEU A 13 17.23 -2.45 16.24
N ASP A 14 18.46 -2.28 15.79
CA ASP A 14 19.57 -3.09 16.27
C ASP A 14 19.94 -2.71 17.70
N ARG A 15 19.79 -1.43 18.03
CA ARG A 15 20.10 -0.94 19.37
C ARG A 15 19.07 -1.44 20.38
N LEU A 16 17.80 -1.19 20.10
CA LEU A 16 16.72 -1.62 20.99
C LEU A 16 16.79 -3.12 21.23
N ARG A 17 16.76 -3.89 20.14
CA ARG A 17 16.83 -5.33 20.23
C ARG A 17 18.09 -5.77 20.98
N GLY A 18 19.18 -5.03 20.79
CA GLY A 18 20.41 -5.36 21.47
C GLY A 18 20.26 -5.28 22.97
N LYS A 19 19.59 -4.23 23.44
CA LYS A 19 19.36 -4.06 24.87
C LYS A 19 18.48 -5.18 25.40
N LEU A 20 17.54 -5.62 24.56
CA LEU A 20 16.64 -6.70 24.95
C LEU A 20 17.40 -8.01 25.06
N GLN A 21 18.17 -8.32 24.03
CA GLN A 21 18.96 -9.54 24.01
C GLN A 21 19.92 -9.57 25.21
N GLU A 22 20.27 -8.37 25.69
CA GLU A 22 21.16 -8.25 26.84
C GLU A 22 20.36 -8.40 28.13
N LYS A 23 19.11 -7.95 28.10
CA LYS A 23 18.23 -8.04 29.26
C LYS A 23 17.70 -9.46 29.44
N GLY A 24 17.38 -10.11 28.33
CA GLY A 24 16.86 -11.46 28.39
C GLY A 24 15.60 -11.64 27.56
N ASP A 25 15.11 -10.55 26.98
CA ASP A 25 13.91 -10.59 26.15
C ASP A 25 14.30 -10.59 24.68
N THR A 26 14.67 -11.75 24.17
CA THR A 26 15.04 -11.89 22.78
C THR A 26 13.80 -12.15 21.93
N THR A 27 12.64 -12.08 22.58
CA THR A 27 11.38 -12.31 21.90
C THR A 27 11.08 -11.16 20.94
N GLN A 28 11.11 -9.93 21.46
CA GLN A 28 10.86 -8.76 20.65
C GLN A 28 12.04 -8.51 19.73
N ASN A 29 13.21 -9.01 20.11
CA ASN A 29 14.41 -8.85 19.31
C ASN A 29 14.18 -9.36 17.89
N GLU A 30 13.58 -10.53 17.78
CA GLU A 30 13.29 -11.12 16.49
C GLU A 30 12.43 -10.17 15.65
N LYS A 31 11.57 -9.42 16.34
CA LYS A 31 10.71 -8.44 15.69
C LYS A 31 11.54 -7.33 15.07
N LEU A 32 12.47 -6.80 15.85
CA LEU A 32 13.34 -5.73 15.38
C LEU A 32 14.17 -6.20 14.20
N SER A 33 14.48 -7.49 14.18
CA SER A 33 15.26 -8.07 13.09
C SER A 33 14.38 -8.25 11.86
N ALA A 34 13.10 -8.51 12.11
CA ALA A 34 12.13 -8.70 11.03
C ALA A 34 11.83 -7.37 10.37
N PHE A 35 11.54 -6.36 11.17
CA PHE A 35 11.24 -5.03 10.67
C PHE A 35 12.49 -4.40 10.07
N TYR A 36 13.62 -4.60 10.74
CA TYR A 36 14.90 -4.07 10.29
C TYR A 36 15.25 -4.59 8.90
N GLU A 37 15.22 -5.91 8.74
CA GLU A 37 15.53 -6.53 7.46
C GLU A 37 14.56 -6.05 6.38
N THR A 38 13.29 -5.89 6.76
CA THR A 38 12.28 -5.42 5.83
C THR A 38 12.60 -4.01 5.35
N LEU A 39 12.97 -3.14 6.28
CA LEU A 39 13.30 -1.75 5.94
C LEU A 39 14.49 -1.73 4.99
N LYS A 40 15.38 -2.70 5.14
CA LYS A 40 16.57 -2.79 4.31
C LYS A 40 16.25 -3.36 2.93
N SER A 41 15.23 -4.21 2.87
CA SER A 41 14.82 -4.83 1.61
C SER A 41 14.76 -3.80 0.48
N PRO A 42 15.16 -4.20 -0.74
CA PRO A 42 15.17 -3.30 -1.91
C PRO A 42 13.78 -2.82 -2.28
N LEU A 43 12.92 -3.74 -2.69
CA LEU A 43 11.56 -3.39 -3.08
C LEU A 43 10.84 -2.69 -1.94
N PHE A 44 11.15 -3.09 -0.71
CA PHE A 44 10.53 -2.47 0.46
C PHE A 44 10.90 -1.00 0.54
N ASN A 45 12.19 -0.72 0.37
CA ASN A 45 12.68 0.65 0.41
C ASN A 45 11.94 1.49 -0.62
N GLN A 46 11.61 0.88 -1.74
CA GLN A 46 10.87 1.56 -2.81
C GLN A 46 9.48 1.93 -2.32
N ILE A 47 8.85 1.03 -1.58
CA ILE A 47 7.51 1.27 -1.04
C ILE A 47 7.52 2.46 -0.08
N LEU A 48 8.51 2.50 0.80
CA LEU A 48 8.63 3.60 1.76
C LEU A 48 9.04 4.88 1.07
N THR A 49 9.99 4.78 0.14
CA THR A 49 10.46 5.95 -0.60
C THR A 49 9.29 6.65 -1.28
N LEU A 50 8.43 5.86 -1.92
CA LEU A 50 7.26 6.40 -2.60
C LEU A 50 6.34 7.09 -1.60
N GLN A 51 6.07 6.40 -0.50
CA GLN A 51 5.20 6.94 0.54
C GLN A 51 5.76 8.26 1.08
N GLN A 52 7.07 8.29 1.29
CA GLN A 52 7.74 9.49 1.80
C GLN A 52 7.57 10.64 0.81
N SER A 53 7.53 10.31 -0.47
CA SER A 53 7.36 11.32 -1.51
C SER A 53 5.99 11.95 -1.40
N ILE A 54 4.98 11.12 -1.16
CA ILE A 54 3.62 11.58 -0.99
C ILE A 54 3.52 12.54 0.18
N LYS A 55 4.17 12.16 1.28
CA LYS A 55 4.18 12.99 2.49
C LYS A 55 4.69 14.39 2.17
N GLN A 56 5.76 14.45 1.38
CA GLN A 56 6.34 15.73 0.99
C GLN A 56 5.31 16.56 0.23
N LEU A 57 4.55 15.89 -0.64
CA LEU A 57 3.51 16.55 -1.41
C LEU A 57 2.45 17.16 -0.49
N LYS A 58 2.09 16.41 0.54
CA LYS A 58 1.08 16.86 1.50
C LYS A 58 1.51 18.16 2.17
N GLY A 59 2.78 18.23 2.55
CA GLY A 59 3.30 19.42 3.20
C GLY A 59 3.65 20.51 2.21
N GLN A 60 4.05 20.12 1.00
CA GLN A 60 4.41 21.08 -0.04
C GLN A 60 3.18 21.84 -0.52
N LEU A 61 2.11 21.11 -0.79
CA LEU A 61 0.87 21.73 -1.27
C LEU A 61 0.34 22.75 -0.26
N SER A 62 0.32 24.01 -0.67
CA SER A 62 -0.16 25.08 0.18
C SER A 62 -0.33 26.38 -0.60
N ALA B 1 -8.39 15.98 -10.23
CA ALA B 1 -7.20 15.53 -9.53
C ALA B 1 -7.56 14.90 -8.18
N VAL B 2 -6.74 13.93 -7.75
CA VAL B 2 -6.95 13.24 -6.48
C VAL B 2 -8.42 12.94 -6.23
N LYS B 3 -9.04 12.23 -7.17
CA LYS B 3 -10.44 11.87 -7.07
C LYS B 3 -10.59 10.36 -6.95
N ILE B 4 -10.62 9.85 -5.72
CA ILE B 4 -10.75 8.43 -5.47
C ILE B 4 -12.22 8.00 -5.49
N LEU B 5 -12.48 6.75 -5.12
CA LEU B 5 -13.84 6.25 -5.12
C LEU B 5 -13.97 4.93 -4.34
N GLU B 6 -13.03 4.65 -3.44
CA GLU B 6 -13.05 3.44 -2.62
C GLU B 6 -13.40 2.20 -3.45
N ILE B 7 -12.43 1.29 -3.60
CA ILE B 7 -12.64 0.08 -4.38
C ILE B 7 -13.90 -0.65 -3.94
N GLU B 8 -14.30 -0.50 -2.70
CA GLU B 8 -15.50 -1.17 -2.22
C GLU B 8 -16.72 -0.68 -2.99
N ASP B 9 -16.78 0.63 -3.20
CA ASP B 9 -17.88 1.23 -3.92
C ASP B 9 -17.71 1.03 -5.42
N LEU B 10 -16.49 1.16 -5.90
CA LEU B 10 -16.22 0.98 -7.32
C LEU B 10 -16.29 -0.50 -7.69
N PHE B 11 -16.00 -1.38 -6.72
CA PHE B 11 -16.05 -2.81 -6.96
C PHE B 11 -17.50 -3.24 -7.12
N SER B 12 -18.35 -2.77 -6.20
CA SER B 12 -19.76 -3.08 -6.28
C SER B 12 -20.35 -2.44 -7.53
N SER B 13 -19.75 -1.33 -7.94
CA SER B 13 -20.18 -0.61 -9.13
C SER B 13 -20.00 -1.47 -10.37
N LEU B 14 -18.80 -2.03 -10.54
CA LEU B 14 -18.51 -2.87 -11.70
C LEU B 14 -19.46 -4.06 -11.72
N LYS B 15 -19.76 -4.59 -10.54
CA LYS B 15 -20.67 -5.71 -10.44
C LYS B 15 -22.03 -5.33 -11.01
N HIS B 16 -22.45 -4.10 -10.75
CA HIS B 16 -23.71 -3.60 -11.28
C HIS B 16 -23.57 -3.37 -12.77
N ILE B 17 -22.47 -2.72 -13.14
CA ILE B 17 -22.17 -2.43 -14.54
C ILE B 17 -22.20 -3.70 -15.38
N GLN B 18 -21.58 -4.76 -14.87
CA GLN B 18 -21.56 -6.03 -15.58
C GLN B 18 -22.97 -6.53 -15.84
N HIS B 19 -23.81 -6.52 -14.82
CA HIS B 19 -25.19 -6.97 -14.96
C HIS B 19 -26.06 -5.84 -15.50
N THR B 20 -25.44 -4.69 -15.73
CA THR B 20 -26.13 -3.52 -16.24
C THR B 20 -25.88 -3.37 -17.74
N LEU B 21 -24.71 -3.80 -18.19
CA LEU B 21 -24.36 -3.71 -19.60
C LEU B 21 -24.74 -5.01 -20.31
N VAL B 22 -24.32 -6.13 -19.72
CA VAL B 22 -24.62 -7.45 -20.28
C VAL B 22 -24.43 -7.49 -21.81
N ASP B 23 -23.46 -6.73 -22.29
CA ASP B 23 -23.17 -6.68 -23.72
C ASP B 23 -22.04 -7.63 -24.08
N SER B 24 -21.78 -8.60 -23.20
CA SER B 24 -20.71 -9.57 -23.42
C SER B 24 -19.34 -8.89 -23.37
N GLN B 25 -19.05 -8.09 -24.38
CA GLN B 25 -17.79 -7.37 -24.44
C GLN B 25 -17.65 -6.46 -23.23
N SER B 26 -18.80 -6.00 -22.73
CA SER B 26 -18.82 -5.12 -21.56
C SER B 26 -18.44 -5.90 -20.30
N GLN B 27 -18.97 -7.11 -20.17
CA GLN B 27 -18.67 -7.94 -19.00
C GLN B 27 -17.18 -8.26 -18.94
N GLU B 28 -16.58 -8.44 -20.11
CA GLU B 28 -15.15 -8.76 -20.20
C GLU B 28 -14.32 -7.55 -19.80
N ASP B 29 -14.74 -6.37 -20.24
CA ASP B 29 -14.04 -5.14 -19.91
C ASP B 29 -14.25 -4.84 -18.43
N ILE B 30 -15.49 -5.00 -18.01
CA ILE B 30 -15.85 -4.80 -16.62
C ILE B 30 -15.04 -5.72 -15.73
N SER B 31 -15.02 -7.00 -16.11
CA SER B 31 -14.27 -8.01 -15.37
C SER B 31 -12.82 -7.60 -15.26
N LEU B 32 -12.31 -6.96 -16.31
CA LEU B 32 -10.93 -6.48 -16.34
C LEU B 32 -10.68 -5.57 -15.16
N LEU B 33 -11.55 -4.57 -15.00
CA LEU B 33 -11.44 -3.63 -13.90
C LEU B 33 -11.62 -4.37 -12.59
N LEU B 34 -12.56 -5.31 -12.59
CA LEU B 34 -12.85 -6.11 -11.42
C LEU B 34 -11.60 -6.90 -11.00
N GLN B 35 -10.88 -7.40 -11.98
CA GLN B 35 -9.66 -8.17 -11.71
C GLN B 35 -8.63 -7.31 -11.00
N LEU B 36 -8.36 -6.14 -11.58
CA LEU B 36 -7.40 -5.21 -10.99
C LEU B 36 -7.88 -4.78 -9.61
N VAL B 37 -9.13 -4.35 -9.56
CA VAL B 37 -9.75 -3.91 -8.33
C VAL B 37 -9.64 -4.96 -7.24
N GLN B 38 -9.74 -6.23 -7.61
CA GLN B 38 -9.66 -7.32 -6.65
C GLN B 38 -8.23 -7.82 -6.46
N ASN B 39 -7.31 -7.36 -7.31
CA ASN B 39 -5.92 -7.77 -7.20
C ASN B 39 -5.35 -7.38 -5.84
N LYS B 40 -4.71 -8.34 -5.17
CA LYS B 40 -4.13 -8.09 -3.85
C LYS B 40 -3.25 -6.85 -3.83
N ASP B 41 -2.23 -6.83 -4.68
CA ASP B 41 -1.31 -5.70 -4.75
C ASP B 41 -2.04 -4.44 -5.22
N PHE B 42 -2.79 -4.55 -6.30
CA PHE B 42 -3.53 -3.41 -6.83
C PHE B 42 -4.44 -2.81 -5.76
N GLN B 43 -5.31 -3.65 -5.20
CA GLN B 43 -6.22 -3.19 -4.16
C GLN B 43 -5.47 -2.46 -3.05
N ASN B 44 -4.28 -2.95 -2.74
CA ASN B 44 -3.46 -2.34 -1.70
C ASN B 44 -3.10 -0.91 -2.08
N ALA B 45 -2.56 -0.73 -3.27
CA ALA B 45 -2.17 0.58 -3.76
C ALA B 45 -3.35 1.55 -3.74
N PHE B 46 -4.48 1.11 -4.30
CA PHE B 46 -5.68 1.93 -4.33
C PHE B 46 -6.04 2.44 -2.95
N LYS B 47 -5.88 1.58 -1.95
CA LYS B 47 -6.18 1.95 -0.57
C LYS B 47 -5.19 2.99 -0.06
N ILE B 48 -3.93 2.85 -0.46
CA ILE B 48 -2.89 3.79 -0.05
C ILE B 48 -3.14 5.16 -0.66
N HIS B 49 -3.36 5.19 -1.97
CA HIS B 49 -3.61 6.43 -2.67
C HIS B 49 -4.95 7.03 -2.27
N ASN B 50 -5.88 6.18 -1.86
CA ASN B 50 -7.21 6.65 -1.47
C ASN B 50 -7.16 7.48 -0.19
N ALA B 51 -6.71 6.86 0.90
CA ALA B 51 -6.65 7.55 2.18
C ALA B 51 -5.66 8.71 2.16
N ILE B 52 -4.45 8.45 1.67
CA ILE B 52 -3.43 9.49 1.61
C ILE B 52 -3.90 10.70 0.81
N THR B 53 -4.57 10.47 -0.32
CA THR B 53 -5.08 11.57 -1.14
C THR B 53 -6.09 12.37 -0.32
N VAL B 54 -7.03 11.65 0.28
CA VAL B 54 -8.06 12.27 1.10
C VAL B 54 -7.44 13.18 2.14
N HIS B 55 -6.44 12.66 2.84
CA HIS B 55 -5.74 13.43 3.87
C HIS B 55 -5.02 14.63 3.24
N MET B 56 -4.56 14.45 2.00
CA MET B 56 -3.86 15.50 1.28
C MET B 56 -4.71 16.76 1.18
N ASN B 57 -5.90 16.61 0.62
CA ASN B 57 -6.82 17.75 0.47
C ASN B 57 -7.49 18.08 1.79
N LYS B 58 -7.77 17.04 2.58
CA LYS B 58 -8.42 17.22 3.88
C LYS B 58 -7.56 18.08 4.81
N ALA B 59 -6.35 17.59 5.10
CA ALA B 59 -5.42 18.30 5.97
C ALA B 59 -4.10 18.56 5.26
N SER B 60 -3.54 19.75 5.48
CA SER B 60 -2.27 20.12 4.87
C SER B 60 -1.10 19.66 5.73
N ASN C 1 1.89 -8.48 -20.91
CA ASN C 1 2.14 -7.05 -20.87
C ASN C 1 1.30 -6.38 -19.78
N PRO C 2 1.88 -6.16 -18.58
CA PRO C 2 1.16 -5.53 -17.46
C PRO C 2 0.73 -4.11 -17.78
N ALA C 3 1.47 -3.45 -18.67
CA ALA C 3 1.16 -2.08 -19.06
C ALA C 3 -0.01 -2.05 -20.03
N ALA C 4 -0.07 -3.05 -20.91
CA ALA C 4 -1.15 -3.13 -21.89
C ALA C 4 -2.51 -3.19 -21.22
N GLU C 5 -2.54 -3.81 -20.03
CA GLU C 5 -3.78 -3.95 -19.27
C GLU C 5 -4.31 -2.57 -18.87
N LYS C 6 -3.47 -1.79 -18.21
CA LYS C 6 -3.85 -0.46 -17.77
C LYS C 6 -4.35 0.38 -18.95
N MET C 7 -3.67 0.26 -20.08
CA MET C 7 -4.07 0.99 -21.28
C MET C 7 -5.46 0.56 -21.70
N GLN C 8 -5.67 -0.75 -21.74
CA GLN C 8 -6.97 -1.30 -22.11
C GLN C 8 -8.01 -0.94 -21.05
N VAL C 9 -7.55 -0.80 -19.81
CA VAL C 9 -8.42 -0.44 -18.70
C VAL C 9 -9.03 0.94 -18.92
N LEU C 10 -8.17 1.93 -19.16
CA LEU C 10 -8.64 3.29 -19.39
C LEU C 10 -9.61 3.31 -20.56
N GLN C 11 -9.26 2.60 -21.62
CA GLN C 11 -10.14 2.50 -22.79
C GLN C 11 -11.40 1.74 -22.41
N VAL C 12 -11.26 0.84 -21.43
CA VAL C 12 -12.38 0.05 -20.96
C VAL C 12 -13.32 0.92 -20.13
N LEU C 13 -12.73 1.81 -19.35
CA LEU C 13 -13.49 2.72 -18.50
C LEU C 13 -14.33 3.67 -19.37
N ASP C 14 -13.77 4.06 -20.51
CA ASP C 14 -14.46 4.95 -21.42
C ASP C 14 -15.64 4.25 -22.09
N ARG C 15 -15.42 3.01 -22.53
CA ARG C 15 -16.47 2.23 -23.18
C ARG C 15 -17.63 1.96 -22.22
N LEU C 16 -17.31 1.37 -21.07
CA LEU C 16 -18.33 1.06 -20.08
C LEU C 16 -19.15 2.31 -19.75
N ARG C 17 -18.44 3.37 -19.38
CA ARG C 17 -19.06 4.64 -19.05
C ARG C 17 -20.06 5.06 -20.12
N GLY C 18 -19.67 4.89 -21.38
CA GLY C 18 -20.55 5.26 -22.47
C GLY C 18 -21.87 4.52 -22.42
N LYS C 19 -21.79 3.21 -22.21
CA LYS C 19 -22.99 2.38 -22.13
C LYS C 19 -23.90 2.84 -20.99
N LEU C 20 -23.30 3.20 -19.86
CA LEU C 20 -24.08 3.65 -18.71
C LEU C 20 -24.85 4.92 -19.03
N GLN C 21 -24.16 5.91 -19.58
CA GLN C 21 -24.79 7.16 -19.94
C GLN C 21 -25.89 6.92 -20.97
N GLU C 22 -25.74 5.85 -21.74
CA GLU C 22 -26.73 5.49 -22.75
C GLU C 22 -27.90 4.74 -22.14
N LYS C 23 -27.62 3.98 -21.08
CA LYS C 23 -28.65 3.21 -20.39
C LYS C 23 -29.36 4.04 -19.34
N GLY C 24 -28.63 4.93 -18.70
CA GLY C 24 -29.22 5.78 -17.66
C GLY C 24 -28.51 5.62 -16.32
N ASP C 25 -27.77 4.53 -16.15
CA ASP C 25 -27.05 4.29 -14.92
C ASP C 25 -25.89 5.25 -14.79
N THR C 26 -26.20 6.49 -14.43
CA THR C 26 -25.19 7.50 -14.26
C THR C 26 -24.63 7.47 -12.84
N THR C 27 -24.94 6.38 -12.13
CA THR C 27 -24.49 6.20 -10.77
C THR C 27 -23.07 5.66 -10.74
N GLN C 28 -22.74 4.80 -11.70
CA GLN C 28 -21.42 4.22 -11.79
C GLN C 28 -20.49 5.12 -12.59
N ASN C 29 -21.08 5.91 -13.49
CA ASN C 29 -20.32 6.84 -14.33
C ASN C 29 -19.30 7.61 -13.50
N GLU C 30 -19.76 8.21 -12.40
CA GLU C 30 -18.89 8.98 -11.53
C GLU C 30 -17.74 8.10 -11.04
N LYS C 31 -18.03 6.81 -10.86
CA LYS C 31 -17.03 5.86 -10.41
C LYS C 31 -15.97 5.66 -11.50
N LEU C 32 -16.45 5.40 -12.71
CA LEU C 32 -15.56 5.19 -13.85
C LEU C 32 -14.66 6.40 -14.05
N SER C 33 -15.16 7.57 -13.69
CA SER C 33 -14.39 8.81 -13.83
C SER C 33 -13.30 8.85 -12.77
N ALA C 34 -13.63 8.39 -11.58
CA ALA C 34 -12.68 8.36 -10.48
C ALA C 34 -11.60 7.31 -10.74
N PHE C 35 -12.04 6.12 -11.14
CA PHE C 35 -11.12 5.03 -11.44
C PHE C 35 -10.24 5.40 -12.63
N TYR C 36 -10.85 6.10 -13.58
CA TYR C 36 -10.16 6.53 -14.80
C TYR C 36 -9.15 7.63 -14.47
N GLU C 37 -9.61 8.70 -13.82
CA GLU C 37 -8.74 9.79 -13.44
C GLU C 37 -7.65 9.32 -12.49
N THR C 38 -8.06 8.62 -11.43
CA THR C 38 -7.11 8.11 -10.45
C THR C 38 -6.02 7.29 -11.13
N LEU C 39 -6.43 6.48 -12.11
CA LEU C 39 -5.49 5.67 -12.85
C LEU C 39 -4.46 6.56 -13.56
N LYS C 40 -4.95 7.70 -14.05
CA LYS C 40 -4.10 8.66 -14.74
C LYS C 40 -3.20 9.42 -13.76
N SER C 41 -3.69 9.57 -12.53
CA SER C 41 -2.95 10.30 -11.50
C SER C 41 -1.48 9.87 -11.45
N PRO C 42 -0.57 10.81 -11.13
CA PRO C 42 0.86 10.52 -11.05
C PRO C 42 1.23 9.72 -9.82
N LEU C 43 0.74 10.15 -8.66
CA LEU C 43 1.01 9.47 -7.40
C LEU C 43 0.56 8.02 -7.46
N PHE C 44 -0.70 7.81 -7.77
CA PHE C 44 -1.27 6.46 -7.86
C PHE C 44 -0.44 5.59 -8.79
N ASN C 45 -0.11 6.14 -9.96
CA ASN C 45 0.69 5.40 -10.95
C ASN C 45 2.00 4.92 -10.35
N GLN C 46 2.63 5.77 -9.54
CA GLN C 46 3.89 5.40 -8.92
C GLN C 46 3.69 4.20 -7.99
N ILE C 47 2.59 4.21 -7.25
CA ILE C 47 2.28 3.12 -6.34
C ILE C 47 2.12 1.81 -7.11
N LEU C 48 1.26 1.83 -8.13
CA LEU C 48 1.04 0.63 -8.94
C LEU C 48 2.34 0.15 -9.57
N THR C 49 3.17 1.11 -9.98
CA THR C 49 4.46 0.78 -10.58
C THR C 49 5.23 -0.13 -9.63
N LEU C 50 5.21 0.24 -8.36
CA LEU C 50 5.87 -0.55 -7.33
C LEU C 50 5.26 -1.95 -7.26
N GLN C 51 3.93 -2.00 -7.42
CA GLN C 51 3.22 -3.27 -7.40
C GLN C 51 3.65 -4.13 -8.58
N GLN C 52 3.86 -3.48 -9.72
CA GLN C 52 4.28 -4.17 -10.93
C GLN C 52 5.60 -4.88 -10.70
N SER C 53 6.50 -4.21 -9.98
CA SER C 53 7.80 -4.79 -9.67
C SER C 53 7.64 -6.06 -8.84
N ILE C 54 6.90 -5.94 -7.74
CA ILE C 54 6.65 -7.08 -6.86
C ILE C 54 5.86 -8.15 -7.61
N LYS C 55 4.97 -7.71 -8.48
CA LYS C 55 4.14 -8.63 -9.27
C LYS C 55 5.04 -9.48 -10.16
N GLN C 56 6.03 -8.84 -10.78
CA GLN C 56 6.96 -9.54 -11.66
C GLN C 56 7.73 -10.59 -10.86
N LEU C 57 8.10 -10.24 -9.64
CA LEU C 57 8.83 -11.16 -8.77
C LEU C 57 8.07 -12.46 -8.61
N LYS C 58 6.85 -12.37 -8.08
CA LYS C 58 6.01 -13.54 -7.86
C LYS C 58 5.73 -14.26 -9.18
N GLY C 59 5.56 -13.49 -10.25
CA GLY C 59 5.28 -14.07 -11.55
C GLY C 59 6.49 -14.71 -12.19
N GLN C 60 7.68 -14.44 -11.65
CA GLN C 60 8.91 -15.01 -12.19
C GLN C 60 9.80 -15.56 -11.08
N LEU C 61 10.40 -14.65 -10.31
CA LEU C 61 11.29 -15.05 -9.21
C LEU C 61 12.42 -15.94 -9.72
N SER C 62 13.44 -16.14 -8.88
CA SER C 62 14.58 -16.97 -9.23
C SER C 62 15.11 -16.61 -10.63
N ALA D 1 14.67 -14.11 1.17
CA ALA D 1 13.64 -14.60 2.06
C ALA D 1 12.46 -13.65 2.14
N VAL D 2 11.71 -13.74 3.21
CA VAL D 2 10.55 -12.90 3.42
C VAL D 2 10.20 -12.80 4.91
N LYS D 3 11.20 -12.49 5.73
CA LYS D 3 11.00 -12.37 7.16
C LYS D 3 10.10 -11.19 7.51
N ILE D 4 8.84 -11.48 7.83
CA ILE D 4 7.89 -10.45 8.19
C ILE D 4 7.56 -10.52 9.68
N LEU D 5 6.71 -9.61 10.14
CA LEU D 5 6.33 -9.60 11.56
C LEU D 5 5.01 -8.88 11.84
N GLU D 6 4.39 -8.31 10.81
CA GLU D 6 3.11 -7.61 10.98
C GLU D 6 3.24 -6.45 11.98
N ILE D 7 2.54 -5.35 11.71
CA ILE D 7 2.58 -4.19 12.57
C ILE D 7 1.87 -4.46 13.89
N GLU D 8 0.81 -5.25 13.86
CA GLU D 8 0.08 -5.54 15.09
C GLU D 8 0.97 -6.22 16.11
N ASP D 9 1.74 -7.20 15.66
CA ASP D 9 2.63 -7.92 16.54
C ASP D 9 3.86 -7.08 16.88
N LEU D 10 4.39 -6.39 15.89
CA LEU D 10 5.56 -5.55 16.10
C LEU D 10 5.18 -4.29 16.88
N PHE D 11 3.92 -3.86 16.75
CA PHE D 11 3.45 -2.68 17.47
C PHE D 11 3.36 -3.00 18.95
N SER D 12 2.74 -4.13 19.28
CA SER D 12 2.63 -4.55 20.66
C SER D 12 4.02 -4.83 21.22
N SER D 13 4.92 -5.26 20.34
CA SER D 13 6.29 -5.54 20.71
C SER D 13 6.99 -4.28 21.19
N LEU D 14 6.93 -3.21 20.40
CA LEU D 14 7.57 -1.95 20.78
C LEU D 14 7.02 -1.48 22.11
N LYS D 15 5.73 -1.67 22.31
CA LYS D 15 5.10 -1.29 23.57
C LYS D 15 5.76 -2.04 24.72
N HIS D 16 6.11 -3.30 24.45
CA HIS D 16 6.79 -4.12 25.45
C HIS D 16 8.21 -3.60 25.62
N ILE D 17 8.91 -3.45 24.50
CA ILE D 17 10.28 -2.96 24.48
C ILE D 17 10.40 -1.64 25.23
N GLN D 18 9.39 -0.79 25.06
CA GLN D 18 9.37 0.50 25.72
C GLN D 18 9.33 0.33 27.23
N HIS D 19 8.41 -0.51 27.71
CA HIS D 19 8.27 -0.77 29.13
C HIS D 19 9.27 -1.84 29.58
N THR D 20 10.05 -2.34 28.62
CA THR D 20 11.05 -3.37 28.90
C THR D 20 12.44 -2.75 28.98
N LEU D 21 12.66 -1.69 28.19
CA LEU D 21 13.94 -1.02 28.19
C LEU D 21 13.93 0.14 29.18
N VAL D 22 12.92 0.99 29.08
CA VAL D 22 12.76 2.13 29.98
C VAL D 22 14.10 2.82 30.26
N ASP D 23 14.97 2.83 29.25
CA ASP D 23 16.28 3.46 29.37
C ASP D 23 16.25 4.90 28.86
N SER D 24 15.06 5.48 28.79
CA SER D 24 14.89 6.85 28.31
C SER D 24 15.24 6.97 26.83
N GLN D 25 16.52 6.83 26.51
CA GLN D 25 16.96 6.91 25.14
C GLN D 25 16.31 5.80 24.31
N SER D 26 16.08 4.67 24.95
CA SER D 26 15.46 3.53 24.29
C SER D 26 13.98 3.81 24.03
N GLN D 27 13.33 4.51 24.96
CA GLN D 27 11.92 4.85 24.81
C GLN D 27 11.72 5.77 23.61
N GLU D 28 12.66 6.69 23.42
CA GLU D 28 12.60 7.63 22.32
C GLU D 28 12.83 6.91 20.99
N ASP D 29 13.75 5.96 20.99
CA ASP D 29 14.05 5.19 19.79
C ASP D 29 12.88 4.26 19.52
N ILE D 30 12.36 3.66 20.58
CA ILE D 30 11.23 2.78 20.50
C ILE D 30 10.04 3.55 19.94
N SER D 31 9.80 4.71 20.52
CA SER D 31 8.71 5.58 20.09
C SER D 31 8.86 5.88 18.61
N LEU D 32 10.10 6.02 18.17
CA LEU D 32 10.39 6.29 16.76
C LEU D 32 9.78 5.21 15.89
N LEU D 33 10.06 3.96 16.22
CA LEU D 33 9.50 2.83 15.48
C LEU D 33 8.00 2.83 15.62
N LEU D 34 7.53 3.11 16.84
CA LEU D 34 6.11 3.16 17.12
C LEU D 34 5.41 4.18 16.24
N GLN D 35 6.03 5.33 16.06
CA GLN D 35 5.47 6.38 15.22
C GLN D 35 5.31 5.90 13.78
N LEU D 36 6.40 5.34 13.24
CA LEU D 36 6.38 4.82 11.89
C LEU D 36 5.35 3.71 11.75
N VAL D 37 5.43 2.75 12.65
CA VAL D 37 4.53 1.60 12.67
C VAL D 37 3.07 2.05 12.77
N GLN D 38 2.84 3.19 13.43
CA GLN D 38 1.50 3.70 13.62
C GLN D 38 1.12 4.71 12.53
N ASN D 39 2.10 5.12 11.73
CA ASN D 39 1.84 6.08 10.66
C ASN D 39 0.90 5.49 9.62
N LYS D 40 0.16 6.33 8.92
CA LYS D 40 -0.78 5.88 7.90
C LYS D 40 -0.06 5.37 6.67
N ASP D 41 0.74 6.24 6.04
CA ASP D 41 1.49 5.86 4.85
C ASP D 41 2.41 4.69 5.13
N PHE D 42 3.18 4.78 6.21
CA PHE D 42 4.10 3.72 6.59
C PHE D 42 3.37 2.39 6.72
N GLN D 43 2.33 2.38 7.56
CA GLN D 43 1.54 1.17 7.78
C GLN D 43 1.13 0.54 6.46
N ASN D 44 0.79 1.40 5.49
CA ASN D 44 0.37 0.93 4.19
C ASN D 44 1.51 0.18 3.48
N ALA D 45 2.71 0.74 3.57
CA ALA D 45 3.88 0.13 2.93
C ALA D 45 4.16 -1.27 3.47
N PHE D 46 4.19 -1.40 4.78
CA PHE D 46 4.45 -2.68 5.43
C PHE D 46 3.35 -3.68 5.14
N LYS D 47 2.11 -3.20 5.07
CA LYS D 47 0.96 -4.07 4.79
C LYS D 47 1.09 -4.71 3.42
N ILE D 48 1.60 -3.93 2.46
CA ILE D 48 1.77 -4.42 1.10
C ILE D 48 2.86 -5.49 1.04
N HIS D 49 4.01 -5.18 1.63
CA HIS D 49 5.12 -6.12 1.64
C HIS D 49 4.78 -7.37 2.42
N ASN D 50 4.21 -7.20 3.61
CA ASN D 50 3.85 -8.31 4.47
C ASN D 50 2.95 -9.32 3.74
N ALA D 51 1.78 -8.86 3.31
CA ALA D 51 0.82 -9.72 2.62
C ALA D 51 1.41 -10.30 1.34
N ILE D 52 1.93 -9.43 0.48
CA ILE D 52 2.51 -9.87 -0.79
C ILE D 52 3.62 -10.89 -0.56
N THR D 53 4.48 -10.64 0.42
CA THR D 53 5.57 -11.57 0.73
C THR D 53 5.00 -12.92 1.13
N VAL D 54 4.00 -12.88 1.99
CA VAL D 54 3.33 -14.09 2.47
C VAL D 54 2.79 -14.90 1.30
N HIS D 55 2.18 -14.20 0.34
CA HIS D 55 1.65 -14.85 -0.85
C HIS D 55 2.78 -15.49 -1.64
N MET D 56 3.95 -14.87 -1.58
CA MET D 56 5.13 -15.37 -2.29
C MET D 56 5.51 -16.75 -1.79
N ASN D 57 5.60 -16.88 -0.46
CA ASN D 57 5.96 -18.15 0.16
C ASN D 57 4.92 -19.22 -0.14
N LYS D 58 3.65 -18.81 -0.18
CA LYS D 58 2.55 -19.73 -0.46
C LYS D 58 2.59 -20.19 -1.92
N ALA D 59 2.59 -19.23 -2.83
CA ALA D 59 2.61 -19.54 -4.26
C ALA D 59 4.04 -19.78 -4.74
N SER D 60 4.18 -20.18 -6.00
CA SER D 60 5.49 -20.43 -6.58
C SER D 60 5.44 -20.31 -8.10
N ASN A 1 15.86 15.89 7.59
CA ASN A 1 16.18 14.79 6.70
C ASN A 1 15.43 13.52 7.10
N PRO A 2 14.43 13.10 6.31
CA PRO A 2 13.65 11.89 6.60
C PRO A 2 14.50 10.63 6.51
N ALA A 3 15.54 10.67 5.69
CA ALA A 3 16.42 9.53 5.51
C ALA A 3 17.23 9.26 6.77
N ALA A 4 17.53 10.33 7.52
CA ALA A 4 18.30 10.21 8.75
C ALA A 4 17.56 9.34 9.77
N GLU A 5 16.24 9.51 9.84
CA GLU A 5 15.42 8.75 10.77
C GLU A 5 15.44 7.27 10.43
N LYS A 6 15.40 6.96 9.14
CA LYS A 6 15.43 5.57 8.69
C LYS A 6 16.72 4.90 9.12
N MET A 7 17.84 5.57 8.87
CA MET A 7 19.14 5.04 9.26
C MET A 7 19.17 4.90 10.78
N GLN A 8 18.70 5.95 11.45
CA GLN A 8 18.63 5.96 12.90
C GLN A 8 17.72 4.83 13.38
N VAL A 9 16.68 4.58 12.61
CA VAL A 9 15.72 3.53 12.92
C VAL A 9 16.41 2.16 12.95
N LEU A 10 17.20 1.89 11.92
CA LEU A 10 17.92 0.62 11.84
C LEU A 10 18.83 0.45 13.06
N GLN A 11 19.53 1.51 13.42
CA GLN A 11 20.40 1.48 14.60
C GLN A 11 19.57 1.32 15.86
N VAL A 12 18.33 1.81 15.80
CA VAL A 12 17.41 1.72 16.91
C VAL A 12 16.91 0.31 17.06
N LEU A 13 16.63 -0.33 15.93
CA LEU A 13 16.14 -1.70 15.93
C LEU A 13 17.17 -2.64 16.54
N ASP A 14 18.44 -2.41 16.20
CA ASP A 14 19.53 -3.23 16.72
C ASP A 14 19.78 -2.93 18.20
N ARG A 15 19.76 -1.65 18.55
CA ARG A 15 19.99 -1.24 19.93
C ARG A 15 18.92 -1.82 20.85
N LEU A 16 17.66 -1.57 20.52
CA LEU A 16 16.56 -2.09 21.32
C LEU A 16 16.69 -3.59 21.48
N ARG A 17 16.84 -4.27 20.35
CA ARG A 17 16.99 -5.72 20.36
C ARG A 17 18.05 -6.18 21.35
N GLY A 18 19.20 -5.50 21.35
CA GLY A 18 20.26 -5.85 22.27
C GLY A 18 19.81 -5.80 23.72
N LYS A 19 19.07 -4.76 24.06
CA LYS A 19 18.57 -4.59 25.42
C LYS A 19 17.57 -5.68 25.78
N LEU A 20 16.81 -6.15 24.79
CA LEU A 20 15.82 -7.20 25.04
C LEU A 20 16.50 -8.52 25.32
N GLN A 21 17.42 -8.90 24.44
CA GLN A 21 18.15 -10.15 24.58
C GLN A 21 18.95 -10.13 25.89
N GLU A 22 19.31 -8.93 26.35
CA GLU A 22 20.06 -8.79 27.59
C GLU A 22 19.13 -8.83 28.79
N LYS A 23 17.93 -8.28 28.60
CA LYS A 23 16.94 -8.25 29.67
C LYS A 23 16.21 -9.58 29.81
N GLY A 24 16.09 -10.30 28.69
CA GLY A 24 15.42 -11.58 28.71
C GLY A 24 14.20 -11.61 27.80
N ASP A 25 14.16 -10.70 26.83
CA ASP A 25 13.06 -10.60 25.89
C ASP A 25 13.55 -10.88 24.49
N THR A 26 13.73 -12.16 24.16
CA THR A 26 14.19 -12.55 22.85
C THR A 26 13.01 -12.79 21.92
N THR A 27 11.82 -12.45 22.40
CA THR A 27 10.61 -12.62 21.63
C THR A 27 10.46 -11.49 20.62
N GLN A 28 10.53 -10.25 21.12
CA GLN A 28 10.43 -9.08 20.27
C GLN A 28 11.67 -8.95 19.38
N ASN A 29 12.70 -9.73 19.69
CA ASN A 29 13.93 -9.72 18.92
C ASN A 29 13.64 -10.01 17.45
N GLU A 30 12.85 -11.05 17.20
CA GLU A 30 12.48 -11.42 15.84
C GLU A 30 11.84 -10.24 15.13
N LYS A 31 11.00 -9.51 15.87
CA LYS A 31 10.32 -8.35 15.33
C LYS A 31 11.33 -7.34 14.80
N LEU A 32 12.26 -6.96 15.68
CA LEU A 32 13.30 -6.01 15.34
C LEU A 32 14.14 -6.50 14.16
N SER A 33 14.32 -7.81 14.08
CA SER A 33 15.10 -8.40 12.99
C SER A 33 14.28 -8.42 11.72
N ALA A 34 12.97 -8.60 11.87
CA ALA A 34 12.06 -8.63 10.73
C ALA A 34 11.85 -7.23 10.17
N PHE A 35 11.67 -6.27 11.05
CA PHE A 35 11.46 -4.88 10.64
C PHE A 35 12.76 -4.29 10.10
N TYR A 36 13.85 -4.55 10.82
CA TYR A 36 15.17 -4.06 10.43
C TYR A 36 15.52 -4.50 9.02
N GLU A 37 15.42 -5.80 8.76
CA GLU A 37 15.73 -6.36 7.45
C GLU A 37 14.83 -5.74 6.37
N THR A 38 13.53 -5.72 6.64
CA THR A 38 12.57 -5.16 5.68
C THR A 38 12.92 -3.71 5.35
N LEU A 39 13.28 -2.94 6.37
CA LEU A 39 13.66 -1.55 6.18
C LEU A 39 14.86 -1.45 5.25
N LYS A 40 15.76 -2.41 5.38
CA LYS A 40 16.98 -2.45 4.58
C LYS A 40 16.69 -2.94 3.16
N SER A 41 15.71 -3.82 3.04
CA SER A 41 15.33 -4.39 1.74
C SER A 41 15.30 -3.31 0.65
N PRO A 42 15.98 -3.55 -0.49
CA PRO A 42 16.02 -2.59 -1.60
C PRO A 42 14.63 -2.27 -2.12
N LEU A 43 13.90 -3.32 -2.47
CA LEU A 43 12.55 -3.17 -2.99
C LEU A 43 11.67 -2.43 -2.00
N PHE A 44 11.71 -2.86 -0.74
CA PHE A 44 10.93 -2.22 0.31
C PHE A 44 11.29 -0.75 0.42
N ASN A 45 12.59 -0.46 0.39
CA ASN A 45 13.07 0.91 0.47
C ASN A 45 12.45 1.75 -0.62
N GLN A 46 12.24 1.13 -1.78
CA GLN A 46 11.64 1.82 -2.91
C GLN A 46 10.19 2.19 -2.60
N ILE A 47 9.48 1.27 -1.95
CA ILE A 47 8.10 1.50 -1.57
C ILE A 47 7.97 2.72 -0.67
N LEU A 48 8.84 2.78 0.34
CA LEU A 48 8.84 3.92 1.27
C LEU A 48 9.22 5.19 0.54
N THR A 49 10.24 5.09 -0.31
CA THR A 49 10.71 6.24 -1.08
C THR A 49 9.55 6.83 -1.89
N LEU A 50 8.67 5.96 -2.36
CA LEU A 50 7.52 6.39 -3.14
C LEU A 50 6.57 7.20 -2.27
N GLN A 51 6.22 6.65 -1.11
CA GLN A 51 5.34 7.33 -0.17
C GLN A 51 5.94 8.67 0.24
N GLN A 52 7.24 8.67 0.51
CA GLN A 52 7.95 9.88 0.90
C GLN A 52 7.83 10.93 -0.20
N SER A 53 7.82 10.47 -1.45
CA SER A 53 7.71 11.37 -2.59
C SER A 53 6.34 12.05 -2.57
N ILE A 54 5.32 11.27 -2.21
CA ILE A 54 3.97 11.80 -2.14
C ILE A 54 3.90 12.95 -1.15
N LYS A 55 4.50 12.75 0.02
CA LYS A 55 4.53 13.77 1.04
C LYS A 55 5.32 14.98 0.55
N GLN A 56 6.30 14.73 -0.32
CA GLN A 56 7.13 15.78 -0.88
C GLN A 56 6.28 16.81 -1.61
N LEU A 57 5.53 16.36 -2.61
CA LEU A 57 4.68 17.25 -3.36
C LEU A 57 3.49 17.70 -2.53
N LYS A 58 3.09 16.85 -1.58
CA LYS A 58 1.96 17.17 -0.70
C LYS A 58 2.20 18.52 -0.02
N GLY A 59 3.44 18.75 0.39
CA GLY A 59 3.77 20.00 1.05
C GLY A 59 4.17 21.09 0.07
N GLN A 60 4.78 20.70 -1.05
CA GLN A 60 5.22 21.67 -2.05
C GLN A 60 4.79 21.25 -3.46
N LEU A 61 3.50 20.95 -3.62
CA LEU A 61 2.97 20.53 -4.91
C LEU A 61 3.04 21.67 -5.93
N SER A 62 2.06 22.56 -5.89
CA SER A 62 2.02 23.69 -6.81
C SER A 62 2.10 25.01 -6.07
N ALA B 1 -10.31 18.84 -8.07
CA ALA B 1 -9.76 17.80 -8.93
C ALA B 1 -8.93 16.81 -8.13
N VAL B 2 -9.60 16.01 -7.30
CA VAL B 2 -8.92 15.02 -6.47
C VAL B 2 -9.93 14.17 -5.70
N LYS B 3 -10.92 13.64 -6.43
CA LYS B 3 -11.94 12.80 -5.82
C LYS B 3 -11.46 11.36 -5.71
N ILE B 4 -11.84 10.69 -4.62
CA ILE B 4 -11.44 9.30 -4.40
C ILE B 4 -12.43 8.35 -5.06
N LEU B 5 -12.44 7.09 -4.63
CA LEU B 5 -13.34 6.09 -5.20
C LEU B 5 -13.52 4.91 -4.27
N GLU B 6 -12.44 4.51 -3.60
CA GLU B 6 -12.48 3.37 -2.67
C GLU B 6 -12.87 2.10 -3.42
N ILE B 7 -11.92 1.17 -3.50
CA ILE B 7 -12.17 -0.09 -4.20
C ILE B 7 -13.39 -0.80 -3.65
N GLU B 8 -13.72 -0.57 -2.39
CA GLU B 8 -14.87 -1.22 -1.79
C GLU B 8 -16.15 -0.80 -2.52
N ASP B 9 -16.32 0.51 -2.68
CA ASP B 9 -17.48 1.04 -3.38
C ASP B 9 -17.31 0.85 -4.88
N LEU B 10 -16.06 0.92 -5.33
CA LEU B 10 -15.74 0.75 -6.74
C LEU B 10 -15.90 -0.72 -7.14
N PHE B 11 -15.67 -1.62 -6.18
CA PHE B 11 -15.80 -3.05 -6.42
C PHE B 11 -17.27 -3.42 -6.57
N SER B 12 -18.07 -2.98 -5.61
CA SER B 12 -19.50 -3.24 -5.64
C SER B 12 -20.10 -2.61 -6.91
N SER B 13 -19.51 -1.51 -7.34
CA SER B 13 -19.97 -0.82 -8.53
C SER B 13 -19.84 -1.73 -9.75
N LEU B 14 -18.64 -2.27 -9.96
CA LEU B 14 -18.41 -3.17 -11.09
C LEU B 14 -19.39 -4.32 -11.04
N LYS B 15 -19.71 -4.77 -9.83
CA LYS B 15 -20.67 -5.87 -9.66
C LYS B 15 -22.00 -5.49 -10.30
N HIS B 16 -22.44 -4.26 -10.03
CA HIS B 16 -23.68 -3.78 -10.61
C HIS B 16 -23.51 -3.64 -12.12
N ILE B 17 -22.50 -2.88 -12.51
CA ILE B 17 -22.18 -2.66 -13.91
C ILE B 17 -22.07 -3.99 -14.66
N GLN B 18 -21.60 -5.02 -13.97
CA GLN B 18 -21.45 -6.34 -14.58
C GLN B 18 -22.81 -6.92 -14.93
N HIS B 19 -23.73 -6.90 -13.96
CA HIS B 19 -25.07 -7.42 -14.17
C HIS B 19 -25.91 -6.43 -14.99
N THR B 20 -25.47 -5.17 -14.98
CA THR B 20 -26.17 -4.12 -15.71
C THR B 20 -25.73 -4.12 -17.17
N LEU B 21 -24.45 -4.42 -17.39
CA LEU B 21 -23.90 -4.47 -18.73
C LEU B 21 -23.74 -5.92 -19.14
N VAL B 22 -24.85 -6.49 -19.62
CA VAL B 22 -24.88 -7.89 -20.03
C VAL B 22 -24.69 -8.02 -21.54
N ASP B 23 -23.83 -7.16 -22.08
CA ASP B 23 -23.54 -7.18 -23.51
C ASP B 23 -22.33 -8.08 -23.82
N SER B 24 -21.96 -8.93 -22.85
CA SER B 24 -20.82 -9.82 -23.02
C SER B 24 -19.51 -9.06 -23.03
N GLN B 25 -19.29 -8.28 -24.08
CA GLN B 25 -18.07 -7.50 -24.22
C GLN B 25 -17.89 -6.59 -23.02
N SER B 26 -19.00 -6.04 -22.53
CA SER B 26 -18.97 -5.15 -21.38
C SER B 26 -18.54 -5.90 -20.13
N GLN B 27 -19.00 -7.14 -19.99
CA GLN B 27 -18.65 -7.97 -18.84
C GLN B 27 -17.16 -8.24 -18.82
N GLU B 28 -16.58 -8.36 -20.01
CA GLU B 28 -15.15 -8.61 -20.16
C GLU B 28 -14.35 -7.39 -19.72
N ASP B 29 -14.82 -6.21 -20.10
CA ASP B 29 -14.17 -4.96 -19.73
C ASP B 29 -14.35 -4.73 -18.25
N ILE B 30 -15.57 -4.99 -17.79
CA ILE B 30 -15.91 -4.84 -16.38
C ILE B 30 -15.03 -5.77 -15.55
N SER B 31 -14.97 -7.03 -15.98
CA SER B 31 -14.15 -8.02 -15.29
C SER B 31 -12.71 -7.55 -15.23
N LEU B 32 -12.28 -6.85 -16.28
CA LEU B 32 -10.92 -6.32 -16.34
C LEU B 32 -10.67 -5.43 -15.13
N LEU B 33 -11.58 -4.49 -14.90
CA LEU B 33 -11.45 -3.59 -13.76
C LEU B 33 -11.54 -4.41 -12.48
N LEU B 34 -12.49 -5.33 -12.46
CA LEU B 34 -12.69 -6.19 -11.30
C LEU B 34 -11.40 -6.92 -10.95
N GLN B 35 -10.69 -7.39 -11.97
CA GLN B 35 -9.43 -8.10 -11.75
C GLN B 35 -8.42 -7.20 -11.05
N LEU B 36 -8.20 -6.02 -11.62
CA LEU B 36 -7.27 -5.06 -11.04
C LEU B 36 -7.72 -4.66 -9.65
N VAL B 37 -8.98 -4.32 -9.53
CA VAL B 37 -9.58 -3.92 -8.27
C VAL B 37 -9.45 -5.00 -7.22
N GLN B 38 -9.57 -6.26 -7.63
CA GLN B 38 -9.48 -7.38 -6.70
C GLN B 38 -8.04 -7.86 -6.51
N ASN B 39 -7.12 -7.36 -7.35
CA ASN B 39 -5.72 -7.75 -7.24
C ASN B 39 -5.15 -7.34 -5.89
N LYS B 40 -4.42 -8.26 -5.25
CA LYS B 40 -3.83 -7.99 -3.95
C LYS B 40 -2.92 -6.76 -3.99
N ASP B 41 -1.90 -6.80 -4.85
CA ASP B 41 -0.97 -5.69 -4.98
C ASP B 41 -1.69 -4.40 -5.36
N PHE B 42 -2.52 -4.49 -6.40
CA PHE B 42 -3.28 -3.33 -6.87
C PHE B 42 -4.11 -2.74 -5.74
N GLN B 43 -4.84 -3.60 -5.04
CA GLN B 43 -5.68 -3.16 -3.93
C GLN B 43 -4.87 -2.37 -2.90
N ASN B 44 -3.64 -2.81 -2.68
CA ASN B 44 -2.76 -2.15 -1.72
C ASN B 44 -2.39 -0.76 -2.19
N ALA B 45 -1.91 -0.67 -3.43
CA ALA B 45 -1.51 0.60 -4.02
C ALA B 45 -2.65 1.61 -3.98
N PHE B 46 -3.82 1.19 -4.45
CA PHE B 46 -5.00 2.05 -4.47
C PHE B 46 -5.34 2.55 -3.07
N LYS B 47 -5.20 1.68 -2.08
CA LYS B 47 -5.49 2.05 -0.70
C LYS B 47 -4.58 3.17 -0.24
N ILE B 48 -3.32 3.11 -0.67
CA ILE B 48 -2.35 4.14 -0.31
C ILE B 48 -2.76 5.49 -0.85
N HIS B 49 -3.10 5.53 -2.13
CA HIS B 49 -3.52 6.77 -2.78
C HIS B 49 -4.82 7.28 -2.18
N ASN B 50 -5.67 6.36 -1.71
CA ASN B 50 -6.96 6.75 -1.14
C ASN B 50 -6.80 7.57 0.13
N ALA B 51 -6.18 6.98 1.15
CA ALA B 51 -5.97 7.65 2.43
C ALA B 51 -5.04 8.85 2.30
N ILE B 52 -3.87 8.63 1.71
CA ILE B 52 -2.88 9.70 1.55
C ILE B 52 -3.50 10.91 0.84
N THR B 53 -4.35 10.66 -0.15
CA THR B 53 -5.00 11.76 -0.86
C THR B 53 -5.92 12.52 0.10
N VAL B 54 -6.69 11.77 0.86
CA VAL B 54 -7.61 12.35 1.83
C VAL B 54 -6.88 13.32 2.74
N HIS B 55 -5.74 12.89 3.28
CA HIS B 55 -4.95 13.72 4.15
C HIS B 55 -4.44 14.95 3.38
N MET B 56 -4.21 14.76 2.09
CA MET B 56 -3.73 15.83 1.22
C MET B 56 -4.68 17.02 1.26
N ASN B 57 -5.92 16.80 0.83
CA ASN B 57 -6.93 17.86 0.81
C ASN B 57 -7.17 18.40 2.21
N LYS B 58 -7.20 17.51 3.19
CA LYS B 58 -7.43 17.90 4.58
C LYS B 58 -6.35 18.86 5.05
N ALA B 59 -5.10 18.38 5.06
CA ALA B 59 -3.97 19.21 5.49
C ALA B 59 -3.60 20.23 4.43
N SER B 60 -3.14 21.40 4.87
CA SER B 60 -2.74 22.46 3.95
C SER B 60 -1.36 22.20 3.38
N ASN C 1 2.44 -6.00 -23.76
CA ASN C 1 2.96 -4.99 -22.85
C ASN C 1 1.97 -4.71 -21.72
N PRO C 2 2.47 -4.56 -20.48
CA PRO C 2 1.61 -4.28 -19.32
C PRO C 2 0.82 -2.99 -19.47
N ALA C 3 1.37 -2.05 -20.24
CA ALA C 3 0.71 -0.77 -20.47
C ALA C 3 -0.61 -0.96 -21.21
N ALA C 4 -0.68 -2.01 -22.02
CA ALA C 4 -1.88 -2.29 -22.78
C ALA C 4 -3.09 -2.48 -21.86
N GLU C 5 -2.84 -3.11 -20.71
CA GLU C 5 -3.92 -3.35 -19.74
C GLU C 5 -4.46 -2.04 -19.20
N LYS C 6 -3.57 -1.24 -18.61
CA LYS C 6 -3.97 0.05 -18.05
C LYS C 6 -4.57 0.93 -19.13
N MET C 7 -3.97 0.93 -20.31
CA MET C 7 -4.48 1.72 -21.43
C MET C 7 -5.88 1.26 -21.79
N GLN C 8 -6.06 -0.06 -21.86
CA GLN C 8 -7.35 -0.64 -22.16
C GLN C 8 -8.32 -0.36 -21.02
N VAL C 9 -7.78 -0.32 -19.80
CA VAL C 9 -8.59 -0.05 -18.62
C VAL C 9 -9.26 1.32 -18.73
N LEU C 10 -8.47 2.35 -18.94
CA LEU C 10 -8.99 3.71 -19.07
C LEU C 10 -10.04 3.75 -20.18
N GLN C 11 -9.72 3.13 -21.30
CA GLN C 11 -10.66 3.07 -22.42
C GLN C 11 -11.86 2.22 -22.03
N VAL C 12 -11.65 1.28 -21.11
CA VAL C 12 -12.71 0.41 -20.64
C VAL C 12 -13.62 1.18 -19.70
N LEU C 13 -13.04 2.06 -18.89
CA LEU C 13 -13.79 2.86 -17.94
C LEU C 13 -14.74 3.80 -18.67
N ASP C 14 -14.27 4.38 -19.77
CA ASP C 14 -15.08 5.30 -20.55
C ASP C 14 -16.20 4.54 -21.26
N ARG C 15 -15.87 3.38 -21.81
CA ARG C 15 -16.83 2.56 -22.53
C ARG C 15 -17.92 2.07 -21.59
N LEU C 16 -17.52 1.42 -20.50
CA LEU C 16 -18.48 0.90 -19.53
C LEU C 16 -19.42 1.99 -19.06
N ARG C 17 -18.85 3.06 -18.52
CA ARG C 17 -19.64 4.18 -18.02
C ARG C 17 -20.56 4.73 -19.12
N GLY C 18 -20.11 4.61 -20.37
CA GLY C 18 -20.91 5.09 -21.49
C GLY C 18 -22.20 4.30 -21.63
N LYS C 19 -22.09 2.98 -21.54
CA LYS C 19 -23.25 2.11 -21.66
C LYS C 19 -24.25 2.38 -20.54
N LEU C 20 -23.73 2.61 -19.33
CA LEU C 20 -24.58 2.89 -18.19
C LEU C 20 -25.41 4.14 -18.42
N GLN C 21 -24.74 5.21 -18.82
CA GLN C 21 -25.41 6.47 -19.10
C GLN C 21 -26.43 6.28 -20.22
N GLU C 22 -26.17 5.31 -21.10
CA GLU C 22 -27.07 5.03 -22.21
C GLU C 22 -28.21 4.12 -21.76
N LYS C 23 -27.92 3.25 -20.79
CA LYS C 23 -28.91 2.33 -20.27
C LYS C 23 -29.79 2.99 -19.21
N GLY C 24 -29.23 3.96 -18.50
CA GLY C 24 -29.97 4.66 -17.47
C GLY C 24 -29.34 4.52 -16.10
N ASP C 25 -28.06 4.18 -16.07
CA ASP C 25 -27.33 4.03 -14.81
C ASP C 25 -26.26 5.10 -14.70
N THR C 26 -26.67 6.28 -14.26
CA THR C 26 -25.75 7.39 -14.09
C THR C 26 -25.27 7.45 -12.65
N THR C 27 -25.20 6.28 -12.02
CA THR C 27 -24.76 6.18 -10.64
C THR C 27 -23.33 5.66 -10.56
N GLN C 28 -23.01 4.69 -11.42
CA GLN C 28 -21.67 4.11 -11.44
C GLN C 28 -20.74 4.93 -12.34
N ASN C 29 -21.32 5.63 -13.31
CA ASN C 29 -20.53 6.46 -14.22
C ASN C 29 -19.57 7.36 -13.46
N GLU C 30 -20.02 7.87 -12.33
CA GLU C 30 -19.21 8.73 -11.50
C GLU C 30 -18.03 7.95 -10.94
N LYS C 31 -18.25 6.66 -10.69
CA LYS C 31 -17.21 5.79 -10.17
C LYS C 31 -16.17 5.52 -11.24
N LEU C 32 -16.64 5.21 -12.44
CA LEU C 32 -15.75 4.94 -13.57
C LEU C 32 -14.85 6.16 -13.83
N SER C 33 -15.40 7.34 -13.58
CA SER C 33 -14.65 8.58 -13.77
C SER C 33 -13.66 8.76 -12.63
N ALA C 34 -14.04 8.26 -11.45
CA ALA C 34 -13.19 8.35 -10.28
C ALA C 34 -11.98 7.45 -10.44
N PHE C 35 -12.23 6.21 -10.85
CA PHE C 35 -11.15 5.24 -11.05
C PHE C 35 -10.30 5.67 -12.25
N TYR C 36 -10.98 6.03 -13.32
CA TYR C 36 -10.33 6.47 -14.55
C TYR C 36 -9.35 7.62 -14.28
N GLU C 37 -9.84 8.67 -13.63
CA GLU C 37 -9.01 9.82 -13.30
C GLU C 37 -7.82 9.41 -12.44
N THR C 38 -8.10 8.68 -11.36
CA THR C 38 -7.04 8.22 -10.47
C THR C 38 -5.98 7.45 -11.24
N LEU C 39 -6.42 6.69 -12.23
CA LEU C 39 -5.50 5.91 -13.06
C LEU C 39 -4.66 6.85 -13.91
N LYS C 40 -5.22 8.00 -14.26
CA LYS C 40 -4.51 9.00 -15.06
C LYS C 40 -3.41 9.65 -14.25
N SER C 41 -3.63 9.78 -12.94
CA SER C 41 -2.65 10.40 -12.06
C SER C 41 -1.28 9.74 -12.19
N PRO C 42 -0.21 10.53 -12.33
CA PRO C 42 1.16 10.01 -12.46
C PRO C 42 1.68 9.43 -11.15
N LEU C 43 1.23 10.00 -10.04
CA LEU C 43 1.64 9.54 -8.72
C LEU C 43 1.13 8.11 -8.49
N PHE C 44 -0.18 7.93 -8.63
CA PHE C 44 -0.79 6.62 -8.44
C PHE C 44 -0.13 5.59 -9.35
N ASN C 45 0.11 6.00 -10.60
CA ASN C 45 0.75 5.12 -11.58
C ASN C 45 2.08 4.61 -11.06
N GLN C 46 2.84 5.51 -10.43
CA GLN C 46 4.15 5.14 -9.88
C GLN C 46 3.99 4.06 -8.82
N ILE C 47 2.96 4.21 -7.98
CA ILE C 47 2.70 3.25 -6.92
C ILE C 47 2.46 1.85 -7.49
N LEU C 48 1.64 1.78 -8.53
CA LEU C 48 1.35 0.50 -9.18
C LEU C 48 2.60 -0.06 -9.85
N THR C 49 3.41 0.83 -10.40
CA THR C 49 4.64 0.43 -11.07
C THR C 49 5.50 -0.41 -10.13
N LEU C 50 5.70 0.10 -8.92
CA LEU C 50 6.47 -0.61 -7.92
C LEU C 50 5.82 -1.95 -7.60
N GLN C 51 4.50 -1.91 -7.43
CA GLN C 51 3.74 -3.13 -7.14
C GLN C 51 3.92 -4.15 -8.26
N GLN C 52 4.07 -3.64 -9.48
CA GLN C 52 4.27 -4.50 -10.64
C GLN C 52 5.62 -5.21 -10.55
N SER C 53 6.61 -4.48 -10.04
CA SER C 53 7.95 -5.04 -9.89
C SER C 53 7.91 -6.24 -8.95
N ILE C 54 7.29 -6.06 -7.79
CA ILE C 54 7.17 -7.15 -6.83
C ILE C 54 6.42 -8.32 -7.45
N LYS C 55 5.45 -7.99 -8.30
CA LYS C 55 4.66 -9.01 -8.98
C LYS C 55 5.57 -9.94 -9.77
N GLN C 56 6.53 -9.35 -10.48
CA GLN C 56 7.48 -10.11 -11.26
C GLN C 56 8.32 -11.01 -10.36
N LEU C 57 8.71 -10.47 -9.21
CA LEU C 57 9.51 -11.21 -8.24
C LEU C 57 8.85 -12.54 -7.89
N LYS C 58 7.55 -12.48 -7.61
CA LYS C 58 6.79 -13.67 -7.26
C LYS C 58 6.79 -14.67 -8.42
N GLY C 59 6.44 -14.18 -9.61
CA GLY C 59 6.40 -15.05 -10.77
C GLY C 59 7.75 -15.70 -11.05
N GLN C 60 8.82 -15.06 -10.62
CA GLN C 60 10.16 -15.58 -10.83
C GLN C 60 10.53 -16.58 -9.73
N LEU C 61 10.23 -16.22 -8.49
CA LEU C 61 10.53 -17.08 -7.35
C LEU C 61 9.63 -18.32 -7.35
N SER C 62 10.25 -19.49 -7.27
CA SER C 62 9.51 -20.75 -7.25
C SER C 62 10.44 -21.93 -6.99
N ALA D 1 14.35 -16.27 3.78
CA ALA D 1 14.44 -14.82 3.89
C ALA D 1 13.20 -14.15 3.29
N VAL D 2 12.12 -14.14 4.06
CA VAL D 2 10.87 -13.53 3.61
C VAL D 2 9.86 -13.44 4.75
N LYS D 3 10.19 -12.66 5.77
CA LYS D 3 9.31 -12.49 6.92
C LYS D 3 8.31 -11.37 6.66
N ILE D 4 7.12 -11.49 7.26
CA ILE D 4 6.08 -10.48 7.09
C ILE D 4 6.11 -9.47 8.23
N LEU D 5 6.31 -9.97 9.44
CA LEU D 5 6.37 -9.14 10.63
C LEU D 5 4.99 -8.64 11.05
N GLU D 6 4.25 -8.06 10.12
CA GLU D 6 2.92 -7.55 10.40
C GLU D 6 3.00 -6.44 11.46
N ILE D 7 2.70 -5.22 11.07
CA ILE D 7 2.78 -4.09 11.99
C ILE D 7 1.93 -4.33 13.23
N GLU D 8 0.90 -5.16 13.13
CA GLU D 8 0.06 -5.43 14.28
C GLU D 8 0.86 -6.11 15.38
N ASP D 9 1.63 -7.12 14.99
CA ASP D 9 2.47 -7.83 15.95
C ASP D 9 3.71 -7.03 16.26
N LEU D 10 4.21 -6.30 15.25
CA LEU D 10 5.39 -5.46 15.42
C LEU D 10 5.04 -4.23 16.26
N PHE D 11 3.79 -3.80 16.18
CA PHE D 11 3.33 -2.64 16.95
C PHE D 11 3.20 -3.00 18.41
N SER D 12 2.51 -4.11 18.68
CA SER D 12 2.33 -4.58 20.04
C SER D 12 3.69 -4.87 20.66
N SER D 13 4.63 -5.30 19.82
CA SER D 13 5.98 -5.62 20.27
C SER D 13 6.67 -4.37 20.81
N LEU D 14 6.67 -3.28 20.03
CA LEU D 14 7.31 -2.05 20.46
C LEU D 14 6.71 -1.62 21.79
N LYS D 15 5.41 -1.82 21.94
CA LYS D 15 4.73 -1.46 23.17
C LYS D 15 5.34 -2.23 24.33
N HIS D 16 5.63 -3.50 24.11
CA HIS D 16 6.26 -4.34 25.12
C HIS D 16 7.68 -3.84 25.35
N ILE D 17 8.44 -3.73 24.27
CA ILE D 17 9.81 -3.26 24.31
C ILE D 17 9.90 -1.93 25.06
N GLN D 18 8.94 -1.06 24.83
CA GLN D 18 8.90 0.24 25.49
C GLN D 18 8.81 0.08 27.00
N HIS D 19 7.82 -0.69 27.45
CA HIS D 19 7.64 -0.93 28.88
C HIS D 19 8.61 -1.99 29.38
N THR D 20 9.38 -2.55 28.44
CA THR D 20 10.35 -3.58 28.76
C THR D 20 11.74 -2.98 28.93
N LEU D 21 12.03 -1.93 28.17
CA LEU D 21 13.32 -1.28 28.25
C LEU D 21 13.31 -0.20 29.34
N VAL D 22 12.28 0.64 29.31
CA VAL D 22 12.12 1.71 30.30
C VAL D 22 13.45 2.39 30.62
N ASP D 23 14.31 2.52 29.61
CA ASP D 23 15.60 3.15 29.78
C ASP D 23 15.56 4.61 29.32
N SER D 24 14.35 5.16 29.23
CA SER D 24 14.15 6.54 28.79
C SER D 24 14.56 6.72 27.33
N GLN D 25 15.87 6.65 27.08
CA GLN D 25 16.37 6.81 25.73
C GLN D 25 15.83 5.69 24.84
N SER D 26 15.58 4.54 25.45
CA SER D 26 15.05 3.40 24.74
C SER D 26 13.59 3.66 24.35
N GLN D 27 12.85 4.28 25.26
CA GLN D 27 11.44 4.59 25.01
C GLN D 27 11.35 5.57 23.84
N GLU D 28 12.34 6.44 23.73
CA GLU D 28 12.38 7.43 22.68
C GLU D 28 12.63 6.76 21.32
N ASP D 29 13.56 5.82 21.30
CA ASP D 29 13.88 5.10 20.09
C ASP D 29 12.72 4.18 19.74
N ILE D 30 12.17 3.55 20.77
CA ILE D 30 11.04 2.67 20.60
C ILE D 30 9.86 3.45 20.04
N SER D 31 9.60 4.59 20.68
CA SER D 31 8.50 5.45 20.25
C SER D 31 8.67 5.84 18.79
N LEU D 32 9.93 6.01 18.38
CA LEU D 32 10.23 6.36 17.00
C LEU D 32 9.69 5.30 16.06
N LEU D 33 10.02 4.04 16.35
CA LEU D 33 9.54 2.92 15.53
C LEU D 33 8.02 2.90 15.56
N LEU D 34 7.47 3.12 16.75
CA LEU D 34 6.04 3.13 16.94
C LEU D 34 5.39 4.18 16.05
N GLN D 35 5.93 5.40 16.09
CA GLN D 35 5.42 6.50 15.27
C GLN D 35 5.53 6.15 13.80
N LEU D 36 6.65 5.57 13.41
CA LEU D 36 6.88 5.17 12.04
C LEU D 36 5.84 4.13 11.64
N VAL D 37 5.60 3.21 12.57
CA VAL D 37 4.63 2.14 12.36
C VAL D 37 3.22 2.70 12.14
N GLN D 38 2.77 3.53 13.07
CA GLN D 38 1.44 4.12 13.00
C GLN D 38 1.29 5.07 11.80
N ASN D 39 2.41 5.54 11.26
CA ASN D 39 2.38 6.45 10.12
C ASN D 39 1.56 5.86 8.98
N LYS D 40 0.60 6.64 8.48
CA LYS D 40 -0.26 6.19 7.40
C LYS D 40 0.54 5.78 6.17
N ASP D 41 1.33 6.71 5.63
CA ASP D 41 2.14 6.43 4.45
C ASP D 41 3.07 5.25 4.69
N PHE D 42 3.74 5.24 5.85
CA PHE D 42 4.65 4.16 6.19
C PHE D 42 3.91 2.82 6.22
N GLN D 43 2.84 2.76 7.02
CA GLN D 43 2.05 1.54 7.13
C GLN D 43 1.57 1.08 5.75
N ASN D 44 1.35 2.05 4.87
CA ASN D 44 0.89 1.76 3.51
C ASN D 44 1.92 0.91 2.78
N ALA D 45 3.17 1.37 2.79
CA ALA D 45 4.26 0.65 2.13
C ALA D 45 4.49 -0.70 2.78
N PHE D 46 4.60 -0.70 4.10
CA PHE D 46 4.83 -1.93 4.85
C PHE D 46 3.72 -2.95 4.58
N LYS D 47 2.50 -2.45 4.40
CA LYS D 47 1.36 -3.32 4.13
C LYS D 47 1.48 -3.98 2.77
N ILE D 48 1.93 -3.23 1.77
CA ILE D 48 2.08 -3.76 0.42
C ILE D 48 3.05 -4.93 0.41
N HIS D 49 4.22 -4.74 1.01
CA HIS D 49 5.23 -5.77 1.07
C HIS D 49 4.75 -6.98 1.88
N ASN D 50 4.16 -6.71 3.03
CA ASN D 50 3.68 -7.78 3.90
C ASN D 50 2.70 -8.71 3.19
N ALA D 51 1.58 -8.16 2.71
CA ALA D 51 0.59 -8.97 2.02
C ALA D 51 1.16 -9.66 0.80
N ILE D 52 1.82 -8.90 -0.06
CA ILE D 52 2.42 -9.46 -1.27
C ILE D 52 3.41 -10.58 -0.93
N THR D 53 4.30 -10.32 0.02
CA THR D 53 5.29 -11.32 0.42
C THR D 53 4.57 -12.59 0.87
N VAL D 54 3.54 -12.41 1.67
CA VAL D 54 2.75 -13.53 2.17
C VAL D 54 2.26 -14.39 1.02
N HIS D 55 1.65 -13.75 0.03
CA HIS D 55 1.15 -14.46 -1.15
C HIS D 55 2.31 -15.08 -1.92
N MET D 56 3.47 -14.44 -1.85
CA MET D 56 4.66 -14.92 -2.54
C MET D 56 4.98 -16.35 -2.13
N ASN D 57 5.09 -16.57 -0.82
CA ASN D 57 5.40 -17.90 -0.29
C ASN D 57 4.20 -18.83 -0.44
N LYS D 58 3.00 -18.28 -0.39
CA LYS D 58 1.78 -19.07 -0.51
C LYS D 58 1.46 -19.35 -1.97
N ALA D 59 0.89 -18.36 -2.66
CA ALA D 59 0.52 -18.51 -4.06
C ALA D 59 1.75 -18.41 -4.95
N SER D 60 1.54 -18.48 -6.26
CA SER D 60 2.63 -18.40 -7.22
C SER D 60 3.03 -16.95 -7.47
N ASN A 1 14.04 15.08 6.11
CA ASN A 1 14.19 14.04 5.09
C ASN A 1 13.84 12.67 5.65
N PRO A 2 13.14 11.84 4.86
CA PRO A 2 12.74 10.49 5.28
C PRO A 2 13.93 9.56 5.46
N ALA A 3 14.99 9.80 4.69
CA ALA A 3 16.19 8.98 4.77
C ALA A 3 16.81 9.04 6.16
N ALA A 4 16.79 10.21 6.77
CA ALA A 4 17.34 10.40 8.11
C ALA A 4 16.57 9.56 9.12
N GLU A 5 15.25 9.52 8.98
CA GLU A 5 14.40 8.76 9.89
C GLU A 5 14.64 7.26 9.73
N LYS A 6 14.69 6.80 8.49
CA LYS A 6 14.91 5.39 8.20
C LYS A 6 16.28 4.94 8.71
N MET A 7 17.31 5.72 8.40
CA MET A 7 18.66 5.40 8.84
C MET A 7 18.71 5.36 10.37
N GLN A 8 18.00 6.28 10.99
CA GLN A 8 17.93 6.32 12.44
C GLN A 8 17.16 5.12 12.94
N VAL A 9 16.11 4.77 12.20
CA VAL A 9 15.28 3.63 12.51
C VAL A 9 16.11 2.36 12.53
N LEU A 10 16.90 2.17 11.47
CA LEU A 10 17.76 1.01 11.34
C LEU A 10 18.70 0.91 12.54
N GLN A 11 19.40 2.01 12.81
CA GLN A 11 20.33 2.05 13.93
C GLN A 11 19.56 1.92 15.24
N VAL A 12 18.31 2.35 15.22
CA VAL A 12 17.45 2.27 16.39
C VAL A 12 17.02 0.82 16.62
N LEU A 13 16.78 0.11 15.53
CA LEU A 13 16.37 -1.28 15.59
C LEU A 13 17.45 -2.15 16.21
N ASP A 14 18.70 -1.91 15.80
CA ASP A 14 19.83 -2.66 16.32
C ASP A 14 20.08 -2.31 17.78
N ARG A 15 20.02 -1.03 18.09
CA ARG A 15 20.25 -0.56 19.46
C ARG A 15 19.23 -1.13 20.42
N LEU A 16 17.95 -0.94 20.10
CA LEU A 16 16.87 -1.44 20.94
C LEU A 16 17.02 -2.93 21.19
N ARG A 17 17.07 -3.70 20.10
CA ARG A 17 17.20 -5.15 20.20
C ARG A 17 18.42 -5.53 21.04
N GLY A 18 19.45 -4.68 21.02
CA GLY A 18 20.64 -4.96 21.81
C GLY A 18 20.34 -4.89 23.30
N LYS A 19 19.63 -3.85 23.71
CA LYS A 19 19.26 -3.65 25.09
C LYS A 19 18.44 -4.84 25.60
N LEU A 20 17.56 -5.36 24.75
CA LEU A 20 16.73 -6.50 25.10
C LEU A 20 17.59 -7.73 25.34
N GLN A 21 18.50 -7.98 24.40
CA GLN A 21 19.41 -9.11 24.51
C GLN A 21 20.22 -9.03 25.79
N GLU A 22 20.43 -7.80 26.28
CA GLU A 22 21.17 -7.58 27.51
C GLU A 22 20.27 -7.76 28.72
N LYS A 23 19.01 -7.36 28.56
CA LYS A 23 18.03 -7.46 29.63
C LYS A 23 17.49 -8.89 29.76
N GLY A 24 17.43 -9.59 28.64
CA GLY A 24 16.93 -10.95 28.65
C GLY A 24 15.66 -11.12 27.83
N ASP A 25 15.44 -10.18 26.91
CA ASP A 25 14.27 -10.23 26.04
C ASP A 25 14.68 -10.49 24.61
N THR A 26 14.95 -11.75 24.29
CA THR A 26 15.35 -12.14 22.96
C THR A 26 14.13 -12.48 22.11
N THR A 27 12.96 -12.18 22.65
CA THR A 27 11.71 -12.44 21.96
C THR A 27 11.36 -11.28 21.03
N GLN A 28 11.54 -10.06 21.52
CA GLN A 28 11.27 -8.87 20.74
C GLN A 28 12.37 -8.63 19.72
N ASN A 29 13.56 -9.13 20.02
CA ASN A 29 14.71 -8.97 19.12
C ASN A 29 14.37 -9.52 17.73
N GLU A 30 13.64 -10.62 17.70
CA GLU A 30 13.24 -11.24 16.44
C GLU A 30 12.45 -10.25 15.60
N LYS A 31 11.69 -9.39 16.26
CA LYS A 31 10.89 -8.38 15.58
C LYS A 31 11.79 -7.26 15.05
N LEU A 32 12.78 -6.89 15.85
CA LEU A 32 13.71 -5.84 15.47
C LEU A 32 14.57 -6.29 14.30
N SER A 33 14.90 -7.57 14.28
CA SER A 33 15.71 -8.13 13.21
C SER A 33 14.86 -8.33 11.96
N ALA A 34 13.56 -8.58 12.17
CA ALA A 34 12.62 -8.79 11.09
C ALA A 34 12.30 -7.46 10.41
N PHE A 35 12.06 -6.43 11.21
CA PHE A 35 11.74 -5.11 10.69
C PHE A 35 12.98 -4.45 10.11
N TYR A 36 14.08 -4.53 10.85
CA TYR A 36 15.35 -3.96 10.43
C TYR A 36 15.78 -4.52 9.08
N GLU A 37 15.85 -5.84 8.99
CA GLU A 37 16.25 -6.50 7.74
C GLU A 37 15.30 -6.10 6.61
N THR A 38 13.99 -6.24 6.86
CA THR A 38 13.00 -5.88 5.87
C THR A 38 13.19 -4.44 5.42
N LEU A 39 13.56 -3.57 6.38
CA LEU A 39 13.80 -2.18 6.09
C LEU A 39 14.97 -2.03 5.11
N LYS A 40 15.93 -2.95 5.21
CA LYS A 40 17.10 -2.93 4.34
C LYS A 40 16.72 -3.34 2.93
N SER A 41 15.75 -4.25 2.83
CA SER A 41 15.29 -4.75 1.54
C SER A 41 15.05 -3.60 0.55
N PRO A 42 15.50 -3.74 -0.70
CA PRO A 42 15.33 -2.71 -1.73
C PRO A 42 13.88 -2.59 -2.18
N LEU A 43 13.24 -3.73 -2.37
CA LEU A 43 11.85 -3.78 -2.80
C LEU A 43 10.96 -3.03 -1.80
N PHE A 44 11.03 -3.43 -0.55
CA PHE A 44 10.26 -2.79 0.50
C PHE A 44 10.61 -1.31 0.57
N ASN A 45 11.90 -1.01 0.43
CA ASN A 45 12.38 0.36 0.45
C ASN A 45 11.67 1.20 -0.59
N GLN A 46 11.50 0.63 -1.79
CA GLN A 46 10.81 1.32 -2.87
C GLN A 46 9.38 1.64 -2.47
N ILE A 47 8.76 0.72 -1.73
CA ILE A 47 7.39 0.91 -1.28
C ILE A 47 7.29 2.10 -0.32
N LEU A 48 8.27 2.21 0.58
CA LEU A 48 8.28 3.30 1.55
C LEU A 48 8.68 4.62 0.90
N THR A 49 9.72 4.61 0.07
CA THR A 49 10.17 5.83 -0.60
C THR A 49 9.00 6.47 -1.33
N LEU A 50 8.21 5.64 -1.99
CA LEU A 50 7.04 6.12 -2.72
C LEU A 50 6.04 6.74 -1.75
N GLN A 51 5.74 6.01 -0.68
CA GLN A 51 4.81 6.50 0.33
C GLN A 51 5.32 7.81 0.93
N GLN A 52 6.64 7.92 1.05
CA GLN A 52 7.26 9.12 1.59
C GLN A 52 6.96 10.31 0.69
N SER A 53 7.00 10.08 -0.61
CA SER A 53 6.71 11.12 -1.58
C SER A 53 5.29 11.63 -1.38
N ILE A 54 4.37 10.70 -1.17
CA ILE A 54 2.98 11.04 -0.94
C ILE A 54 2.84 11.91 0.30
N LYS A 55 3.67 11.63 1.30
CA LYS A 55 3.66 12.40 2.53
C LYS A 55 3.99 13.86 2.24
N GLN A 56 5.00 14.07 1.39
CA GLN A 56 5.40 15.41 1.01
C GLN A 56 4.24 16.14 0.34
N LEU A 57 3.50 15.41 -0.48
CA LEU A 57 2.34 15.97 -1.17
C LEU A 57 1.35 16.55 -0.18
N LYS A 58 1.08 15.78 0.87
CA LYS A 58 0.13 16.21 1.90
C LYS A 58 0.59 17.52 2.54
N GLY A 59 1.86 17.59 2.92
CA GLY A 59 2.39 18.79 3.52
C GLY A 59 2.34 19.99 2.60
N GLN A 60 2.76 19.79 1.35
CA GLN A 60 2.75 20.87 0.37
C GLN A 60 1.33 21.32 0.05
N LEU A 61 0.47 20.38 -0.29
CA LEU A 61 -0.91 20.67 -0.61
C LEU A 61 -1.60 21.46 0.51
N SER A 62 -2.89 21.69 0.37
CA SER A 62 -3.65 22.43 1.37
C SER A 62 -3.22 23.90 1.40
N ALA B 1 -11.43 19.12 -3.60
CA ALA B 1 -10.23 19.02 -4.41
C ALA B 1 -9.52 17.68 -4.16
N VAL B 2 -10.15 16.60 -4.59
CA VAL B 2 -9.59 15.27 -4.41
C VAL B 2 -10.51 14.21 -5.00
N LYS B 3 -11.68 14.05 -4.39
CA LYS B 3 -12.65 13.07 -4.85
C LYS B 3 -12.06 11.66 -4.87
N ILE B 4 -12.54 10.81 -3.95
CA ILE B 4 -12.06 9.45 -3.86
C ILE B 4 -12.92 8.51 -4.72
N LEU B 5 -12.74 7.21 -4.51
CA LEU B 5 -13.51 6.22 -5.25
C LEU B 5 -13.87 5.03 -4.38
N GLU B 6 -12.93 4.63 -3.52
CA GLU B 6 -13.15 3.49 -2.62
C GLU B 6 -13.51 2.23 -3.42
N ILE B 7 -12.58 1.28 -3.48
CA ILE B 7 -12.80 0.04 -4.22
C ILE B 7 -14.10 -0.63 -3.82
N GLU B 8 -14.55 -0.40 -2.59
CA GLU B 8 -15.78 -1.03 -2.14
C GLU B 8 -16.96 -0.53 -2.95
N ASP B 9 -17.00 0.77 -3.20
CA ASP B 9 -18.07 1.36 -3.99
C ASP B 9 -17.80 1.16 -5.46
N LEU B 10 -16.52 1.22 -5.83
CA LEU B 10 -16.12 1.04 -7.21
C LEU B 10 -16.26 -0.42 -7.62
N PHE B 11 -16.08 -1.32 -6.65
CA PHE B 11 -16.21 -2.76 -6.90
C PHE B 11 -17.67 -3.13 -7.08
N SER B 12 -18.50 -2.70 -6.14
CA SER B 12 -19.92 -2.98 -6.22
C SER B 12 -20.50 -2.33 -7.47
N SER B 13 -19.90 -1.22 -7.86
CA SER B 13 -20.32 -0.50 -9.06
C SER B 13 -20.13 -1.36 -10.29
N LEU B 14 -18.92 -1.92 -10.46
CA LEU B 14 -18.64 -2.76 -11.63
C LEU B 14 -19.64 -3.89 -11.68
N LYS B 15 -19.99 -4.41 -10.51
CA LYS B 15 -20.97 -5.49 -10.43
C LYS B 15 -22.29 -5.02 -11.05
N HIS B 16 -22.64 -3.77 -10.78
CA HIS B 16 -23.84 -3.18 -11.32
C HIS B 16 -23.67 -2.99 -12.82
N ILE B 17 -22.57 -2.34 -13.19
CA ILE B 17 -22.23 -2.08 -14.58
C ILE B 17 -22.29 -3.36 -15.40
N GLN B 18 -21.79 -4.45 -14.82
CA GLN B 18 -21.79 -5.74 -15.49
C GLN B 18 -23.21 -6.19 -15.82
N HIS B 19 -24.08 -6.19 -14.81
CA HIS B 19 -25.47 -6.59 -15.01
C HIS B 19 -26.27 -5.44 -15.60
N THR B 20 -25.62 -4.28 -15.74
CA THR B 20 -26.26 -3.11 -16.29
C THR B 20 -25.95 -2.97 -17.78
N LEU B 21 -24.76 -3.44 -18.17
CA LEU B 21 -24.35 -3.37 -19.57
C LEU B 21 -24.73 -4.67 -20.29
N VAL B 22 -24.31 -5.79 -19.71
CA VAL B 22 -24.61 -7.11 -20.27
C VAL B 22 -24.46 -7.13 -21.78
N ASP B 23 -23.49 -6.39 -22.29
CA ASP B 23 -23.24 -6.33 -23.73
C ASP B 23 -22.11 -7.28 -24.12
N SER B 24 -21.85 -8.27 -23.27
CA SER B 24 -20.79 -9.24 -23.52
C SER B 24 -19.43 -8.58 -23.47
N GLN B 25 -19.12 -7.77 -24.48
CA GLN B 25 -17.84 -7.07 -24.52
C GLN B 25 -17.68 -6.18 -23.30
N SER B 26 -18.80 -5.66 -22.82
CA SER B 26 -18.80 -4.80 -21.64
C SER B 26 -18.46 -5.61 -20.39
N GLN B 27 -18.99 -6.83 -20.31
CA GLN B 27 -18.74 -7.69 -19.17
C GLN B 27 -17.26 -8.04 -19.07
N GLU B 28 -16.63 -8.21 -20.23
CA GLU B 28 -15.21 -8.53 -20.30
C GLU B 28 -14.37 -7.33 -19.84
N ASP B 29 -14.79 -6.15 -20.25
CA ASP B 29 -14.09 -4.92 -19.87
C ASP B 29 -14.33 -4.66 -18.40
N ILE B 30 -15.58 -4.84 -17.99
CA ILE B 30 -15.97 -4.67 -16.61
C ILE B 30 -15.19 -5.62 -15.73
N SER B 31 -15.16 -6.88 -16.14
CA SER B 31 -14.42 -7.91 -15.41
C SER B 31 -12.95 -7.51 -15.28
N LEU B 32 -12.44 -6.84 -16.31
CA LEU B 32 -11.07 -6.38 -16.31
C LEU B 32 -10.83 -5.49 -15.10
N LEU B 33 -11.70 -4.49 -14.92
CA LEU B 33 -11.58 -3.58 -13.79
C LEU B 33 -11.78 -4.37 -12.50
N LEU B 34 -12.77 -5.26 -12.52
CA LEU B 34 -13.07 -6.10 -11.36
C LEU B 34 -11.83 -6.88 -10.93
N GLN B 35 -11.11 -7.42 -11.90
CA GLN B 35 -9.91 -8.20 -11.62
C GLN B 35 -8.86 -7.33 -10.94
N LEU B 36 -8.57 -6.19 -11.54
CA LEU B 36 -7.59 -5.26 -10.99
C LEU B 36 -8.01 -4.82 -9.59
N VAL B 37 -9.26 -4.38 -9.49
CA VAL B 37 -9.81 -3.91 -8.23
C VAL B 37 -9.71 -4.99 -7.14
N GLN B 38 -9.92 -6.25 -7.54
CA GLN B 38 -9.85 -7.35 -6.58
C GLN B 38 -8.44 -7.90 -6.44
N ASN B 39 -7.52 -7.42 -7.28
CA ASN B 39 -6.13 -7.88 -7.21
C ASN B 39 -5.50 -7.48 -5.88
N LYS B 40 -4.78 -8.42 -5.27
CA LYS B 40 -4.13 -8.17 -3.98
C LYS B 40 -3.19 -6.96 -4.06
N ASP B 41 -2.22 -7.02 -4.96
CA ASP B 41 -1.25 -5.93 -5.12
C ASP B 41 -1.95 -4.64 -5.54
N PHE B 42 -2.83 -4.74 -6.53
CA PHE B 42 -3.55 -3.58 -7.03
C PHE B 42 -4.33 -2.89 -5.91
N GLN B 43 -5.19 -3.66 -5.23
CA GLN B 43 -5.99 -3.13 -4.14
C GLN B 43 -5.09 -2.47 -3.08
N ASN B 44 -3.90 -3.02 -2.91
CA ASN B 44 -2.95 -2.49 -1.93
C ASN B 44 -2.56 -1.06 -2.29
N ALA B 45 -2.16 -0.87 -3.54
CA ALA B 45 -1.77 0.46 -4.02
C ALA B 45 -2.92 1.44 -3.90
N PHE B 46 -4.11 0.98 -4.28
CA PHE B 46 -5.30 1.81 -4.21
C PHE B 46 -5.62 2.21 -2.77
N LYS B 47 -5.42 1.28 -1.85
CA LYS B 47 -5.67 1.54 -0.44
C LYS B 47 -4.78 2.66 0.06
N ILE B 48 -3.53 2.67 -0.42
CA ILE B 48 -2.57 3.69 -0.01
C ILE B 48 -3.03 5.07 -0.48
N HIS B 49 -3.39 5.17 -1.75
CA HIS B 49 -3.83 6.43 -2.32
C HIS B 49 -5.16 6.86 -1.73
N ASN B 50 -6.09 5.93 -1.60
CA ASN B 50 -7.42 6.21 -1.06
C ASN B 50 -7.34 6.87 0.32
N ALA B 51 -6.73 6.18 1.27
CA ALA B 51 -6.61 6.71 2.63
C ALA B 51 -5.78 7.99 2.67
N ILE B 52 -4.59 7.94 2.08
CA ILE B 52 -3.71 9.10 2.07
C ILE B 52 -4.38 10.31 1.42
N THR B 53 -5.07 10.08 0.29
CA THR B 53 -5.77 11.15 -0.40
C THR B 53 -6.80 11.77 0.53
N VAL B 54 -7.56 10.90 1.21
CA VAL B 54 -8.58 11.33 2.14
C VAL B 54 -7.98 12.25 3.19
N HIS B 55 -6.83 11.85 3.74
CA HIS B 55 -6.15 12.65 4.74
C HIS B 55 -5.71 13.98 4.13
N MET B 56 -5.35 13.93 2.85
CA MET B 56 -4.91 15.12 2.13
C MET B 56 -6.00 16.19 2.15
N ASN B 57 -7.25 15.75 1.97
CA ASN B 57 -8.39 16.66 1.98
C ASN B 57 -8.70 17.12 3.40
N LYS B 58 -8.50 16.23 4.37
CA LYS B 58 -8.77 16.54 5.77
C LYS B 58 -7.68 17.46 6.33
N ALA B 59 -6.46 17.32 5.82
CA ALA B 59 -5.35 18.14 6.28
C ALA B 59 -5.08 17.92 7.76
N SER B 60 -4.24 16.94 8.06
CA SER B 60 -3.90 16.63 9.44
C SER B 60 -3.01 17.71 10.05
N ASN C 1 2.74 -7.20 -21.34
CA ASN C 1 3.08 -5.82 -21.01
C ASN C 1 2.10 -5.24 -20.00
N PRO C 2 2.61 -4.76 -18.85
CA PRO C 2 1.77 -4.18 -17.80
C PRO C 2 1.08 -2.90 -18.26
N ALA C 3 1.71 -2.19 -19.18
CA ALA C 3 1.16 -0.95 -19.69
C ALA C 3 -0.06 -1.21 -20.58
N ALA C 4 -0.06 -2.35 -21.25
CA ALA C 4 -1.16 -2.73 -22.12
C ALA C 4 -2.47 -2.82 -21.34
N GLU C 5 -2.42 -3.46 -20.19
CA GLU C 5 -3.60 -3.62 -19.34
C GLU C 5 -4.13 -2.26 -18.89
N LYS C 6 -3.23 -1.44 -18.37
CA LYS C 6 -3.61 -0.10 -17.90
C LYS C 6 -4.20 0.72 -19.04
N MET C 7 -3.56 0.65 -20.21
CA MET C 7 -4.04 1.39 -21.38
C MET C 7 -5.43 0.93 -21.75
N GLN C 8 -5.62 -0.39 -21.78
CA GLN C 8 -6.92 -0.96 -22.10
C GLN C 8 -7.92 -0.59 -21.00
N VAL C 9 -7.43 -0.55 -19.76
CA VAL C 9 -8.26 -0.21 -18.62
C VAL C 9 -8.86 1.18 -18.78
N LEU C 10 -8.00 2.17 -18.98
CA LEU C 10 -8.46 3.55 -19.16
C LEU C 10 -9.49 3.61 -20.29
N GLN C 11 -9.22 2.87 -21.36
CA GLN C 11 -10.12 2.81 -22.50
C GLN C 11 -11.38 2.05 -22.12
N VAL C 12 -11.23 1.12 -21.17
CA VAL C 12 -12.35 0.33 -20.69
C VAL C 12 -13.27 1.17 -19.82
N LEU C 13 -12.66 2.01 -19.00
CA LEU C 13 -13.40 2.89 -18.10
C LEU C 13 -14.23 3.89 -18.89
N ASP C 14 -13.65 4.42 -19.96
CA ASP C 14 -14.34 5.40 -20.79
C ASP C 14 -15.46 4.73 -21.57
N ARG C 15 -15.21 3.54 -22.08
CA ARG C 15 -16.19 2.79 -22.85
C ARG C 15 -17.35 2.37 -21.96
N LEU C 16 -17.05 1.69 -20.86
CA LEU C 16 -18.07 1.24 -19.94
C LEU C 16 -18.95 2.39 -19.49
N ARG C 17 -18.32 3.41 -18.91
CA ARG C 17 -19.02 4.59 -18.42
C ARG C 17 -19.87 5.20 -19.54
N GLY C 18 -19.38 5.08 -20.77
CA GLY C 18 -20.11 5.64 -21.90
C GLY C 18 -21.44 4.93 -22.10
N LYS C 19 -21.41 3.60 -22.08
CA LYS C 19 -22.62 2.82 -22.25
C LYS C 19 -23.63 3.13 -21.15
N LEU C 20 -23.13 3.40 -19.95
CA LEU C 20 -23.99 3.72 -18.82
C LEU C 20 -24.72 5.03 -19.08
N GLN C 21 -23.96 6.05 -19.46
CA GLN C 21 -24.53 7.36 -19.76
C GLN C 21 -25.58 7.24 -20.85
N GLU C 22 -25.40 6.24 -21.72
CA GLU C 22 -26.33 6.01 -22.81
C GLU C 22 -27.55 5.22 -22.32
N LYS C 23 -27.33 4.35 -21.34
CA LYS C 23 -28.39 3.54 -20.78
C LYS C 23 -29.23 4.33 -19.78
N GLY C 24 -28.58 5.25 -19.08
CA GLY C 24 -29.27 6.06 -18.09
C GLY C 24 -28.74 5.84 -16.68
N ASP C 25 -27.51 5.33 -16.59
CA ASP C 25 -26.88 5.09 -15.31
C ASP C 25 -25.64 5.95 -15.16
N THR C 26 -25.83 7.20 -14.76
CA THR C 26 -24.73 8.12 -14.57
C THR C 26 -24.21 8.04 -13.15
N THR C 27 -24.69 7.04 -12.41
CA THR C 27 -24.30 6.83 -11.03
C THR C 27 -22.93 6.16 -10.96
N GLN C 28 -22.79 5.06 -11.68
CA GLN C 28 -21.53 4.32 -11.72
C GLN C 28 -20.49 5.07 -12.55
N ASN C 29 -20.98 5.89 -13.48
CA ASN C 29 -20.10 6.67 -14.34
C ASN C 29 -19.09 7.46 -13.51
N GLU C 30 -19.57 8.03 -12.41
CA GLU C 30 -18.70 8.80 -11.52
C GLU C 30 -17.55 7.94 -11.03
N LYS C 31 -17.82 6.65 -10.86
CA LYS C 31 -16.81 5.71 -10.40
C LYS C 31 -15.77 5.48 -11.50
N LEU C 32 -16.24 5.36 -12.73
CA LEU C 32 -15.35 5.14 -13.87
C LEU C 32 -14.49 6.36 -14.10
N SER C 33 -15.03 7.53 -13.78
CA SER C 33 -14.31 8.78 -13.94
C SER C 33 -13.31 8.94 -12.80
N ALA C 34 -13.69 8.44 -11.63
CA ALA C 34 -12.84 8.50 -10.46
C ALA C 34 -11.67 7.53 -10.59
N PHE C 35 -11.98 6.31 -11.02
CA PHE C 35 -10.96 5.29 -11.20
C PHE C 35 -10.04 5.64 -12.36
N TYR C 36 -10.66 5.99 -13.49
CA TYR C 36 -9.94 6.36 -14.69
C TYR C 36 -8.94 7.49 -14.42
N GLU C 37 -9.42 8.58 -13.83
CA GLU C 37 -8.57 9.71 -13.52
C GLU C 37 -7.45 9.30 -12.56
N THR C 38 -7.82 8.52 -11.54
CA THR C 38 -6.84 8.06 -10.56
C THR C 38 -5.74 7.24 -11.24
N LEU C 39 -6.14 6.39 -12.18
CA LEU C 39 -5.19 5.55 -12.91
C LEU C 39 -4.21 6.41 -13.68
N LYS C 40 -4.70 7.56 -14.16
CA LYS C 40 -3.87 8.49 -14.91
C LYS C 40 -2.88 9.21 -14.01
N SER C 41 -3.29 9.41 -12.75
CA SER C 41 -2.45 10.10 -11.77
C SER C 41 -1.03 9.53 -11.77
N PRO C 42 -0.01 10.41 -11.86
CA PRO C 42 1.39 9.99 -11.86
C PRO C 42 1.75 9.26 -10.58
N LEU C 43 1.35 9.83 -9.46
CA LEU C 43 1.62 9.26 -8.15
C LEU C 43 1.04 7.84 -8.06
N PHE C 44 -0.24 7.71 -8.37
CA PHE C 44 -0.90 6.41 -8.34
C PHE C 44 -0.19 5.43 -9.25
N ASN C 45 0.14 5.87 -10.46
CA ASN C 45 0.84 5.02 -11.42
C ASN C 45 2.12 4.47 -10.83
N GLN C 46 2.78 5.28 -9.99
CA GLN C 46 4.02 4.87 -9.35
C GLN C 46 3.75 3.75 -8.35
N ILE C 47 2.64 3.86 -7.64
CA ILE C 47 2.27 2.85 -6.65
C ILE C 47 2.01 1.50 -7.31
N LEU C 48 1.28 1.51 -8.42
CA LEU C 48 0.97 0.29 -9.14
C LEU C 48 2.22 -0.28 -9.80
N THR C 49 3.04 0.60 -10.39
CA THR C 49 4.27 0.17 -11.04
C THR C 49 5.12 -0.65 -10.08
N LEU C 50 5.31 -0.13 -8.88
CA LEU C 50 6.10 -0.82 -7.85
C LEU C 50 5.48 -2.19 -7.56
N GLN C 51 4.18 -2.20 -7.28
CA GLN C 51 3.48 -3.45 -6.98
C GLN C 51 3.55 -4.38 -8.18
N GLN C 52 3.59 -3.80 -9.37
CA GLN C 52 3.66 -4.59 -10.60
C GLN C 52 4.95 -5.40 -10.62
N SER C 53 6.03 -4.77 -10.16
CA SER C 53 7.32 -5.44 -10.11
C SER C 53 7.27 -6.60 -9.12
N ILE C 54 6.66 -6.34 -7.97
CA ILE C 54 6.52 -7.36 -6.94
C ILE C 54 5.74 -8.55 -7.47
N LYS C 55 4.66 -8.27 -8.19
CA LYS C 55 3.84 -9.32 -8.78
C LYS C 55 4.66 -10.19 -9.71
N GLN C 56 5.55 -9.55 -10.47
CA GLN C 56 6.42 -10.26 -11.40
C GLN C 56 7.30 -11.24 -10.64
N LEU C 57 7.80 -10.81 -9.48
CA LEU C 57 8.66 -11.65 -8.66
C LEU C 57 7.94 -12.94 -8.29
N LYS C 58 6.70 -12.81 -7.82
CA LYS C 58 5.90 -13.96 -7.42
C LYS C 58 5.78 -14.95 -8.58
N GLY C 59 5.21 -14.50 -9.69
CA GLY C 59 5.05 -15.37 -10.85
C GLY C 59 6.36 -15.97 -11.32
N GLN C 60 7.35 -15.12 -11.57
CA GLN C 60 8.66 -15.58 -12.04
C GLN C 60 9.28 -16.55 -11.05
N LEU C 61 9.08 -16.28 -9.75
CA LEU C 61 9.63 -17.13 -8.71
C LEU C 61 8.73 -18.34 -8.45
N SER C 62 9.34 -19.52 -8.40
CA SER C 62 8.60 -20.76 -8.17
C SER C 62 9.55 -21.95 -8.11
N ALA D 1 13.06 -18.34 4.67
CA ALA D 1 11.79 -17.64 4.68
C ALA D 1 11.96 -16.19 4.23
N VAL D 2 11.03 -15.33 4.62
CA VAL D 2 11.07 -13.94 4.25
C VAL D 2 10.76 -13.02 5.44
N LYS D 3 10.35 -13.60 6.56
CA LYS D 3 10.02 -12.83 7.76
C LYS D 3 9.01 -11.74 7.45
N ILE D 4 7.75 -11.98 7.80
CA ILE D 4 6.69 -11.01 7.57
C ILE D 4 6.61 -10.00 8.70
N LEU D 5 6.93 -10.44 9.91
CA LEU D 5 6.93 -9.58 11.09
C LEU D 5 5.51 -9.17 11.50
N GLU D 6 4.75 -8.64 10.56
CA GLU D 6 3.38 -8.21 10.84
C GLU D 6 3.40 -7.08 11.87
N ILE D 7 2.99 -5.89 11.45
CA ILE D 7 2.98 -4.73 12.34
C ILE D 7 2.22 -5.01 13.63
N GLU D 8 1.28 -5.95 13.59
CA GLU D 8 0.51 -6.26 14.78
C GLU D 8 1.42 -6.83 15.86
N ASP D 9 2.27 -7.77 15.47
CA ASP D 9 3.21 -8.38 16.40
C ASP D 9 4.39 -7.44 16.64
N LEU D 10 4.77 -6.72 15.58
CA LEU D 10 5.88 -5.77 15.67
C LEU D 10 5.46 -4.54 16.47
N PHE D 11 4.18 -4.20 16.41
CA PHE D 11 3.65 -3.05 17.16
C PHE D 11 3.59 -3.38 18.64
N SER D 12 3.04 -4.56 18.95
CA SER D 12 2.95 -5.00 20.33
C SER D 12 4.34 -5.16 20.91
N SER D 13 5.29 -5.50 20.04
CA SER D 13 6.68 -5.66 20.45
C SER D 13 7.25 -4.35 20.96
N LEU D 14 7.14 -3.30 20.15
CA LEU D 14 7.64 -1.98 20.55
C LEU D 14 7.01 -1.56 21.86
N LYS D 15 5.74 -1.93 22.03
CA LYS D 15 5.03 -1.59 23.27
C LYS D 15 5.75 -2.21 24.45
N HIS D 16 6.15 -3.46 24.31
CA HIS D 16 6.90 -4.15 25.37
C HIS D 16 8.26 -3.49 25.51
N ILE D 17 8.98 -3.43 24.40
CA ILE D 17 10.30 -2.81 24.36
C ILE D 17 10.27 -1.41 24.98
N GLN D 18 9.14 -0.73 24.80
CA GLN D 18 8.99 0.62 25.34
C GLN D 18 9.01 0.59 26.87
N HIS D 19 8.25 -0.32 27.46
CA HIS D 19 8.18 -0.46 28.91
C HIS D 19 9.39 -1.22 29.43
N THR D 20 10.02 -1.99 28.53
CA THR D 20 11.19 -2.77 28.89
C THR D 20 12.44 -1.91 28.78
N LEU D 21 12.44 -0.99 27.83
CA LEU D 21 13.57 -0.09 27.65
C LEU D 21 13.21 1.27 28.19
N VAL D 22 13.41 1.42 29.49
CA VAL D 22 13.10 2.66 30.19
C VAL D 22 14.35 3.51 30.37
N ASP D 23 15.22 3.49 29.36
CA ASP D 23 16.43 4.28 29.40
C ASP D 23 16.22 5.66 28.76
N SER D 24 14.96 6.01 28.55
CA SER D 24 14.61 7.31 27.96
C SER D 24 14.95 7.34 26.48
N GLN D 25 16.24 7.34 26.17
CA GLN D 25 16.68 7.36 24.77
C GLN D 25 16.16 6.14 24.04
N SER D 26 16.01 5.05 24.76
CA SER D 26 15.51 3.81 24.19
C SER D 26 14.02 3.91 23.93
N GLN D 27 13.27 4.39 24.93
CA GLN D 27 11.82 4.53 24.79
C GLN D 27 11.48 5.58 23.73
N GLU D 28 12.35 6.58 23.60
CA GLU D 28 12.13 7.63 22.60
C GLU D 28 12.39 7.06 21.20
N ASP D 29 13.38 6.19 21.11
CA ASP D 29 13.72 5.54 19.85
C ASP D 29 12.62 4.56 19.50
N ILE D 30 12.15 3.85 20.53
CA ILE D 30 11.08 2.88 20.36
C ILE D 30 9.84 3.59 19.86
N SER D 31 9.49 4.68 20.55
CA SER D 31 8.32 5.47 20.19
C SER D 31 8.39 5.88 18.73
N LEU D 32 9.60 6.21 18.26
CA LEU D 32 9.80 6.60 16.89
C LEU D 32 9.38 5.46 15.95
N LEU D 33 9.77 4.24 16.30
CA LEU D 33 9.39 3.08 15.50
C LEU D 33 7.89 2.92 15.56
N LEU D 34 7.34 3.12 16.76
CA LEU D 34 5.91 3.01 16.98
C LEU D 34 5.16 4.01 16.11
N GLN D 35 5.68 5.23 16.04
CA GLN D 35 5.06 6.27 15.23
C GLN D 35 5.04 5.85 13.76
N LEU D 36 6.11 5.17 13.35
CA LEU D 36 6.22 4.68 11.98
C LEU D 36 5.25 3.53 11.76
N VAL D 37 5.26 2.60 12.72
CA VAL D 37 4.40 1.43 12.67
C VAL D 37 2.93 1.81 12.70
N GLN D 38 2.61 2.84 13.47
CA GLN D 38 1.22 3.30 13.60
C GLN D 38 0.85 4.25 12.47
N ASN D 39 1.85 4.81 11.80
CA ASN D 39 1.62 5.74 10.69
C ASN D 39 0.69 5.11 9.66
N LYS D 40 -0.18 5.93 9.07
CA LYS D 40 -1.13 5.44 8.08
C LYS D 40 -0.42 5.00 6.81
N ASP D 41 0.32 5.91 6.18
CA ASP D 41 1.05 5.60 4.96
C ASP D 41 2.01 4.44 5.18
N PHE D 42 2.81 4.52 6.23
CA PHE D 42 3.76 3.47 6.55
C PHE D 42 3.05 2.13 6.69
N GLN D 43 2.00 2.10 7.51
CA GLN D 43 1.23 0.88 7.73
C GLN D 43 0.80 0.27 6.40
N ASN D 44 0.48 1.12 5.43
CA ASN D 44 0.06 0.67 4.12
C ASN D 44 1.21 0.00 3.38
N ALA D 45 2.35 0.67 3.33
CA ALA D 45 3.53 0.14 2.65
C ALA D 45 3.92 -1.22 3.23
N PHE D 46 4.01 -1.29 4.55
CA PHE D 46 4.38 -2.52 5.23
C PHE D 46 3.32 -3.59 4.99
N LYS D 47 2.06 -3.18 4.90
CA LYS D 47 0.97 -4.11 4.66
C LYS D 47 1.07 -4.75 3.28
N ILE D 48 1.52 -3.95 2.30
CA ILE D 48 1.68 -4.45 0.95
C ILE D 48 2.75 -5.53 0.89
N HIS D 49 3.91 -5.22 1.47
CA HIS D 49 5.01 -6.16 1.48
C HIS D 49 4.67 -7.40 2.31
N ASN D 50 4.02 -7.17 3.45
CA ASN D 50 3.65 -8.26 4.34
C ASN D 50 2.82 -9.34 3.63
N ALA D 51 1.67 -8.96 3.09
CA ALA D 51 0.80 -9.90 2.41
C ALA D 51 1.45 -10.43 1.13
N ILE D 52 1.94 -9.54 0.29
CA ILE D 52 2.58 -9.95 -0.96
C ILE D 52 3.75 -10.88 -0.70
N THR D 53 4.53 -10.60 0.34
CA THR D 53 5.67 -11.45 0.68
C THR D 53 5.17 -12.85 1.02
N VAL D 54 4.12 -12.90 1.82
CA VAL D 54 3.51 -14.15 2.24
C VAL D 54 3.15 -15.00 1.02
N HIS D 55 2.47 -14.37 0.06
CA HIS D 55 2.08 -15.06 -1.16
C HIS D 55 3.32 -15.49 -1.93
N MET D 56 4.37 -14.68 -1.84
CA MET D 56 5.62 -14.98 -2.51
C MET D 56 6.21 -16.30 -2.02
N ASN D 57 6.19 -16.47 -0.70
CA ASN D 57 6.70 -17.69 -0.08
C ASN D 57 5.86 -18.90 -0.48
N LYS D 58 4.55 -18.70 -0.57
CA LYS D 58 3.64 -19.77 -0.95
C LYS D 58 3.79 -20.12 -2.42
N ALA D 59 3.29 -19.25 -3.29
CA ALA D 59 3.37 -19.46 -4.72
C ALA D 59 2.69 -20.77 -5.13
N SER D 60 1.44 -20.67 -5.55
CA SER D 60 0.68 -21.84 -5.97
C SER D 60 -0.46 -21.46 -6.91
N ASN A 1 17.18 14.82 5.96
CA ASN A 1 16.91 13.83 4.93
C ASN A 1 16.15 12.64 5.49
N PRO A 2 15.15 12.13 4.74
CA PRO A 2 14.35 10.98 5.18
C PRO A 2 15.20 9.79 5.58
N ALA A 3 16.40 9.70 4.98
CA ALA A 3 17.31 8.61 5.28
C ALA A 3 17.82 8.68 6.71
N ALA A 4 17.90 9.90 7.25
CA ALA A 4 18.37 10.11 8.61
C ALA A 4 17.49 9.36 9.61
N GLU A 5 16.18 9.40 9.38
CA GLU A 5 15.23 8.73 10.25
C GLU A 5 15.37 7.21 10.15
N LYS A 6 15.25 6.70 8.93
CA LYS A 6 15.36 5.26 8.68
C LYS A 6 16.70 4.75 9.20
N MET A 7 17.77 5.51 8.97
CA MET A 7 19.09 5.12 9.43
C MET A 7 19.09 5.00 10.96
N GLN A 8 18.54 6.02 11.61
CA GLN A 8 18.46 6.03 13.06
C GLN A 8 17.59 4.86 13.51
N VAL A 9 16.54 4.59 12.73
CA VAL A 9 15.63 3.50 13.01
C VAL A 9 16.39 2.18 13.08
N LEU A 10 17.19 1.93 12.06
CA LEU A 10 17.99 0.71 12.00
C LEU A 10 18.81 0.54 13.27
N GLN A 11 19.52 1.60 13.64
CA GLN A 11 20.32 1.57 14.85
C GLN A 11 19.41 1.47 16.07
N VAL A 12 18.18 1.98 15.93
CA VAL A 12 17.20 1.94 17.00
C VAL A 12 16.69 0.52 17.18
N LEU A 13 16.54 -0.20 16.06
CA LEU A 13 16.07 -1.57 16.10
C LEU A 13 17.05 -2.46 16.84
N ASP A 14 18.33 -2.28 16.54
CA ASP A 14 19.38 -3.06 17.18
C ASP A 14 19.55 -2.67 18.64
N ARG A 15 19.44 -1.36 18.92
CA ARG A 15 19.58 -0.86 20.28
C ARG A 15 18.50 -1.42 21.19
N LEU A 16 17.25 -1.23 20.79
CA LEU A 16 16.12 -1.72 21.58
C LEU A 16 16.28 -3.22 21.82
N ARG A 17 16.42 -3.96 20.74
CA ARG A 17 16.59 -5.41 20.80
C ARG A 17 17.68 -5.78 21.79
N GLY A 18 18.80 -5.04 21.76
CA GLY A 18 19.88 -5.31 22.67
C GLY A 18 19.43 -5.27 24.11
N LYS A 19 18.67 -4.25 24.46
CA LYS A 19 18.16 -4.10 25.81
C LYS A 19 17.22 -5.25 26.18
N LEU A 20 16.52 -5.77 25.18
CA LEU A 20 15.59 -6.88 25.41
C LEU A 20 16.34 -8.16 25.68
N GLN A 21 17.30 -8.47 24.83
CA GLN A 21 18.10 -9.68 24.97
C GLN A 21 18.85 -9.64 26.30
N GLU A 22 19.11 -8.43 26.80
CA GLU A 22 19.81 -8.27 28.07
C GLU A 22 18.83 -8.41 29.23
N LYS A 23 17.64 -7.83 29.03
CA LYS A 23 16.59 -7.86 30.03
C LYS A 23 16.01 -9.27 30.17
N GLY A 24 16.00 -10.01 29.07
CA GLY A 24 15.46 -11.36 29.08
C GLY A 24 14.25 -11.50 28.18
N ASP A 25 14.15 -10.63 27.18
CA ASP A 25 13.04 -10.66 26.24
C ASP A 25 13.56 -10.85 24.82
N THR A 26 13.85 -12.10 24.47
CA THR A 26 14.35 -12.42 23.15
C THR A 26 13.20 -12.76 22.21
N THR A 27 11.98 -12.51 22.68
CA THR A 27 10.78 -12.78 21.90
C THR A 27 10.54 -11.65 20.91
N GLN A 28 10.60 -10.42 21.40
CA GLN A 28 10.40 -9.25 20.55
C GLN A 28 11.56 -9.12 19.58
N ASN A 29 12.71 -9.68 19.96
CA ASN A 29 13.90 -9.65 19.13
C ASN A 29 13.57 -9.98 17.68
N GLU A 30 12.85 -11.07 17.47
CA GLU A 30 12.46 -11.50 16.13
C GLU A 30 11.69 -10.38 15.42
N LYS A 31 10.91 -9.64 16.20
CA LYS A 31 10.13 -8.53 15.64
C LYS A 31 11.05 -7.41 15.18
N LEU A 32 12.09 -7.16 15.97
CA LEU A 32 13.07 -6.13 15.64
C LEU A 32 13.90 -6.57 14.45
N SER A 33 14.29 -7.84 14.44
CA SER A 33 15.08 -8.40 13.36
C SER A 33 14.22 -8.49 12.10
N ALA A 34 12.95 -8.80 12.31
CA ALA A 34 12.00 -8.90 11.21
C ALA A 34 11.89 -7.55 10.52
N PHE A 35 11.75 -6.50 11.34
CA PHE A 35 11.67 -5.14 10.81
C PHE A 35 13.03 -4.74 10.27
N TYR A 36 14.07 -5.17 10.97
CA TYR A 36 15.44 -4.89 10.60
C TYR A 36 15.72 -5.30 9.16
N GLU A 37 15.42 -6.55 8.84
CA GLU A 37 15.64 -7.08 7.50
C GLU A 37 14.76 -6.38 6.47
N THR A 38 13.46 -6.33 6.74
CA THR A 38 12.52 -5.69 5.82
C THR A 38 12.91 -4.24 5.58
N LEU A 39 13.48 -3.59 6.59
CA LEU A 39 13.90 -2.19 6.46
C LEU A 39 15.07 -2.08 5.48
N LYS A 40 16.01 -3.03 5.58
CA LYS A 40 17.17 -3.04 4.70
C LYS A 40 16.79 -3.43 3.28
N SER A 41 15.68 -4.15 3.15
CA SER A 41 15.20 -4.60 1.84
C SER A 41 15.26 -3.46 0.81
N PRO A 42 16.04 -3.64 -0.27
CA PRO A 42 16.16 -2.62 -1.33
C PRO A 42 14.81 -2.28 -1.93
N LEU A 43 14.09 -3.31 -2.35
CA LEU A 43 12.78 -3.14 -2.95
C LEU A 43 11.85 -2.40 -1.98
N PHE A 44 11.86 -2.84 -0.73
CA PHE A 44 11.03 -2.22 0.30
C PHE A 44 11.35 -0.74 0.43
N ASN A 45 12.65 -0.43 0.46
CA ASN A 45 13.09 0.97 0.56
C ASN A 45 12.51 1.79 -0.59
N GLN A 46 12.39 1.16 -1.75
CA GLN A 46 11.84 1.83 -2.92
C GLN A 46 10.38 2.18 -2.69
N ILE A 47 9.65 1.26 -2.06
CA ILE A 47 8.23 1.47 -1.77
C ILE A 47 8.06 2.69 -0.87
N LEU A 48 8.91 2.81 0.13
CA LEU A 48 8.86 3.93 1.06
C LEU A 48 9.27 5.22 0.35
N THR A 49 10.28 5.12 -0.51
CA THR A 49 10.77 6.27 -1.26
C THR A 49 9.63 6.92 -2.03
N LEU A 50 8.83 6.08 -2.69
CA LEU A 50 7.69 6.57 -3.47
C LEU A 50 6.69 7.26 -2.55
N GLN A 51 6.34 6.57 -1.45
CA GLN A 51 5.40 7.12 -0.48
C GLN A 51 5.92 8.44 0.08
N GLN A 52 7.24 8.54 0.18
CA GLN A 52 7.88 9.75 0.69
C GLN A 52 7.63 10.92 -0.26
N SER A 53 7.72 10.65 -1.55
CA SER A 53 7.49 11.68 -2.56
C SER A 53 6.08 12.21 -2.46
N ILE A 54 5.13 11.28 -2.29
CA ILE A 54 3.72 11.66 -2.16
C ILE A 54 3.53 12.54 -0.93
N LYS A 55 4.30 12.24 0.11
CA LYS A 55 4.23 13.00 1.35
C LYS A 55 4.61 14.46 1.08
N GLN A 56 5.64 14.65 0.27
CA GLN A 56 6.09 15.98 -0.09
C GLN A 56 4.99 16.73 -0.83
N LEU A 57 4.28 16.00 -1.69
CA LEU A 57 3.19 16.57 -2.45
C LEU A 57 2.13 17.16 -1.53
N LYS A 58 1.85 16.43 -0.46
CA LYS A 58 0.86 16.87 0.52
C LYS A 58 1.28 18.18 1.17
N GLY A 59 2.47 18.19 1.75
CA GLY A 59 2.97 19.38 2.40
C GLY A 59 3.15 20.54 1.43
N GLN A 60 3.38 20.21 0.16
CA GLN A 60 3.56 21.24 -0.86
C GLN A 60 2.23 21.70 -1.43
N LEU A 61 1.24 20.80 -1.43
CA LEU A 61 -0.08 21.11 -1.95
C LEU A 61 -0.95 21.74 -0.86
N SER A 62 -0.83 23.05 -0.69
CA SER A 62 -1.60 23.77 0.31
C SER A 62 -1.46 25.28 0.12
N ALA B 1 -9.21 18.85 -7.50
CA ALA B 1 -8.66 17.62 -8.06
C ALA B 1 -8.03 16.77 -6.96
N VAL B 2 -8.86 16.06 -6.21
CA VAL B 2 -8.38 15.21 -5.13
C VAL B 2 -9.50 14.32 -4.58
N LYS B 3 -10.23 13.69 -5.49
CA LYS B 3 -11.33 12.81 -5.10
C LYS B 3 -10.83 11.37 -4.98
N ILE B 4 -11.38 10.63 -4.02
CA ILE B 4 -10.97 9.24 -3.82
C ILE B 4 -11.88 8.28 -4.58
N LEU B 5 -11.68 7.00 -4.33
CA LEU B 5 -12.47 5.95 -4.95
C LEU B 5 -12.15 4.60 -4.33
N GLU B 6 -12.23 4.54 -3.00
CA GLU B 6 -11.95 3.30 -2.27
C GLU B 6 -12.43 2.09 -3.06
N ILE B 7 -11.50 1.18 -3.37
CA ILE B 7 -11.83 -0.01 -4.15
C ILE B 7 -13.05 -0.72 -3.58
N GLU B 8 -13.34 -0.54 -2.30
CA GLU B 8 -14.49 -1.19 -1.71
C GLU B 8 -15.78 -0.71 -2.38
N ASP B 9 -15.88 0.60 -2.56
CA ASP B 9 -17.05 1.18 -3.22
C ASP B 9 -16.96 0.99 -4.72
N LEU B 10 -15.74 1.08 -5.24
CA LEU B 10 -15.49 0.91 -6.66
C LEU B 10 -15.65 -0.55 -7.07
N PHE B 11 -15.38 -1.45 -6.12
CA PHE B 11 -15.50 -2.89 -6.37
C PHE B 11 -16.97 -3.26 -6.44
N SER B 12 -17.74 -2.81 -5.45
CA SER B 12 -19.16 -3.07 -5.42
C SER B 12 -19.82 -2.44 -6.63
N SER B 13 -19.23 -1.34 -7.10
CA SER B 13 -19.74 -0.64 -8.26
C SER B 13 -19.68 -1.53 -9.50
N LEU B 14 -18.50 -2.08 -9.78
CA LEU B 14 -18.32 -2.96 -10.93
C LEU B 14 -19.29 -4.12 -10.82
N LYS B 15 -19.51 -4.57 -9.60
CA LYS B 15 -20.45 -5.66 -9.35
C LYS B 15 -21.84 -5.28 -9.85
N HIS B 16 -22.19 -4.02 -9.64
CA HIS B 16 -23.48 -3.51 -10.11
C HIS B 16 -23.44 -3.37 -11.63
N ILE B 17 -22.43 -2.65 -12.09
CA ILE B 17 -22.22 -2.41 -13.51
C ILE B 17 -22.19 -3.71 -14.30
N GLN B 18 -21.64 -4.77 -13.71
CA GLN B 18 -21.57 -6.06 -14.41
C GLN B 18 -22.96 -6.67 -14.52
N HIS B 19 -23.76 -6.51 -13.47
CA HIS B 19 -25.12 -7.03 -13.47
C HIS B 19 -26.06 -6.06 -14.19
N THR B 20 -25.63 -4.81 -14.30
CA THR B 20 -26.41 -3.78 -14.96
C THR B 20 -26.13 -3.81 -16.46
N LEU B 21 -24.88 -4.02 -16.82
CA LEU B 21 -24.48 -4.11 -18.21
C LEU B 21 -24.41 -5.56 -18.61
N VAL B 22 -25.56 -6.08 -19.00
CA VAL B 22 -25.68 -7.48 -19.40
C VAL B 22 -25.54 -7.65 -20.91
N ASP B 23 -24.68 -6.83 -21.51
CA ASP B 23 -24.42 -6.89 -22.93
C ASP B 23 -23.26 -7.82 -23.26
N SER B 24 -22.88 -8.65 -22.28
CA SER B 24 -21.77 -9.60 -22.45
C SER B 24 -20.43 -8.87 -22.55
N GLN B 25 -20.24 -8.12 -23.63
CA GLN B 25 -19.01 -7.38 -23.84
C GLN B 25 -18.71 -6.47 -22.65
N SER B 26 -19.77 -5.92 -22.06
CA SER B 26 -19.63 -5.04 -20.92
C SER B 26 -19.12 -5.79 -19.69
N GLN B 27 -19.63 -7.01 -19.51
CA GLN B 27 -19.22 -7.84 -18.38
C GLN B 27 -17.74 -8.17 -18.47
N GLU B 28 -17.26 -8.35 -19.69
CA GLU B 28 -15.86 -8.67 -19.92
C GLU B 28 -14.97 -7.47 -19.59
N ASP B 29 -15.42 -6.28 -19.98
CA ASP B 29 -14.68 -5.07 -19.71
C ASP B 29 -14.75 -4.76 -18.23
N ILE B 30 -15.95 -4.95 -17.68
CA ILE B 30 -16.18 -4.74 -16.26
C ILE B 30 -15.27 -5.67 -15.46
N SER B 31 -15.30 -6.94 -15.85
CA SER B 31 -14.48 -7.95 -15.18
C SER B 31 -13.01 -7.53 -15.21
N LEU B 32 -12.61 -6.89 -16.30
CA LEU B 32 -11.25 -6.41 -16.45
C LEU B 32 -10.91 -5.49 -15.29
N LEU B 33 -11.76 -4.50 -15.05
CA LEU B 33 -11.56 -3.57 -13.95
C LEU B 33 -11.60 -4.33 -12.64
N LEU B 34 -12.54 -5.25 -12.54
CA LEU B 34 -12.70 -6.08 -11.36
C LEU B 34 -11.42 -6.84 -11.06
N GLN B 35 -10.77 -7.33 -12.10
CA GLN B 35 -9.53 -8.08 -11.94
C GLN B 35 -8.46 -7.19 -11.30
N LEU B 36 -8.26 -6.02 -11.88
CA LEU B 36 -7.28 -5.07 -11.36
C LEU B 36 -7.66 -4.66 -9.94
N VAL B 37 -8.93 -4.29 -9.77
CA VAL B 37 -9.45 -3.87 -8.49
C VAL B 37 -9.30 -4.97 -7.44
N GLN B 38 -9.45 -6.22 -7.88
CA GLN B 38 -9.35 -7.35 -6.96
C GLN B 38 -7.92 -7.86 -6.82
N ASN B 39 -7.02 -7.36 -7.67
CA ASN B 39 -5.62 -7.78 -7.63
C ASN B 39 -5.01 -7.48 -6.26
N LYS B 40 -4.03 -8.28 -5.86
CA LYS B 40 -3.38 -8.11 -4.56
C LYS B 40 -2.48 -6.86 -4.56
N ASP B 41 -1.51 -6.84 -5.47
CA ASP B 41 -0.59 -5.71 -5.56
C ASP B 41 -1.34 -4.43 -5.93
N PHE B 42 -2.23 -4.54 -6.91
CA PHE B 42 -3.02 -3.39 -7.36
C PHE B 42 -3.78 -2.79 -6.18
N GLN B 43 -4.54 -3.61 -5.47
CA GLN B 43 -5.31 -3.15 -4.33
C GLN B 43 -4.42 -2.40 -3.34
N ASN B 44 -3.23 -2.94 -3.12
CA ASN B 44 -2.29 -2.33 -2.19
C ASN B 44 -1.92 -0.92 -2.65
N ALA B 45 -1.52 -0.79 -3.91
CA ALA B 45 -1.14 0.49 -4.47
C ALA B 45 -2.29 1.50 -4.34
N PHE B 46 -3.47 1.07 -4.76
CA PHE B 46 -4.66 1.91 -4.71
C PHE B 46 -4.95 2.36 -3.28
N LYS B 47 -4.72 1.46 -2.33
CA LYS B 47 -4.97 1.77 -0.93
C LYS B 47 -4.04 2.89 -0.45
N ILE B 48 -2.78 2.85 -0.90
CA ILE B 48 -1.81 3.86 -0.53
C ILE B 48 -2.27 5.23 -0.98
N HIS B 49 -2.66 5.31 -2.25
CA HIS B 49 -3.13 6.57 -2.82
C HIS B 49 -4.35 7.10 -2.08
N ASN B 50 -5.28 6.19 -1.77
CA ASN B 50 -6.51 6.58 -1.08
C ASN B 50 -6.23 7.33 0.22
N ALA B 51 -5.55 6.67 1.15
CA ALA B 51 -5.25 7.29 2.44
C ALA B 51 -4.36 8.52 2.29
N ILE B 52 -3.25 8.37 1.57
CA ILE B 52 -2.32 9.47 1.37
C ILE B 52 -3.01 10.65 0.68
N THR B 53 -3.89 10.37 -0.28
CA THR B 53 -4.61 11.44 -0.97
C THR B 53 -5.53 12.16 0.01
N VAL B 54 -6.27 11.36 0.77
CA VAL B 54 -7.19 11.89 1.77
C VAL B 54 -6.48 12.86 2.69
N HIS B 55 -5.36 12.42 3.24
CA HIS B 55 -4.56 13.26 4.13
C HIS B 55 -4.04 14.47 3.37
N MET B 56 -3.80 14.29 2.08
CA MET B 56 -3.30 15.37 1.23
C MET B 56 -4.20 16.59 1.31
N ASN B 57 -5.47 16.41 0.94
CA ASN B 57 -6.43 17.51 0.97
C ASN B 57 -6.79 17.88 2.41
N LYS B 58 -6.75 16.90 3.30
CA LYS B 58 -7.06 17.13 4.70
C LYS B 58 -6.01 18.04 5.36
N ALA B 59 -4.86 17.48 5.65
CA ALA B 59 -3.77 18.23 6.27
C ALA B 59 -3.15 19.23 5.29
N SER B 60 -2.03 19.82 5.68
CA SER B 60 -1.35 20.79 4.84
C SER B 60 0.16 20.73 5.05
N ASN C 1 1.89 -7.65 -23.60
CA ASN C 1 1.94 -6.21 -23.37
C ASN C 1 1.10 -5.83 -22.16
N PRO C 2 1.75 -5.62 -20.99
CA PRO C 2 1.06 -5.24 -19.76
C PRO C 2 0.38 -3.87 -19.87
N ALA C 3 0.94 -3.01 -20.71
CA ALA C 3 0.38 -1.67 -20.91
C ALA C 3 -0.95 -1.74 -21.64
N ALA C 4 -1.10 -2.75 -22.49
CA ALA C 4 -2.33 -2.93 -23.25
C ALA C 4 -3.53 -3.08 -22.33
N GLU C 5 -3.32 -3.66 -21.16
CA GLU C 5 -4.38 -3.86 -20.18
C GLU C 5 -4.87 -2.52 -19.64
N LYS C 6 -3.96 -1.77 -19.05
CA LYS C 6 -4.29 -0.46 -18.48
C LYS C 6 -4.91 0.44 -19.55
N MET C 7 -4.33 0.41 -20.75
CA MET C 7 -4.84 1.21 -21.85
C MET C 7 -6.28 0.80 -22.16
N GLN C 8 -6.50 -0.51 -22.21
CA GLN C 8 -7.81 -1.06 -22.47
C GLN C 8 -8.75 -0.75 -21.30
N VAL C 9 -8.17 -0.70 -20.11
CA VAL C 9 -8.92 -0.39 -18.90
C VAL C 9 -9.54 0.99 -18.99
N LEU C 10 -8.71 2.00 -19.21
CA LEU C 10 -9.18 3.37 -19.33
C LEU C 10 -10.24 3.46 -20.42
N GLN C 11 -9.98 2.78 -21.53
CA GLN C 11 -10.93 2.74 -22.64
C GLN C 11 -12.17 1.97 -22.23
N VAL C 12 -11.98 1.02 -21.30
CA VAL C 12 -13.08 0.22 -20.80
C VAL C 12 -13.95 1.04 -19.86
N LEU C 13 -13.29 1.89 -19.08
CA LEU C 13 -14.00 2.75 -18.13
C LEU C 13 -14.90 3.73 -18.86
N ASP C 14 -14.40 4.27 -19.98
CA ASP C 14 -15.17 5.22 -20.77
C ASP C 14 -16.33 4.52 -21.45
N ARG C 15 -16.07 3.32 -21.97
CA ARG C 15 -17.11 2.54 -22.65
C ARG C 15 -18.20 2.11 -21.67
N LEU C 16 -17.80 1.46 -20.58
CA LEU C 16 -18.76 1.01 -19.58
C LEU C 16 -19.63 2.17 -19.12
N ARG C 17 -19.00 3.22 -18.64
CA ARG C 17 -19.71 4.41 -18.17
C ARG C 17 -20.70 4.89 -19.22
N GLY C 18 -20.30 4.83 -20.49
CA GLY C 18 -21.19 5.26 -21.55
C GLY C 18 -22.49 4.48 -21.57
N LYS C 19 -22.38 3.16 -21.43
CA LYS C 19 -23.55 2.30 -21.42
C LYS C 19 -24.44 2.60 -20.22
N LEU C 20 -23.82 3.01 -19.12
CA LEU C 20 -24.56 3.34 -17.91
C LEU C 20 -25.40 4.58 -18.11
N GLN C 21 -24.77 5.64 -18.61
CA GLN C 21 -25.47 6.88 -18.86
C GLN C 21 -26.63 6.63 -19.81
N GLU C 22 -26.43 5.66 -20.71
CA GLU C 22 -27.47 5.29 -21.67
C GLU C 22 -28.45 4.32 -21.03
N LYS C 23 -27.96 3.54 -20.05
CA LYS C 23 -28.77 2.57 -19.34
C LYS C 23 -29.66 3.23 -18.29
N GLY C 24 -29.16 4.31 -17.72
CA GLY C 24 -29.91 5.02 -16.69
C GLY C 24 -29.25 4.95 -15.33
N ASP C 25 -27.98 4.55 -15.31
CA ASP C 25 -27.22 4.45 -14.08
C ASP C 25 -26.13 5.50 -14.04
N THR C 26 -26.49 6.71 -13.60
CA THR C 26 -25.54 7.80 -13.52
C THR C 26 -24.96 7.88 -12.12
N THR C 27 -24.93 6.74 -11.45
CA THR C 27 -24.41 6.65 -10.09
C THR C 27 -23.00 6.06 -10.10
N GLN C 28 -22.83 4.97 -10.83
CA GLN C 28 -21.53 4.31 -10.93
C GLN C 28 -20.58 5.12 -11.80
N ASN C 29 -21.15 5.95 -12.67
CA ASN C 29 -20.36 6.79 -13.56
C ASN C 29 -19.28 7.53 -12.78
N GLU C 30 -19.65 8.09 -11.63
CA GLU C 30 -18.70 8.81 -10.79
C GLU C 30 -17.53 7.92 -10.44
N LYS C 31 -17.81 6.62 -10.31
CA LYS C 31 -16.78 5.65 -9.98
C LYS C 31 -15.88 5.41 -11.19
N LEU C 32 -16.48 5.38 -12.37
CA LEU C 32 -15.73 5.17 -13.61
C LEU C 32 -14.86 6.37 -13.92
N SER C 33 -15.34 7.56 -13.54
CA SER C 33 -14.61 8.79 -13.77
C SER C 33 -13.47 8.92 -12.76
N ALA C 34 -13.71 8.40 -11.56
CA ALA C 34 -12.72 8.44 -10.50
C ALA C 34 -11.65 7.38 -10.72
N PHE C 35 -12.09 6.18 -11.08
CA PHE C 35 -11.17 5.08 -11.34
C PHE C 35 -10.34 5.37 -12.59
N TYR C 36 -10.99 5.94 -13.59
CA TYR C 36 -10.34 6.28 -14.85
C TYR C 36 -9.26 7.35 -14.64
N GLU C 37 -9.63 8.46 -14.01
CA GLU C 37 -8.69 9.54 -13.76
C GLU C 37 -7.51 9.06 -12.93
N THR C 38 -7.80 8.38 -11.82
CA THR C 38 -6.75 7.86 -10.95
C THR C 38 -5.78 6.97 -11.71
N LEU C 39 -6.33 6.12 -12.57
CA LEU C 39 -5.50 5.21 -13.38
C LEU C 39 -4.58 6.02 -14.29
N LYS C 40 -5.08 7.16 -14.75
CA LYS C 40 -4.33 8.04 -15.64
C LYS C 40 -3.31 8.88 -14.87
N SER C 41 -3.67 9.26 -13.65
CA SER C 41 -2.79 10.07 -12.81
C SER C 41 -1.35 9.55 -12.82
N PRO C 42 -0.36 10.46 -12.84
CA PRO C 42 1.06 10.08 -12.87
C PRO C 42 1.52 9.51 -11.53
N LEU C 43 1.11 10.16 -10.45
CA LEU C 43 1.47 9.73 -9.11
C LEU C 43 1.02 8.30 -8.87
N PHE C 44 -0.26 8.04 -9.12
CA PHE C 44 -0.82 6.71 -8.94
C PHE C 44 -0.07 5.70 -9.81
N ASN C 45 0.16 6.08 -11.06
CA ASN C 45 0.87 5.23 -12.00
C ASN C 45 2.24 4.83 -11.44
N GLN C 46 2.91 5.79 -10.80
CA GLN C 46 4.22 5.54 -10.21
C GLN C 46 4.12 4.44 -9.15
N ILE C 47 3.10 4.53 -8.32
CA ILE C 47 2.89 3.53 -7.27
C ILE C 47 2.77 2.14 -7.87
N LEU C 48 2.01 2.01 -8.95
CA LEU C 48 1.83 0.73 -9.61
C LEU C 48 3.14 0.29 -10.26
N THR C 49 3.91 1.26 -10.75
CA THR C 49 5.19 0.97 -11.38
C THR C 49 6.06 0.14 -10.43
N LEU C 50 6.17 0.61 -9.20
CA LEU C 50 6.95 -0.09 -8.19
C LEU C 50 6.34 -1.47 -7.96
N GLN C 51 5.02 -1.52 -7.81
CA GLN C 51 4.31 -2.77 -7.61
C GLN C 51 4.58 -3.71 -8.78
N GLN C 52 4.75 -3.13 -9.96
CA GLN C 52 5.02 -3.91 -11.16
C GLN C 52 6.40 -4.57 -11.05
N SER C 53 7.34 -3.85 -10.44
CA SER C 53 8.68 -4.36 -10.25
C SER C 53 8.63 -5.62 -9.39
N ILE C 54 7.90 -5.55 -8.29
CA ILE C 54 7.76 -6.71 -7.41
C ILE C 54 7.13 -7.87 -8.16
N LYS C 55 6.17 -7.55 -9.03
CA LYS C 55 5.50 -8.58 -9.81
C LYS C 55 6.52 -9.34 -10.65
N GLN C 56 7.51 -8.61 -11.16
CA GLN C 56 8.57 -9.22 -11.96
C GLN C 56 9.40 -10.17 -11.10
N LEU C 57 9.67 -9.75 -9.88
CA LEU C 57 10.45 -10.55 -8.94
C LEU C 57 9.84 -11.94 -8.80
N LYS C 58 8.54 -11.97 -8.55
CA LYS C 58 7.81 -13.24 -8.38
C LYS C 58 7.92 -14.09 -9.65
N GLY C 59 7.63 -13.48 -10.79
CA GLY C 59 7.70 -14.19 -12.05
C GLY C 59 9.09 -14.75 -12.33
N GLN C 60 10.11 -13.94 -12.06
CA GLN C 60 11.49 -14.35 -12.29
C GLN C 60 11.85 -15.54 -11.41
N LEU C 61 11.73 -15.37 -10.10
CA LEU C 61 12.04 -16.43 -9.15
C LEU C 61 11.09 -17.62 -9.33
N SER C 62 11.35 -18.69 -8.58
CA SER C 62 10.54 -19.89 -8.66
C SER C 62 10.49 -20.44 -10.09
N ALA D 1 13.71 -17.21 4.29
CA ALA D 1 13.22 -16.82 2.97
C ALA D 1 12.01 -15.90 3.08
N VAL D 2 12.15 -14.69 2.55
CA VAL D 2 11.08 -13.69 2.58
C VAL D 2 10.36 -13.68 3.93
N LYS D 3 11.09 -13.32 4.98
CA LYS D 3 10.53 -13.26 6.32
C LYS D 3 9.74 -11.98 6.51
N ILE D 4 8.48 -12.11 6.93
CA ILE D 4 7.62 -10.95 7.14
C ILE D 4 7.76 -10.43 8.58
N LEU D 5 6.83 -9.59 9.00
CA LEU D 5 6.87 -9.02 10.35
C LEU D 5 5.47 -8.79 10.90
N GLU D 6 4.60 -8.22 10.08
CA GLU D 6 3.23 -7.92 10.49
C GLU D 6 3.24 -6.81 11.53
N ILE D 7 3.03 -5.58 11.08
CA ILE D 7 3.04 -4.42 11.97
C ILE D 7 2.15 -4.65 13.20
N GLU D 8 1.16 -5.51 13.08
CA GLU D 8 0.29 -5.77 14.21
C GLU D 8 1.07 -6.43 15.35
N ASP D 9 1.95 -7.36 14.99
CA ASP D 9 2.77 -8.04 15.96
C ASP D 9 3.98 -7.18 16.32
N LEU D 10 4.48 -6.46 15.31
CA LEU D 10 5.63 -5.57 15.50
C LEU D 10 5.21 -4.34 16.31
N PHE D 11 3.95 -3.92 16.14
CA PHE D 11 3.42 -2.78 16.86
C PHE D 11 3.21 -3.13 18.32
N SER D 12 2.53 -4.25 18.55
CA SER D 12 2.29 -4.72 19.90
C SER D 12 3.63 -5.00 20.58
N SER D 13 4.62 -5.36 19.78
CA SER D 13 5.95 -5.65 20.27
C SER D 13 6.56 -4.40 20.90
N LEU D 14 6.57 -3.30 20.14
CA LEU D 14 7.11 -2.04 20.64
C LEU D 14 6.40 -1.64 21.92
N LYS D 15 5.11 -1.95 21.98
CA LYS D 15 4.32 -1.63 23.16
C LYS D 15 4.92 -2.34 24.37
N HIS D 16 5.30 -3.59 24.19
CA HIS D 16 5.91 -4.37 25.26
C HIS D 16 7.29 -3.78 25.55
N ILE D 17 8.10 -3.68 24.51
CA ILE D 17 9.44 -3.13 24.62
C ILE D 17 9.42 -1.78 25.32
N GLN D 18 8.36 -1.01 25.06
CA GLN D 18 8.22 0.30 25.69
C GLN D 18 8.09 0.18 27.20
N HIS D 19 7.15 -0.64 27.65
CA HIS D 19 6.94 -0.85 29.07
C HIS D 19 7.96 -1.84 29.62
N THR D 20 8.79 -2.37 28.74
CA THR D 20 9.81 -3.34 29.12
C THR D 20 11.16 -2.65 29.27
N LEU D 21 11.41 -1.62 28.47
CA LEU D 21 12.68 -0.90 28.54
C LEU D 21 12.58 0.24 29.54
N VAL D 22 11.61 1.12 29.34
CA VAL D 22 11.40 2.26 30.22
C VAL D 22 12.71 2.94 30.61
N ASP D 23 13.64 3.01 29.65
CA ASP D 23 14.93 3.63 29.88
C ASP D 23 14.95 5.07 29.38
N SER D 24 13.76 5.64 29.21
CA SER D 24 13.64 7.02 28.72
C SER D 24 14.12 7.13 27.27
N GLN D 25 15.43 7.02 27.09
CA GLN D 25 16.00 7.08 25.75
C GLN D 25 15.44 5.96 24.88
N SER D 26 15.19 4.82 25.51
CA SER D 26 14.64 3.68 24.81
C SER D 26 13.21 3.96 24.38
N GLN D 27 12.46 4.66 25.23
CA GLN D 27 11.07 5.00 24.93
C GLN D 27 11.00 5.89 23.70
N GLU D 28 11.97 6.79 23.59
CA GLU D 28 12.04 7.72 22.46
C GLU D 28 12.35 6.96 21.17
N ASP D 29 13.25 5.99 21.26
CA ASP D 29 13.61 5.19 20.11
C ASP D 29 12.45 4.28 19.75
N ILE D 30 11.86 3.69 20.78
CA ILE D 30 10.71 2.83 20.62
C ILE D 30 9.57 3.59 19.95
N SER D 31 9.31 4.77 20.48
CA SER D 31 8.25 5.62 19.95
C SER D 31 8.53 5.94 18.48
N LEU D 32 9.80 6.07 18.14
CA LEU D 32 10.20 6.33 16.77
C LEU D 32 9.66 5.26 15.84
N LEU D 33 9.90 4.01 16.21
CA LEU D 33 9.40 2.88 15.42
C LEU D 33 7.89 2.88 15.45
N LEU D 34 7.34 3.16 16.62
CA LEU D 34 5.89 3.21 16.80
C LEU D 34 5.26 4.23 15.86
N GLN D 35 5.91 5.38 15.73
CA GLN D 35 5.41 6.44 14.87
C GLN D 35 5.46 5.99 13.41
N LEU D 36 6.61 5.51 12.98
CA LEU D 36 6.78 5.04 11.61
C LEU D 36 5.77 3.95 11.32
N VAL D 37 5.69 2.99 12.22
CA VAL D 37 4.76 1.87 12.09
C VAL D 37 3.31 2.34 11.97
N GLN D 38 2.92 3.24 12.86
CA GLN D 38 1.55 3.75 12.86
C GLN D 38 1.31 4.76 11.75
N ASN D 39 2.39 5.18 11.07
CA ASN D 39 2.26 6.14 9.98
C ASN D 39 1.41 5.56 8.86
N LYS D 40 0.50 6.38 8.33
CA LYS D 40 -0.39 5.94 7.26
C LYS D 40 0.39 5.44 6.05
N ASP D 41 1.24 6.29 5.48
CA ASP D 41 2.03 5.93 4.32
C ASP D 41 2.97 4.76 4.61
N PHE D 42 3.72 4.88 5.70
CA PHE D 42 4.65 3.82 6.10
C PHE D 42 3.93 2.48 6.23
N GLN D 43 2.90 2.46 7.08
CA GLN D 43 2.14 1.24 7.30
C GLN D 43 1.61 0.67 5.99
N ASN D 44 1.27 1.56 5.07
CA ASN D 44 0.76 1.13 3.77
C ASN D 44 1.81 0.33 3.00
N ALA D 45 3.00 0.91 2.89
CA ALA D 45 4.10 0.26 2.19
C ALA D 45 4.41 -1.10 2.80
N PHE D 46 4.34 -1.18 4.13
CA PHE D 46 4.60 -2.43 4.83
C PHE D 46 3.57 -3.48 4.47
N LYS D 47 2.31 -3.06 4.34
CA LYS D 47 1.23 -3.97 3.98
C LYS D 47 1.48 -4.56 2.60
N ILE D 48 2.04 -3.76 1.71
CA ILE D 48 2.32 -4.21 0.35
C ILE D 48 3.37 -5.31 0.36
N HIS D 49 4.46 -5.06 1.08
CA HIS D 49 5.55 -6.03 1.16
C HIS D 49 5.12 -7.28 1.92
N ASN D 50 4.21 -7.13 2.88
CA ASN D 50 3.74 -8.25 3.68
C ASN D 50 2.96 -9.27 2.85
N ALA D 51 1.86 -8.83 2.26
CA ALA D 51 1.02 -9.71 1.45
C ALA D 51 1.74 -10.20 0.21
N ILE D 52 2.31 -9.26 -0.56
CA ILE D 52 3.01 -9.62 -1.79
C ILE D 52 4.10 -10.67 -1.52
N THR D 53 4.85 -10.49 -0.44
CA THR D 53 5.90 -11.45 -0.08
C THR D 53 5.28 -12.82 0.12
N VAL D 54 4.18 -12.84 0.88
CA VAL D 54 3.47 -14.08 1.16
C VAL D 54 3.07 -14.78 -0.13
N HIS D 55 2.55 -14.01 -1.08
CA HIS D 55 2.14 -14.55 -2.35
C HIS D 55 3.35 -15.11 -3.10
N MET D 56 4.50 -14.48 -2.89
CA MET D 56 5.73 -14.91 -3.53
C MET D 56 6.11 -16.33 -3.08
N ASN D 57 5.94 -16.58 -1.79
CA ASN D 57 6.25 -17.89 -1.22
C ASN D 57 5.11 -18.88 -1.49
N LYS D 58 3.88 -18.37 -1.45
CA LYS D 58 2.71 -19.21 -1.67
C LYS D 58 2.74 -19.81 -3.08
N ALA D 59 2.88 -18.96 -4.09
CA ALA D 59 2.92 -19.41 -5.47
C ALA D 59 4.09 -20.37 -5.70
N SER D 60 3.85 -21.65 -5.45
CA SER D 60 4.88 -22.67 -5.64
C SER D 60 5.05 -23.02 -7.11
N ASN A 1 17.38 15.09 6.95
CA ASN A 1 18.11 13.91 6.48
C ASN A 1 17.22 12.68 6.56
N PRO A 2 16.58 12.30 5.43
CA PRO A 2 15.69 11.13 5.38
C PRO A 2 16.43 9.83 5.66
N ALA A 3 17.74 9.82 5.37
CA ALA A 3 18.56 8.63 5.58
C ALA A 3 18.93 8.49 7.05
N ALA A 4 19.09 9.62 7.73
CA ALA A 4 19.46 9.61 9.15
C ALA A 4 18.42 8.87 9.97
N GLU A 5 17.15 9.03 9.61
CA GLU A 5 16.06 8.36 10.31
C GLU A 5 16.19 6.85 10.21
N LYS A 6 16.27 6.35 8.97
CA LYS A 6 16.40 4.93 8.73
C LYS A 6 17.67 4.38 9.35
N MET A 7 18.77 5.11 9.16
CA MET A 7 20.06 4.69 9.72
C MET A 7 19.97 4.64 11.24
N GLN A 8 19.31 5.64 11.82
CA GLN A 8 19.12 5.69 13.26
C GLN A 8 18.18 4.58 13.69
N VAL A 9 17.20 4.30 12.83
CA VAL A 9 16.22 3.25 13.09
C VAL A 9 16.91 1.89 13.16
N LEU A 10 17.70 1.58 12.14
CA LEU A 10 18.43 0.32 12.09
C LEU A 10 19.28 0.16 13.35
N GLN A 11 19.94 1.25 13.74
CA GLN A 11 20.76 1.25 14.93
C GLN A 11 19.88 1.12 16.17
N VAL A 12 18.65 1.62 16.05
CA VAL A 12 17.69 1.55 17.14
C VAL A 12 17.18 0.12 17.31
N LEU A 13 16.98 -0.55 16.19
CA LEU A 13 16.49 -1.91 16.20
C LEU A 13 17.50 -2.84 16.86
N ASP A 14 18.78 -2.64 16.54
CA ASP A 14 19.84 -3.46 17.12
C ASP A 14 20.02 -3.16 18.60
N ARG A 15 19.98 -1.88 18.96
CA ARG A 15 20.14 -1.47 20.34
C ARG A 15 18.98 -1.96 21.20
N LEU A 16 17.75 -1.64 20.77
CA LEU A 16 16.56 -2.06 21.50
C LEU A 16 16.58 -3.56 21.76
N ARG A 17 16.72 -4.33 20.68
CA ARG A 17 16.76 -5.79 20.79
C ARG A 17 17.80 -6.24 21.79
N GLY A 18 18.95 -5.57 21.79
CA GLY A 18 20.00 -5.92 22.73
C GLY A 18 19.54 -5.80 24.17
N LYS A 19 18.81 -4.73 24.45
CA LYS A 19 18.28 -4.49 25.79
C LYS A 19 17.34 -5.61 26.20
N LEU A 20 16.51 -6.06 25.25
CA LEU A 20 15.55 -7.13 25.51
C LEU A 20 16.25 -8.41 25.88
N GLN A 21 17.23 -8.82 25.07
CA GLN A 21 17.98 -10.03 25.35
C GLN A 21 18.59 -9.94 26.73
N GLU A 22 18.95 -8.72 27.13
CA GLU A 22 19.53 -8.48 28.44
C GLU A 22 18.42 -8.34 29.50
N LYS A 23 17.26 -7.90 29.05
CA LYS A 23 16.11 -7.71 29.93
C LYS A 23 15.39 -9.03 30.20
N GLY A 24 15.45 -9.93 29.22
CA GLY A 24 14.78 -11.21 29.36
C GLY A 24 13.59 -11.35 28.45
N ASP A 25 13.57 -10.56 27.38
CA ASP A 25 12.48 -10.59 26.42
C ASP A 25 13.01 -10.97 25.04
N THR A 26 13.15 -12.27 24.82
CA THR A 26 13.66 -12.77 23.55
C THR A 26 12.49 -13.15 22.64
N THR A 27 11.43 -12.37 22.74
CA THR A 27 10.23 -12.60 21.96
C THR A 27 10.07 -11.52 20.89
N GLN A 28 10.26 -10.27 21.28
CA GLN A 28 10.14 -9.15 20.36
C GLN A 28 11.29 -9.14 19.35
N ASN A 29 12.39 -9.78 19.72
CA ASN A 29 13.57 -9.85 18.85
C ASN A 29 13.18 -10.22 17.41
N GLU A 30 12.32 -11.23 17.28
CA GLU A 30 11.87 -11.67 15.97
C GLU A 30 11.23 -10.51 15.20
N LYS A 31 10.59 -9.61 15.94
CA LYS A 31 9.95 -8.44 15.34
C LYS A 31 11.01 -7.46 14.88
N LEU A 32 12.05 -7.31 15.68
CA LEU A 32 13.15 -6.41 15.36
C LEU A 32 13.96 -6.94 14.20
N SER A 33 14.01 -8.27 14.08
CA SER A 33 14.75 -8.90 12.99
C SER A 33 13.99 -8.74 11.68
N ALA A 34 12.67 -8.78 11.77
CA ALA A 34 11.82 -8.63 10.60
C ALA A 34 11.79 -7.18 10.13
N PHE A 35 11.57 -6.26 11.07
CA PHE A 35 11.52 -4.83 10.77
C PHE A 35 12.88 -4.37 10.24
N TYR A 36 13.93 -4.70 10.97
CA TYR A 36 15.29 -4.32 10.60
C TYR A 36 15.63 -4.85 9.20
N GLU A 37 15.45 -6.15 9.00
CA GLU A 37 15.74 -6.78 7.71
C GLU A 37 14.92 -6.14 6.61
N THR A 38 13.61 -6.01 6.83
CA THR A 38 12.72 -5.41 5.84
C THR A 38 13.16 -3.99 5.52
N LEU A 39 13.62 -3.26 6.53
CA LEU A 39 14.09 -1.90 6.35
C LEU A 39 15.31 -1.86 5.43
N LYS A 40 16.12 -2.91 5.51
CA LYS A 40 17.33 -3.00 4.70
C LYS A 40 16.99 -3.37 3.26
N SER A 41 15.92 -4.16 3.09
CA SER A 41 15.49 -4.59 1.77
C SER A 41 15.35 -3.40 0.81
N PRO A 42 15.81 -3.56 -0.44
CA PRO A 42 15.73 -2.50 -1.45
C PRO A 42 14.31 -2.33 -1.99
N LEU A 43 13.61 -3.44 -2.15
CA LEU A 43 12.24 -3.43 -2.66
C LEU A 43 11.35 -2.61 -1.71
N PHE A 44 11.37 -2.97 -0.43
CA PHE A 44 10.57 -2.28 0.56
C PHE A 44 10.95 -0.80 0.60
N ASN A 45 12.25 -0.53 0.60
CA ASN A 45 12.74 0.84 0.63
C ASN A 45 12.19 1.62 -0.55
N GLN A 46 12.06 0.95 -1.70
CA GLN A 46 11.53 1.58 -2.90
C GLN A 46 10.10 2.03 -2.68
N ILE A 47 9.32 1.17 -2.03
CA ILE A 47 7.92 1.48 -1.75
C ILE A 47 7.80 2.75 -0.91
N LEU A 48 8.59 2.83 0.17
CA LEU A 48 8.57 3.99 1.04
C LEU A 48 9.03 5.23 0.28
N THR A 49 10.01 5.05 -0.61
CA THR A 49 10.53 6.14 -1.41
C THR A 49 9.39 6.84 -2.15
N LEU A 50 8.56 6.05 -2.82
CA LEU A 50 7.42 6.58 -3.54
C LEU A 50 6.50 7.32 -2.57
N GLN A 51 6.30 6.73 -1.39
CA GLN A 51 5.46 7.34 -0.36
C GLN A 51 6.04 8.70 0.03
N GLN A 52 7.35 8.78 0.11
CA GLN A 52 8.02 10.02 0.47
C GLN A 52 7.68 11.11 -0.54
N SER A 53 7.62 10.73 -1.81
CA SER A 53 7.29 11.67 -2.87
C SER A 53 5.89 12.22 -2.64
N ILE A 54 4.96 11.33 -2.31
CA ILE A 54 3.59 11.73 -2.05
C ILE A 54 3.53 12.71 -0.88
N LYS A 55 4.40 12.49 0.10
CA LYS A 55 4.46 13.36 1.26
C LYS A 55 4.82 14.78 0.83
N GLN A 56 5.76 14.87 -0.11
CA GLN A 56 6.18 16.17 -0.63
C GLN A 56 5.01 16.87 -1.30
N LEU A 57 4.20 16.10 -2.01
CA LEU A 57 3.03 16.64 -2.70
C LEU A 57 2.11 17.34 -1.72
N LYS A 58 1.81 16.66 -0.61
CA LYS A 58 0.93 17.21 0.42
C LYS A 58 1.55 18.44 1.06
N GLY A 59 2.87 18.46 1.16
CA GLY A 59 3.57 19.59 1.76
C GLY A 59 3.77 20.73 0.78
N GLN A 60 3.84 20.41 -0.51
CA GLN A 60 4.02 21.42 -1.54
C GLN A 60 2.70 22.07 -1.91
N LEU A 61 1.72 21.25 -2.26
CA LEU A 61 0.40 21.74 -2.64
C LEU A 61 -0.21 22.58 -1.52
N SER A 62 -0.62 23.80 -1.88
CA SER A 62 -1.23 24.71 -0.91
C SER A 62 -2.15 25.71 -1.60
N ALA B 1 -8.74 18.53 -6.88
CA ALA B 1 -8.01 17.77 -7.89
C ALA B 1 -7.48 16.47 -7.32
N VAL B 2 -8.37 15.47 -7.23
CA VAL B 2 -7.99 14.16 -6.70
C VAL B 2 -9.18 13.21 -6.71
N LYS B 3 -10.11 13.44 -5.80
CA LYS B 3 -11.31 12.61 -5.69
C LYS B 3 -10.95 11.16 -5.39
N ILE B 4 -11.66 10.56 -4.45
CA ILE B 4 -11.41 9.18 -4.07
C ILE B 4 -12.30 8.23 -4.88
N LEU B 5 -12.39 6.99 -4.43
CA LEU B 5 -13.20 5.99 -5.12
C LEU B 5 -13.47 4.80 -4.21
N GLU B 6 -12.48 4.42 -3.39
CA GLU B 6 -12.62 3.28 -2.48
C GLU B 6 -13.00 2.04 -3.27
N ILE B 7 -12.02 1.14 -3.46
CA ILE B 7 -12.26 -0.09 -4.20
C ILE B 7 -13.50 -0.83 -3.70
N GLU B 8 -13.86 -0.62 -2.44
CA GLU B 8 -15.03 -1.30 -1.89
C GLU B 8 -16.29 -0.85 -2.63
N ASP B 9 -16.42 0.46 -2.82
CA ASP B 9 -17.56 1.01 -3.53
C ASP B 9 -17.39 0.81 -5.02
N LEU B 10 -16.15 0.91 -5.48
CA LEU B 10 -15.83 0.74 -6.89
C LEU B 10 -15.97 -0.72 -7.30
N PHE B 11 -15.72 -1.62 -6.33
CA PHE B 11 -15.82 -3.06 -6.58
C PHE B 11 -17.28 -3.47 -6.69
N SER B 12 -18.08 -3.05 -5.72
CA SER B 12 -19.50 -3.35 -5.73
C SER B 12 -20.15 -2.71 -6.95
N SER B 13 -19.57 -1.60 -7.39
CA SER B 13 -20.06 -0.88 -8.55
C SER B 13 -19.93 -1.73 -9.80
N LEU B 14 -18.73 -2.25 -10.05
CA LEU B 14 -18.52 -3.09 -11.22
C LEU B 14 -19.46 -4.27 -11.19
N LYS B 15 -19.73 -4.77 -10.00
CA LYS B 15 -20.65 -5.88 -9.84
C LYS B 15 -22.02 -5.51 -10.39
N HIS B 16 -22.45 -4.30 -10.10
CA HIS B 16 -23.73 -3.80 -10.59
C HIS B 16 -23.62 -3.60 -12.10
N ILE B 17 -22.61 -2.84 -12.51
CA ILE B 17 -22.36 -2.58 -13.92
C ILE B 17 -22.33 -3.86 -14.72
N GLN B 18 -21.76 -4.91 -14.12
CA GLN B 18 -21.67 -6.21 -14.78
C GLN B 18 -23.06 -6.77 -15.07
N HIS B 19 -23.90 -6.85 -14.04
CA HIS B 19 -25.25 -7.35 -14.19
C HIS B 19 -26.16 -6.27 -14.77
N THR B 20 -25.61 -5.07 -14.93
CA THR B 20 -26.35 -3.95 -15.47
C THR B 20 -26.10 -3.81 -16.97
N LEU B 21 -24.90 -4.17 -17.40
CA LEU B 21 -24.56 -4.09 -18.82
C LEU B 21 -24.91 -5.40 -19.51
N VAL B 22 -24.38 -6.50 -18.98
CA VAL B 22 -24.65 -7.84 -19.52
C VAL B 22 -24.62 -7.84 -21.05
N ASP B 23 -23.72 -7.05 -21.62
CA ASP B 23 -23.58 -6.97 -23.07
C ASP B 23 -22.44 -7.85 -23.56
N SER B 24 -22.10 -8.86 -22.76
CA SER B 24 -21.01 -9.78 -23.10
C SER B 24 -19.67 -9.05 -23.10
N GLN B 25 -19.46 -8.24 -24.12
CA GLN B 25 -18.22 -7.47 -24.22
C GLN B 25 -18.07 -6.56 -23.01
N SER B 26 -19.20 -6.14 -22.46
CA SER B 26 -19.21 -5.29 -21.28
C SER B 26 -18.75 -6.07 -20.05
N GLN B 27 -19.21 -7.30 -19.93
CA GLN B 27 -18.84 -8.15 -18.79
C GLN B 27 -17.34 -8.39 -18.81
N GLU B 28 -16.77 -8.50 -20.00
CA GLU B 28 -15.35 -8.74 -20.15
C GLU B 28 -14.54 -7.50 -19.74
N ASP B 29 -15.04 -6.34 -20.13
CA ASP B 29 -14.38 -5.09 -19.80
C ASP B 29 -14.55 -4.82 -18.31
N ILE B 30 -15.77 -5.07 -17.84
CA ILE B 30 -16.10 -4.91 -16.44
C ILE B 30 -15.23 -5.83 -15.60
N SER B 31 -15.18 -7.09 -16.01
CA SER B 31 -14.38 -8.08 -15.31
C SER B 31 -12.92 -7.65 -15.27
N LEU B 32 -12.49 -6.95 -16.33
CA LEU B 32 -11.13 -6.45 -16.41
C LEU B 32 -10.84 -5.55 -15.22
N LEU B 33 -11.73 -4.59 -14.99
CA LEU B 33 -11.58 -3.67 -13.86
C LEU B 33 -11.68 -4.47 -12.57
N LEU B 34 -12.65 -5.37 -12.53
CA LEU B 34 -12.86 -6.22 -11.36
C LEU B 34 -11.58 -6.97 -11.00
N GLN B 35 -10.89 -7.48 -12.01
CA GLN B 35 -9.65 -8.21 -11.79
C GLN B 35 -8.61 -7.32 -11.13
N LEU B 36 -8.37 -6.16 -11.73
CA LEU B 36 -7.41 -5.21 -11.19
C LEU B 36 -7.80 -4.79 -9.78
N VAL B 37 -9.06 -4.41 -9.64
CA VAL B 37 -9.61 -3.97 -8.36
C VAL B 37 -9.45 -5.04 -7.29
N GLN B 38 -9.54 -6.31 -7.70
CA GLN B 38 -9.42 -7.41 -6.75
C GLN B 38 -7.97 -7.88 -6.60
N ASN B 39 -7.10 -7.41 -7.48
CA ASN B 39 -5.69 -7.79 -7.44
C ASN B 39 -5.08 -7.42 -6.08
N LYS B 40 -4.21 -8.27 -5.56
CA LYS B 40 -3.56 -8.04 -4.28
C LYS B 40 -2.67 -6.79 -4.33
N ASP B 41 -1.69 -6.82 -5.22
CA ASP B 41 -0.78 -5.69 -5.38
C ASP B 41 -1.52 -4.43 -5.77
N PHE B 42 -2.43 -4.56 -6.73
CA PHE B 42 -3.22 -3.43 -7.21
C PHE B 42 -3.96 -2.77 -6.04
N GLN B 43 -4.75 -3.57 -5.33
CA GLN B 43 -5.53 -3.07 -4.19
C GLN B 43 -4.62 -2.33 -3.21
N ASN B 44 -3.41 -2.85 -3.03
CA ASN B 44 -2.45 -2.25 -2.13
C ASN B 44 -2.08 -0.83 -2.57
N ALA B 45 -1.70 -0.71 -3.84
CA ALA B 45 -1.32 0.58 -4.40
C ALA B 45 -2.49 1.55 -4.35
N PHE B 46 -3.66 1.08 -4.77
CA PHE B 46 -4.86 1.90 -4.78
C PHE B 46 -5.21 2.36 -3.37
N LYS B 47 -4.97 1.50 -2.40
CA LYS B 47 -5.25 1.82 -1.00
C LYS B 47 -4.37 2.95 -0.51
N ILE B 48 -3.10 2.95 -0.94
CA ILE B 48 -2.17 3.99 -0.55
C ILE B 48 -2.61 5.35 -1.07
N HIS B 49 -2.93 5.41 -2.36
CA HIS B 49 -3.36 6.65 -2.99
C HIS B 49 -4.71 7.09 -2.44
N ASN B 50 -5.56 6.14 -2.07
CA ASN B 50 -6.88 6.44 -1.56
C ASN B 50 -6.81 7.21 -0.24
N ALA B 51 -6.21 6.61 0.78
CA ALA B 51 -6.10 7.23 2.10
C ALA B 51 -5.20 8.47 2.07
N ILE B 52 -3.98 8.32 1.54
CA ILE B 52 -3.05 9.44 1.48
C ILE B 52 -3.70 10.65 0.81
N THR B 53 -4.51 10.40 -0.22
CA THR B 53 -5.20 11.48 -0.91
C THR B 53 -6.16 12.16 0.06
N VAL B 54 -7.00 11.34 0.68
CA VAL B 54 -7.98 11.81 1.64
C VAL B 54 -7.32 12.65 2.72
N HIS B 55 -6.25 12.12 3.31
CA HIS B 55 -5.52 12.82 4.36
C HIS B 55 -4.90 14.10 3.79
N MET B 56 -4.55 14.06 2.51
CA MET B 56 -3.95 15.21 1.84
C MET B 56 -4.86 16.42 1.91
N ASN B 57 -6.13 16.23 1.53
CA ASN B 57 -7.11 17.30 1.54
C ASN B 57 -7.58 17.59 2.97
N LYS B 58 -7.71 16.54 3.76
CA LYS B 58 -8.15 16.67 5.14
C LYS B 58 -7.09 17.39 5.98
N ALA B 59 -5.94 16.75 6.14
CA ALA B 59 -4.85 17.34 6.92
C ALA B 59 -3.86 18.06 6.01
N SER B 60 -3.99 19.38 5.93
CA SER B 60 -3.11 20.19 5.10
C SER B 60 -3.21 19.78 3.63
N ASN C 1 1.59 -7.32 -21.46
CA ASN C 1 2.20 -6.15 -20.86
C ASN C 1 1.27 -5.50 -19.82
N PRO C 2 1.80 -5.10 -18.66
CA PRO C 2 1.01 -4.47 -17.59
C PRO C 2 0.35 -3.18 -18.07
N ALA C 3 1.16 -2.28 -18.61
CA ALA C 3 0.67 -0.99 -19.10
C ALA C 3 -0.45 -1.18 -20.12
N ALA C 4 -0.38 -2.27 -20.88
CA ALA C 4 -1.39 -2.57 -21.89
C ALA C 4 -2.78 -2.69 -21.25
N GLU C 5 -2.82 -3.27 -20.06
CA GLU C 5 -4.08 -3.45 -19.34
C GLU C 5 -4.66 -2.11 -18.90
N LYS C 6 -3.84 -1.34 -18.19
CA LYS C 6 -4.27 -0.02 -17.71
C LYS C 6 -4.83 0.82 -18.85
N MET C 7 -4.18 0.75 -20.01
CA MET C 7 -4.63 1.49 -21.18
C MET C 7 -6.03 1.04 -21.57
N GLN C 8 -6.18 -0.28 -21.75
CA GLN C 8 -7.46 -0.86 -22.09
C GLN C 8 -8.49 -0.55 -21.01
N VAL C 9 -8.00 -0.45 -19.77
CA VAL C 9 -8.86 -0.15 -18.64
C VAL C 9 -9.48 1.22 -18.77
N LEU C 10 -8.67 2.22 -19.10
CA LEU C 10 -9.16 3.58 -19.27
C LEU C 10 -10.23 3.61 -20.35
N GLN C 11 -9.95 2.95 -21.47
CA GLN C 11 -10.91 2.87 -22.56
C GLN C 11 -12.12 2.05 -22.12
N VAL C 12 -11.90 1.14 -21.18
CA VAL C 12 -12.94 0.29 -20.64
C VAL C 12 -13.86 1.11 -19.74
N LEU C 13 -13.25 1.97 -18.94
CA LEU C 13 -14.00 2.80 -18.01
C LEU C 13 -14.92 3.76 -18.77
N ASP C 14 -14.42 4.29 -19.88
CA ASP C 14 -15.20 5.21 -20.69
C ASP C 14 -16.31 4.47 -21.43
N ARG C 15 -16.00 3.28 -21.90
CA ARG C 15 -16.97 2.46 -22.63
C ARG C 15 -18.10 2.02 -21.70
N LEU C 16 -17.73 1.38 -20.59
CA LEU C 16 -18.71 0.92 -19.63
C LEU C 16 -19.63 2.05 -19.21
N ARG C 17 -19.03 3.12 -18.70
CA ARG C 17 -19.78 4.29 -18.26
C ARG C 17 -20.73 4.76 -19.36
N GLY C 18 -20.29 4.68 -20.61
CA GLY C 18 -21.13 5.09 -21.71
C GLY C 18 -22.42 4.32 -21.76
N LYS C 19 -22.33 2.99 -21.66
CA LYS C 19 -23.50 2.13 -21.68
C LYS C 19 -24.40 2.44 -20.48
N LEU C 20 -23.79 2.79 -19.36
CA LEU C 20 -24.53 3.11 -18.14
C LEU C 20 -25.34 4.37 -18.34
N GLN C 21 -24.69 5.42 -18.82
CA GLN C 21 -25.35 6.69 -19.07
C GLN C 21 -26.48 6.50 -20.07
N GLU C 22 -26.34 5.49 -20.93
CA GLU C 22 -27.35 5.20 -21.94
C GLU C 22 -28.49 4.38 -21.33
N LYS C 23 -28.16 3.55 -20.35
CA LYS C 23 -29.15 2.71 -19.68
C LYS C 23 -29.92 3.49 -18.63
N GLY C 24 -29.25 4.42 -17.97
CA GLY C 24 -29.89 5.22 -16.94
C GLY C 24 -29.26 5.02 -15.56
N ASP C 25 -28.06 4.45 -15.54
CA ASP C 25 -27.35 4.21 -14.29
C ASP C 25 -26.14 5.11 -14.21
N THR C 26 -26.36 6.35 -13.80
CA THR C 26 -25.28 7.31 -13.67
C THR C 26 -24.70 7.28 -12.26
N THR C 27 -25.11 6.26 -11.51
CA THR C 27 -24.65 6.09 -10.14
C THR C 27 -23.21 5.56 -10.12
N GLN C 28 -22.92 4.65 -11.04
CA GLN C 28 -21.58 4.07 -11.14
C GLN C 28 -20.68 4.96 -11.98
N ASN C 29 -21.30 5.85 -12.76
CA ASN C 29 -20.56 6.77 -13.63
C ASN C 29 -19.43 7.43 -12.86
N GLU C 30 -19.75 8.03 -11.73
CA GLU C 30 -18.76 8.70 -10.89
C GLU C 30 -17.63 7.74 -10.53
N LYS C 31 -18.00 6.48 -10.32
CA LYS C 31 -17.03 5.45 -9.97
C LYS C 31 -16.04 5.25 -11.12
N LEU C 32 -16.57 5.24 -12.33
CA LEU C 32 -15.76 5.06 -13.52
C LEU C 32 -14.88 6.29 -13.77
N SER C 33 -15.41 7.46 -13.39
CA SER C 33 -14.67 8.71 -13.55
C SER C 33 -13.59 8.82 -12.48
N ALA C 34 -13.91 8.29 -11.30
CA ALA C 34 -12.98 8.32 -10.18
C ALA C 34 -11.83 7.35 -10.43
N PHE C 35 -12.17 6.15 -10.91
CA PHE C 35 -11.17 5.13 -11.20
C PHE C 35 -10.33 5.53 -12.41
N TYR C 36 -11.03 5.91 -13.49
CA TYR C 36 -10.37 6.31 -14.73
C TYR C 36 -9.42 7.49 -14.50
N GLU C 37 -9.94 8.55 -13.90
CA GLU C 37 -9.13 9.74 -13.61
C GLU C 37 -7.93 9.38 -12.74
N THR C 38 -8.20 8.67 -11.64
CA THR C 38 -7.14 8.27 -10.72
C THR C 38 -6.08 7.44 -11.44
N LEU C 39 -6.53 6.59 -12.36
CA LEU C 39 -5.61 5.75 -13.13
C LEU C 39 -4.68 6.62 -13.97
N LYS C 40 -5.21 7.76 -14.42
CA LYS C 40 -4.44 8.69 -15.24
C LYS C 40 -3.41 9.43 -14.40
N SER C 41 -3.75 9.67 -13.14
CA SER C 41 -2.88 10.39 -12.22
C SER C 41 -1.45 9.84 -12.28
N PRO C 42 -0.44 10.73 -12.41
CA PRO C 42 0.97 10.31 -12.49
C PRO C 42 1.45 9.73 -11.17
N LEU C 43 0.92 10.24 -10.07
CA LEU C 43 1.29 9.77 -8.74
C LEU C 43 0.87 8.32 -8.57
N PHE C 44 -0.41 8.04 -8.78
CA PHE C 44 -0.94 6.70 -8.66
C PHE C 44 -0.20 5.76 -9.60
N ASN C 45 0.04 6.22 -10.83
CA ASN C 45 0.74 5.41 -11.82
C ASN C 45 2.11 4.99 -11.30
N GLN C 46 2.76 5.89 -10.55
CA GLN C 46 4.06 5.60 -9.98
C GLN C 46 3.95 4.47 -8.96
N ILE C 47 2.89 4.52 -8.14
CA ILE C 47 2.66 3.50 -7.13
C ILE C 47 2.56 2.11 -7.76
N LEU C 48 1.80 2.03 -8.85
CA LEU C 48 1.63 0.76 -9.56
C LEU C 48 2.94 0.33 -10.21
N THR C 49 3.70 1.31 -10.68
CA THR C 49 4.99 1.04 -11.31
C THR C 49 5.85 0.20 -10.37
N LEU C 50 5.97 0.65 -9.13
CA LEU C 50 6.74 -0.07 -8.13
C LEU C 50 6.15 -1.47 -7.93
N GLN C 51 4.83 -1.52 -7.79
CA GLN C 51 4.14 -2.78 -7.61
C GLN C 51 4.38 -3.69 -8.80
N GLN C 52 4.55 -3.09 -9.98
CA GLN C 52 4.82 -3.84 -11.19
C GLN C 52 6.16 -4.53 -11.10
N SER C 53 7.13 -3.84 -10.52
CA SER C 53 8.47 -4.40 -10.34
C SER C 53 8.40 -5.63 -9.45
N ILE C 54 7.62 -5.51 -8.37
CA ILE C 54 7.45 -6.62 -7.45
C ILE C 54 6.85 -7.81 -8.18
N LYS C 55 5.91 -7.53 -9.07
CA LYS C 55 5.27 -8.58 -9.86
C LYS C 55 6.32 -9.26 -10.74
N GLN C 56 7.31 -8.48 -11.16
CA GLN C 56 8.39 -9.01 -11.98
C GLN C 56 9.13 -10.08 -11.19
N LEU C 57 9.39 -9.78 -9.92
CA LEU C 57 10.07 -10.73 -9.05
C LEU C 57 9.32 -12.05 -9.02
N LYS C 58 8.10 -12.02 -8.50
CA LYS C 58 7.27 -13.21 -8.41
C LYS C 58 7.12 -13.88 -9.77
N GLY C 59 7.31 -13.09 -10.84
CA GLY C 59 7.19 -13.63 -12.18
C GLY C 59 8.54 -13.90 -12.83
N GLN C 60 9.62 -13.66 -12.09
CA GLN C 60 10.97 -13.88 -12.61
C GLN C 60 11.73 -14.92 -11.78
N LEU C 61 11.13 -15.38 -10.68
CA LEU C 61 11.78 -16.36 -9.82
C LEU C 61 10.78 -17.39 -9.31
N SER C 62 9.63 -16.92 -8.83
CA SER C 62 8.60 -17.79 -8.30
C SER C 62 7.84 -18.51 -9.42
N ALA D 1 14.37 -15.21 2.08
CA ALA D 1 14.35 -13.78 2.32
C ALA D 1 12.96 -13.20 2.14
N VAL D 2 12.10 -13.40 3.13
CA VAL D 2 10.74 -12.91 3.08
C VAL D 2 10.04 -13.07 4.44
N LYS D 3 10.77 -12.77 5.51
CA LYS D 3 10.23 -12.87 6.85
C LYS D 3 9.67 -11.52 7.31
N ILE D 4 8.34 -11.40 7.29
CA ILE D 4 7.67 -10.19 7.70
C ILE D 4 7.28 -10.27 9.17
N LEU D 5 6.41 -9.37 9.61
CA LEU D 5 5.98 -9.35 11.01
C LEU D 5 4.70 -8.55 11.25
N GLU D 6 4.17 -7.89 10.22
CA GLU D 6 2.94 -7.11 10.37
C GLU D 6 3.13 -6.00 11.39
N ILE D 7 2.55 -4.84 11.12
CA ILE D 7 2.66 -3.70 12.02
C ILE D 7 1.87 -3.93 13.30
N GLU D 8 0.77 -4.66 13.21
CA GLU D 8 -0.05 -4.90 14.39
C GLU D 8 0.74 -5.70 15.43
N ASP D 9 1.47 -6.70 14.95
CA ASP D 9 2.28 -7.53 15.84
C ASP D 9 3.53 -6.78 16.28
N LEU D 10 4.18 -6.13 15.33
CA LEU D 10 5.39 -5.38 15.65
C LEU D 10 5.06 -4.11 16.44
N PHE D 11 3.87 -3.56 16.22
CA PHE D 11 3.45 -2.37 16.93
C PHE D 11 3.20 -2.72 18.39
N SER D 12 2.56 -3.88 18.60
CA SER D 12 2.28 -4.35 19.94
C SER D 12 3.60 -4.66 20.64
N SER D 13 4.58 -5.09 19.86
CA SER D 13 5.91 -5.40 20.38
C SER D 13 6.58 -4.16 20.92
N LEU D 14 6.63 -3.10 20.11
CA LEU D 14 7.24 -1.84 20.53
C LEU D 14 6.56 -1.35 21.79
N LYS D 15 5.26 -1.57 21.87
CA LYS D 15 4.49 -1.16 23.04
C LYS D 15 5.06 -1.83 24.28
N HIS D 16 5.32 -3.14 24.17
CA HIS D 16 5.90 -3.89 25.27
C HIS D 16 7.31 -3.39 25.52
N ILE D 17 8.12 -3.42 24.47
CA ILE D 17 9.50 -2.95 24.51
C ILE D 17 9.58 -1.56 25.12
N GLN D 18 8.58 -0.74 24.86
CA GLN D 18 8.54 0.62 25.39
C GLN D 18 8.46 0.61 26.91
N HIS D 19 7.50 -0.14 27.44
CA HIS D 19 7.31 -0.23 28.89
C HIS D 19 8.39 -1.14 29.50
N THR D 20 8.95 -1.99 28.66
CA THR D 20 9.99 -2.91 29.10
C THR D 20 11.34 -2.21 29.10
N LEU D 21 11.52 -1.30 28.15
CA LEU D 21 12.75 -0.55 28.05
C LEU D 21 12.50 0.87 28.51
N VAL D 22 12.52 1.05 29.82
CA VAL D 22 12.26 2.34 30.44
C VAL D 22 13.56 3.03 30.80
N ASP D 23 14.56 2.87 29.94
CA ASP D 23 15.86 3.50 30.16
C ASP D 23 15.89 4.91 29.56
N SER D 24 14.72 5.43 29.19
CA SER D 24 14.59 6.77 28.61
C SER D 24 15.07 6.78 27.16
N GLN D 25 16.35 6.59 26.96
CA GLN D 25 16.90 6.57 25.61
C GLN D 25 16.26 5.45 24.79
N SER D 26 15.92 4.37 25.48
CA SER D 26 15.30 3.23 24.83
C SER D 26 13.86 3.54 24.43
N GLN D 27 13.10 4.16 25.33
CA GLN D 27 11.72 4.52 25.04
C GLN D 27 11.64 5.52 23.89
N GLU D 28 12.67 6.35 23.76
CA GLU D 28 12.72 7.33 22.69
C GLU D 28 13.01 6.65 21.36
N ASP D 29 13.90 5.66 21.40
CA ASP D 29 14.24 4.90 20.20
C ASP D 29 13.06 4.04 19.80
N ILE D 30 12.44 3.44 20.81
CA ILE D 30 11.27 2.62 20.61
C ILE D 30 10.17 3.44 19.97
N SER D 31 9.92 4.61 20.56
CA SER D 31 8.90 5.52 20.06
C SER D 31 9.18 5.84 18.60
N LEU D 32 10.46 5.94 18.25
CA LEU D 32 10.86 6.22 16.89
C LEU D 32 10.28 5.16 15.95
N LEU D 33 10.49 3.90 16.30
CA LEU D 33 9.96 2.79 15.50
C LEU D 33 8.45 2.87 15.47
N LEU D 34 7.86 3.12 16.63
CA LEU D 34 6.41 3.24 16.75
C LEU D 34 5.88 4.30 15.80
N GLN D 35 6.58 5.42 15.73
CA GLN D 35 6.17 6.51 14.84
C GLN D 35 6.19 6.06 13.39
N LEU D 36 7.28 5.44 12.99
CA LEU D 36 7.43 4.94 11.63
C LEU D 36 6.36 3.90 11.33
N VAL D 37 6.21 2.96 12.25
CA VAL D 37 5.22 1.89 12.12
C VAL D 37 3.79 2.45 12.08
N GLN D 38 3.53 3.47 12.89
CA GLN D 38 2.22 4.07 12.96
C GLN D 38 1.96 5.06 11.82
N ASN D 39 3.02 5.43 11.10
CA ASN D 39 2.89 6.37 9.99
C ASN D 39 1.88 5.85 8.97
N LYS D 40 0.97 6.72 8.53
CA LYS D 40 -0.05 6.34 7.56
C LYS D 40 0.57 5.80 6.28
N ASP D 41 1.41 6.61 5.63
CA ASP D 41 2.05 6.20 4.38
C ASP D 41 2.93 4.98 4.61
N PHE D 42 3.78 5.05 5.61
CA PHE D 42 4.68 3.94 5.94
C PHE D 42 3.88 2.66 6.20
N GLN D 43 2.75 2.81 6.88
CA GLN D 43 1.90 1.68 7.20
C GLN D 43 1.43 0.97 5.94
N ASN D 44 0.95 1.73 4.97
CA ASN D 44 0.48 1.16 3.72
C ASN D 44 1.60 0.42 2.99
N ALA D 45 2.78 1.03 2.97
CA ALA D 45 3.93 0.43 2.31
C ALA D 45 4.24 -0.95 2.86
N PHE D 46 4.30 -1.05 4.20
CA PHE D 46 4.56 -2.33 4.85
C PHE D 46 3.50 -3.36 4.49
N LYS D 47 2.26 -2.90 4.37
CA LYS D 47 1.15 -3.78 4.03
C LYS D 47 1.37 -4.39 2.65
N ILE D 48 1.95 -3.61 1.76
CA ILE D 48 2.22 -4.08 0.40
C ILE D 48 3.31 -5.15 0.41
N HIS D 49 4.42 -4.85 1.07
CA HIS D 49 5.53 -5.77 1.16
C HIS D 49 5.13 -7.04 1.89
N ASN D 50 4.49 -6.88 3.04
CA ASN D 50 4.06 -8.01 3.85
C ASN D 50 3.18 -8.98 3.06
N ALA D 51 2.05 -8.49 2.58
CA ALA D 51 1.12 -9.33 1.82
C ALA D 51 1.77 -9.89 0.56
N ILE D 52 2.36 -9.02 -0.25
CA ILE D 52 3.00 -9.45 -1.48
C ILE D 52 4.10 -10.47 -1.22
N THR D 53 4.89 -10.25 -0.17
CA THR D 53 5.96 -11.19 0.18
C THR D 53 5.36 -12.56 0.50
N VAL D 54 4.35 -12.53 1.35
CA VAL D 54 3.66 -13.75 1.76
C VAL D 54 3.10 -14.47 0.54
N HIS D 55 2.45 -13.72 -0.34
CA HIS D 55 1.90 -14.29 -1.56
C HIS D 55 3.01 -14.84 -2.44
N MET D 56 4.17 -14.19 -2.37
CA MET D 56 5.33 -14.62 -3.15
C MET D 56 5.74 -16.04 -2.78
N ASN D 57 5.77 -16.31 -1.47
CA ASN D 57 6.13 -17.63 -0.97
C ASN D 57 4.96 -18.60 -1.08
N LYS D 58 3.75 -18.08 -0.86
CA LYS D 58 2.54 -18.90 -0.94
C LYS D 58 2.33 -19.43 -2.36
N ALA D 59 2.27 -18.52 -3.32
CA ALA D 59 2.07 -18.88 -4.72
C ALA D 59 3.40 -18.98 -5.44
N SER D 60 3.92 -20.20 -5.58
CA SER D 60 5.18 -20.44 -6.26
C SER D 60 5.24 -21.84 -6.84
N ASN A 1 16.64 14.89 6.43
CA ASN A 1 16.88 13.82 5.47
C ASN A 1 16.25 12.51 5.94
N PRO A 2 15.56 11.78 5.04
CA PRO A 2 14.92 10.51 5.38
C PRO A 2 15.92 9.39 5.62
N ALA A 3 17.12 9.56 5.08
CA ALA A 3 18.17 8.55 5.23
C ALA A 3 18.70 8.54 6.66
N ALA A 4 18.69 9.71 7.30
CA ALA A 4 19.18 9.84 8.67
C ALA A 4 18.24 9.12 9.64
N GLU A 5 16.94 9.27 9.43
CA GLU A 5 15.94 8.63 10.28
C GLU A 5 15.97 7.11 10.12
N LYS A 6 16.10 6.67 8.87
CA LYS A 6 16.15 5.24 8.58
C LYS A 6 17.42 4.62 9.16
N MET A 7 18.54 5.29 8.97
CA MET A 7 19.81 4.79 9.50
C MET A 7 19.74 4.71 11.02
N GLN A 8 19.09 5.68 11.62
CA GLN A 8 18.91 5.70 13.07
C GLN A 8 17.93 4.62 13.48
N VAL A 9 16.94 4.38 12.61
CA VAL A 9 15.93 3.36 12.85
C VAL A 9 16.59 1.99 12.95
N LEU A 10 17.36 1.64 11.92
CA LEU A 10 18.05 0.35 11.90
C LEU A 10 18.96 0.24 13.12
N GLN A 11 19.68 1.32 13.41
CA GLN A 11 20.56 1.36 14.56
C GLN A 11 19.73 1.28 15.84
N VAL A 12 18.49 1.76 15.76
CA VAL A 12 17.59 1.73 16.90
C VAL A 12 17.08 0.30 17.11
N LEU A 13 16.82 -0.39 16.01
CA LEU A 13 16.34 -1.76 16.08
C LEU A 13 17.37 -2.66 16.75
N ASP A 14 18.64 -2.43 16.44
CA ASP A 14 19.72 -3.21 17.01
C ASP A 14 19.91 -2.88 18.49
N ARG A 15 19.81 -1.60 18.82
CA ARG A 15 19.97 -1.15 20.20
C ARG A 15 18.85 -1.69 21.09
N LEU A 16 17.62 -1.44 20.68
CA LEU A 16 16.47 -1.92 21.45
C LEU A 16 16.59 -3.42 21.68
N ARG A 17 16.77 -4.16 20.59
CA ARG A 17 16.92 -5.61 20.66
C ARG A 17 17.97 -6.00 21.70
N GLY A 18 19.11 -5.31 21.67
CA GLY A 18 20.16 -5.61 22.62
C GLY A 18 19.66 -5.56 24.06
N LYS A 19 18.89 -4.53 24.37
CA LYS A 19 18.33 -4.38 25.71
C LYS A 19 17.32 -5.47 26.01
N LEU A 20 16.61 -5.94 24.98
CA LEU A 20 15.63 -6.99 25.15
C LEU A 20 16.30 -8.30 25.52
N GLN A 21 17.30 -8.68 24.76
CA GLN A 21 18.04 -9.90 25.01
C GLN A 21 18.74 -9.80 26.36
N GLU A 22 19.04 -8.57 26.79
CA GLU A 22 19.69 -8.35 28.07
C GLU A 22 18.67 -8.36 29.19
N LYS A 23 17.47 -7.88 28.89
CA LYS A 23 16.40 -7.83 29.87
C LYS A 23 15.75 -9.19 30.08
N GLY A 24 15.69 -9.98 29.00
CA GLY A 24 15.09 -11.30 29.09
C GLY A 24 13.83 -11.42 28.25
N ASP A 25 13.73 -10.61 27.21
CA ASP A 25 12.58 -10.62 26.33
C ASP A 25 13.03 -10.88 24.89
N THR A 26 13.20 -12.15 24.56
CA THR A 26 13.63 -12.54 23.23
C THR A 26 12.43 -12.86 22.35
N THR A 27 11.25 -12.48 22.83
CA THR A 27 10.02 -12.71 22.09
C THR A 27 9.86 -11.67 20.98
N GLN A 28 9.90 -10.41 21.37
CA GLN A 28 9.77 -9.31 20.40
C GLN A 28 10.99 -9.27 19.49
N ASN A 29 12.05 -9.97 19.87
CA ASN A 29 13.28 -10.02 19.09
C ASN A 29 12.98 -10.38 17.64
N GLU A 30 12.13 -11.39 17.44
CA GLU A 30 11.76 -11.83 16.11
C GLU A 30 11.14 -10.68 15.32
N LYS A 31 10.43 -9.80 16.02
CA LYS A 31 9.81 -8.64 15.39
C LYS A 31 10.85 -7.64 14.95
N LEU A 32 11.91 -7.52 15.75
CA LEU A 32 12.99 -6.59 15.45
C LEU A 32 13.79 -7.09 14.25
N SER A 33 13.96 -8.41 14.16
CA SER A 33 14.69 -9.00 13.05
C SER A 33 13.87 -8.94 11.78
N ALA A 34 12.55 -9.01 11.94
CA ALA A 34 11.62 -8.94 10.82
C ALA A 34 11.50 -7.52 10.32
N PHE A 35 11.37 -6.58 11.25
CA PHE A 35 11.25 -5.17 10.91
C PHE A 35 12.57 -4.65 10.34
N TYR A 36 13.66 -4.97 11.02
CA TYR A 36 14.99 -4.55 10.59
C TYR A 36 15.28 -5.02 9.17
N GLU A 37 15.12 -6.31 8.92
CA GLU A 37 15.36 -6.88 7.61
C GLU A 37 14.49 -6.21 6.54
N THR A 38 13.19 -6.14 6.81
CA THR A 38 12.25 -5.53 5.88
C THR A 38 12.67 -4.10 5.55
N LEU A 39 13.15 -3.37 6.56
CA LEU A 39 13.58 -1.99 6.37
C LEU A 39 14.77 -1.94 5.41
N LYS A 40 15.62 -2.95 5.49
CA LYS A 40 16.80 -3.01 4.62
C LYS A 40 16.41 -3.35 3.19
N SER A 41 15.31 -4.06 3.03
CA SER A 41 14.82 -4.46 1.70
C SER A 41 14.93 -3.32 0.70
N PRO A 42 15.53 -3.56 -0.47
CA PRO A 42 15.70 -2.54 -1.51
C PRO A 42 14.37 -2.07 -2.09
N LEU A 43 13.60 -3.00 -2.64
CA LEU A 43 12.31 -2.66 -3.22
C LEU A 43 11.40 -2.01 -2.19
N PHE A 44 11.53 -2.43 -0.93
CA PHE A 44 10.74 -1.86 0.14
C PHE A 44 11.04 -0.38 0.31
N ASN A 45 12.34 -0.06 0.34
CA ASN A 45 12.77 1.32 0.47
C ASN A 45 12.17 2.16 -0.64
N GLN A 46 12.08 1.58 -1.83
CA GLN A 46 11.51 2.27 -2.98
C GLN A 46 10.04 2.62 -2.71
N ILE A 47 9.32 1.69 -2.09
CA ILE A 47 7.92 1.91 -1.78
C ILE A 47 7.75 3.11 -0.86
N LEU A 48 8.59 3.17 0.18
CA LEU A 48 8.54 4.28 1.13
C LEU A 48 8.88 5.59 0.44
N THR A 49 9.93 5.56 -0.39
CA THR A 49 10.34 6.75 -1.12
C THR A 49 9.17 7.32 -1.91
N LEU A 50 8.37 6.42 -2.49
CA LEU A 50 7.21 6.81 -3.25
C LEU A 50 6.22 7.56 -2.36
N GLN A 51 5.92 6.95 -1.22
CA GLN A 51 5.00 7.57 -0.26
C GLN A 51 5.56 8.93 0.19
N GLN A 52 6.88 9.03 0.23
CA GLN A 52 7.54 10.27 0.62
C GLN A 52 7.21 11.37 -0.38
N SER A 53 7.19 11.01 -1.65
CA SER A 53 6.87 11.95 -2.72
C SER A 53 5.47 12.50 -2.50
N ILE A 54 4.52 11.59 -2.28
CA ILE A 54 3.13 11.98 -2.05
C ILE A 54 3.06 12.88 -0.81
N LYS A 55 3.90 12.59 0.16
CA LYS A 55 3.95 13.38 1.39
C LYS A 55 4.25 14.84 1.07
N GLN A 56 5.19 15.04 0.15
CA GLN A 56 5.58 16.39 -0.26
C GLN A 56 4.38 17.08 -0.92
N LEU A 57 3.65 16.33 -1.73
CA LEU A 57 2.47 16.86 -2.41
C LEU A 57 1.49 17.45 -1.40
N LYS A 58 1.30 16.74 -0.29
CA LYS A 58 0.40 17.20 0.76
C LYS A 58 0.87 18.51 1.36
N GLY A 59 2.15 18.54 1.76
CA GLY A 59 2.71 19.75 2.34
C GLY A 59 2.65 20.93 1.40
N GLN A 60 3.02 20.71 0.14
CA GLN A 60 3.01 21.78 -0.86
C GLN A 60 1.60 22.36 -1.02
N LEU A 61 0.68 21.52 -1.45
CA LEU A 61 -0.71 21.96 -1.65
C LEU A 61 -1.31 22.46 -0.34
N SER A 62 -1.10 23.75 -0.06
CA SER A 62 -1.63 24.36 1.16
C SER A 62 -2.87 25.19 0.86
N ALA B 1 -10.28 19.73 -4.70
CA ALA B 1 -9.86 18.96 -5.86
C ALA B 1 -9.03 17.75 -5.44
N VAL B 2 -9.71 16.74 -4.92
CA VAL B 2 -9.05 15.51 -4.48
C VAL B 2 -10.07 14.45 -4.10
N LYS B 3 -10.96 14.12 -5.03
CA LYS B 3 -11.99 13.11 -4.81
C LYS B 3 -11.39 11.70 -4.81
N ILE B 4 -11.91 10.84 -3.95
CA ILE B 4 -11.42 9.47 -3.86
C ILE B 4 -12.33 8.52 -4.65
N LEU B 5 -12.25 7.23 -4.32
CA LEU B 5 -13.06 6.22 -5.01
C LEU B 5 -13.27 5.01 -4.11
N GLU B 6 -12.25 4.66 -3.33
CA GLU B 6 -12.32 3.51 -2.44
C GLU B 6 -12.70 2.25 -3.21
N ILE B 7 -11.73 1.38 -3.46
CA ILE B 7 -11.99 0.16 -4.20
C ILE B 7 -13.18 -0.60 -3.64
N GLU B 8 -13.50 -0.40 -2.37
CA GLU B 8 -14.63 -1.09 -1.78
C GLU B 8 -15.92 -0.69 -2.48
N ASP B 9 -16.11 0.61 -2.65
CA ASP B 9 -17.28 1.13 -3.34
C ASP B 9 -17.12 0.93 -4.85
N LEU B 10 -15.89 1.05 -5.31
CA LEU B 10 -15.59 0.88 -6.73
C LEU B 10 -15.71 -0.59 -7.12
N PHE B 11 -15.45 -1.48 -6.16
CA PHE B 11 -15.54 -2.91 -6.39
C PHE B 11 -17.00 -3.33 -6.52
N SER B 12 -17.81 -2.91 -5.56
CA SER B 12 -19.23 -3.21 -5.58
C SER B 12 -19.86 -2.56 -6.79
N SER B 13 -19.26 -1.46 -7.25
CA SER B 13 -19.75 -0.73 -8.41
C SER B 13 -19.62 -1.58 -9.66
N LEU B 14 -18.43 -2.13 -9.91
CA LEU B 14 -18.22 -2.98 -11.08
C LEU B 14 -19.18 -4.15 -11.06
N LYS B 15 -19.40 -4.68 -9.86
CA LYS B 15 -20.31 -5.81 -9.71
C LYS B 15 -21.70 -5.41 -10.19
N HIS B 16 -22.10 -4.18 -9.88
CA HIS B 16 -23.38 -3.65 -10.32
C HIS B 16 -23.35 -3.45 -11.83
N ILE B 17 -22.34 -2.70 -12.28
CA ILE B 17 -22.13 -2.42 -13.69
C ILE B 17 -22.15 -3.69 -14.52
N GLN B 18 -21.55 -4.74 -13.98
CA GLN B 18 -21.51 -6.04 -14.67
C GLN B 18 -22.91 -6.59 -14.86
N HIS B 19 -23.67 -6.66 -13.78
CA HIS B 19 -25.04 -7.17 -13.84
C HIS B 19 -25.99 -6.09 -14.36
N THR B 20 -25.44 -4.89 -14.56
CA THR B 20 -26.22 -3.77 -15.05
C THR B 20 -26.07 -3.63 -16.56
N LEU B 21 -24.88 -3.96 -17.05
CA LEU B 21 -24.61 -3.88 -18.49
C LEU B 21 -24.92 -5.22 -19.16
N VAL B 22 -24.30 -6.27 -18.64
CA VAL B 22 -24.51 -7.63 -19.16
C VAL B 22 -24.55 -7.65 -20.69
N ASP B 23 -23.70 -6.85 -21.30
CA ASP B 23 -23.63 -6.78 -22.75
C ASP B 23 -22.47 -7.62 -23.27
N SER B 24 -22.11 -8.65 -22.51
CA SER B 24 -21.01 -9.53 -22.87
C SER B 24 -19.69 -8.78 -22.87
N GLN B 25 -19.48 -7.94 -23.87
CA GLN B 25 -18.27 -7.14 -23.95
C GLN B 25 -18.17 -6.24 -22.73
N SER B 26 -19.32 -5.91 -22.16
CA SER B 26 -19.38 -5.08 -20.97
C SER B 26 -18.93 -5.88 -19.75
N GLN B 27 -19.50 -7.06 -19.58
CA GLN B 27 -19.15 -7.91 -18.44
C GLN B 27 -17.68 -8.32 -18.50
N GLU B 28 -17.15 -8.45 -19.71
CA GLU B 28 -15.76 -8.83 -19.88
C GLU B 28 -14.84 -7.67 -19.52
N ASP B 29 -15.24 -6.47 -19.91
CA ASP B 29 -14.47 -5.27 -19.60
C ASP B 29 -14.58 -4.97 -18.12
N ILE B 30 -15.79 -5.12 -17.61
CA ILE B 30 -16.07 -4.91 -16.20
C ILE B 30 -15.22 -5.86 -15.35
N SER B 31 -15.27 -7.14 -15.73
CA SER B 31 -14.52 -8.17 -15.03
C SER B 31 -13.04 -7.84 -15.01
N LEU B 32 -12.55 -7.28 -16.12
CA LEU B 32 -11.16 -6.90 -16.23
C LEU B 32 -10.80 -5.92 -15.13
N LEU B 33 -11.64 -4.89 -14.95
CA LEU B 33 -11.41 -3.91 -13.90
C LEU B 33 -11.50 -4.58 -12.55
N LEU B 34 -12.51 -5.44 -12.41
CA LEU B 34 -12.72 -6.19 -11.17
C LEU B 34 -11.47 -6.98 -10.80
N GLN B 35 -10.87 -7.62 -11.79
CA GLN B 35 -9.67 -8.40 -11.57
C GLN B 35 -8.54 -7.53 -11.05
N LEU B 36 -8.36 -6.38 -11.69
CA LEU B 36 -7.33 -5.43 -11.29
C LEU B 36 -7.61 -4.95 -9.88
N VAL B 37 -8.86 -4.60 -9.62
CA VAL B 37 -9.29 -4.11 -8.31
C VAL B 37 -9.04 -5.15 -7.23
N GLN B 38 -9.41 -6.39 -7.49
CA GLN B 38 -9.25 -7.46 -6.51
C GLN B 38 -7.80 -7.90 -6.39
N ASN B 39 -6.97 -7.55 -7.37
CA ASN B 39 -5.57 -7.92 -7.33
C ASN B 39 -4.89 -7.35 -6.09
N LYS B 40 -4.16 -8.19 -5.38
CA LYS B 40 -3.47 -7.78 -4.15
C LYS B 40 -2.57 -6.56 -4.38
N ASP B 41 -1.61 -6.69 -5.29
CA ASP B 41 -0.69 -5.60 -5.58
C ASP B 41 -1.43 -4.33 -6.00
N PHE B 42 -2.34 -4.47 -6.95
CA PHE B 42 -3.13 -3.34 -7.43
C PHE B 42 -3.90 -2.70 -6.27
N GLN B 43 -4.70 -3.51 -5.59
CA GLN B 43 -5.50 -3.03 -4.47
C GLN B 43 -4.61 -2.37 -3.42
N ASN B 44 -3.37 -2.84 -3.31
CA ASN B 44 -2.43 -2.30 -2.35
C ASN B 44 -2.04 -0.87 -2.74
N ALA B 45 -1.61 -0.71 -3.99
CA ALA B 45 -1.22 0.60 -4.49
C ALA B 45 -2.38 1.59 -4.39
N PHE B 46 -3.54 1.16 -4.84
CA PHE B 46 -4.74 2.00 -4.79
C PHE B 46 -5.05 2.41 -3.35
N LYS B 47 -4.78 1.50 -2.42
CA LYS B 47 -5.02 1.77 -1.01
C LYS B 47 -4.11 2.89 -0.51
N ILE B 48 -2.88 2.91 -1.00
CA ILE B 48 -1.92 3.95 -0.62
C ILE B 48 -2.42 5.31 -1.06
N HIS B 49 -2.80 5.42 -2.32
CA HIS B 49 -3.29 6.68 -2.88
C HIS B 49 -4.57 7.12 -2.17
N ASN B 50 -5.52 6.20 -2.05
CA ASN B 50 -6.81 6.49 -1.42
C ASN B 50 -6.63 7.05 -0.01
N ALA B 51 -6.01 6.27 0.86
CA ALA B 51 -5.80 6.69 2.24
C ALA B 51 -4.97 7.98 2.32
N ILE B 52 -3.81 7.97 1.67
CA ILE B 52 -2.94 9.13 1.69
C ILE B 52 -3.66 10.39 1.17
N THR B 53 -4.35 10.25 0.04
CA THR B 53 -5.09 11.38 -0.52
C THR B 53 -6.09 11.92 0.51
N VAL B 54 -6.80 10.99 1.14
CA VAL B 54 -7.78 11.35 2.16
C VAL B 54 -7.10 12.15 3.27
N HIS B 55 -5.98 11.64 3.76
CA HIS B 55 -5.23 12.32 4.81
C HIS B 55 -4.70 13.66 4.31
N MET B 56 -4.42 13.73 3.00
CA MET B 56 -3.91 14.95 2.39
C MET B 56 -4.86 16.11 2.63
N ASN B 57 -6.10 15.97 2.16
CA ASN B 57 -7.10 17.01 2.32
C ASN B 57 -7.49 17.17 3.80
N LYS B 58 -7.38 16.08 4.55
CA LYS B 58 -7.72 16.10 5.97
C LYS B 58 -6.72 16.94 6.76
N ALA B 59 -5.44 16.78 6.45
CA ALA B 59 -4.39 17.53 7.14
C ALA B 59 -3.79 18.60 6.22
N SER B 60 -2.79 19.30 6.73
CA SER B 60 -2.13 20.36 5.96
C SER B 60 -0.75 20.66 6.53
N ASN C 1 2.23 -7.90 -22.54
CA ASN C 1 2.25 -6.45 -22.44
C ASN C 1 1.36 -5.96 -21.29
N PRO C 2 1.97 -5.57 -20.17
CA PRO C 2 1.23 -5.08 -19.00
C PRO C 2 0.52 -3.77 -19.28
N ALA C 3 1.22 -2.86 -19.95
CA ALA C 3 0.66 -1.56 -20.28
C ALA C 3 -0.66 -1.70 -21.04
N ALA C 4 -0.79 -2.79 -21.79
CA ALA C 4 -2.01 -3.04 -22.56
C ALA C 4 -3.22 -3.13 -21.64
N GLU C 5 -3.04 -3.75 -20.48
CA GLU C 5 -4.13 -3.90 -19.51
C GLU C 5 -4.62 -2.54 -19.04
N LYS C 6 -3.69 -1.72 -18.56
CA LYS C 6 -4.02 -0.39 -18.07
C LYS C 6 -4.61 0.44 -19.20
N MET C 7 -4.02 0.35 -20.39
CA MET C 7 -4.50 1.08 -21.54
C MET C 7 -5.92 0.65 -21.87
N GLN C 8 -6.15 -0.66 -21.85
CA GLN C 8 -7.47 -1.21 -22.12
C GLN C 8 -8.42 -0.80 -20.99
N VAL C 9 -7.89 -0.75 -19.78
CA VAL C 9 -8.67 -0.36 -18.62
C VAL C 9 -9.22 1.05 -18.79
N LEU C 10 -8.37 1.94 -19.28
CA LEU C 10 -8.76 3.32 -19.49
C LEU C 10 -9.87 3.42 -20.52
N GLN C 11 -9.67 2.82 -21.68
CA GLN C 11 -10.69 2.81 -22.72
C GLN C 11 -11.90 2.00 -22.27
N VAL C 12 -11.65 1.02 -21.40
CA VAL C 12 -12.72 0.18 -20.87
C VAL C 12 -13.55 0.96 -19.88
N LEU C 13 -12.89 1.81 -19.11
CA LEU C 13 -13.57 2.64 -18.11
C LEU C 13 -14.54 3.60 -18.78
N ASP C 14 -14.06 4.27 -19.82
CA ASP C 14 -14.89 5.23 -20.55
C ASP C 14 -16.04 4.52 -21.25
N ARG C 15 -15.77 3.34 -21.79
CA ARG C 15 -16.77 2.54 -22.48
C ARG C 15 -17.89 2.13 -21.53
N LEU C 16 -17.51 1.50 -20.42
CA LEU C 16 -18.48 1.05 -19.43
C LEU C 16 -19.41 2.19 -19.03
N ARG C 17 -18.83 3.27 -18.54
CA ARG C 17 -19.60 4.43 -18.12
C ARG C 17 -20.56 4.88 -19.22
N GLY C 18 -20.10 4.79 -20.47
CA GLY C 18 -20.93 5.18 -21.59
C GLY C 18 -22.22 4.39 -21.63
N LYS C 19 -22.10 3.07 -21.49
CA LYS C 19 -23.27 2.20 -21.51
C LYS C 19 -24.19 2.50 -20.34
N LEU C 20 -23.60 2.92 -19.22
CA LEU C 20 -24.37 3.24 -18.03
C LEU C 20 -25.22 4.48 -18.24
N GLN C 21 -24.57 5.55 -18.73
CA GLN C 21 -25.29 6.78 -19.02
C GLN C 21 -26.42 6.51 -19.99
N GLU C 22 -26.20 5.53 -20.86
CA GLU C 22 -27.22 5.14 -21.84
C GLU C 22 -28.21 4.17 -21.20
N LYS C 23 -27.73 3.43 -20.20
CA LYS C 23 -28.55 2.46 -19.49
C LYS C 23 -29.48 3.15 -18.50
N GLY C 24 -29.00 4.23 -17.90
CA GLY C 24 -29.79 4.97 -16.93
C GLY C 24 -29.19 4.95 -15.53
N ASP C 25 -27.99 4.37 -15.43
CA ASP C 25 -27.30 4.30 -14.15
C ASP C 25 -26.14 5.28 -14.13
N THR C 26 -26.43 6.51 -13.74
CA THR C 26 -25.40 7.54 -13.66
C THR C 26 -24.79 7.57 -12.28
N THR C 27 -25.05 6.51 -11.51
CA THR C 27 -24.53 6.39 -10.15
C THR C 27 -23.10 5.83 -10.18
N GLN C 28 -22.92 4.72 -10.86
CA GLN C 28 -21.62 4.08 -10.97
C GLN C 28 -20.70 4.89 -11.89
N ASN C 29 -21.30 5.71 -12.74
CA ASN C 29 -20.54 6.54 -13.68
C ASN C 29 -19.49 7.36 -12.93
N GLU C 30 -19.90 7.97 -11.82
CA GLU C 30 -18.99 8.77 -11.01
C GLU C 30 -17.80 7.94 -10.58
N LYS C 31 -18.03 6.65 -10.38
CA LYS C 31 -16.96 5.73 -9.97
C LYS C 31 -15.96 5.56 -11.10
N LEU C 32 -16.47 5.38 -12.32
CA LEU C 32 -15.62 5.20 -13.48
C LEU C 32 -14.77 6.45 -13.71
N SER C 33 -15.36 7.62 -13.46
CA SER C 33 -14.65 8.88 -13.62
C SER C 33 -13.61 9.03 -12.52
N ALA C 34 -13.93 8.47 -11.36
CA ALA C 34 -13.03 8.53 -10.21
C ALA C 34 -11.84 7.60 -10.42
N PHE C 35 -12.12 6.39 -10.90
CA PHE C 35 -11.07 5.41 -11.18
C PHE C 35 -10.27 5.84 -12.40
N TYR C 36 -10.98 6.25 -13.44
CA TYR C 36 -10.36 6.70 -14.69
C TYR C 36 -9.32 7.78 -14.42
N GLU C 37 -9.72 8.83 -13.72
CA GLU C 37 -8.83 9.93 -13.41
C GLU C 37 -7.64 9.46 -12.58
N THR C 38 -7.93 8.75 -11.49
CA THR C 38 -6.88 8.23 -10.61
C THR C 38 -5.88 7.40 -11.41
N LEU C 39 -6.38 6.70 -12.43
CA LEU C 39 -5.52 5.87 -13.27
C LEU C 39 -4.58 6.73 -14.10
N LYS C 40 -5.08 7.88 -14.56
CA LYS C 40 -4.29 8.80 -15.36
C LYS C 40 -3.20 9.45 -14.51
N SER C 41 -3.47 9.58 -13.22
CA SER C 41 -2.51 10.19 -12.30
C SER C 41 -1.12 9.59 -12.47
N PRO C 42 -0.10 10.45 -12.73
CA PRO C 42 1.28 9.98 -12.91
C PRO C 42 1.85 9.36 -11.64
N LEU C 43 1.49 9.95 -10.50
CA LEU C 43 1.95 9.46 -9.22
C LEU C 43 1.41 8.06 -8.97
N PHE C 44 0.12 7.88 -9.18
CA PHE C 44 -0.52 6.59 -9.00
C PHE C 44 0.15 5.53 -9.87
N ASN C 45 0.36 5.86 -11.13
CA ASN C 45 1.01 4.95 -12.07
C ASN C 45 2.36 4.52 -11.54
N GLN C 46 3.07 5.45 -10.90
CA GLN C 46 4.38 5.17 -10.33
C GLN C 46 4.27 4.10 -9.26
N ILE C 47 3.24 4.22 -8.42
CA ILE C 47 3.03 3.24 -7.35
C ILE C 47 2.86 1.85 -7.92
N LEU C 48 2.04 1.73 -8.96
CA LEU C 48 1.81 0.44 -9.61
C LEU C 48 3.08 -0.05 -10.28
N THR C 49 3.86 0.88 -10.81
CA THR C 49 5.12 0.55 -11.47
C THR C 49 5.99 -0.28 -10.54
N LEU C 50 6.19 0.22 -9.33
CA LEU C 50 6.99 -0.48 -8.33
C LEU C 50 6.37 -1.84 -8.04
N GLN C 51 5.04 -1.86 -7.90
CA GLN C 51 4.32 -3.09 -7.63
C GLN C 51 4.54 -4.08 -8.77
N GLN C 52 4.63 -3.55 -9.99
CA GLN C 52 4.84 -4.38 -11.17
C GLN C 52 6.18 -5.10 -11.07
N SER C 53 7.20 -4.39 -10.60
CA SER C 53 8.53 -4.97 -10.44
C SER C 53 8.49 -6.12 -9.46
N ILE C 54 7.82 -5.91 -8.33
CA ILE C 54 7.69 -6.96 -7.32
C ILE C 54 7.00 -8.18 -7.90
N LYS C 55 6.02 -7.94 -8.76
CA LYS C 55 5.28 -9.02 -9.40
C LYS C 55 6.24 -9.86 -10.26
N GLN C 56 7.18 -9.18 -10.90
CA GLN C 56 8.17 -9.85 -11.73
C GLN C 56 9.01 -10.78 -10.87
N LEU C 57 9.31 -10.33 -9.66
CA LEU C 57 10.09 -11.13 -8.71
C LEU C 57 9.35 -12.41 -8.34
N LYS C 58 8.15 -12.24 -7.77
CA LYS C 58 7.34 -13.38 -7.38
C LYS C 58 7.04 -14.29 -8.57
N GLY C 59 7.16 -13.75 -9.77
CA GLY C 59 6.88 -14.53 -10.96
C GLY C 59 8.14 -15.08 -11.62
N GLN C 60 9.28 -14.47 -11.32
CA GLN C 60 10.55 -14.92 -11.89
C GLN C 60 11.65 -15.01 -10.84
N LEU C 61 11.25 -15.34 -9.61
CA LEU C 61 12.20 -15.46 -8.51
C LEU C 61 13.18 -16.61 -8.76
N SER C 62 14.31 -16.29 -9.38
CA SER C 62 15.33 -17.29 -9.69
C SER C 62 16.65 -16.95 -9.01
N ALA D 1 14.43 -16.41 3.58
CA ALA D 1 14.24 -14.97 3.58
C ALA D 1 12.86 -14.62 3.03
N VAL D 2 11.83 -14.75 3.87
CA VAL D 2 10.47 -14.44 3.45
C VAL D 2 9.53 -14.44 4.65
N LYS D 3 10.04 -14.05 5.81
CA LYS D 3 9.23 -14.00 7.03
C LYS D 3 8.52 -12.66 7.15
N ILE D 4 7.25 -12.70 7.53
CA ILE D 4 6.47 -11.48 7.68
C ILE D 4 6.62 -10.90 9.09
N LEU D 5 6.10 -9.70 9.27
CA LEU D 5 6.18 -9.03 10.56
C LEU D 5 4.80 -8.53 11.02
N GLU D 6 4.02 -8.02 10.06
CA GLU D 6 2.69 -7.50 10.38
C GLU D 6 2.78 -6.40 11.45
N ILE D 7 2.58 -5.16 11.02
CA ILE D 7 2.66 -4.02 11.95
C ILE D 7 1.82 -4.26 13.20
N GLU D 8 0.79 -5.09 13.10
CA GLU D 8 -0.05 -5.36 14.25
C GLU D 8 0.75 -6.04 15.35
N ASP D 9 1.51 -7.06 14.99
CA ASP D 9 2.34 -7.77 15.94
C ASP D 9 3.59 -6.96 16.25
N LEU D 10 4.07 -6.24 15.23
CA LEU D 10 5.26 -5.41 15.38
C LEU D 10 4.93 -4.16 16.21
N PHE D 11 3.68 -3.71 16.12
CA PHE D 11 3.23 -2.55 16.86
C PHE D 11 3.11 -2.89 18.33
N SER D 12 2.46 -4.02 18.61
CA SER D 12 2.32 -4.50 19.98
C SER D 12 3.68 -4.81 20.56
N SER D 13 4.61 -5.18 19.68
CA SER D 13 5.97 -5.50 20.08
C SER D 13 6.65 -4.27 20.66
N LEU D 14 6.63 -3.18 19.91
CA LEU D 14 7.24 -1.93 20.37
C LEU D 14 6.60 -1.50 21.68
N LYS D 15 5.30 -1.77 21.80
CA LYS D 15 4.57 -1.42 23.01
C LYS D 15 5.19 -2.12 24.20
N HIS D 16 5.54 -3.39 24.01
CA HIS D 16 6.18 -4.19 25.04
C HIS D 16 7.58 -3.65 25.27
N ILE D 17 8.35 -3.58 24.19
CA ILE D 17 9.71 -3.08 24.22
C ILE D 17 9.77 -1.70 24.86
N GLN D 18 8.72 -0.91 24.65
CA GLN D 18 8.65 0.43 25.21
C GLN D 18 8.57 0.37 26.73
N HIS D 19 7.64 -0.45 27.23
CA HIS D 19 7.46 -0.62 28.66
C HIS D 19 8.58 -1.48 29.25
N THR D 20 9.22 -2.27 28.39
CA THR D 20 10.32 -3.13 28.79
C THR D 20 11.62 -2.34 28.85
N LEU D 21 11.77 -1.41 27.90
CA LEU D 21 12.95 -0.56 27.84
C LEU D 21 12.55 0.85 28.26
N VAL D 22 12.38 1.00 29.56
CA VAL D 22 11.96 2.28 30.14
C VAL D 22 13.17 3.07 30.62
N ASP D 23 14.26 2.98 29.87
CA ASP D 23 15.48 3.71 30.21
C ASP D 23 15.51 5.08 29.52
N SER D 24 14.33 5.63 29.26
CA SER D 24 14.21 6.94 28.62
C SER D 24 14.70 6.90 27.18
N GLN D 25 16.01 6.77 27.00
CA GLN D 25 16.59 6.73 25.66
C GLN D 25 15.95 5.63 24.83
N SER D 26 15.59 4.55 25.48
CA SER D 26 14.95 3.42 24.82
C SER D 26 13.56 3.79 24.34
N GLN D 27 12.81 4.49 25.18
CA GLN D 27 11.45 4.92 24.84
C GLN D 27 11.47 5.81 23.60
N GLU D 28 12.52 6.61 23.48
CA GLU D 28 12.67 7.53 22.35
C GLU D 28 12.93 6.75 21.06
N ASP D 29 13.80 5.76 21.15
CA ASP D 29 14.13 4.93 19.99
C ASP D 29 12.92 4.07 19.63
N ILE D 30 12.30 3.53 20.67
CA ILE D 30 11.13 2.69 20.52
C ILE D 30 10.02 3.51 19.87
N SER D 31 9.78 4.69 20.43
CA SER D 31 8.75 5.58 19.91
C SER D 31 9.02 5.89 18.44
N LEU D 32 10.31 5.95 18.10
CA LEU D 32 10.72 6.21 16.73
C LEU D 32 10.12 5.16 15.81
N LEU D 33 10.32 3.90 16.16
CA LEU D 33 9.77 2.80 15.36
C LEU D 33 8.25 2.88 15.38
N LEU D 34 7.71 3.15 16.56
CA LEU D 34 6.27 3.26 16.74
C LEU D 34 5.69 4.32 15.82
N GLN D 35 6.39 5.45 15.70
CA GLN D 35 5.94 6.53 14.84
C GLN D 35 5.85 6.06 13.39
N LEU D 36 6.93 5.45 12.91
CA LEU D 36 6.98 4.94 11.55
C LEU D 36 5.90 3.90 11.35
N VAL D 37 5.83 2.95 12.27
CA VAL D 37 4.85 1.87 12.23
C VAL D 37 3.42 2.41 12.26
N GLN D 38 3.20 3.43 13.09
CA GLN D 38 1.87 4.01 13.22
C GLN D 38 1.57 5.01 12.11
N ASN D 39 2.59 5.38 11.35
CA ASN D 39 2.42 6.33 10.25
C ASN D 39 1.43 5.77 9.22
N LYS D 40 0.58 6.65 8.70
CA LYS D 40 -0.42 6.25 7.71
C LYS D 40 0.25 5.78 6.41
N ASP D 41 1.04 6.66 5.81
CA ASP D 41 1.73 6.32 4.56
C ASP D 41 2.64 5.12 4.75
N PHE D 42 3.47 5.17 5.78
CA PHE D 42 4.39 4.07 6.07
C PHE D 42 3.64 2.76 6.22
N GLN D 43 2.55 2.79 6.99
CA GLN D 43 1.74 1.60 7.20
C GLN D 43 1.30 0.99 5.88
N ASN D 44 0.90 1.84 4.94
CA ASN D 44 0.45 1.37 3.64
C ASN D 44 1.57 0.61 2.92
N ALA D 45 2.75 1.22 2.87
CA ALA D 45 3.90 0.61 2.21
C ALA D 45 4.20 -0.77 2.81
N PHE D 46 4.25 -0.83 4.13
CA PHE D 46 4.54 -2.07 4.83
C PHE D 46 3.50 -3.14 4.48
N LYS D 47 2.25 -2.71 4.31
CA LYS D 47 1.17 -3.62 3.97
C LYS D 47 1.40 -4.23 2.59
N ILE D 48 1.94 -3.43 1.68
CA ILE D 48 2.23 -3.91 0.32
C ILE D 48 3.26 -5.02 0.35
N HIS D 49 4.36 -4.77 1.05
CA HIS D 49 5.43 -5.75 1.16
C HIS D 49 4.98 -6.98 1.93
N ASN D 50 4.22 -6.76 3.00
CA ASN D 50 3.75 -7.85 3.84
C ASN D 50 2.96 -8.89 3.04
N ALA D 51 1.87 -8.47 2.42
CA ALA D 51 1.03 -9.38 1.64
C ALA D 51 1.75 -9.87 0.39
N ILE D 52 2.27 -8.94 -0.41
CA ILE D 52 2.98 -9.31 -1.62
C ILE D 52 4.08 -10.32 -1.31
N THR D 53 4.72 -10.16 -0.16
CA THR D 53 5.76 -11.08 0.28
C THR D 53 5.17 -12.47 0.44
N VAL D 54 4.07 -12.51 1.18
CA VAL D 54 3.37 -13.75 1.45
C VAL D 54 3.04 -14.48 0.16
N HIS D 55 2.44 -13.77 -0.79
CA HIS D 55 2.09 -14.35 -2.08
C HIS D 55 3.34 -14.79 -2.84
N MET D 56 4.44 -14.06 -2.62
CA MET D 56 5.70 -14.36 -3.27
C MET D 56 6.15 -15.79 -2.97
N ASN D 57 6.40 -16.05 -1.69
CA ASN D 57 6.84 -17.39 -1.26
C ASN D 57 5.72 -18.40 -1.40
N LYS D 58 4.50 -17.97 -1.14
CA LYS D 58 3.34 -18.85 -1.23
C LYS D 58 3.10 -19.27 -2.69
N ALA D 59 2.78 -18.31 -3.53
CA ALA D 59 2.53 -18.59 -4.94
C ALA D 59 3.79 -19.10 -5.64
N SER D 60 3.66 -20.22 -6.34
CA SER D 60 4.79 -20.81 -7.04
C SER D 60 4.94 -20.21 -8.43
N ASN A 1 17.08 15.51 6.70
CA ASN A 1 17.02 14.52 5.63
C ASN A 1 16.24 13.28 6.08
N PRO A 2 15.52 12.63 5.15
CA PRO A 2 14.73 11.43 5.46
C PRO A 2 15.60 10.28 5.93
N ALA A 3 16.68 10.03 5.19
CA ALA A 3 17.61 8.96 5.52
C ALA A 3 18.04 9.03 6.98
N ALA A 4 18.02 10.23 7.55
CA ALA A 4 18.41 10.43 8.94
C ALA A 4 17.54 9.61 9.88
N GLU A 5 16.24 9.59 9.60
CA GLU A 5 15.29 8.84 10.41
C GLU A 5 15.51 7.34 10.27
N LYS A 6 15.61 6.89 9.03
CA LYS A 6 15.83 5.47 8.74
C LYS A 6 17.13 5.00 9.36
N MET A 7 18.18 5.79 9.21
CA MET A 7 19.48 5.45 9.76
C MET A 7 19.39 5.35 11.28
N GLN A 8 18.72 6.31 11.89
CA GLN A 8 18.53 6.31 13.33
C GLN A 8 17.67 5.12 13.72
N VAL A 9 16.69 4.81 12.88
CA VAL A 9 15.79 3.70 13.10
C VAL A 9 16.57 2.39 13.17
N LEU A 10 17.40 2.16 12.17
CA LEU A 10 18.22 0.96 12.12
C LEU A 10 19.08 0.86 13.37
N GLN A 11 19.71 1.98 13.73
CA GLN A 11 20.53 2.04 14.92
C GLN A 11 19.66 1.88 16.16
N VAL A 12 18.40 2.29 16.03
CA VAL A 12 17.44 2.18 17.12
C VAL A 12 17.04 0.72 17.32
N LEU A 13 16.87 0.02 16.21
CA LEU A 13 16.48 -1.38 16.24
C LEU A 13 17.56 -2.23 16.91
N ASP A 14 18.81 -1.91 16.61
CA ASP A 14 19.94 -2.65 17.20
C ASP A 14 20.05 -2.36 18.69
N ARG A 15 19.92 -1.09 19.06
CA ARG A 15 20.03 -0.69 20.46
C ARG A 15 18.91 -1.30 21.29
N LEU A 16 17.68 -1.09 20.86
CA LEU A 16 16.52 -1.63 21.58
C LEU A 16 16.69 -3.13 21.80
N ARG A 17 16.87 -3.86 20.70
CA ARG A 17 17.05 -5.31 20.77
C ARG A 17 18.12 -5.67 21.78
N GLY A 18 19.18 -4.87 21.86
CA GLY A 18 20.24 -5.14 22.80
C GLY A 18 19.76 -5.15 24.23
N LYS A 19 19.00 -4.12 24.59
CA LYS A 19 18.47 -4.01 25.95
C LYS A 19 17.56 -5.19 26.28
N LEU A 20 16.80 -5.65 25.28
CA LEU A 20 15.90 -6.78 25.48
C LEU A 20 16.68 -8.04 25.80
N GLN A 21 17.68 -8.33 24.98
CA GLN A 21 18.50 -9.52 25.18
C GLN A 21 19.20 -9.45 26.54
N GLU A 22 19.41 -8.22 27.03
CA GLU A 22 20.05 -8.02 28.32
C GLU A 22 19.05 -8.16 29.45
N LYS A 23 17.81 -7.75 29.17
CA LYS A 23 16.74 -7.82 30.17
C LYS A 23 16.14 -9.21 30.24
N GLY A 24 16.16 -9.93 29.12
CA GLY A 24 15.61 -11.27 29.08
C GLY A 24 14.40 -11.37 28.16
N ASP A 25 14.32 -10.45 27.19
CA ASP A 25 13.22 -10.44 26.24
C ASP A 25 13.75 -10.73 24.85
N THR A 26 13.97 -12.00 24.55
CA THR A 26 14.47 -12.42 23.25
C THR A 26 13.31 -12.82 22.35
N THR A 27 12.13 -12.29 22.66
CA THR A 27 10.93 -12.59 21.89
C THR A 27 10.72 -11.53 20.81
N GLN A 28 10.89 -10.27 21.18
CA GLN A 28 10.72 -9.17 20.23
C GLN A 28 11.88 -9.12 19.25
N ASN A 29 13.02 -9.68 19.65
CA ASN A 29 14.21 -9.70 18.79
C ASN A 29 13.85 -10.14 17.38
N GLU A 30 13.09 -11.23 17.27
CA GLU A 30 12.66 -11.74 15.98
C GLU A 30 11.93 -10.65 15.21
N LYS A 31 11.20 -9.81 15.95
CA LYS A 31 10.46 -8.71 15.35
C LYS A 31 11.41 -7.60 14.92
N LEU A 32 12.41 -7.36 15.77
CA LEU A 32 13.41 -6.33 15.49
C LEU A 32 14.28 -6.75 14.31
N SER A 33 14.50 -8.05 14.18
CA SER A 33 15.31 -8.58 13.09
C SER A 33 14.52 -8.53 11.79
N ALA A 34 13.21 -8.73 11.91
CA ALA A 34 12.33 -8.70 10.76
C ALA A 34 12.11 -7.27 10.28
N PHE A 35 11.80 -6.39 11.24
CA PHE A 35 11.59 -4.98 10.93
C PHE A 35 12.86 -4.37 10.35
N TYR A 36 13.94 -4.56 11.08
CA TYR A 36 15.25 -4.05 10.67
C TYR A 36 15.61 -4.53 9.26
N GLU A 37 15.56 -5.84 9.06
CA GLU A 37 15.88 -6.43 7.76
C GLU A 37 14.97 -5.86 6.68
N THR A 38 13.67 -5.82 6.96
CA THR A 38 12.69 -5.30 6.00
C THR A 38 13.03 -3.85 5.64
N LEU A 39 13.51 -3.10 6.63
CA LEU A 39 13.88 -1.71 6.42
C LEU A 39 15.07 -1.61 5.46
N LYS A 40 15.95 -2.60 5.54
CA LYS A 40 17.14 -2.64 4.70
C LYS A 40 16.81 -3.16 3.30
N SER A 41 15.77 -3.99 3.22
CA SER A 41 15.35 -4.58 1.94
C SER A 41 15.38 -3.54 0.81
N PRO A 42 15.85 -3.94 -0.39
CA PRO A 42 15.92 -3.04 -1.54
C PRO A 42 14.56 -2.72 -2.12
N LEU A 43 13.76 -3.75 -2.33
CA LEU A 43 12.42 -3.58 -2.87
C LEU A 43 11.56 -2.78 -1.90
N PHE A 44 11.62 -3.14 -0.62
CA PHE A 44 10.87 -2.45 0.40
C PHE A 44 11.22 -0.97 0.42
N ASN A 45 12.53 -0.68 0.39
CA ASN A 45 13.00 0.70 0.39
C ASN A 45 12.39 1.47 -0.77
N GLN A 46 12.27 0.80 -1.92
CA GLN A 46 11.69 1.42 -3.10
C GLN A 46 10.25 1.85 -2.82
N ILE A 47 9.51 0.98 -2.14
CA ILE A 47 8.12 1.27 -1.80
C ILE A 47 8.02 2.53 -0.95
N LEU A 48 8.92 2.65 0.02
CA LEU A 48 8.94 3.82 0.90
C LEU A 48 9.37 5.06 0.13
N THR A 49 10.33 4.88 -0.79
CA THR A 49 10.81 5.98 -1.60
C THR A 49 9.65 6.69 -2.29
N LEU A 50 8.80 5.90 -2.92
CA LEU A 50 7.64 6.45 -3.62
C LEU A 50 6.72 7.16 -2.61
N GLN A 51 6.39 6.47 -1.53
CA GLN A 51 5.53 7.03 -0.50
C GLN A 51 6.15 8.31 0.08
N GLN A 52 7.47 8.35 0.09
CA GLN A 52 8.18 9.52 0.61
C GLN A 52 7.94 10.72 -0.29
N SER A 53 7.93 10.47 -1.60
CA SER A 53 7.70 11.53 -2.56
C SER A 53 6.29 12.09 -2.40
N ILE A 54 5.35 11.19 -2.14
CA ILE A 54 3.95 11.58 -1.93
C ILE A 54 3.83 12.48 -0.71
N LYS A 55 4.57 12.13 0.34
CA LYS A 55 4.56 12.91 1.57
C LYS A 55 5.00 14.35 1.30
N GLN A 56 6.06 14.48 0.50
CA GLN A 56 6.58 15.79 0.15
C GLN A 56 5.51 16.62 -0.55
N LEU A 57 4.78 15.97 -1.45
CA LEU A 57 3.72 16.64 -2.19
C LEU A 57 2.67 17.22 -1.24
N LYS A 58 2.34 16.44 -0.20
CA LYS A 58 1.35 16.87 0.78
C LYS A 58 1.84 18.09 1.55
N GLY A 59 3.10 18.07 1.95
CA GLY A 59 3.67 19.18 2.69
C GLY A 59 3.87 20.41 1.82
N GLN A 60 4.17 20.19 0.55
CA GLN A 60 4.38 21.29 -0.39
C GLN A 60 3.05 21.90 -0.80
N LEU A 61 2.11 21.06 -1.20
CA LEU A 61 0.80 21.53 -1.63
C LEU A 61 0.10 22.29 -0.51
N SER A 62 0.03 23.61 -0.65
CA SER A 62 -0.62 24.45 0.35
C SER A 62 -0.60 25.92 -0.09
N ALA B 1 -9.64 18.85 -6.55
CA ALA B 1 -8.86 18.12 -7.53
C ALA B 1 -8.19 16.90 -6.91
N VAL B 2 -9.00 15.98 -6.41
CA VAL B 2 -8.49 14.76 -5.77
C VAL B 2 -9.64 13.86 -5.32
N LYS B 3 -10.57 13.59 -6.22
CA LYS B 3 -11.71 12.74 -5.91
C LYS B 3 -11.28 11.30 -5.68
N ILE B 4 -11.78 10.70 -4.60
CA ILE B 4 -11.44 9.32 -4.27
C ILE B 4 -12.41 8.36 -4.95
N LEU B 5 -12.31 7.09 -4.61
CA LEU B 5 -13.19 6.09 -5.20
C LEU B 5 -13.37 4.88 -4.28
N GLU B 6 -12.31 4.51 -3.57
CA GLU B 6 -12.38 3.37 -2.65
C GLU B 6 -12.77 2.10 -3.41
N ILE B 7 -11.81 1.19 -3.59
CA ILE B 7 -12.07 -0.04 -4.31
C ILE B 7 -13.28 -0.78 -3.75
N GLU B 8 -13.59 -0.58 -2.48
CA GLU B 8 -14.73 -1.26 -1.89
C GLU B 8 -16.01 -0.84 -2.59
N ASP B 9 -16.19 0.47 -2.74
CA ASP B 9 -17.36 1.01 -3.42
C ASP B 9 -17.21 0.83 -4.92
N LEU B 10 -15.97 0.94 -5.39
CA LEU B 10 -15.66 0.77 -6.80
C LEU B 10 -15.82 -0.69 -7.21
N PHE B 11 -15.59 -1.59 -6.26
CA PHE B 11 -15.71 -3.03 -6.51
C PHE B 11 -17.17 -3.41 -6.65
N SER B 12 -17.98 -2.99 -5.69
CA SER B 12 -19.40 -3.26 -5.73
C SER B 12 -20.03 -2.57 -6.93
N SER B 13 -19.39 -1.48 -7.36
CA SER B 13 -19.86 -0.71 -8.51
C SER B 13 -19.76 -1.55 -9.78
N LEU B 14 -18.57 -2.13 -10.03
CA LEU B 14 -18.37 -2.95 -11.22
C LEU B 14 -19.34 -4.11 -11.21
N LYS B 15 -19.56 -4.67 -10.04
CA LYS B 15 -20.48 -5.80 -9.90
C LYS B 15 -21.87 -5.37 -10.37
N HIS B 16 -22.24 -4.13 -10.04
CA HIS B 16 -23.52 -3.58 -10.46
C HIS B 16 -23.49 -3.34 -11.97
N ILE B 17 -22.43 -2.69 -12.41
CA ILE B 17 -22.23 -2.39 -13.82
C ILE B 17 -22.33 -3.64 -14.68
N GLN B 18 -21.67 -4.71 -14.24
CA GLN B 18 -21.70 -5.97 -14.96
C GLN B 18 -23.14 -6.47 -15.12
N HIS B 19 -23.88 -6.50 -14.02
CA HIS B 19 -25.26 -6.94 -14.05
C HIS B 19 -26.19 -5.81 -14.51
N THR B 20 -25.59 -4.65 -14.77
CA THR B 20 -26.33 -3.48 -15.22
C THR B 20 -26.19 -3.30 -16.73
N LEU B 21 -25.05 -3.71 -17.26
CA LEU B 21 -24.79 -3.59 -18.70
C LEU B 21 -25.21 -4.87 -19.40
N VAL B 22 -24.73 -6.00 -18.88
CA VAL B 22 -25.06 -7.32 -19.44
C VAL B 22 -25.00 -7.31 -20.97
N ASP B 23 -24.01 -6.60 -21.51
CA ASP B 23 -23.84 -6.51 -22.94
C ASP B 23 -22.72 -7.45 -23.42
N SER B 24 -22.40 -8.45 -22.60
CA SER B 24 -21.35 -9.41 -22.92
C SER B 24 -19.99 -8.74 -22.98
N GLN B 25 -19.78 -7.93 -24.01
CA GLN B 25 -18.52 -7.22 -24.16
C GLN B 25 -18.29 -6.30 -22.96
N SER B 26 -19.40 -5.82 -22.39
CA SER B 26 -19.33 -4.95 -21.24
C SER B 26 -18.88 -5.72 -20.00
N GLN B 27 -19.38 -6.94 -19.86
CA GLN B 27 -19.01 -7.79 -18.73
C GLN B 27 -17.52 -8.11 -18.77
N GLU B 28 -17.00 -8.25 -19.98
CA GLU B 28 -15.58 -8.55 -20.17
C GLU B 28 -14.72 -7.36 -19.79
N ASP B 29 -15.17 -6.16 -20.17
CA ASP B 29 -14.45 -4.94 -19.85
C ASP B 29 -14.58 -4.67 -18.36
N ILE B 30 -15.79 -4.86 -17.86
CA ILE B 30 -16.06 -4.69 -16.45
C ILE B 30 -15.21 -5.64 -15.64
N SER B 31 -15.21 -6.91 -16.06
CA SER B 31 -14.43 -7.93 -15.40
C SER B 31 -12.95 -7.54 -15.38
N LEU B 32 -12.52 -6.85 -16.44
CA LEU B 32 -11.15 -6.40 -16.53
C LEU B 32 -10.81 -5.50 -15.36
N LEU B 33 -11.66 -4.51 -15.12
CA LEU B 33 -11.46 -3.60 -14.00
C LEU B 33 -11.57 -4.37 -12.70
N LEU B 34 -12.52 -5.29 -12.66
CA LEU B 34 -12.75 -6.12 -11.48
C LEU B 34 -11.50 -6.92 -11.14
N GLN B 35 -10.86 -7.48 -12.17
CA GLN B 35 -9.65 -8.27 -11.96
C GLN B 35 -8.56 -7.42 -11.34
N LEU B 36 -8.35 -6.25 -11.91
CA LEU B 36 -7.34 -5.32 -11.41
C LEU B 36 -7.67 -4.94 -9.97
N VAL B 37 -8.94 -4.60 -9.75
CA VAL B 37 -9.42 -4.20 -8.44
C VAL B 37 -9.23 -5.29 -7.40
N GLN B 38 -9.61 -6.53 -7.72
CA GLN B 38 -9.49 -7.63 -6.78
C GLN B 38 -8.04 -8.04 -6.56
N ASN B 39 -7.18 -7.75 -7.53
CA ASN B 39 -5.76 -8.11 -7.42
C ASN B 39 -5.18 -7.61 -6.09
N LYS B 40 -4.55 -8.52 -5.35
CA LYS B 40 -3.98 -8.19 -4.04
C LYS B 40 -3.04 -6.98 -4.12
N ASP B 41 -2.00 -7.09 -4.94
CA ASP B 41 -1.03 -6.00 -5.08
C ASP B 41 -1.71 -4.70 -5.49
N PHE B 42 -2.53 -4.78 -6.54
CA PHE B 42 -3.26 -3.61 -7.03
C PHE B 42 -4.09 -2.99 -5.91
N GLN B 43 -4.89 -3.82 -5.25
CA GLN B 43 -5.74 -3.36 -4.15
C GLN B 43 -4.93 -2.58 -3.13
N ASN B 44 -3.72 -3.05 -2.85
CA ASN B 44 -2.85 -2.39 -1.89
C ASN B 44 -2.40 -1.03 -2.42
N ALA B 45 -1.96 -1.01 -3.68
CA ALA B 45 -1.51 0.23 -4.30
C ALA B 45 -2.60 1.30 -4.26
N PHE B 46 -3.81 0.91 -4.67
CA PHE B 46 -4.94 1.84 -4.66
C PHE B 46 -5.23 2.35 -3.27
N LYS B 47 -5.07 1.48 -2.27
CA LYS B 47 -5.33 1.85 -0.88
C LYS B 47 -4.38 2.96 -0.45
N ILE B 48 -3.13 2.87 -0.89
CA ILE B 48 -2.13 3.88 -0.55
C ILE B 48 -2.49 5.23 -1.15
N HIS B 49 -2.81 5.24 -2.43
CA HIS B 49 -3.18 6.47 -3.11
C HIS B 49 -4.50 7.03 -2.60
N ASN B 50 -5.38 6.14 -2.16
CA ASN B 50 -6.69 6.55 -1.65
C ASN B 50 -6.56 7.39 -0.38
N ALA B 51 -5.99 6.80 0.66
CA ALA B 51 -5.84 7.51 1.93
C ALA B 51 -4.86 8.67 1.82
N ILE B 52 -3.66 8.41 1.30
CA ILE B 52 -2.66 9.46 1.16
C ILE B 52 -3.23 10.66 0.40
N THR B 53 -4.08 10.38 -0.58
CA THR B 53 -4.72 11.44 -1.36
C THR B 53 -5.58 12.27 -0.42
N VAL B 54 -6.43 11.57 0.32
CA VAL B 54 -7.33 12.18 1.27
C VAL B 54 -6.54 13.05 2.25
N HIS B 55 -5.48 12.48 2.80
CA HIS B 55 -4.63 13.20 3.76
C HIS B 55 -3.97 14.40 3.08
N MET B 56 -3.68 14.26 1.79
CA MET B 56 -3.04 15.33 1.03
C MET B 56 -3.88 16.60 1.07
N ASN B 57 -5.13 16.49 0.64
CA ASN B 57 -6.05 17.62 0.62
C ASN B 57 -6.39 18.06 2.05
N LYS B 58 -6.48 17.09 2.95
CA LYS B 58 -6.80 17.39 4.34
C LYS B 58 -5.63 18.08 5.04
N ALA B 59 -4.42 17.76 4.61
CA ALA B 59 -3.22 18.36 5.20
C ALA B 59 -3.15 19.85 4.90
N SER B 60 -3.62 20.66 5.85
CA SER B 60 -3.60 22.11 5.70
C SER B 60 -2.27 22.69 6.15
N ASN C 1 2.89 -5.78 -23.61
CA ASN C 1 3.27 -4.70 -22.70
C ASN C 1 2.16 -4.39 -21.71
N PRO C 2 2.50 -3.79 -20.56
CA PRO C 2 1.52 -3.44 -19.53
C PRO C 2 0.59 -2.31 -19.98
N ALA C 3 1.15 -1.33 -20.66
CA ALA C 3 0.38 -0.19 -21.16
C ALA C 3 -0.84 -0.65 -21.96
N ALA C 4 -0.74 -1.84 -22.54
CA ALA C 4 -1.84 -2.39 -23.34
C ALA C 4 -3.09 -2.57 -22.48
N GLU C 5 -2.93 -3.17 -21.31
CA GLU C 5 -4.04 -3.41 -20.41
C GLU C 5 -4.56 -2.09 -19.83
N LYS C 6 -3.64 -1.27 -19.34
CA LYS C 6 -4.01 0.02 -18.76
C LYS C 6 -4.72 0.88 -19.79
N MET C 7 -4.19 0.91 -21.01
CA MET C 7 -4.79 1.69 -22.08
C MET C 7 -6.21 1.19 -22.36
N GLN C 8 -6.38 -0.12 -22.30
CA GLN C 8 -7.68 -0.74 -22.52
C GLN C 8 -8.57 -0.47 -21.31
N VAL C 9 -7.95 -0.41 -20.14
CA VAL C 9 -8.67 -0.15 -18.90
C VAL C 9 -9.33 1.23 -18.95
N LEU C 10 -8.52 2.26 -19.20
CA LEU C 10 -9.04 3.61 -19.28
C LEU C 10 -10.12 3.70 -20.35
N GLN C 11 -9.84 3.08 -21.50
CA GLN C 11 -10.80 3.05 -22.60
C GLN C 11 -12.03 2.23 -22.19
N VAL C 12 -11.80 1.28 -21.30
CA VAL C 12 -12.87 0.43 -20.81
C VAL C 12 -13.77 1.22 -19.86
N LEU C 13 -13.14 2.04 -19.03
CA LEU C 13 -13.87 2.86 -18.07
C LEU C 13 -14.80 3.83 -18.79
N ASP C 14 -14.32 4.40 -19.88
CA ASP C 14 -15.11 5.35 -20.65
C ASP C 14 -16.27 4.64 -21.35
N ARG C 15 -15.98 3.48 -21.93
CA ARG C 15 -16.99 2.70 -22.63
C ARG C 15 -18.10 2.26 -21.68
N LEU C 16 -17.71 1.59 -20.59
CA LEU C 16 -18.68 1.12 -19.61
C LEU C 16 -19.58 2.27 -19.16
N ARG C 17 -18.97 3.35 -18.71
CA ARG C 17 -19.70 4.53 -18.26
C ARG C 17 -20.74 4.95 -19.28
N GLY C 18 -20.36 4.90 -20.56
CA GLY C 18 -21.29 5.28 -21.61
C GLY C 18 -22.55 4.42 -21.59
N LYS C 19 -22.37 3.11 -21.50
CA LYS C 19 -23.48 2.18 -21.46
C LYS C 19 -24.42 2.51 -20.30
N LEU C 20 -23.84 2.88 -19.18
CA LEU C 20 -24.63 3.23 -17.99
C LEU C 20 -25.49 4.45 -18.25
N GLN C 21 -24.86 5.50 -18.75
CA GLN C 21 -25.57 6.74 -19.05
C GLN C 21 -26.71 6.47 -20.03
N GLU C 22 -26.55 5.43 -20.84
CA GLU C 22 -27.56 5.06 -21.82
C GLU C 22 -28.67 4.24 -21.16
N LYS C 23 -28.29 3.44 -20.18
CA LYS C 23 -29.23 2.59 -19.47
C LYS C 23 -29.98 3.37 -18.39
N GLY C 24 -29.31 4.35 -17.80
CA GLY C 24 -29.92 5.15 -16.75
C GLY C 24 -29.22 5.01 -15.41
N ASP C 25 -28.02 4.42 -15.43
CA ASP C 25 -27.25 4.24 -14.21
C ASP C 25 -26.12 5.25 -14.16
N THR C 26 -26.45 6.48 -13.76
CA THR C 26 -25.46 7.54 -13.68
C THR C 26 -24.87 7.57 -12.27
N THR C 27 -25.06 6.48 -11.54
CA THR C 27 -24.55 6.36 -10.18
C THR C 27 -23.12 5.84 -10.19
N GLN C 28 -22.90 4.73 -10.90
CA GLN C 28 -21.58 4.13 -11.00
C GLN C 28 -20.67 4.97 -11.88
N ASN C 29 -21.28 5.75 -12.78
CA ASN C 29 -20.53 6.61 -13.69
C ASN C 29 -19.46 7.40 -12.94
N GLU C 30 -19.86 8.00 -11.82
CA GLU C 30 -18.93 8.77 -11.01
C GLU C 30 -17.75 7.90 -10.59
N LYS C 31 -18.01 6.61 -10.41
CA LYS C 31 -16.98 5.66 -10.03
C LYS C 31 -16.03 5.43 -11.19
N LEU C 32 -16.58 5.37 -12.40
CA LEU C 32 -15.77 5.17 -13.60
C LEU C 32 -14.86 6.36 -13.83
N SER C 33 -15.33 7.55 -13.46
CA SER C 33 -14.56 8.77 -13.61
C SER C 33 -13.50 8.85 -12.52
N ALA C 34 -13.86 8.34 -11.34
CA ALA C 34 -12.96 8.34 -10.20
C ALA C 34 -11.85 7.32 -10.40
N PHE C 35 -12.22 6.14 -10.90
CA PHE C 35 -11.28 5.07 -11.16
C PHE C 35 -10.42 5.39 -12.38
N TYR C 36 -11.06 5.97 -13.38
CA TYR C 36 -10.39 6.33 -14.63
C TYR C 36 -9.35 7.43 -14.39
N GLU C 37 -9.78 8.53 -13.78
CA GLU C 37 -8.88 9.64 -13.51
C GLU C 37 -7.74 9.20 -12.59
N THR C 38 -8.07 8.45 -11.54
CA THR C 38 -7.07 7.97 -10.60
C THR C 38 -6.00 7.17 -11.34
N LEU C 39 -6.44 6.31 -12.26
CA LEU C 39 -5.51 5.51 -13.05
C LEU C 39 -4.55 6.41 -13.82
N LYS C 40 -5.08 7.53 -14.30
CA LYS C 40 -4.28 8.48 -15.06
C LYS C 40 -3.35 9.26 -14.14
N SER C 41 -3.76 9.43 -12.89
CA SER C 41 -2.97 10.15 -11.90
C SER C 41 -1.50 9.72 -11.94
N PRO C 42 -0.56 10.67 -11.76
CA PRO C 42 0.88 10.36 -11.78
C PRO C 42 1.31 9.58 -10.55
N LEU C 43 0.86 10.02 -9.38
CA LEU C 43 1.21 9.36 -8.13
C LEU C 43 0.78 7.89 -8.15
N PHE C 44 -0.50 7.66 -8.41
CA PHE C 44 -1.04 6.30 -8.45
C PHE C 44 -0.25 5.44 -9.44
N ASN C 45 -0.02 5.96 -10.63
CA ASN C 45 0.72 5.24 -11.65
C ASN C 45 2.09 4.82 -11.13
N GLN C 46 2.68 5.65 -10.27
CA GLN C 46 3.98 5.36 -9.69
C GLN C 46 3.87 4.20 -8.71
N ILE C 47 2.78 4.16 -7.96
CA ILE C 47 2.56 3.10 -6.98
C ILE C 47 2.41 1.75 -7.67
N LEU C 48 1.68 1.72 -8.77
CA LEU C 48 1.48 0.48 -9.51
C LEU C 48 2.78 0.04 -10.16
N THR C 49 3.54 1.01 -10.65
CA THR C 49 4.83 0.71 -11.28
C THR C 49 5.68 -0.11 -10.33
N LEU C 50 5.77 0.36 -9.08
CA LEU C 50 6.52 -0.35 -8.05
C LEU C 50 5.95 -1.75 -7.88
N GLN C 51 4.63 -1.83 -7.85
CA GLN C 51 3.94 -3.11 -7.72
C GLN C 51 4.28 -4.00 -8.91
N GLN C 52 4.46 -3.37 -10.07
CA GLN C 52 4.82 -4.09 -11.28
C GLN C 52 6.14 -4.81 -11.09
N SER C 53 7.08 -4.13 -10.44
CA SER C 53 8.38 -4.71 -10.17
C SER C 53 8.24 -5.96 -9.31
N ILE C 54 7.49 -5.82 -8.22
CA ILE C 54 7.25 -6.95 -7.32
C ILE C 54 6.55 -8.07 -8.07
N LYS C 55 5.66 -7.69 -8.99
CA LYS C 55 4.93 -8.65 -9.79
C LYS C 55 5.89 -9.51 -10.59
N GLN C 56 6.94 -8.88 -11.12
CA GLN C 56 7.95 -9.60 -11.90
C GLN C 56 8.69 -10.59 -11.00
N LEU C 57 8.96 -10.17 -9.77
CA LEU C 57 9.66 -11.02 -8.81
C LEU C 57 8.93 -12.33 -8.62
N LYS C 58 7.62 -12.24 -8.44
CA LYS C 58 6.78 -13.42 -8.24
C LYS C 58 6.76 -14.28 -9.51
N GLY C 59 6.60 -13.62 -10.66
CA GLY C 59 6.57 -14.34 -11.92
C GLY C 59 7.84 -15.14 -12.17
N GLN C 60 8.99 -14.50 -11.99
CA GLN C 60 10.27 -15.16 -12.19
C GLN C 60 10.41 -16.37 -11.27
N LEU C 61 10.02 -16.19 -10.02
CA LEU C 61 10.11 -17.27 -9.03
C LEU C 61 8.92 -18.22 -9.16
N SER C 62 9.13 -19.31 -9.87
CA SER C 62 8.08 -20.31 -10.06
C SER C 62 8.59 -21.71 -9.76
N ALA D 1 13.67 -16.79 4.35
CA ALA D 1 13.08 -16.61 3.02
C ALA D 1 11.85 -15.71 3.09
N VAL D 2 12.00 -14.48 2.60
CA VAL D 2 10.91 -13.51 2.58
C VAL D 2 10.10 -13.52 3.88
N LYS D 3 10.79 -13.37 5.01
CA LYS D 3 10.14 -13.35 6.30
C LYS D 3 9.22 -12.13 6.43
N ILE D 4 8.10 -12.30 7.12
CA ILE D 4 7.15 -11.19 7.30
C ILE D 4 7.32 -10.54 8.66
N LEU D 5 6.37 -9.67 8.98
CA LEU D 5 6.37 -8.97 10.26
C LEU D 5 5.17 -8.05 10.33
N GLU D 6 3.98 -8.60 10.11
CA GLU D 6 2.73 -7.83 10.17
C GLU D 6 2.83 -6.74 11.23
N ILE D 7 2.68 -5.49 10.81
CA ILE D 7 2.79 -4.36 11.73
C ILE D 7 1.95 -4.58 12.99
N GLU D 8 0.87 -5.33 12.89
CA GLU D 8 0.02 -5.57 14.05
C GLU D 8 0.84 -6.24 15.16
N ASP D 9 1.54 -7.32 14.79
CA ASP D 9 2.37 -8.04 15.74
C ASP D 9 3.59 -7.20 16.10
N LEU D 10 4.10 -6.49 15.09
CA LEU D 10 5.25 -5.63 15.26
C LEU D 10 4.91 -4.45 16.17
N PHE D 11 3.63 -4.05 16.15
CA PHE D 11 3.16 -2.95 16.99
C PHE D 11 3.16 -3.39 18.44
N SER D 12 2.57 -4.55 18.69
CA SER D 12 2.51 -5.10 20.04
C SER D 12 3.92 -5.28 20.59
N SER D 13 4.86 -5.56 19.69
CA SER D 13 6.25 -5.76 20.08
C SER D 13 6.82 -4.47 20.67
N LEU D 14 6.68 -3.36 19.92
CA LEU D 14 7.20 -2.08 20.38
C LEU D 14 6.50 -1.66 21.67
N LYS D 15 5.20 -1.91 21.74
CA LYS D 15 4.43 -1.56 22.93
C LYS D 15 4.96 -2.30 24.15
N HIS D 16 5.36 -3.55 23.95
CA HIS D 16 5.93 -4.34 25.03
C HIS D 16 7.33 -3.82 25.35
N ILE D 17 8.11 -3.66 24.29
CA ILE D 17 9.47 -3.17 24.39
C ILE D 17 9.54 -1.84 25.13
N GLN D 18 8.63 -0.93 24.80
CA GLN D 18 8.61 0.39 25.46
C GLN D 18 8.35 0.22 26.95
N HIS D 19 7.39 -0.62 27.30
CA HIS D 19 7.07 -0.87 28.70
C HIS D 19 7.99 -1.94 29.29
N THR D 20 8.89 -2.45 28.45
CA THR D 20 9.83 -3.47 28.87
C THR D 20 11.20 -2.85 29.14
N LEU D 21 11.54 -1.84 28.37
CA LEU D 21 12.82 -1.15 28.52
C LEU D 21 12.71 -0.04 29.55
N VAL D 22 11.69 0.81 29.38
CA VAL D 22 11.44 1.92 30.30
C VAL D 22 12.74 2.62 30.70
N ASP D 23 13.62 2.82 29.72
CA ASP D 23 14.90 3.48 29.97
C ASP D 23 14.87 4.91 29.44
N SER D 24 13.66 5.47 29.28
CA SER D 24 13.50 6.82 28.79
C SER D 24 13.99 6.93 27.35
N GLN D 25 15.30 6.90 27.16
CA GLN D 25 15.89 6.98 25.83
C GLN D 25 15.37 5.82 24.98
N SER D 26 15.07 4.71 25.63
CA SER D 26 14.56 3.53 24.96
C SER D 26 13.14 3.79 24.44
N GLN D 27 12.32 4.43 25.27
CA GLN D 27 10.95 4.74 24.90
C GLN D 27 10.93 5.68 23.71
N GLU D 28 11.95 6.53 23.63
CA GLU D 28 12.06 7.48 22.53
C GLU D 28 12.42 6.78 21.23
N ASP D 29 13.33 5.81 21.32
CA ASP D 29 13.74 5.04 20.16
C ASP D 29 12.60 4.13 19.75
N ILE D 30 12.01 3.49 20.75
CA ILE D 30 10.88 2.62 20.55
C ILE D 30 9.74 3.40 19.91
N SER D 31 9.44 4.55 20.50
CA SER D 31 8.39 5.41 20.01
C SER D 31 8.64 5.77 18.56
N LEU D 32 9.91 5.90 18.20
CA LEU D 32 10.29 6.23 16.83
C LEU D 32 9.77 5.16 15.88
N LEU D 33 10.07 3.90 16.19
CA LEU D 33 9.60 2.79 15.38
C LEU D 33 8.08 2.77 15.37
N LEU D 34 7.51 2.99 16.55
CA LEU D 34 6.07 3.03 16.72
C LEU D 34 5.44 4.06 15.78
N GLN D 35 6.00 5.26 15.80
CA GLN D 35 5.50 6.34 14.94
C GLN D 35 5.64 5.96 13.48
N LEU D 36 6.78 5.39 13.14
CA LEU D 36 7.04 4.95 11.78
C LEU D 36 6.01 3.90 11.37
N VAL D 37 5.69 3.02 12.31
CA VAL D 37 4.73 1.95 12.08
C VAL D 37 3.32 2.52 11.87
N GLN D 38 2.87 3.33 12.82
CA GLN D 38 1.53 3.92 12.74
C GLN D 38 1.40 4.88 11.56
N ASN D 39 2.54 5.31 11.00
CA ASN D 39 2.53 6.23 9.86
C ASN D 39 1.67 5.67 8.73
N LYS D 40 0.75 6.50 8.23
CA LYS D 40 -0.15 6.09 7.16
C LYS D 40 0.62 5.60 5.93
N ASP D 41 1.47 6.47 5.38
CA ASP D 41 2.25 6.11 4.21
C ASP D 41 3.13 4.90 4.47
N PHE D 42 3.78 4.88 5.64
CA PHE D 42 4.64 3.76 6.00
C PHE D 42 3.85 2.47 6.06
N GLN D 43 2.79 2.45 6.86
CA GLN D 43 1.94 1.27 6.99
C GLN D 43 1.48 0.79 5.62
N ASN D 44 1.31 1.74 4.70
CA ASN D 44 0.88 1.42 3.35
C ASN D 44 1.94 0.61 2.61
N ALA D 45 3.17 1.10 2.66
CA ALA D 45 4.29 0.42 2.00
C ALA D 45 4.54 -0.94 2.63
N PHE D 46 4.62 -0.96 3.95
CA PHE D 46 4.86 -2.19 4.69
C PHE D 46 3.76 -3.21 4.41
N LYS D 47 2.54 -2.74 4.24
CA LYS D 47 1.40 -3.61 3.97
C LYS D 47 1.55 -4.29 2.62
N ILE D 48 1.99 -3.53 1.62
CA ILE D 48 2.18 -4.07 0.27
C ILE D 48 3.22 -5.20 0.27
N HIS D 49 4.36 -4.92 0.89
CA HIS D 49 5.44 -5.90 0.96
C HIS D 49 5.04 -7.10 1.81
N ASN D 50 4.45 -6.83 2.96
CA ASN D 50 4.04 -7.90 3.88
C ASN D 50 3.12 -8.91 3.20
N ALA D 51 1.98 -8.45 2.70
CA ALA D 51 1.02 -9.35 2.05
C ALA D 51 1.63 -10.03 0.82
N ILE D 52 2.21 -9.23 -0.07
CA ILE D 52 2.81 -9.77 -1.29
C ILE D 52 3.90 -10.79 -0.96
N THR D 53 4.72 -10.49 0.04
CA THR D 53 5.79 -11.40 0.44
C THR D 53 5.19 -12.72 0.93
N VAL D 54 4.17 -12.59 1.78
CA VAL D 54 3.48 -13.75 2.33
C VAL D 54 3.02 -14.68 1.22
N HIS D 55 2.33 -14.13 0.23
CA HIS D 55 1.85 -14.91 -0.91
C HIS D 55 3.03 -15.49 -1.68
N MET D 56 4.14 -14.75 -1.68
CA MET D 56 5.35 -15.19 -2.39
C MET D 56 5.79 -16.57 -1.92
N ASN D 57 6.11 -16.68 -0.63
CA ASN D 57 6.56 -17.95 -0.06
C ASN D 57 5.45 -18.98 -0.10
N LYS D 58 4.22 -18.53 0.16
CA LYS D 58 3.07 -19.43 0.16
C LYS D 58 2.87 -20.06 -1.20
N ALA D 59 2.56 -19.23 -2.20
CA ALA D 59 2.35 -19.71 -3.56
C ALA D 59 1.17 -20.69 -3.61
N SER D 60 0.07 -20.32 -2.96
CA SER D 60 -1.11 -21.17 -2.95
C SER D 60 -1.87 -21.07 -4.26
N ASN A 1 18.15 14.87 6.22
CA ASN A 1 17.61 14.00 5.18
C ASN A 1 16.85 12.83 5.80
N PRO A 2 15.76 12.38 5.16
CA PRO A 2 14.94 11.27 5.65
C PRO A 2 15.77 10.01 5.90
N ALA A 3 16.88 9.88 5.17
CA ALA A 3 17.76 8.73 5.32
C ALA A 3 18.27 8.61 6.76
N ALA A 4 18.40 9.75 7.43
CA ALA A 4 18.87 9.77 8.81
C ALA A 4 17.97 8.93 9.71
N GLU A 5 16.67 9.11 9.56
CA GLU A 5 15.70 8.38 10.36
C GLU A 5 15.85 6.88 10.14
N LYS A 6 15.81 6.47 8.88
CA LYS A 6 15.94 5.06 8.52
C LYS A 6 17.25 4.49 9.07
N MET A 7 18.32 5.26 8.90
CA MET A 7 19.63 4.82 9.38
C MET A 7 19.59 4.65 10.90
N GLN A 8 19.00 5.62 11.58
CA GLN A 8 18.87 5.57 13.03
C GLN A 8 17.94 4.43 13.42
N VAL A 9 16.95 4.16 12.57
CA VAL A 9 16.00 3.08 12.81
C VAL A 9 16.71 1.74 12.90
N LEU A 10 17.49 1.42 11.88
CA LEU A 10 18.23 0.16 11.85
C LEU A 10 19.13 0.05 13.07
N GLN A 11 19.84 1.13 13.36
CA GLN A 11 20.73 1.16 14.53
C GLN A 11 19.90 1.11 15.81
N VAL A 12 18.68 1.64 15.73
CA VAL A 12 17.77 1.65 16.86
C VAL A 12 17.24 0.24 17.10
N LEU A 13 17.02 -0.48 16.01
CA LEU A 13 16.53 -1.84 16.09
C LEU A 13 17.53 -2.75 16.79
N ASP A 14 18.80 -2.59 16.43
CA ASP A 14 19.86 -3.38 17.03
C ASP A 14 19.97 -3.12 18.53
N ARG A 15 19.98 -1.84 18.90
CA ARG A 15 20.07 -1.44 20.30
C ARG A 15 18.92 -2.01 21.11
N LEU A 16 17.69 -1.75 20.68
CA LEU A 16 16.52 -2.24 21.38
C LEU A 16 16.58 -3.75 21.52
N ARG A 17 16.75 -4.43 20.39
CA ARG A 17 16.83 -5.88 20.37
C ARG A 17 17.87 -6.38 21.37
N GLY A 18 18.98 -5.64 21.50
CA GLY A 18 20.01 -6.03 22.42
C GLY A 18 19.52 -6.08 23.85
N LYS A 19 18.84 -5.02 24.28
CA LYS A 19 18.31 -4.95 25.63
C LYS A 19 17.34 -6.10 25.90
N LEU A 20 16.49 -6.40 24.92
CA LEU A 20 15.51 -7.47 25.05
C LEU A 20 16.21 -8.78 25.37
N GLN A 21 17.22 -9.10 24.59
CA GLN A 21 18.00 -10.32 24.78
C GLN A 21 18.68 -10.29 26.14
N GLU A 22 18.93 -9.09 26.65
CA GLU A 22 19.58 -8.93 27.95
C GLU A 22 18.55 -9.04 29.07
N LYS A 23 17.33 -8.57 28.79
CA LYS A 23 16.25 -8.61 29.75
C LYS A 23 15.59 -9.98 29.80
N GLY A 24 15.54 -10.65 28.66
CA GLY A 24 14.94 -11.97 28.60
C GLY A 24 13.80 -12.04 27.60
N ASP A 25 13.35 -10.88 27.12
CA ASP A 25 12.28 -10.81 26.15
C ASP A 25 12.79 -11.19 24.78
N THR A 26 12.94 -12.49 24.55
CA THR A 26 13.41 -12.99 23.28
C THR A 26 12.23 -13.23 22.35
N THR A 27 11.15 -12.51 22.62
CA THR A 27 9.93 -12.62 21.82
C THR A 27 9.83 -11.44 20.85
N GLN A 28 10.01 -10.24 21.38
CA GLN A 28 9.95 -9.04 20.57
C GLN A 28 11.20 -8.89 19.71
N ASN A 29 12.29 -9.49 20.16
CA ASN A 29 13.55 -9.43 19.42
C ASN A 29 13.36 -9.88 17.97
N GLU A 30 12.61 -10.97 17.79
CA GLU A 30 12.34 -11.48 16.46
C GLU A 30 11.67 -10.40 15.61
N LYS A 31 10.88 -9.56 16.26
CA LYS A 31 10.19 -8.47 15.59
C LYS A 31 11.21 -7.46 15.07
N LEU A 32 12.16 -7.11 15.92
CA LEU A 32 13.19 -6.15 15.56
C LEU A 32 14.00 -6.67 14.37
N SER A 33 14.13 -7.99 14.28
CA SER A 33 14.86 -8.61 13.19
C SER A 33 14.01 -8.61 11.92
N ALA A 34 12.71 -8.80 12.11
CA ALA A 34 11.78 -8.80 11.00
C ALA A 34 11.65 -7.41 10.41
N PHE A 35 11.57 -6.41 11.29
CA PHE A 35 11.46 -5.03 10.86
C PHE A 35 12.77 -4.55 10.27
N TYR A 36 13.84 -4.78 11.02
CA TYR A 36 15.19 -4.38 10.61
C TYR A 36 15.55 -4.97 9.24
N GLU A 37 15.43 -6.28 9.11
CA GLU A 37 15.75 -6.95 7.85
C GLU A 37 14.88 -6.43 6.71
N THR A 38 13.57 -6.44 6.92
CA THR A 38 12.64 -5.95 5.91
C THR A 38 13.00 -4.53 5.50
N LEU A 39 13.60 -3.79 6.44
CA LEU A 39 14.01 -2.43 6.18
C LEU A 39 15.20 -2.39 5.22
N LYS A 40 16.07 -3.38 5.35
CA LYS A 40 17.25 -3.47 4.47
C LYS A 40 16.82 -3.79 3.05
N SER A 41 15.73 -4.55 2.93
CA SER A 41 15.21 -4.94 1.62
C SER A 41 15.20 -3.76 0.64
N PRO A 42 15.74 -3.95 -0.57
CA PRO A 42 15.79 -2.89 -1.59
C PRO A 42 14.42 -2.55 -2.13
N LEU A 43 13.60 -3.57 -2.33
CA LEU A 43 12.25 -3.39 -2.85
C LEU A 43 11.42 -2.53 -1.88
N PHE A 44 11.43 -2.92 -0.61
CA PHE A 44 10.70 -2.19 0.42
C PHE A 44 11.15 -0.74 0.47
N ASN A 45 12.47 -0.54 0.38
CA ASN A 45 13.03 0.81 0.41
C ASN A 45 12.44 1.66 -0.70
N GLN A 46 12.26 1.06 -1.87
CA GLN A 46 11.69 1.76 -3.01
C GLN A 46 10.26 2.19 -2.70
N ILE A 47 9.52 1.32 -2.03
CA ILE A 47 8.14 1.61 -1.65
C ILE A 47 8.06 2.87 -0.80
N LEU A 48 8.94 2.96 0.19
CA LEU A 48 8.98 4.13 1.07
C LEU A 48 9.36 5.37 0.30
N THR A 49 10.27 5.20 -0.66
CA THR A 49 10.73 6.32 -1.49
C THR A 49 9.53 7.01 -2.14
N LEU A 50 8.68 6.23 -2.79
CA LEU A 50 7.49 6.76 -3.44
C LEU A 50 6.61 7.49 -2.42
N GLN A 51 6.36 6.83 -1.30
CA GLN A 51 5.53 7.42 -0.25
C GLN A 51 6.16 8.74 0.24
N GLN A 52 7.48 8.79 0.24
CA GLN A 52 8.20 9.99 0.67
C GLN A 52 7.87 11.15 -0.26
N SER A 53 7.80 10.86 -1.55
CA SER A 53 7.48 11.87 -2.54
C SER A 53 6.08 12.42 -2.31
N ILE A 54 5.16 11.51 -1.99
CA ILE A 54 3.78 11.88 -1.72
C ILE A 54 3.72 12.84 -0.53
N LYS A 55 4.52 12.55 0.49
CA LYS A 55 4.57 13.38 1.67
C LYS A 55 4.98 14.80 1.29
N GLN A 56 5.96 14.90 0.39
CA GLN A 56 6.44 16.19 -0.07
C GLN A 56 5.29 16.98 -0.70
N LEU A 57 4.47 16.29 -1.48
CA LEU A 57 3.33 16.93 -2.13
C LEU A 57 2.41 17.55 -1.09
N LYS A 58 2.16 16.81 -0.01
CA LYS A 58 1.30 17.30 1.06
C LYS A 58 1.91 18.51 1.76
N GLY A 59 3.25 18.56 1.77
CA GLY A 59 3.92 19.67 2.41
C GLY A 59 4.52 20.65 1.43
N GLN A 60 4.21 20.48 0.15
CA GLN A 60 4.72 21.39 -0.89
C GLN A 60 3.87 21.32 -2.15
N LEU A 61 2.59 21.02 -1.97
CA LEU A 61 1.66 20.94 -3.09
C LEU A 61 1.66 22.23 -3.92
N SER A 62 1.87 22.09 -5.22
CA SER A 62 1.91 23.24 -6.11
C SER A 62 0.78 23.17 -7.13
N ALA B 1 -9.00 19.03 -5.80
CA ALA B 1 -8.93 18.30 -7.05
C ALA B 1 -8.29 16.93 -6.85
N VAL B 2 -9.11 15.91 -6.59
CA VAL B 2 -8.60 14.57 -6.37
C VAL B 2 -9.74 13.56 -6.26
N LYS B 3 -10.46 13.62 -5.15
CA LYS B 3 -11.58 12.71 -4.90
C LYS B 3 -11.08 11.26 -4.84
N ILE B 4 -11.72 10.46 -4.00
CA ILE B 4 -11.33 9.05 -3.86
C ILE B 4 -12.26 8.14 -4.65
N LEU B 5 -12.27 6.87 -4.28
CA LEU B 5 -13.10 5.88 -4.97
C LEU B 5 -13.33 4.65 -4.11
N GLU B 6 -12.32 4.28 -3.32
CA GLU B 6 -12.41 3.11 -2.44
C GLU B 6 -12.81 1.87 -3.23
N ILE B 7 -11.87 0.95 -3.41
CA ILE B 7 -12.13 -0.28 -4.16
C ILE B 7 -13.38 -0.99 -3.65
N GLU B 8 -13.74 -0.79 -2.39
CA GLU B 8 -14.92 -1.45 -1.85
C GLU B 8 -16.17 -0.99 -2.60
N ASP B 9 -16.28 0.33 -2.77
CA ASP B 9 -17.41 0.89 -3.49
C ASP B 9 -17.22 0.71 -4.99
N LEU B 10 -15.97 0.77 -5.43
CA LEU B 10 -15.64 0.61 -6.84
C LEU B 10 -15.80 -0.86 -7.25
N PHE B 11 -15.58 -1.77 -6.29
CA PHE B 11 -15.72 -3.19 -6.55
C PHE B 11 -17.18 -3.56 -6.68
N SER B 12 -17.98 -3.09 -5.73
CA SER B 12 -19.41 -3.35 -5.76
C SER B 12 -20.01 -2.72 -7.01
N SER B 13 -19.42 -1.62 -7.46
CA SER B 13 -19.87 -0.93 -8.64
C SER B 13 -19.75 -1.83 -9.86
N LEU B 14 -18.54 -2.38 -10.08
CA LEU B 14 -18.31 -3.27 -11.21
C LEU B 14 -19.29 -4.43 -11.16
N LYS B 15 -19.59 -4.87 -9.95
CA LYS B 15 -20.53 -5.97 -9.75
C LYS B 15 -21.89 -5.58 -10.32
N HIS B 16 -22.27 -4.32 -10.12
CA HIS B 16 -23.52 -3.81 -10.64
C HIS B 16 -23.41 -3.66 -12.16
N ILE B 17 -22.37 -2.95 -12.58
CA ILE B 17 -22.10 -2.71 -13.98
C ILE B 17 -22.03 -4.00 -14.78
N GLN B 18 -21.50 -5.07 -14.18
CA GLN B 18 -21.41 -6.35 -14.87
C GLN B 18 -22.79 -6.96 -15.06
N HIS B 19 -23.63 -6.84 -14.05
CA HIS B 19 -25.00 -7.36 -14.12
C HIS B 19 -25.90 -6.39 -14.87
N THR B 20 -25.46 -5.13 -14.93
CA THR B 20 -26.21 -4.08 -15.62
C THR B 20 -25.87 -4.09 -17.11
N LEU B 21 -24.59 -4.30 -17.41
CA LEU B 21 -24.13 -4.36 -18.78
C LEU B 21 -24.09 -5.81 -19.22
N VAL B 22 -25.22 -6.28 -19.72
CA VAL B 22 -25.35 -7.66 -20.16
C VAL B 22 -25.09 -7.81 -21.65
N ASP B 23 -24.16 -7.00 -22.16
CA ASP B 23 -23.80 -7.04 -23.57
C ASP B 23 -22.62 -8.00 -23.81
N SER B 24 -22.32 -8.83 -22.81
CA SER B 24 -21.23 -9.79 -22.91
C SER B 24 -19.87 -9.10 -22.92
N GLN B 25 -19.60 -8.36 -23.99
CA GLN B 25 -18.33 -7.64 -24.13
C GLN B 25 -18.12 -6.72 -22.93
N SER B 26 -19.20 -6.17 -22.41
CA SER B 26 -19.14 -5.27 -21.26
C SER B 26 -18.71 -6.03 -20.01
N GLN B 27 -19.21 -7.25 -19.86
CA GLN B 27 -18.87 -8.07 -18.70
C GLN B 27 -17.39 -8.42 -18.71
N GLU B 28 -16.84 -8.59 -19.92
CA GLU B 28 -15.43 -8.92 -20.08
C GLU B 28 -14.56 -7.72 -19.70
N ASP B 29 -15.01 -6.53 -20.10
CA ASP B 29 -14.28 -5.31 -19.78
C ASP B 29 -14.41 -5.03 -18.29
N ILE B 30 -15.63 -5.19 -17.81
CA ILE B 30 -15.93 -5.00 -16.39
C ILE B 30 -15.08 -5.96 -15.57
N SER B 31 -15.11 -7.23 -15.96
CA SER B 31 -14.35 -8.26 -15.28
C SER B 31 -12.88 -7.87 -15.20
N LEU B 32 -12.38 -7.25 -16.27
CA LEU B 32 -11.00 -6.80 -16.30
C LEU B 32 -10.71 -5.88 -15.14
N LEU B 33 -11.57 -4.86 -14.98
CA LEU B 33 -11.41 -3.91 -13.87
C LEU B 33 -11.53 -4.66 -12.56
N LEU B 34 -12.51 -5.56 -12.51
CA LEU B 34 -12.75 -6.37 -11.32
C LEU B 34 -11.50 -7.14 -10.93
N GLN B 35 -10.86 -7.77 -11.91
CA GLN B 35 -9.65 -8.54 -11.66
C GLN B 35 -8.54 -7.65 -11.11
N LEU B 36 -8.41 -6.47 -11.70
CA LEU B 36 -7.41 -5.51 -11.26
C LEU B 36 -7.69 -5.11 -9.81
N VAL B 37 -8.98 -4.91 -9.54
CA VAL B 37 -9.43 -4.52 -8.21
C VAL B 37 -9.13 -5.61 -7.18
N GLN B 38 -9.59 -6.83 -7.46
CA GLN B 38 -9.38 -7.95 -6.54
C GLN B 38 -7.90 -8.29 -6.38
N ASN B 39 -7.08 -7.86 -7.35
CA ASN B 39 -5.64 -8.13 -7.28
C ASN B 39 -5.06 -7.60 -5.98
N LYS B 40 -4.05 -8.30 -5.46
CA LYS B 40 -3.41 -7.91 -4.20
C LYS B 40 -2.55 -6.66 -4.37
N ASP B 41 -1.56 -6.73 -5.26
CA ASP B 41 -0.66 -5.61 -5.49
C ASP B 41 -1.45 -4.35 -5.86
N PHE B 42 -2.34 -4.48 -6.82
CA PHE B 42 -3.16 -3.35 -7.26
C PHE B 42 -3.97 -2.80 -6.09
N GLN B 43 -4.55 -3.69 -5.31
CA GLN B 43 -5.36 -3.29 -4.16
C GLN B 43 -4.54 -2.41 -3.22
N ASN B 44 -3.24 -2.69 -3.11
CA ASN B 44 -2.37 -1.92 -2.25
C ASN B 44 -2.17 -0.52 -2.79
N ALA B 45 -1.80 -0.42 -4.06
CA ALA B 45 -1.58 0.88 -4.70
C ALA B 45 -2.84 1.75 -4.61
N PHE B 46 -3.99 1.12 -4.78
CA PHE B 46 -5.26 1.83 -4.72
C PHE B 46 -5.57 2.31 -3.30
N LYS B 47 -5.26 1.48 -2.32
CA LYS B 47 -5.51 1.82 -0.92
C LYS B 47 -4.61 2.96 -0.46
N ILE B 48 -3.33 2.88 -0.82
CA ILE B 48 -2.37 3.91 -0.43
C ILE B 48 -2.78 5.27 -0.98
N HIS B 49 -3.07 5.31 -2.27
CA HIS B 49 -3.46 6.56 -2.91
C HIS B 49 -4.75 7.10 -2.31
N ASN B 50 -5.74 6.23 -2.14
CA ASN B 50 -7.03 6.63 -1.59
C ASN B 50 -6.88 7.32 -0.24
N ALA B 51 -6.33 6.60 0.73
CA ALA B 51 -6.15 7.16 2.08
C ALA B 51 -5.23 8.37 2.07
N ILE B 52 -4.05 8.23 1.48
CA ILE B 52 -3.09 9.33 1.43
C ILE B 52 -3.71 10.56 0.78
N THR B 53 -4.45 10.37 -0.31
CA THR B 53 -5.10 11.49 -0.99
C THR B 53 -6.04 12.19 -0.02
N VAL B 54 -6.78 11.39 0.73
CA VAL B 54 -7.73 11.92 1.72
C VAL B 54 -7.03 12.91 2.64
N HIS B 55 -5.89 12.49 3.19
CA HIS B 55 -5.12 13.35 4.07
C HIS B 55 -4.63 14.58 3.32
N MET B 56 -4.37 14.41 2.02
CA MET B 56 -3.90 15.49 1.17
C MET B 56 -4.89 16.64 1.18
N ASN B 57 -6.18 16.31 1.10
CA ASN B 57 -7.24 17.31 1.11
C ASN B 57 -7.42 17.91 2.49
N LYS B 58 -7.28 17.07 3.51
CA LYS B 58 -7.42 17.52 4.89
C LYS B 58 -6.45 18.65 5.21
N ALA B 59 -5.16 18.38 5.00
CA ALA B 59 -4.13 19.37 5.27
C ALA B 59 -4.35 20.64 4.46
N SER B 60 -4.50 21.77 5.14
CA SER B 60 -4.73 23.04 4.48
C SER B 60 -4.10 24.18 5.27
N ASN C 1 1.79 -7.35 -20.64
CA ASN C 1 2.32 -6.02 -20.35
C ASN C 1 1.38 -5.27 -19.40
N PRO C 2 1.94 -4.63 -18.35
CA PRO C 2 1.13 -3.87 -17.38
C PRO C 2 0.56 -2.60 -17.97
N ALA C 3 1.27 -2.02 -18.95
CA ALA C 3 0.83 -0.80 -19.60
C ALA C 3 -0.34 -1.07 -20.54
N ALA C 4 -0.34 -2.24 -21.14
CA ALA C 4 -1.40 -2.63 -22.07
C ALA C 4 -2.75 -2.72 -21.35
N GLU C 5 -2.74 -3.34 -20.19
CA GLU C 5 -3.97 -3.49 -19.40
C GLU C 5 -4.47 -2.13 -18.91
N LYS C 6 -3.56 -1.31 -18.41
CA LYS C 6 -3.91 0.01 -17.91
C LYS C 6 -4.54 0.85 -19.00
N MET C 7 -3.95 0.80 -20.20
CA MET C 7 -4.48 1.55 -21.33
C MET C 7 -5.88 1.08 -21.67
N GLN C 8 -6.04 -0.24 -21.78
CA GLN C 8 -7.33 -0.83 -22.06
C GLN C 8 -8.31 -0.53 -20.94
N VAL C 9 -7.78 -0.45 -19.72
CA VAL C 9 -8.58 -0.15 -18.54
C VAL C 9 -9.24 1.21 -18.67
N LEU C 10 -8.43 2.24 -18.91
CA LEU C 10 -8.94 3.59 -19.05
C LEU C 10 -10.01 3.63 -20.14
N GLN C 11 -9.74 2.96 -21.25
CA GLN C 11 -10.70 2.89 -22.35
C GLN C 11 -11.92 2.06 -21.94
N VAL C 12 -11.70 1.13 -21.02
CA VAL C 12 -12.76 0.27 -20.52
C VAL C 12 -13.67 1.06 -19.59
N LEU C 13 -13.05 1.92 -18.78
CA LEU C 13 -13.80 2.74 -17.82
C LEU C 13 -14.71 3.71 -18.54
N ASP C 14 -14.21 4.30 -19.62
CA ASP C 14 -14.99 5.26 -20.40
C ASP C 14 -16.12 4.55 -21.14
N ARG C 15 -15.80 3.42 -21.75
CA ARG C 15 -16.78 2.64 -22.48
C ARG C 15 -17.89 2.13 -21.57
N LEU C 16 -17.50 1.44 -20.50
CA LEU C 16 -18.46 0.90 -19.54
C LEU C 16 -19.38 1.99 -19.03
N ARG C 17 -18.79 3.03 -18.45
CA ARG C 17 -19.55 4.15 -17.91
C ARG C 17 -20.46 4.75 -18.99
N GLY C 18 -20.03 4.65 -20.24
CA GLY C 18 -20.83 5.18 -21.33
C GLY C 18 -22.13 4.44 -21.49
N LYS C 19 -22.05 3.11 -21.45
CA LYS C 19 -23.23 2.27 -21.58
C LYS C 19 -24.21 2.52 -20.45
N LEU C 20 -23.67 2.73 -19.24
CA LEU C 20 -24.49 2.99 -18.07
C LEU C 20 -25.31 4.26 -18.28
N GLN C 21 -24.62 5.33 -18.67
CA GLN C 21 -25.28 6.59 -18.92
C GLN C 21 -26.35 6.43 -19.99
N GLU C 22 -26.12 5.47 -20.90
CA GLU C 22 -27.06 5.20 -21.97
C GLU C 22 -28.19 4.29 -21.48
N LYS C 23 -27.87 3.42 -20.53
CA LYS C 23 -28.84 2.50 -19.98
C LYS C 23 -29.69 3.18 -18.90
N GLY C 24 -29.11 4.16 -18.22
CA GLY C 24 -29.82 4.87 -17.18
C GLY C 24 -29.18 4.72 -15.82
N ASP C 25 -27.90 4.37 -15.81
CA ASP C 25 -27.16 4.20 -14.57
C ASP C 25 -26.04 5.22 -14.48
N THR C 26 -26.37 6.43 -14.02
CA THR C 26 -25.38 7.49 -13.90
C THR C 26 -24.80 7.50 -12.49
N THR C 27 -24.99 6.39 -11.78
CA THR C 27 -24.49 6.27 -10.42
C THR C 27 -23.12 5.60 -10.42
N GLN C 28 -22.99 4.51 -11.17
CA GLN C 28 -21.73 3.79 -11.26
C GLN C 28 -20.72 4.56 -12.09
N ASN C 29 -21.22 5.46 -12.94
CA ASN C 29 -20.36 6.27 -13.79
C ASN C 29 -19.36 7.05 -12.95
N GLU C 30 -19.83 7.57 -11.81
CA GLU C 30 -18.98 8.33 -10.91
C GLU C 30 -17.78 7.48 -10.48
N LYS C 31 -18.01 6.17 -10.38
CA LYS C 31 -16.96 5.24 -10.00
C LYS C 31 -15.97 5.05 -11.15
N LEU C 32 -16.51 4.94 -12.36
CA LEU C 32 -15.68 4.77 -13.55
C LEU C 32 -14.87 6.04 -13.82
N SER C 33 -15.46 7.18 -13.49
CA SER C 33 -14.79 8.46 -13.67
C SER C 33 -13.74 8.65 -12.59
N ALA C 34 -14.00 8.08 -11.42
CA ALA C 34 -13.08 8.17 -10.29
C ALA C 34 -11.89 7.24 -10.52
N PHE C 35 -12.18 5.99 -10.87
CA PHE C 35 -11.13 5.01 -11.12
C PHE C 35 -10.29 5.44 -12.31
N TYR C 36 -10.96 5.84 -13.38
CA TYR C 36 -10.31 6.29 -14.60
C TYR C 36 -9.36 7.45 -14.33
N GLU C 37 -9.88 8.49 -13.70
CA GLU C 37 -9.08 9.66 -13.37
C GLU C 37 -7.95 9.29 -12.42
N THR C 38 -8.28 8.51 -11.40
CA THR C 38 -7.29 8.08 -10.41
C THR C 38 -6.17 7.30 -11.10
N LEU C 39 -6.51 6.55 -12.13
CA LEU C 39 -5.54 5.76 -12.87
C LEU C 39 -4.61 6.68 -13.65
N LYS C 40 -5.16 7.80 -14.13
CA LYS C 40 -4.39 8.77 -14.89
C LYS C 40 -3.48 9.59 -13.98
N SER C 41 -3.93 9.78 -12.74
CA SER C 41 -3.14 10.55 -11.77
C SER C 41 -1.68 10.12 -11.75
N PRO C 42 -0.76 11.07 -11.50
CA PRO C 42 0.68 10.79 -11.46
C PRO C 42 1.07 9.92 -10.27
N LEU C 43 0.55 10.28 -9.09
CA LEU C 43 0.84 9.54 -7.87
C LEU C 43 0.43 8.09 -8.01
N PHE C 44 -0.83 7.85 -8.36
CA PHE C 44 -1.34 6.50 -8.51
C PHE C 44 -0.46 5.69 -9.46
N ASN C 45 -0.19 6.26 -10.63
CA ASN C 45 0.65 5.59 -11.63
C ASN C 45 2.00 5.19 -11.05
N GLN C 46 2.52 6.01 -10.15
CA GLN C 46 3.81 5.73 -9.53
C GLN C 46 3.72 4.50 -8.63
N ILE C 47 2.64 4.41 -7.87
CA ILE C 47 2.44 3.27 -6.96
C ILE C 47 2.35 1.96 -7.74
N LEU C 48 1.72 2.01 -8.92
CA LEU C 48 1.58 0.83 -9.75
C LEU C 48 2.93 0.42 -10.32
N THR C 49 3.74 1.42 -10.65
CA THR C 49 5.07 1.18 -11.19
C THR C 49 5.86 0.31 -10.21
N LEU C 50 5.82 0.70 -8.94
CA LEU C 50 6.49 -0.04 -7.89
C LEU C 50 5.91 -1.45 -7.81
N GLN C 51 4.59 -1.54 -7.87
CA GLN C 51 3.90 -2.82 -7.82
C GLN C 51 4.32 -3.68 -9.01
N GLN C 52 4.55 -3.02 -10.14
CA GLN C 52 4.98 -3.72 -11.34
C GLN C 52 6.33 -4.37 -11.10
N SER C 53 7.17 -3.68 -10.33
CA SER C 53 8.50 -4.21 -10.00
C SER C 53 8.36 -5.52 -9.25
N ILE C 54 7.56 -5.50 -8.18
CA ILE C 54 7.32 -6.70 -7.40
C ILE C 54 6.70 -7.78 -8.27
N LYS C 55 5.86 -7.36 -9.21
CA LYS C 55 5.21 -8.28 -10.12
C LYS C 55 6.26 -9.02 -10.93
N GLN C 56 7.34 -8.32 -11.25
CA GLN C 56 8.44 -8.90 -12.00
C GLN C 56 9.15 -9.95 -11.15
N LEU C 57 9.32 -9.65 -9.86
CA LEU C 57 9.96 -10.57 -8.94
C LEU C 57 9.30 -11.94 -8.99
N LYS C 58 7.98 -11.94 -8.83
CA LYS C 58 7.21 -13.19 -8.86
C LYS C 58 7.29 -13.85 -10.23
N GLY C 59 7.33 -13.03 -11.28
CA GLY C 59 7.40 -13.57 -12.63
C GLY C 59 8.79 -14.00 -13.03
N GLN C 60 9.80 -13.46 -12.34
CA GLN C 60 11.19 -13.79 -12.64
C GLN C 60 11.56 -15.13 -12.02
N LEU C 61 11.10 -15.38 -10.81
CA LEU C 61 11.38 -16.62 -10.11
C LEU C 61 10.96 -17.83 -10.94
N SER C 62 9.66 -17.91 -11.23
CA SER C 62 9.13 -19.02 -12.03
C SER C 62 9.45 -20.37 -11.38
N ALA D 1 12.98 -18.92 3.48
CA ALA D 1 13.19 -17.74 4.32
C ALA D 1 12.34 -16.58 3.86
N VAL D 2 11.23 -16.34 4.58
CA VAL D 2 10.32 -15.26 4.23
C VAL D 2 9.17 -15.17 5.24
N LYS D 3 9.46 -14.61 6.41
CA LYS D 3 8.46 -14.47 7.46
C LYS D 3 7.91 -13.04 7.50
N ILE D 4 6.64 -12.91 7.89
CA ILE D 4 6.02 -11.59 7.97
C ILE D 4 6.24 -10.95 9.32
N LEU D 5 5.90 -9.67 9.42
CA LEU D 5 6.05 -8.92 10.67
C LEU D 5 4.71 -8.38 11.16
N GLU D 6 3.90 -7.91 10.23
CA GLU D 6 2.58 -7.36 10.56
C GLU D 6 2.71 -6.23 11.58
N ILE D 7 2.57 -5.00 11.11
CA ILE D 7 2.69 -3.84 11.99
C ILE D 7 1.84 -3.99 13.24
N GLU D 8 0.76 -4.77 13.14
CA GLU D 8 -0.11 -4.97 14.29
C GLU D 8 0.65 -5.63 15.42
N ASP D 9 1.36 -6.69 15.10
CA ASP D 9 2.15 -7.41 16.09
C ASP D 9 3.42 -6.62 16.40
N LEU D 10 3.96 -5.97 15.38
CA LEU D 10 5.16 -5.16 15.52
C LEU D 10 4.87 -3.89 16.31
N PHE D 11 3.62 -3.42 16.22
CA PHE D 11 3.19 -2.22 16.92
C PHE D 11 3.07 -2.52 18.40
N SER D 12 2.35 -3.59 18.73
CA SER D 12 2.19 -4.00 20.11
C SER D 12 3.55 -4.36 20.71
N SER D 13 4.46 -4.80 19.83
CA SER D 13 5.79 -5.18 20.25
C SER D 13 6.56 -3.96 20.77
N LEU D 14 6.60 -2.89 19.98
CA LEU D 14 7.29 -1.67 20.40
C LEU D 14 6.70 -1.19 21.71
N LYS D 15 5.40 -1.33 21.84
CA LYS D 15 4.72 -0.92 23.07
C LYS D 15 5.30 -1.70 24.24
N HIS D 16 5.59 -2.98 24.00
CA HIS D 16 6.18 -3.84 25.02
C HIS D 16 7.61 -3.38 25.27
N ILE D 17 8.38 -3.31 24.20
CA ILE D 17 9.77 -2.88 24.26
C ILE D 17 9.90 -1.56 25.01
N GLN D 18 8.96 -0.66 24.78
CA GLN D 18 8.97 0.64 25.44
C GLN D 18 8.83 0.47 26.95
N HIS D 19 7.85 -0.33 27.36
CA HIS D 19 7.62 -0.58 28.78
C HIS D 19 8.63 -1.60 29.32
N THR D 20 9.28 -2.31 28.41
CA THR D 20 10.27 -3.31 28.79
C THR D 20 11.65 -2.67 28.95
N LEU D 21 11.92 -1.66 28.13
CA LEU D 21 13.20 -0.97 28.19
C LEU D 21 13.11 0.20 29.15
N VAL D 22 12.17 1.11 28.89
CA VAL D 22 11.95 2.28 29.74
C VAL D 22 13.28 2.89 30.19
N ASP D 23 14.28 2.81 29.32
CA ASP D 23 15.60 3.37 29.63
C ASP D 23 15.72 4.79 29.08
N SER D 24 14.59 5.45 28.91
CA SER D 24 14.56 6.82 28.39
C SER D 24 14.99 6.84 26.93
N GLN D 25 16.29 6.63 26.70
CA GLN D 25 16.82 6.61 25.35
C GLN D 25 16.15 5.48 24.56
N SER D 26 15.74 4.44 25.29
CA SER D 26 15.08 3.30 24.68
C SER D 26 13.66 3.66 24.23
N GLN D 27 12.91 4.31 25.12
CA GLN D 27 11.54 4.70 24.82
C GLN D 27 11.51 5.72 23.68
N GLU D 28 12.57 6.53 23.59
CA GLU D 28 12.67 7.54 22.54
C GLU D 28 12.98 6.87 21.20
N ASP D 29 13.85 5.86 21.24
CA ASP D 29 14.21 5.11 20.05
C ASP D 29 13.03 4.28 19.61
N ILE D 30 12.40 3.65 20.60
CA ILE D 30 11.23 2.83 20.38
C ILE D 30 10.10 3.68 19.82
N SER D 31 9.86 4.82 20.47
CA SER D 31 8.83 5.75 20.03
C SER D 31 9.03 6.13 18.57
N LEU D 32 10.30 6.29 18.19
CA LEU D 32 10.63 6.62 16.82
C LEU D 32 10.12 5.54 15.88
N LEU D 33 10.36 4.27 16.25
CA LEU D 33 9.89 3.15 15.45
C LEU D 33 8.38 3.17 15.42
N LEU D 34 7.79 3.46 16.58
CA LEU D 34 6.35 3.53 16.72
C LEU D 34 5.78 4.60 15.80
N GLN D 35 6.44 5.75 15.76
CA GLN D 35 5.98 6.86 14.91
C GLN D 35 6.01 6.44 13.45
N LEU D 36 7.01 5.65 13.08
CA LEU D 36 7.15 5.16 11.71
C LEU D 36 6.06 4.13 11.43
N VAL D 37 5.95 3.17 12.33
CA VAL D 37 4.97 2.10 12.22
C VAL D 37 3.54 2.65 12.22
N GLN D 38 3.30 3.68 13.02
CA GLN D 38 1.98 4.28 13.12
C GLN D 38 1.72 5.25 11.97
N ASN D 39 2.78 5.74 11.34
CA ASN D 39 2.64 6.68 10.22
C ASN D 39 1.68 6.13 9.18
N LYS D 40 0.94 7.02 8.52
CA LYS D 40 -0.03 6.61 7.50
C LYS D 40 0.67 6.11 6.24
N ASP D 41 1.48 6.97 5.64
CA ASP D 41 2.20 6.62 4.42
C ASP D 41 3.11 5.42 4.65
N PHE D 42 3.87 5.46 5.75
CA PHE D 42 4.78 4.37 6.08
C PHE D 42 4.04 3.04 6.15
N GLN D 43 3.01 2.98 6.99
CA GLN D 43 2.22 1.77 7.15
C GLN D 43 1.73 1.26 5.80
N ASN D 44 1.41 2.19 4.91
CA ASN D 44 0.94 1.84 3.57
C ASN D 44 1.97 1.00 2.84
N ALA D 45 3.21 1.49 2.80
CA ALA D 45 4.29 0.79 2.13
C ALA D 45 4.51 -0.58 2.76
N PHE D 46 4.59 -0.61 4.08
CA PHE D 46 4.80 -1.86 4.81
C PHE D 46 3.70 -2.86 4.48
N LYS D 47 2.48 -2.36 4.30
CA LYS D 47 1.35 -3.21 3.98
C LYS D 47 1.57 -3.88 2.64
N ILE D 48 2.11 -3.13 1.68
CA ILE D 48 2.39 -3.67 0.35
C ILE D 48 3.33 -4.86 0.44
N HIS D 49 4.43 -4.66 1.15
CA HIS D 49 5.44 -5.70 1.32
C HIS D 49 4.90 -6.82 2.20
N ASN D 50 4.04 -6.48 3.14
CA ASN D 50 3.46 -7.46 4.07
C ASN D 50 2.59 -8.47 3.33
N ALA D 51 1.54 -7.98 2.69
CA ALA D 51 0.61 -8.85 1.96
C ALA D 51 1.26 -9.47 0.74
N ILE D 52 1.90 -8.65 -0.09
CA ILE D 52 2.55 -9.15 -1.30
C ILE D 52 3.51 -10.29 -0.96
N THR D 53 4.22 -10.15 0.15
CA THR D 53 5.14 -11.19 0.59
C THR D 53 4.36 -12.46 0.87
N VAL D 54 3.33 -12.31 1.70
CA VAL D 54 2.48 -13.43 2.06
C VAL D 54 1.92 -14.13 0.82
N HIS D 55 1.47 -13.34 -0.14
CA HIS D 55 0.94 -13.87 -1.39
C HIS D 55 2.03 -14.63 -2.14
N MET D 56 3.27 -14.15 -1.99
CA MET D 56 4.41 -14.77 -2.65
C MET D 56 4.61 -16.19 -2.15
N ASN D 57 4.43 -16.38 -0.84
CA ASN D 57 4.58 -17.69 -0.22
C ASN D 57 3.33 -18.54 -0.44
N LYS D 58 2.17 -17.89 -0.39
CA LYS D 58 0.90 -18.59 -0.58
C LYS D 58 0.87 -19.32 -1.92
N ALA D 59 1.03 -18.56 -3.01
CA ALA D 59 1.03 -19.14 -4.34
C ALA D 59 2.25 -20.01 -4.57
N SER D 60 2.18 -21.25 -4.11
CA SER D 60 3.29 -22.20 -4.27
C SER D 60 2.77 -23.59 -4.57
N ASN A 1 14.53 15.38 7.94
CA ASN A 1 15.18 14.41 7.07
C ASN A 1 14.70 12.99 7.38
N PRO A 2 13.75 12.46 6.59
CA PRO A 2 13.21 11.11 6.80
C PRO A 2 14.29 10.04 6.68
N ALA A 3 15.03 10.07 5.58
CA ALA A 3 16.10 9.11 5.33
C ALA A 3 17.05 9.02 6.52
N ALA A 4 17.33 10.16 7.14
CA ALA A 4 18.22 10.20 8.30
C ALA A 4 17.68 9.32 9.43
N GLU A 5 16.42 9.53 9.78
CA GLU A 5 15.78 8.76 10.84
C GLU A 5 15.71 7.29 10.47
N LYS A 6 15.59 6.99 9.18
CA LYS A 6 15.52 5.60 8.72
C LYS A 6 16.80 4.87 9.09
N MET A 7 17.95 5.47 8.79
CA MET A 7 19.23 4.87 9.13
C MET A 7 19.32 4.71 10.64
N GLN A 8 18.80 5.72 11.34
CA GLN A 8 18.77 5.71 12.79
C GLN A 8 17.80 4.64 13.29
N VAL A 9 16.75 4.42 12.51
CA VAL A 9 15.74 3.42 12.83
C VAL A 9 16.37 2.03 12.88
N LEU A 10 17.09 1.68 11.82
CA LEU A 10 17.75 0.38 11.76
C LEU A 10 18.73 0.25 12.92
N GLN A 11 19.42 1.34 13.22
CA GLN A 11 20.36 1.36 14.33
C GLN A 11 19.61 1.21 15.64
N VAL A 12 18.35 1.67 15.64
CA VAL A 12 17.51 1.59 16.82
C VAL A 12 17.03 0.15 17.03
N LEU A 13 16.73 -0.52 15.92
CA LEU A 13 16.27 -1.89 15.97
C LEU A 13 17.35 -2.80 16.53
N ASP A 14 18.60 -2.54 16.14
CA ASP A 14 19.72 -3.33 16.61
C ASP A 14 20.02 -3.04 18.08
N ARG A 15 19.90 -1.77 18.46
CA ARG A 15 20.16 -1.36 19.83
C ARG A 15 19.07 -1.88 20.77
N LEU A 16 17.82 -1.58 20.44
CA LEU A 16 16.70 -2.03 21.26
C LEU A 16 16.75 -3.54 21.46
N ARG A 17 16.85 -4.26 20.35
CA ARG A 17 16.91 -5.71 20.38
C ARG A 17 18.03 -6.19 21.31
N GLY A 18 19.20 -5.55 21.21
CA GLY A 18 20.32 -5.92 22.06
C GLY A 18 19.96 -5.83 23.53
N LYS A 19 19.27 -4.76 23.90
CA LYS A 19 18.86 -4.56 25.28
C LYS A 19 17.94 -5.67 25.74
N LEU A 20 17.01 -6.07 24.88
CA LEU A 20 16.06 -7.13 25.20
C LEU A 20 16.80 -8.42 25.53
N GLN A 21 17.71 -8.81 24.64
CA GLN A 21 18.50 -10.01 24.86
C GLN A 21 19.22 -9.92 26.21
N GLU A 22 19.58 -8.69 26.57
CA GLU A 22 20.26 -8.44 27.84
C GLU A 22 19.24 -8.33 28.97
N LYS A 23 18.01 -7.94 28.63
CA LYS A 23 16.94 -7.79 29.61
C LYS A 23 16.28 -9.13 29.91
N GLY A 24 16.26 -10.00 28.91
CA GLY A 24 15.64 -11.31 29.08
C GLY A 24 14.41 -11.48 28.21
N ASP A 25 14.24 -10.57 27.25
CA ASP A 25 13.11 -10.62 26.34
C ASP A 25 13.59 -11.04 24.96
N THR A 26 13.71 -12.35 24.75
CA THR A 26 14.15 -12.89 23.49
C THR A 26 12.94 -13.25 22.63
N THR A 27 11.86 -12.52 22.83
CA THR A 27 10.63 -12.74 22.09
C THR A 27 10.42 -11.66 21.04
N GLN A 28 10.50 -10.40 21.49
CA GLN A 28 10.33 -9.27 20.59
C GLN A 28 11.56 -9.09 19.69
N ASN A 29 12.70 -9.60 20.15
CA ASN A 29 13.94 -9.50 19.38
C ASN A 29 13.73 -9.95 17.94
N GLU A 30 12.93 -11.00 17.76
CA GLU A 30 12.63 -11.51 16.43
C GLU A 30 11.95 -10.44 15.60
N LYS A 31 11.16 -9.61 16.27
CA LYS A 31 10.44 -8.53 15.61
C LYS A 31 11.42 -7.46 15.13
N LEU A 32 12.38 -7.13 15.98
CA LEU A 32 13.39 -6.13 15.63
C LEU A 32 14.22 -6.59 14.44
N SER A 33 14.39 -7.91 14.33
CA SER A 33 15.17 -8.48 13.23
C SER A 33 14.34 -8.49 11.96
N ALA A 34 13.05 -8.77 12.11
CA ALA A 34 12.14 -8.81 10.98
C ALA A 34 11.88 -7.41 10.46
N PHE A 35 11.75 -6.46 11.39
CA PHE A 35 11.52 -5.07 11.05
C PHE A 35 12.78 -4.43 10.49
N TYR A 36 13.92 -4.87 11.03
CA TYR A 36 15.21 -4.36 10.60
C TYR A 36 15.55 -4.81 9.18
N GLU A 37 15.48 -6.13 8.95
CA GLU A 37 15.78 -6.69 7.64
C GLU A 37 14.85 -6.12 6.58
N THR A 38 13.54 -6.14 6.85
CA THR A 38 12.56 -5.63 5.91
C THR A 38 12.87 -4.18 5.53
N LEU A 39 13.17 -3.37 6.54
CA LEU A 39 13.50 -1.96 6.32
C LEU A 39 14.71 -1.84 5.39
N LYS A 40 15.64 -2.78 5.53
CA LYS A 40 16.85 -2.78 4.72
C LYS A 40 16.58 -3.28 3.31
N SER A 41 15.63 -4.21 3.19
CA SER A 41 15.27 -4.78 1.89
C SER A 41 15.15 -3.69 0.81
N PRO A 42 15.71 -3.94 -0.39
CA PRO A 42 15.67 -2.98 -1.50
C PRO A 42 14.24 -2.76 -1.99
N LEU A 43 13.49 -3.84 -2.09
CA LEU A 43 12.10 -3.76 -2.55
C LEU A 43 11.27 -2.92 -1.59
N PHE A 44 11.33 -3.25 -0.31
CA PHE A 44 10.60 -2.51 0.70
C PHE A 44 10.99 -1.04 0.68
N ASN A 45 12.30 -0.79 0.60
CA ASN A 45 12.81 0.57 0.56
C ASN A 45 12.18 1.36 -0.58
N GLN A 46 12.00 0.70 -1.72
CA GLN A 46 11.40 1.34 -2.89
C GLN A 46 9.98 1.76 -2.58
N ILE A 47 9.24 0.90 -1.89
CA ILE A 47 7.85 1.18 -1.53
C ILE A 47 7.76 2.45 -0.70
N LEU A 48 8.64 2.58 0.28
CA LEU A 48 8.66 3.75 1.16
C LEU A 48 9.12 4.97 0.40
N THR A 49 10.05 4.78 -0.53
CA THR A 49 10.56 5.88 -1.35
C THR A 49 9.41 6.61 -2.03
N LEU A 50 8.54 5.85 -2.68
CA LEU A 50 7.38 6.43 -3.34
C LEU A 50 6.47 7.10 -2.31
N GLN A 51 6.23 6.40 -1.21
CA GLN A 51 5.39 6.92 -0.14
C GLN A 51 5.99 8.21 0.41
N GLN A 52 7.31 8.30 0.38
CA GLN A 52 8.02 9.48 0.87
C GLN A 52 7.72 10.68 -0.03
N SER A 53 7.68 10.43 -1.33
CA SER A 53 7.39 11.48 -2.30
C SER A 53 6.01 12.06 -2.04
N ILE A 54 5.04 11.17 -1.82
CA ILE A 54 3.68 11.60 -1.53
C ILE A 54 3.63 12.44 -0.27
N LYS A 55 4.46 12.06 0.70
CA LYS A 55 4.54 12.79 1.97
C LYS A 55 4.96 14.23 1.71
N GLN A 56 5.89 14.40 0.78
CA GLN A 56 6.38 15.72 0.42
C GLN A 56 5.25 16.55 -0.19
N LEU A 57 4.44 15.90 -1.01
CA LEU A 57 3.31 16.57 -1.66
C LEU A 57 2.40 17.21 -0.61
N LYS A 58 2.07 16.43 0.42
CA LYS A 58 1.21 16.90 1.49
C LYS A 58 1.81 18.13 2.18
N GLY A 59 3.07 18.01 2.60
CA GLY A 59 3.74 19.12 3.26
C GLY A 59 3.79 20.36 2.40
N GLN A 60 4.34 20.22 1.20
CA GLN A 60 4.46 21.34 0.27
C GLN A 60 3.09 21.92 -0.06
N LEU A 61 2.08 21.06 -0.05
CA LEU A 61 0.71 21.48 -0.35
C LEU A 61 -0.02 21.93 0.92
N SER A 62 0.36 23.09 1.44
CA SER A 62 -0.25 23.63 2.64
C SER A 62 -1.32 24.66 2.29
N ALA B 1 -8.17 17.22 -9.58
CA ALA B 1 -6.86 16.82 -9.10
C ALA B 1 -6.89 16.49 -7.61
N VAL B 2 -7.98 15.86 -7.18
CA VAL B 2 -8.15 15.49 -5.78
C VAL B 2 -9.50 14.84 -5.54
N LYS B 3 -9.66 13.61 -6.03
CA LYS B 3 -10.90 12.87 -5.88
C LYS B 3 -10.63 11.40 -5.56
N ILE B 4 -11.46 10.82 -4.71
CA ILE B 4 -11.30 9.42 -4.32
C ILE B 4 -12.25 8.53 -5.11
N LEU B 5 -12.49 7.33 -4.58
CA LEU B 5 -13.38 6.37 -5.23
C LEU B 5 -13.60 5.16 -4.33
N GLU B 6 -12.56 4.79 -3.58
CA GLU B 6 -12.64 3.65 -2.66
C GLU B 6 -13.02 2.37 -3.41
N ILE B 7 -12.10 1.41 -3.43
CA ILE B 7 -12.35 0.15 -4.12
C ILE B 7 -13.61 -0.54 -3.60
N GLU B 8 -13.98 -0.28 -2.36
CA GLU B 8 -15.16 -0.90 -1.80
C GLU B 8 -16.40 -0.46 -2.55
N ASP B 9 -16.53 0.85 -2.77
CA ASP B 9 -17.66 1.38 -3.51
C ASP B 9 -17.47 1.15 -5.01
N LEU B 10 -16.21 1.22 -5.43
CA LEU B 10 -15.87 1.01 -6.84
C LEU B 10 -16.01 -0.47 -7.20
N PHE B 11 -15.79 -1.34 -6.22
CA PHE B 11 -15.91 -2.78 -6.44
C PHE B 11 -17.37 -3.16 -6.57
N SER B 12 -18.19 -2.66 -5.65
CA SER B 12 -19.61 -2.92 -5.68
C SER B 12 -20.22 -2.33 -6.96
N SER B 13 -19.60 -1.25 -7.43
CA SER B 13 -20.06 -0.60 -8.65
C SER B 13 -19.91 -1.53 -9.85
N LEU B 14 -18.71 -2.06 -10.04
CA LEU B 14 -18.45 -2.98 -11.15
C LEU B 14 -19.41 -4.14 -11.07
N LYS B 15 -19.71 -4.57 -9.86
CA LYS B 15 -20.65 -5.67 -9.65
C LYS B 15 -21.99 -5.33 -10.26
N HIS B 16 -22.44 -4.09 -10.03
CA HIS B 16 -23.69 -3.62 -10.60
C HIS B 16 -23.54 -3.53 -12.10
N ILE B 17 -22.54 -2.76 -12.53
CA ILE B 17 -22.25 -2.58 -13.94
C ILE B 17 -22.15 -3.91 -14.66
N GLN B 18 -21.66 -4.93 -13.96
CA GLN B 18 -21.51 -6.26 -14.55
C GLN B 18 -22.88 -6.85 -14.87
N HIS B 19 -23.79 -6.80 -13.91
CA HIS B 19 -25.14 -7.33 -14.10
C HIS B 19 -25.98 -6.37 -14.93
N THR B 20 -25.56 -5.10 -14.93
CA THR B 20 -26.25 -4.07 -15.68
C THR B 20 -25.80 -4.08 -17.13
N LEU B 21 -24.54 -4.42 -17.34
CA LEU B 21 -23.99 -4.50 -18.68
C LEU B 21 -23.87 -5.96 -19.08
N VAL B 22 -24.98 -6.48 -19.60
CA VAL B 22 -25.06 -7.87 -20.01
C VAL B 22 -24.83 -8.02 -21.51
N ASP B 23 -23.92 -7.20 -22.04
CA ASP B 23 -23.61 -7.25 -23.47
C ASP B 23 -22.42 -8.17 -23.73
N SER B 24 -22.09 -9.01 -22.75
CA SER B 24 -20.98 -9.95 -22.88
C SER B 24 -19.64 -9.22 -22.90
N GLN B 25 -19.39 -8.47 -23.98
CA GLN B 25 -18.14 -7.73 -24.11
C GLN B 25 -17.95 -6.79 -22.93
N SER B 26 -19.05 -6.22 -22.46
CA SER B 26 -19.00 -5.30 -21.33
C SER B 26 -18.61 -6.04 -20.05
N GLN B 27 -19.09 -7.27 -19.90
CA GLN B 27 -18.77 -8.07 -18.72
C GLN B 27 -17.28 -8.36 -18.66
N GLU B 28 -16.69 -8.56 -19.84
CA GLU B 28 -15.26 -8.84 -19.94
C GLU B 28 -14.46 -7.60 -19.56
N ASP B 29 -14.92 -6.43 -19.99
CA ASP B 29 -14.24 -5.19 -19.68
C ASP B 29 -14.43 -4.88 -18.20
N ILE B 30 -15.66 -5.10 -17.74
CA ILE B 30 -16.00 -4.90 -16.34
C ILE B 30 -15.14 -5.79 -15.46
N SER B 31 -15.09 -7.07 -15.84
CA SER B 31 -14.29 -8.05 -15.10
C SER B 31 -12.84 -7.60 -15.05
N LEU B 32 -12.39 -6.94 -16.12
CA LEU B 32 -11.03 -6.44 -16.20
C LEU B 32 -10.76 -5.51 -15.03
N LEU B 33 -11.66 -4.54 -14.85
CA LEU B 33 -11.52 -3.59 -13.74
C LEU B 33 -11.63 -4.33 -12.42
N LEU B 34 -12.58 -5.26 -12.37
CA LEU B 34 -12.80 -6.06 -11.18
C LEU B 34 -11.54 -6.81 -10.78
N GLN B 35 -10.85 -7.36 -11.77
CA GLN B 35 -9.61 -8.10 -11.50
C GLN B 35 -8.57 -7.20 -10.88
N LEU B 36 -8.36 -6.04 -11.49
CA LEU B 36 -7.40 -5.07 -10.98
C LEU B 36 -7.81 -4.60 -9.59
N VAL B 37 -9.07 -4.24 -9.46
CA VAL B 37 -9.61 -3.77 -8.19
C VAL B 37 -9.50 -4.83 -7.10
N GLN B 38 -9.71 -6.09 -7.48
CA GLN B 38 -9.66 -7.18 -6.52
C GLN B 38 -8.23 -7.69 -6.31
N ASN B 39 -7.31 -7.27 -7.15
CA ASN B 39 -5.91 -7.68 -7.02
C ASN B 39 -5.34 -7.26 -5.67
N LYS B 40 -4.44 -8.07 -5.12
CA LYS B 40 -3.84 -7.78 -3.82
C LYS B 40 -2.89 -6.60 -3.92
N ASP B 41 -1.87 -6.72 -4.78
CA ASP B 41 -0.90 -5.65 -4.95
C ASP B 41 -1.57 -4.36 -5.40
N PHE B 42 -2.44 -4.48 -6.41
CA PHE B 42 -3.16 -3.33 -6.92
C PHE B 42 -3.93 -2.63 -5.81
N GLN B 43 -4.74 -3.40 -5.10
CA GLN B 43 -5.54 -2.85 -3.99
C GLN B 43 -4.65 -2.06 -3.04
N ASN B 44 -3.44 -2.54 -2.82
CA ASN B 44 -2.50 -1.87 -1.92
C ASN B 44 -2.19 -0.47 -2.43
N ALA B 45 -1.87 -0.38 -3.72
CA ALA B 45 -1.55 0.89 -4.35
C ALA B 45 -2.70 1.88 -4.20
N PHE B 46 -3.90 1.44 -4.53
CA PHE B 46 -5.09 2.28 -4.46
C PHE B 46 -5.36 2.71 -3.02
N LYS B 47 -5.10 1.81 -2.07
CA LYS B 47 -5.33 2.10 -0.66
C LYS B 47 -4.41 3.22 -0.20
N ILE B 48 -3.16 3.21 -0.68
CA ILE B 48 -2.19 4.22 -0.31
C ILE B 48 -2.63 5.60 -0.79
N HIS B 49 -3.00 5.68 -2.07
CA HIS B 49 -3.45 6.94 -2.65
C HIS B 49 -4.77 7.37 -2.05
N ASN B 50 -5.67 6.42 -1.81
CA ASN B 50 -6.99 6.71 -1.26
C ASN B 50 -6.88 7.47 0.07
N ALA B 51 -6.24 6.87 1.05
CA ALA B 51 -6.09 7.48 2.36
C ALA B 51 -5.20 8.71 2.32
N ILE B 52 -4.00 8.56 1.76
CA ILE B 52 -3.06 9.68 1.68
C ILE B 52 -3.70 10.91 1.02
N THR B 53 -4.44 10.70 -0.06
CA THR B 53 -5.11 11.80 -0.74
C THR B 53 -6.09 12.46 0.21
N VAL B 54 -6.96 11.65 0.79
CA VAL B 54 -7.96 12.13 1.72
C VAL B 54 -7.31 12.92 2.85
N HIS B 55 -6.25 12.36 3.43
CA HIS B 55 -5.53 13.03 4.51
C HIS B 55 -4.91 14.32 4.01
N MET B 56 -4.53 14.33 2.74
CA MET B 56 -3.91 15.50 2.12
C MET B 56 -4.85 16.71 2.20
N ASN B 57 -6.10 16.51 1.79
CA ASN B 57 -7.09 17.57 1.83
C ASN B 57 -7.59 17.81 3.24
N LYS B 58 -7.54 16.77 4.07
CA LYS B 58 -8.00 16.87 5.46
C LYS B 58 -6.91 17.51 6.33
N ALA B 59 -5.85 16.77 6.59
CA ALA B 59 -4.75 17.25 7.41
C ALA B 59 -5.23 17.59 8.82
N SER B 60 -5.28 16.58 9.68
CA SER B 60 -5.72 16.77 11.06
C SER B 60 -4.67 17.53 11.87
N ASN C 1 1.96 -7.07 -23.12
CA ASN C 1 2.34 -5.68 -22.85
C ASN C 1 1.62 -5.17 -21.59
N PRO C 2 2.38 -4.75 -20.56
CA PRO C 2 1.80 -4.23 -19.32
C PRO C 2 0.99 -2.96 -19.53
N ALA C 3 1.37 -2.20 -20.55
CA ALA C 3 0.69 -0.95 -20.87
C ALA C 3 -0.65 -1.23 -21.56
N ALA C 4 -0.73 -2.34 -22.28
CA ALA C 4 -1.94 -2.71 -22.98
C ALA C 4 -3.11 -2.87 -22.02
N GLU C 5 -2.84 -3.43 -20.84
CA GLU C 5 -3.86 -3.64 -19.83
C GLU C 5 -4.40 -2.30 -19.32
N LYS C 6 -3.51 -1.46 -18.83
CA LYS C 6 -3.88 -0.15 -18.32
C LYS C 6 -4.54 0.68 -19.41
N MET C 7 -3.96 0.64 -20.60
CA MET C 7 -4.51 1.39 -21.73
C MET C 7 -5.91 0.89 -22.05
N GLN C 8 -6.08 -0.42 -22.03
CA GLN C 8 -7.37 -1.03 -22.29
C GLN C 8 -8.32 -0.71 -21.13
N VAL C 9 -7.77 -0.64 -19.93
CA VAL C 9 -8.54 -0.34 -18.73
C VAL C 9 -9.22 1.03 -18.87
N LEU C 10 -8.42 2.05 -19.10
CA LEU C 10 -8.94 3.40 -19.24
C LEU C 10 -9.97 3.45 -20.37
N GLN C 11 -9.65 2.76 -21.46
CA GLN C 11 -10.57 2.69 -22.60
C GLN C 11 -11.80 1.88 -22.21
N VAL C 12 -11.60 0.95 -21.27
CA VAL C 12 -12.68 0.11 -20.79
C VAL C 12 -13.61 0.93 -19.89
N LEU C 13 -13.01 1.81 -19.09
CA LEU C 13 -13.75 2.65 -18.18
C LEU C 13 -14.68 3.59 -18.94
N ASP C 14 -14.17 4.18 -20.02
CA ASP C 14 -14.94 5.10 -20.83
C ASP C 14 -16.05 4.35 -21.58
N ARG C 15 -15.72 3.16 -22.05
CA ARG C 15 -16.68 2.33 -22.79
C ARG C 15 -17.78 1.84 -21.86
N LEU C 16 -17.39 1.31 -20.70
CA LEU C 16 -18.35 0.81 -19.73
C LEU C 16 -19.30 1.92 -19.30
N ARG C 17 -18.73 3.00 -18.78
CA ARG C 17 -19.53 4.13 -18.33
C ARG C 17 -20.40 4.67 -19.46
N GLY C 18 -19.91 4.52 -20.69
CA GLY C 18 -20.68 4.98 -21.83
C GLY C 18 -21.97 4.21 -22.00
N LYS C 19 -21.87 2.88 -21.90
CA LYS C 19 -23.04 2.03 -22.03
C LYS C 19 -24.05 2.34 -20.94
N LEU C 20 -23.55 2.63 -19.74
CA LEU C 20 -24.40 2.96 -18.60
C LEU C 20 -25.20 4.21 -18.91
N GLN C 21 -24.52 5.26 -19.35
CA GLN C 21 -25.19 6.51 -19.70
C GLN C 21 -26.29 6.23 -20.71
N GLU C 22 -26.04 5.22 -21.56
CA GLU C 22 -27.01 4.83 -22.57
C GLU C 22 -28.06 3.90 -21.96
N LYS C 23 -27.66 3.17 -20.93
CA LYS C 23 -28.55 2.24 -20.24
C LYS C 23 -29.48 2.98 -19.28
N GLY C 24 -28.98 4.07 -18.71
CA GLY C 24 -29.78 4.85 -17.78
C GLY C 24 -29.20 4.82 -16.37
N ASP C 25 -27.96 4.37 -16.25
CA ASP C 25 -27.27 4.30 -14.97
C ASP C 25 -26.13 5.29 -14.93
N THR C 26 -26.43 6.53 -14.59
CA THR C 26 -25.41 7.57 -14.50
C THR C 26 -24.87 7.65 -13.09
N THR C 27 -25.11 6.61 -12.31
CA THR C 27 -24.65 6.53 -10.93
C THR C 27 -23.24 5.95 -10.87
N GLN C 28 -23.04 4.81 -11.53
CA GLN C 28 -21.75 4.15 -11.55
C GLN C 28 -20.78 4.90 -12.46
N ASN C 29 -21.32 5.68 -13.40
CA ASN C 29 -20.50 6.44 -14.33
C ASN C 29 -19.50 7.31 -13.58
N GLU C 30 -19.98 7.98 -12.54
CA GLU C 30 -19.13 8.85 -11.73
C GLU C 30 -17.95 8.06 -11.18
N LYS C 31 -18.18 6.79 -10.90
CA LYS C 31 -17.15 5.91 -10.38
C LYS C 31 -16.11 5.61 -11.46
N LEU C 32 -16.59 5.31 -12.66
CA LEU C 32 -15.70 5.01 -13.78
C LEU C 32 -14.81 6.20 -14.08
N SER C 33 -15.32 7.40 -13.81
CA SER C 33 -14.55 8.62 -14.05
C SER C 33 -13.53 8.81 -12.93
N ALA C 34 -13.92 8.40 -11.72
CA ALA C 34 -13.05 8.51 -10.56
C ALA C 34 -11.89 7.52 -10.67
N PHE C 35 -12.21 6.30 -11.06
CA PHE C 35 -11.21 5.25 -11.22
C PHE C 35 -10.33 5.55 -12.43
N TYR C 36 -10.97 5.96 -13.51
CA TYR C 36 -10.27 6.29 -14.76
C TYR C 36 -9.32 7.47 -14.56
N GLU C 37 -9.83 8.56 -14.03
CA GLU C 37 -9.02 9.75 -13.79
C GLU C 37 -7.86 9.43 -12.86
N THR C 38 -8.16 8.81 -11.73
CA THR C 38 -7.13 8.45 -10.76
C THR C 38 -6.07 7.56 -11.42
N LEU C 39 -6.50 6.67 -12.30
CA LEU C 39 -5.59 5.78 -13.00
C LEU C 39 -4.61 6.59 -13.84
N LYS C 40 -5.09 7.71 -14.37
CA LYS C 40 -4.27 8.59 -15.20
C LYS C 40 -3.29 9.37 -14.34
N SER C 41 -3.68 9.66 -13.10
CA SER C 41 -2.83 10.40 -12.18
C SER C 41 -1.40 9.89 -12.17
N PRO C 42 -0.41 10.79 -12.20
CA PRO C 42 1.01 10.42 -12.20
C PRO C 42 1.44 9.80 -10.88
N LEU C 43 0.93 10.36 -9.79
CA LEU C 43 1.24 9.87 -8.45
C LEU C 43 0.73 8.44 -8.28
N PHE C 44 -0.56 8.25 -8.55
CA PHE C 44 -1.16 6.92 -8.44
C PHE C 44 -0.45 5.93 -9.34
N ASN C 45 -0.18 6.35 -10.58
CA ASN C 45 0.51 5.52 -11.54
C ASN C 45 1.87 5.08 -11.00
N GLN C 46 2.55 6.00 -10.32
CA GLN C 46 3.86 5.70 -9.74
C GLN C 46 3.75 4.56 -8.75
N ILE C 47 2.71 4.60 -7.91
CA ILE C 47 2.49 3.56 -6.91
C ILE C 47 2.36 2.19 -7.58
N LEU C 48 1.57 2.14 -8.65
CA LEU C 48 1.37 0.90 -9.39
C LEU C 48 2.66 0.46 -10.06
N THR C 49 3.44 1.44 -10.51
CA THR C 49 4.72 1.15 -11.17
C THR C 49 5.57 0.27 -10.27
N LEU C 50 5.75 0.72 -9.03
CA LEU C 50 6.53 -0.05 -8.06
C LEU C 50 5.88 -1.42 -7.86
N GLN C 51 4.56 -1.43 -7.80
CA GLN C 51 3.81 -2.67 -7.64
C GLN C 51 4.07 -3.61 -8.80
N GLN C 52 4.20 -3.02 -10.00
CA GLN C 52 4.46 -3.80 -11.20
C GLN C 52 5.80 -4.52 -11.07
N SER C 53 6.77 -3.83 -10.47
CA SER C 53 8.09 -4.41 -10.27
C SER C 53 7.97 -5.64 -9.39
N ILE C 54 7.24 -5.51 -8.29
CA ILE C 54 7.03 -6.62 -7.37
C ILE C 54 6.30 -7.75 -8.07
N LYS C 55 5.38 -7.39 -8.96
CA LYS C 55 4.62 -8.38 -9.72
C LYS C 55 5.58 -9.24 -10.54
N GLN C 56 6.63 -8.61 -11.05
CA GLN C 56 7.63 -9.31 -11.84
C GLN C 56 8.41 -10.28 -10.95
N LEU C 57 8.71 -9.82 -9.73
CA LEU C 57 9.44 -10.65 -8.77
C LEU C 57 8.75 -12.00 -8.60
N LYS C 58 7.44 -11.96 -8.38
CA LYS C 58 6.66 -13.18 -8.19
C LYS C 58 6.63 -14.00 -9.47
N GLY C 59 6.56 -13.32 -10.61
CA GLY C 59 6.52 -14.01 -11.89
C GLY C 59 7.88 -14.54 -12.31
N GLN C 60 8.94 -13.93 -11.79
CA GLN C 60 10.30 -14.34 -12.12
C GLN C 60 10.76 -15.49 -11.22
N LEU C 61 10.66 -15.29 -9.92
CA LEU C 61 11.06 -16.30 -8.95
C LEU C 61 10.34 -17.62 -9.21
N SER C 62 11.07 -18.59 -9.74
CA SER C 62 10.50 -19.90 -10.05
C SER C 62 11.60 -20.89 -10.43
N ALA D 1 13.35 -16.08 3.60
CA ALA D 1 12.35 -16.72 2.76
C ALA D 1 10.95 -16.26 3.11
N VAL D 2 10.47 -15.27 2.38
CA VAL D 2 9.13 -14.72 2.61
C VAL D 2 8.82 -14.53 4.09
N LYS D 3 9.74 -13.91 4.81
CA LYS D 3 9.56 -13.66 6.24
C LYS D 3 8.87 -12.31 6.46
N ILE D 4 7.81 -12.31 7.26
CA ILE D 4 7.07 -11.08 7.53
C ILE D 4 7.29 -10.59 8.96
N LEU D 5 6.45 -9.67 9.38
CA LEU D 5 6.52 -9.09 10.71
C LEU D 5 5.17 -8.52 11.13
N GLU D 6 4.44 -7.97 10.16
CA GLU D 6 3.12 -7.39 10.43
C GLU D 6 3.21 -6.29 11.49
N ILE D 7 2.99 -5.05 11.08
CA ILE D 7 3.07 -3.92 12.01
C ILE D 7 2.18 -4.14 13.23
N GLU D 8 1.15 -4.95 13.08
CA GLU D 8 0.25 -5.20 14.21
C GLU D 8 1.00 -5.90 15.33
N ASP D 9 1.71 -6.97 14.99
CA ASP D 9 2.50 -7.70 15.96
C ASP D 9 3.76 -6.92 16.29
N LEU D 10 4.28 -6.22 15.30
CA LEU D 10 5.49 -5.42 15.46
C LEU D 10 5.19 -4.17 16.29
N PHE D 11 3.93 -3.70 16.21
CA PHE D 11 3.51 -2.53 16.96
C PHE D 11 3.39 -2.89 18.44
N SER D 12 2.71 -3.99 18.70
CA SER D 12 2.54 -4.47 20.07
C SER D 12 3.92 -4.79 20.66
N SER D 13 4.84 -5.19 19.78
CA SER D 13 6.20 -5.52 20.20
C SER D 13 6.88 -4.29 20.80
N LEU D 14 6.86 -3.19 20.05
CA LEU D 14 7.46 -1.95 20.52
C LEU D 14 6.84 -1.54 21.85
N LYS D 15 5.54 -1.76 21.96
CA LYS D 15 4.84 -1.44 23.19
C LYS D 15 5.43 -2.23 24.35
N HIS D 16 5.82 -3.47 24.07
CA HIS D 16 6.44 -4.32 25.06
C HIS D 16 7.85 -3.81 25.35
N ILE D 17 8.61 -3.64 24.28
CA ILE D 17 9.98 -3.14 24.36
C ILE D 17 10.04 -1.82 25.13
N GLN D 18 9.05 -0.97 24.89
CA GLN D 18 8.99 0.33 25.57
C GLN D 18 8.85 0.16 27.07
N HIS D 19 7.87 -0.61 27.51
CA HIS D 19 7.65 -0.86 28.92
C HIS D 19 8.63 -1.91 29.44
N THR D 20 9.43 -2.44 28.53
CA THR D 20 10.41 -3.47 28.86
C THR D 20 11.79 -2.85 29.04
N LEU D 21 12.07 -1.80 28.27
CA LEU D 21 13.36 -1.12 28.36
C LEU D 21 13.28 0.02 29.37
N VAL D 22 12.29 0.89 29.18
CA VAL D 22 12.07 2.04 30.07
C VAL D 22 13.39 2.70 30.47
N ASP D 23 14.33 2.75 29.53
CA ASP D 23 15.62 3.37 29.78
C ASP D 23 15.64 4.81 29.28
N SER D 24 14.46 5.41 29.12
CA SER D 24 14.34 6.77 28.65
C SER D 24 14.81 6.89 27.20
N GLN D 25 16.11 6.78 26.99
CA GLN D 25 16.68 6.85 25.65
C GLN D 25 16.09 5.75 24.78
N SER D 26 15.81 4.62 25.40
CA SER D 26 15.23 3.48 24.70
C SER D 26 13.81 3.80 24.29
N GLN D 27 13.05 4.44 25.17
CA GLN D 27 11.67 4.82 24.89
C GLN D 27 11.62 5.76 23.69
N GLU D 28 12.66 6.58 23.57
CA GLU D 28 12.74 7.54 22.48
C GLU D 28 12.99 6.83 21.15
N ASP D 29 13.87 5.84 21.18
CA ASP D 29 14.19 5.06 19.99
C ASP D 29 13.00 4.19 19.64
N ILE D 30 12.42 3.60 20.68
CA ILE D 30 11.25 2.75 20.55
C ILE D 30 10.11 3.56 19.96
N SER D 31 9.87 4.73 20.56
CA SER D 31 8.80 5.61 20.09
C SER D 31 9.01 5.97 18.64
N LEU D 32 10.29 6.08 18.25
CA LEU D 32 10.63 6.39 16.87
C LEU D 32 10.04 5.35 15.94
N LEU D 33 10.29 4.09 16.24
CA LEU D 33 9.76 3.00 15.42
C LEU D 33 8.24 3.01 15.49
N LEU D 34 7.73 3.30 16.68
CA LEU D 34 6.28 3.35 16.90
C LEU D 34 5.66 4.42 16.01
N GLN D 35 6.31 5.58 15.94
CA GLN D 35 5.81 6.67 15.13
C GLN D 35 5.76 6.29 13.65
N LEU D 36 6.88 5.80 13.15
CA LEU D 36 6.96 5.39 11.75
C LEU D 36 6.04 4.19 11.50
N VAL D 37 5.95 3.31 12.49
CA VAL D 37 5.11 2.13 12.39
C VAL D 37 3.63 2.51 12.31
N GLN D 38 3.25 3.56 13.02
CA GLN D 38 1.86 4.00 13.03
C GLN D 38 1.57 4.99 11.91
N ASN D 39 2.62 5.50 11.27
CA ASN D 39 2.46 6.45 10.17
C ASN D 39 1.49 5.91 9.13
N LYS D 40 0.62 6.77 8.61
CA LYS D 40 -0.36 6.36 7.61
C LYS D 40 0.30 5.80 6.36
N ASP D 41 1.13 6.60 5.71
CA ASP D 41 1.82 6.18 4.50
C ASP D 41 2.72 4.97 4.76
N PHE D 42 3.52 5.07 5.81
CA PHE D 42 4.43 3.99 6.17
C PHE D 42 3.67 2.68 6.36
N GLN D 43 2.63 2.72 7.19
CA GLN D 43 1.81 1.54 7.45
C GLN D 43 1.34 0.91 6.15
N ASN D 44 0.93 1.76 5.20
CA ASN D 44 0.44 1.28 3.91
C ASN D 44 1.52 0.47 3.18
N ALA D 45 2.69 1.05 3.06
CA ALA D 45 3.81 0.39 2.39
C ALA D 45 4.13 -0.95 3.02
N PHE D 46 4.25 -0.97 4.33
CA PHE D 46 4.54 -2.19 5.06
C PHE D 46 3.52 -3.26 4.76
N LYS D 47 2.27 -2.85 4.57
CA LYS D 47 1.19 -3.78 4.28
C LYS D 47 1.32 -4.33 2.85
N ILE D 48 1.89 -3.52 1.95
CA ILE D 48 2.07 -3.95 0.57
C ILE D 48 3.07 -5.10 0.49
N HIS D 49 4.21 -4.91 1.13
CA HIS D 49 5.26 -5.94 1.14
C HIS D 49 4.80 -7.18 1.86
N ASN D 50 4.17 -7.00 3.02
CA ASN D 50 3.68 -8.11 3.82
C ASN D 50 2.76 -9.02 3.02
N ALA D 51 1.65 -8.47 2.54
CA ALA D 51 0.68 -9.26 1.77
C ALA D 51 1.32 -9.87 0.53
N ILE D 52 1.99 -9.04 -0.26
CA ILE D 52 2.63 -9.50 -1.48
C ILE D 52 3.64 -10.61 -1.18
N THR D 53 4.45 -10.43 -0.15
CA THR D 53 5.44 -11.44 0.23
C THR D 53 4.73 -12.73 0.62
N VAL D 54 3.71 -12.59 1.47
CA VAL D 54 2.93 -13.73 1.92
C VAL D 54 2.37 -14.48 0.73
N HIS D 55 1.71 -13.75 -0.17
CA HIS D 55 1.14 -14.35 -1.37
C HIS D 55 2.26 -14.91 -2.25
N MET D 56 3.42 -14.27 -2.18
CA MET D 56 4.58 -14.69 -2.96
C MET D 56 4.87 -16.16 -2.74
N ASN D 57 5.03 -16.54 -1.47
CA ASN D 57 5.31 -17.93 -1.12
C ASN D 57 4.09 -18.82 -1.37
N LYS D 58 2.91 -18.27 -1.09
CA LYS D 58 1.66 -19.01 -1.28
C LYS D 58 1.49 -19.42 -2.74
N ALA D 59 2.00 -18.59 -3.64
CA ALA D 59 1.90 -18.88 -5.08
C ALA D 59 3.13 -18.37 -5.82
N SER D 60 4.17 -19.20 -5.85
CA SER D 60 5.41 -18.84 -6.53
C SER D 60 5.18 -18.68 -8.03
N ASN A 1 16.84 14.92 6.43
CA ASN A 1 17.13 13.83 5.51
C ASN A 1 16.32 12.59 5.86
N PRO A 2 15.54 12.05 4.90
CA PRO A 2 14.73 10.85 5.13
C PRO A 2 15.57 9.66 5.54
N ALA A 3 16.58 9.37 4.73
CA ALA A 3 17.49 8.26 4.98
C ALA A 3 18.03 8.30 6.41
N ALA A 4 18.19 9.51 6.95
CA ALA A 4 18.70 9.69 8.30
C ALA A 4 17.81 8.97 9.32
N GLU A 5 16.50 9.10 9.14
CA GLU A 5 15.53 8.48 10.03
C GLU A 5 15.64 6.96 9.95
N LYS A 6 15.53 6.42 8.75
CA LYS A 6 15.62 4.98 8.53
C LYS A 6 16.95 4.44 9.03
N MET A 7 18.02 5.18 8.76
CA MET A 7 19.35 4.77 9.21
C MET A 7 19.38 4.70 10.74
N GLN A 8 18.81 5.71 11.37
CA GLN A 8 18.74 5.75 12.83
C GLN A 8 17.82 4.64 13.32
N VAL A 9 16.78 4.37 12.55
CA VAL A 9 15.83 3.32 12.88
C VAL A 9 16.53 1.96 12.97
N LEU A 10 17.30 1.63 11.93
CA LEU A 10 18.03 0.37 11.91
C LEU A 10 18.94 0.27 13.13
N GLN A 11 19.67 1.35 13.39
CA GLN A 11 20.56 1.40 14.54
C GLN A 11 19.74 1.34 15.82
N VAL A 12 18.50 1.82 15.74
CA VAL A 12 17.60 1.81 16.89
C VAL A 12 17.10 0.38 17.14
N LEU A 13 16.83 -0.33 16.06
CA LEU A 13 16.36 -1.70 16.15
C LEU A 13 17.39 -2.58 16.84
N ASP A 14 18.66 -2.39 16.49
CA ASP A 14 19.74 -3.15 17.08
C ASP A 14 19.96 -2.75 18.54
N ARG A 15 19.89 -1.45 18.81
CA ARG A 15 20.08 -0.93 20.15
C ARG A 15 18.99 -1.44 21.09
N LEU A 16 17.73 -1.21 20.70
CA LEU A 16 16.60 -1.64 21.50
C LEU A 16 16.72 -3.13 21.82
N ARG A 17 16.83 -3.95 20.78
CA ARG A 17 16.95 -5.38 20.94
C ARG A 17 18.06 -5.72 21.93
N GLY A 18 19.13 -4.94 21.91
CA GLY A 18 20.23 -5.17 22.81
C GLY A 18 19.80 -5.08 24.26
N LYS A 19 19.11 -3.99 24.60
CA LYS A 19 18.63 -3.79 25.96
C LYS A 19 17.68 -4.90 26.36
N LEU A 20 16.93 -5.43 25.38
CA LEU A 20 15.98 -6.51 25.64
C LEU A 20 16.72 -7.78 26.00
N GLN A 21 17.69 -8.15 25.19
CA GLN A 21 18.49 -9.34 25.42
C GLN A 21 19.17 -9.25 26.77
N GLU A 22 19.41 -8.02 27.22
CA GLU A 22 20.06 -7.79 28.51
C GLU A 22 19.04 -7.87 29.64
N LYS A 23 17.80 -7.47 29.33
CA LYS A 23 16.73 -7.49 30.32
C LYS A 23 16.15 -8.90 30.49
N GLY A 24 16.14 -9.66 29.39
CA GLY A 24 15.60 -11.01 29.44
C GLY A 24 14.40 -11.19 28.54
N ASP A 25 14.24 -10.28 27.57
CA ASP A 25 13.13 -10.34 26.64
C ASP A 25 13.65 -10.56 25.22
N THR A 26 13.94 -11.81 24.90
CA THR A 26 14.44 -12.16 23.58
C THR A 26 13.28 -12.52 22.66
N THR A 27 12.06 -12.19 23.10
CA THR A 27 10.87 -12.47 22.33
C THR A 27 10.69 -11.43 21.23
N GLN A 28 10.69 -10.16 21.61
CA GLN A 28 10.54 -9.07 20.65
C GLN A 28 11.77 -9.00 19.75
N ASN A 29 12.86 -9.62 20.19
CA ASN A 29 14.11 -9.64 19.42
C ASN A 29 13.85 -9.99 17.96
N GLU A 30 13.15 -11.10 17.74
CA GLU A 30 12.83 -11.54 16.39
C GLU A 30 12.07 -10.46 15.65
N LYS A 31 11.27 -9.70 16.38
CA LYS A 31 10.50 -8.62 15.81
C LYS A 31 11.42 -7.50 15.32
N LEU A 32 12.45 -7.23 16.10
CA LEU A 32 13.42 -6.20 15.77
C LEU A 32 14.28 -6.65 14.58
N SER A 33 14.52 -7.95 14.49
CA SER A 33 15.30 -8.50 13.40
C SER A 33 14.46 -8.57 12.13
N ALA A 34 13.17 -8.84 12.31
CA ALA A 34 12.24 -8.92 11.19
C ALA A 34 11.95 -7.53 10.63
N PHE A 35 11.77 -6.56 11.54
CA PHE A 35 11.50 -5.19 11.15
C PHE A 35 12.75 -4.55 10.57
N TYR A 36 13.89 -4.89 11.16
CA TYR A 36 15.18 -4.37 10.72
C TYR A 36 15.51 -4.87 9.31
N GLU A 37 15.47 -6.18 9.12
CA GLU A 37 15.77 -6.78 7.83
C GLU A 37 14.83 -6.24 6.76
N THR A 38 13.54 -6.23 7.06
CA THR A 38 12.55 -5.74 6.11
C THR A 38 12.86 -4.30 5.69
N LEU A 39 13.13 -3.44 6.68
CA LEU A 39 13.47 -2.06 6.42
C LEU A 39 14.61 -1.97 5.42
N LYS A 40 15.56 -2.88 5.56
CA LYS A 40 16.73 -2.94 4.68
C LYS A 40 16.37 -3.58 3.34
N SER A 41 15.39 -4.48 3.36
CA SER A 41 14.95 -5.18 2.16
C SER A 41 14.86 -4.23 0.96
N PRO A 42 15.36 -4.66 -0.22
CA PRO A 42 15.33 -3.84 -1.43
C PRO A 42 13.91 -3.48 -1.87
N LEU A 43 13.08 -4.51 -2.01
CA LEU A 43 11.69 -4.30 -2.43
C LEU A 43 10.96 -3.37 -1.49
N PHE A 44 10.94 -3.71 -0.21
CA PHE A 44 10.26 -2.90 0.80
C PHE A 44 10.75 -1.46 0.75
N ASN A 45 12.07 -1.29 0.75
CA ASN A 45 12.67 0.04 0.71
C ASN A 45 12.17 0.83 -0.49
N GLN A 46 11.90 0.12 -1.58
CA GLN A 46 11.40 0.77 -2.80
C GLN A 46 9.98 1.29 -2.59
N ILE A 47 9.17 0.50 -1.91
CA ILE A 47 7.79 0.87 -1.64
C ILE A 47 7.71 2.11 -0.75
N LEU A 48 8.56 2.15 0.27
CA LEU A 48 8.59 3.29 1.19
C LEU A 48 9.12 4.52 0.47
N THR A 49 10.10 4.30 -0.41
CA THR A 49 10.69 5.39 -1.18
C THR A 49 9.60 6.16 -1.90
N LEU A 50 8.77 5.44 -2.64
CA LEU A 50 7.66 6.05 -3.37
C LEU A 50 6.75 6.79 -2.39
N GLN A 51 6.43 6.13 -1.28
CA GLN A 51 5.58 6.72 -0.25
C GLN A 51 6.24 7.97 0.32
N GLN A 52 7.56 7.97 0.36
CA GLN A 52 8.32 9.11 0.87
C GLN A 52 8.08 10.32 -0.02
N SER A 53 8.03 10.08 -1.32
CA SER A 53 7.79 11.15 -2.28
C SER A 53 6.41 11.74 -2.05
N ILE A 54 5.44 10.86 -1.81
CA ILE A 54 4.08 11.29 -1.57
C ILE A 54 4.02 12.18 -0.32
N LYS A 55 4.79 11.81 0.69
CA LYS A 55 4.84 12.57 1.93
C LYS A 55 5.31 13.99 1.65
N GLN A 56 6.33 14.12 0.83
CA GLN A 56 6.86 15.42 0.46
C GLN A 56 5.79 16.28 -0.20
N LEU A 57 4.98 15.64 -1.04
CA LEU A 57 3.90 16.33 -1.73
C LEU A 57 2.91 16.92 -0.73
N LYS A 58 2.61 16.17 0.31
CA LYS A 58 1.68 16.61 1.34
C LYS A 58 2.21 17.86 2.05
N GLY A 59 3.46 17.78 2.50
CA GLY A 59 4.07 18.91 3.19
C GLY A 59 4.31 20.09 2.26
N GLN A 60 4.68 19.81 1.02
CA GLN A 60 4.95 20.85 0.04
C GLN A 60 3.71 21.73 -0.16
N LEU A 61 2.59 21.10 -0.48
CA LEU A 61 1.34 21.82 -0.69
C LEU A 61 0.94 22.59 0.56
N SER A 62 1.40 23.83 0.66
CA SER A 62 1.07 24.68 1.81
C SER A 62 0.72 26.09 1.37
N ALA B 1 -11.70 18.23 -7.95
CA ALA B 1 -10.28 17.93 -7.97
C ALA B 1 -9.92 16.87 -6.93
N VAL B 2 -8.95 16.03 -7.27
CA VAL B 2 -8.49 14.96 -6.38
C VAL B 2 -9.66 14.27 -5.67
N LYS B 3 -10.44 13.51 -6.44
CA LYS B 3 -11.59 12.79 -5.89
C LYS B 3 -11.24 11.33 -5.63
N ILE B 4 -11.69 10.80 -4.51
CA ILE B 4 -11.42 9.40 -4.15
C ILE B 4 -12.35 8.47 -4.90
N LEU B 5 -12.50 7.25 -4.40
CA LEU B 5 -13.37 6.26 -5.04
C LEU B 5 -13.60 5.06 -4.13
N GLU B 6 -12.56 4.68 -3.38
CA GLU B 6 -12.66 3.54 -2.48
C GLU B 6 -13.06 2.28 -3.24
N ILE B 7 -12.10 1.37 -3.39
CA ILE B 7 -12.36 0.12 -4.12
C ILE B 7 -13.61 -0.58 -3.61
N GLU B 8 -13.98 -0.34 -2.37
CA GLU B 8 -15.16 -0.99 -1.82
C GLU B 8 -16.41 -0.54 -2.57
N ASP B 9 -16.54 0.75 -2.77
CA ASP B 9 -17.68 1.31 -3.51
C ASP B 9 -17.47 1.09 -5.00
N LEU B 10 -16.22 1.17 -5.43
CA LEU B 10 -15.87 0.98 -6.83
C LEU B 10 -16.01 -0.49 -7.21
N PHE B 11 -15.79 -1.38 -6.26
CA PHE B 11 -15.89 -2.82 -6.49
C PHE B 11 -17.36 -3.21 -6.62
N SER B 12 -18.18 -2.73 -5.69
CA SER B 12 -19.60 -3.00 -5.73
C SER B 12 -20.21 -2.38 -6.98
N SER B 13 -19.58 -1.29 -7.44
CA SER B 13 -20.05 -0.60 -8.64
C SER B 13 -19.90 -1.49 -9.86
N LEU B 14 -18.70 -2.03 -10.08
CA LEU B 14 -18.46 -2.91 -11.22
C LEU B 14 -19.40 -4.10 -11.15
N LYS B 15 -19.70 -4.53 -9.94
CA LYS B 15 -20.60 -5.66 -9.75
C LYS B 15 -21.95 -5.34 -10.36
N HIS B 16 -22.44 -4.13 -10.10
CA HIS B 16 -23.70 -3.68 -10.67
C HIS B 16 -23.53 -3.52 -12.16
N ILE B 17 -22.54 -2.73 -12.55
CA ILE B 17 -22.23 -2.49 -13.95
C ILE B 17 -22.12 -3.80 -14.72
N GLN B 18 -21.62 -4.83 -14.05
CA GLN B 18 -21.47 -6.14 -14.68
C GLN B 18 -22.83 -6.71 -15.05
N HIS B 19 -23.77 -6.65 -14.12
CA HIS B 19 -25.11 -7.15 -14.35
C HIS B 19 -25.93 -6.14 -15.13
N THR B 20 -25.49 -4.88 -15.10
CA THR B 20 -26.16 -3.81 -15.81
C THR B 20 -25.71 -3.77 -17.26
N LEU B 21 -24.46 -4.12 -17.49
CA LEU B 21 -23.90 -4.17 -18.83
C LEU B 21 -23.62 -5.61 -19.20
N VAL B 22 -24.69 -6.31 -19.51
CA VAL B 22 -24.62 -7.72 -19.86
C VAL B 22 -24.54 -7.91 -21.38
N ASP B 23 -23.83 -7.00 -22.02
CA ASP B 23 -23.64 -7.06 -23.47
C ASP B 23 -22.44 -7.94 -23.84
N SER B 24 -21.99 -8.76 -22.88
CA SER B 24 -20.86 -9.65 -23.09
C SER B 24 -19.54 -8.88 -23.10
N GLN B 25 -19.34 -8.06 -24.12
CA GLN B 25 -18.13 -7.27 -24.23
C GLN B 25 -18.02 -6.34 -23.02
N SER B 26 -19.17 -5.94 -22.50
CA SER B 26 -19.21 -5.06 -21.34
C SER B 26 -18.79 -5.80 -20.07
N GLN B 27 -19.35 -7.00 -19.87
CA GLN B 27 -19.02 -7.79 -18.70
C GLN B 27 -17.54 -8.17 -18.70
N GLU B 28 -16.97 -8.30 -19.90
CA GLU B 28 -15.56 -8.64 -20.04
C GLU B 28 -14.68 -7.45 -19.67
N ASP B 29 -15.10 -6.26 -20.09
CA ASP B 29 -14.37 -5.04 -19.79
C ASP B 29 -14.52 -4.74 -18.31
N ILE B 30 -15.74 -4.91 -17.83
CA ILE B 30 -16.05 -4.69 -16.43
C ILE B 30 -15.22 -5.63 -15.57
N SER B 31 -15.23 -6.91 -15.95
CA SER B 31 -14.46 -7.91 -15.24
C SER B 31 -12.99 -7.50 -15.18
N LEU B 32 -12.52 -6.87 -16.25
CA LEU B 32 -11.15 -6.40 -16.32
C LEU B 32 -10.87 -5.46 -15.16
N LEU B 33 -11.74 -4.47 -14.97
CA LEU B 33 -11.59 -3.54 -13.87
C LEU B 33 -11.71 -4.29 -12.55
N LEU B 34 -12.68 -5.19 -12.51
CA LEU B 34 -12.93 -6.00 -11.32
C LEU B 34 -11.66 -6.76 -10.91
N GLN B 35 -10.97 -7.31 -11.91
CA GLN B 35 -9.75 -8.05 -11.65
C GLN B 35 -8.70 -7.16 -11.00
N LEU B 36 -8.47 -6.01 -11.59
CA LEU B 36 -7.51 -5.05 -11.05
C LEU B 36 -7.93 -4.61 -9.66
N VAL B 37 -9.20 -4.21 -9.54
CA VAL B 37 -9.76 -3.75 -8.28
C VAL B 37 -9.65 -4.83 -7.21
N GLN B 38 -9.63 -6.10 -7.61
CA GLN B 38 -9.54 -7.20 -6.67
C GLN B 38 -8.11 -7.71 -6.53
N ASN B 39 -7.21 -7.24 -7.38
CA ASN B 39 -5.81 -7.67 -7.33
C ASN B 39 -5.19 -7.31 -5.98
N LYS B 40 -4.19 -8.09 -5.57
CA LYS B 40 -3.52 -7.86 -4.30
C LYS B 40 -2.65 -6.60 -4.35
N ASP B 41 -1.68 -6.60 -5.27
CA ASP B 41 -0.78 -5.47 -5.42
C ASP B 41 -1.55 -4.21 -5.81
N PHE B 42 -2.49 -4.37 -6.74
CA PHE B 42 -3.30 -3.25 -7.20
C PHE B 42 -4.06 -2.62 -6.04
N GLN B 43 -4.83 -3.44 -5.33
CA GLN B 43 -5.61 -2.97 -4.19
C GLN B 43 -4.72 -2.22 -3.20
N ASN B 44 -3.49 -2.69 -3.05
CA ASN B 44 -2.54 -2.07 -2.15
C ASN B 44 -2.24 -0.63 -2.57
N ALA B 45 -1.89 -0.45 -3.83
CA ALA B 45 -1.58 0.87 -4.36
C ALA B 45 -2.77 1.81 -4.19
N PHE B 46 -3.95 1.34 -4.58
CA PHE B 46 -5.16 2.14 -4.47
C PHE B 46 -5.42 2.60 -3.04
N LYS B 47 -5.18 1.72 -2.09
CA LYS B 47 -5.40 2.04 -0.68
C LYS B 47 -4.45 3.15 -0.24
N ILE B 48 -3.23 3.11 -0.74
CA ILE B 48 -2.22 4.12 -0.41
C ILE B 48 -2.60 5.47 -1.00
N HIS B 49 -2.90 5.48 -2.29
CA HIS B 49 -3.26 6.70 -2.97
C HIS B 49 -4.61 7.23 -2.47
N ASN B 50 -5.49 6.31 -2.10
CA ASN B 50 -6.82 6.69 -1.62
C ASN B 50 -6.76 7.49 -0.32
N ALA B 51 -6.22 6.89 0.73
CA ALA B 51 -6.11 7.55 2.02
C ALA B 51 -5.15 8.72 2.00
N ILE B 52 -3.93 8.49 1.53
CA ILE B 52 -2.93 9.56 1.46
C ILE B 52 -3.49 10.76 0.71
N THR B 53 -4.29 10.49 -0.32
CA THR B 53 -4.92 11.56 -1.09
C THR B 53 -5.82 12.37 -0.17
N VAL B 54 -6.68 11.65 0.53
CA VAL B 54 -7.62 12.25 1.46
C VAL B 54 -6.88 13.13 2.46
N HIS B 55 -5.86 12.57 3.09
CA HIS B 55 -5.05 13.31 4.06
C HIS B 55 -4.34 14.48 3.38
N MET B 56 -3.99 14.29 2.12
CA MET B 56 -3.29 15.33 1.34
C MET B 56 -4.07 16.63 1.35
N ASN B 57 -5.28 16.59 0.81
CA ASN B 57 -6.14 17.77 0.75
C ASN B 57 -6.57 18.20 2.15
N LYS B 58 -6.79 17.23 3.03
CA LYS B 58 -7.20 17.50 4.40
C LYS B 58 -6.17 18.35 5.12
N ALA B 59 -4.99 17.77 5.35
CA ALA B 59 -3.91 18.48 6.04
C ALA B 59 -4.35 18.95 7.42
N SER B 60 -4.48 18.00 8.35
CA SER B 60 -4.90 18.33 9.70
C SER B 60 -3.85 19.18 10.41
N ASN C 1 2.03 -7.83 -22.27
CA ASN C 1 2.30 -6.43 -21.93
C ASN C 1 1.34 -5.96 -20.84
N PRO C 2 1.84 -5.75 -19.61
CA PRO C 2 1.02 -5.28 -18.48
C PRO C 2 0.43 -3.91 -18.74
N ALA C 3 1.29 -2.98 -19.17
CA ALA C 3 0.86 -1.62 -19.46
C ALA C 3 -0.35 -1.60 -20.40
N ALA C 4 -0.45 -2.62 -21.25
CA ALA C 4 -1.56 -2.72 -22.18
C ALA C 4 -2.90 -2.82 -21.44
N GLU C 5 -2.87 -3.46 -20.27
CA GLU C 5 -4.07 -3.62 -19.47
C GLU C 5 -4.61 -2.27 -19.01
N LYS C 6 -3.74 -1.48 -18.39
CA LYS C 6 -4.14 -0.15 -17.91
C LYS C 6 -4.68 0.69 -19.05
N MET C 7 -4.03 0.61 -20.21
CA MET C 7 -4.47 1.36 -21.38
C MET C 7 -5.88 0.92 -21.77
N GLN C 8 -6.07 -0.40 -21.85
CA GLN C 8 -7.37 -0.96 -22.19
C GLN C 8 -8.38 -0.62 -21.10
N VAL C 9 -7.89 -0.53 -19.86
CA VAL C 9 -8.73 -0.20 -18.72
C VAL C 9 -9.38 1.17 -18.92
N LEU C 10 -8.54 2.18 -19.12
CA LEU C 10 -9.04 3.53 -19.32
C LEU C 10 -10.06 3.56 -20.46
N GLN C 11 -9.72 2.87 -21.55
CA GLN C 11 -10.61 2.79 -22.69
C GLN C 11 -11.87 2.01 -22.30
N VAL C 12 -11.70 1.10 -21.34
CA VAL C 12 -12.79 0.28 -20.85
C VAL C 12 -13.71 1.13 -19.98
N LEU C 13 -13.11 2.01 -19.20
CA LEU C 13 -13.85 2.89 -18.30
C LEU C 13 -14.74 3.84 -19.10
N ASP C 14 -14.23 4.29 -20.25
CA ASP C 14 -14.98 5.20 -21.11
C ASP C 14 -16.12 4.47 -21.79
N ARG C 15 -15.85 3.26 -22.25
CA ARG C 15 -16.87 2.45 -22.93
C ARG C 15 -18.00 2.08 -21.98
N LEU C 16 -17.65 1.47 -20.85
CA LEU C 16 -18.63 1.07 -19.86
C LEU C 16 -19.50 2.25 -19.47
N ARG C 17 -18.84 3.34 -19.09
CA ARG C 17 -19.53 4.56 -18.69
C ARG C 17 -20.55 4.97 -19.75
N GLY C 18 -20.14 4.91 -21.02
CA GLY C 18 -21.04 5.28 -22.09
C GLY C 18 -22.33 4.49 -22.07
N LYS C 19 -22.21 3.19 -21.85
CA LYS C 19 -23.38 2.32 -21.79
C LYS C 19 -24.27 2.68 -20.60
N LEU C 20 -23.66 3.12 -19.51
CA LEU C 20 -24.41 3.49 -18.32
C LEU C 20 -25.27 4.73 -18.59
N GLN C 21 -24.63 5.75 -19.13
CA GLN C 21 -25.33 6.99 -19.47
C GLN C 21 -26.42 6.71 -20.50
N GLU C 22 -26.21 5.66 -21.29
CA GLU C 22 -27.17 5.29 -22.31
C GLU C 22 -28.31 4.46 -21.70
N LYS C 23 -27.98 3.69 -20.67
CA LYS C 23 -28.95 2.86 -20.00
C LYS C 23 -29.74 3.65 -18.96
N GLY C 24 -29.07 4.57 -18.29
CA GLY C 24 -29.73 5.37 -17.27
C GLY C 24 -29.02 5.33 -15.94
N ASP C 25 -28.19 4.32 -15.73
CA ASP C 25 -27.45 4.18 -14.48
C ASP C 25 -26.33 5.22 -14.42
N THR C 26 -26.69 6.44 -14.05
CA THR C 26 -25.73 7.52 -13.95
C THR C 26 -25.14 7.54 -12.54
N THR C 27 -25.35 6.45 -11.81
CA THR C 27 -24.85 6.34 -10.45
C THR C 27 -23.43 5.78 -10.44
N GLN C 28 -23.20 4.75 -11.25
CA GLN C 28 -21.90 4.13 -11.34
C GLN C 28 -20.92 5.04 -12.10
N ASN C 29 -21.48 5.90 -12.95
CA ASN C 29 -20.67 6.82 -13.73
C ASN C 29 -19.68 7.57 -12.84
N GLU C 30 -20.15 7.98 -11.67
CA GLU C 30 -19.30 8.70 -10.73
C GLU C 30 -18.10 7.85 -10.33
N LYS C 31 -18.31 6.54 -10.27
CA LYS C 31 -17.25 5.61 -9.91
C LYS C 31 -16.26 5.46 -11.07
N LEU C 32 -16.80 5.38 -12.28
CA LEU C 32 -15.97 5.25 -13.47
C LEU C 32 -15.16 6.51 -13.70
N SER C 33 -15.73 7.65 -13.32
CA SER C 33 -15.04 8.93 -13.48
C SER C 33 -13.97 9.08 -12.41
N ALA C 34 -14.24 8.51 -11.25
CA ALA C 34 -13.30 8.55 -10.14
C ALA C 34 -12.14 7.60 -10.39
N PHE C 35 -12.48 6.37 -10.80
CA PHE C 35 -11.48 5.37 -11.10
C PHE C 35 -10.61 5.80 -12.27
N TYR C 36 -11.28 6.21 -13.34
CA TYR C 36 -10.62 6.68 -14.56
C TYR C 36 -9.62 7.79 -14.25
N GLU C 37 -10.09 8.83 -13.57
CA GLU C 37 -9.24 9.96 -13.21
C GLU C 37 -8.12 9.51 -12.28
N THR C 38 -8.48 8.76 -11.23
CA THR C 38 -7.50 8.28 -10.27
C THR C 38 -6.42 7.48 -10.98
N LEU C 39 -6.81 6.70 -11.98
CA LEU C 39 -5.87 5.90 -12.74
C LEU C 39 -4.85 6.80 -13.44
N LYS C 40 -5.34 7.90 -13.98
CA LYS C 40 -4.49 8.87 -14.67
C LYS C 40 -3.57 9.59 -13.68
N SER C 41 -3.99 9.64 -12.42
CA SER C 41 -3.23 10.31 -11.38
C SER C 41 -1.74 9.93 -11.45
N PRO C 42 -0.84 10.92 -11.35
CA PRO C 42 0.61 10.68 -11.40
C PRO C 42 1.07 9.78 -10.26
N LEU C 43 0.65 10.13 -9.06
CA LEU C 43 1.02 9.37 -7.87
C LEU C 43 0.57 7.92 -7.99
N PHE C 44 -0.72 7.71 -8.26
CA PHE C 44 -1.26 6.38 -8.41
C PHE C 44 -0.45 5.55 -9.40
N ASN C 45 -0.21 6.10 -10.58
CA ASN C 45 0.56 5.41 -11.60
C ASN C 45 1.94 4.99 -11.09
N GLN C 46 2.53 5.83 -10.26
CA GLN C 46 3.85 5.55 -9.70
C GLN C 46 3.80 4.32 -8.78
N ILE C 47 2.73 4.22 -8.00
CA ILE C 47 2.57 3.10 -7.07
C ILE C 47 2.44 1.78 -7.84
N LEU C 48 1.69 1.80 -8.93
CA LEU C 48 1.50 0.61 -9.74
C LEU C 48 2.79 0.22 -10.43
N THR C 49 3.54 1.24 -10.88
CA THR C 49 4.81 1.02 -11.54
C THR C 49 5.71 0.15 -10.66
N LEU C 50 5.85 0.55 -9.40
CA LEU C 50 6.66 -0.20 -8.44
C LEU C 50 6.14 -1.63 -8.33
N GLN C 51 4.83 -1.76 -8.10
CA GLN C 51 4.20 -3.07 -7.98
C GLN C 51 4.39 -3.86 -9.26
N GLN C 52 4.46 -3.16 -10.38
CA GLN C 52 4.65 -3.81 -11.68
C GLN C 52 6.00 -4.53 -11.71
N SER C 53 7.01 -3.87 -11.15
CA SER C 53 8.34 -4.45 -11.09
C SER C 53 8.32 -5.71 -10.24
N ILE C 54 7.59 -5.64 -9.12
CA ILE C 54 7.46 -6.77 -8.22
C ILE C 54 6.80 -7.95 -8.95
N LYS C 55 5.76 -7.64 -9.72
CA LYS C 55 5.05 -8.66 -10.47
C LYS C 55 6.01 -9.40 -11.39
N GLN C 56 6.92 -8.65 -12.00
CA GLN C 56 7.92 -9.24 -12.89
C GLN C 56 8.81 -10.21 -12.13
N LEU C 57 9.19 -9.83 -10.92
CA LEU C 57 10.02 -10.67 -10.06
C LEU C 57 9.39 -12.04 -9.86
N LYS C 58 8.09 -12.04 -9.56
CA LYS C 58 7.36 -13.28 -9.35
C LYS C 58 7.41 -14.17 -10.58
N GLY C 59 6.97 -13.63 -11.72
CA GLY C 59 6.98 -14.39 -12.95
C GLY C 59 8.37 -14.87 -13.33
N GLN C 60 9.37 -14.03 -13.10
CA GLN C 60 10.75 -14.36 -13.42
C GLN C 60 11.19 -15.61 -12.67
N LEU C 61 10.89 -15.65 -11.38
CA LEU C 61 11.26 -16.79 -10.54
C LEU C 61 10.35 -17.98 -10.82
N SER C 62 10.97 -19.13 -11.11
CA SER C 62 10.22 -20.35 -11.39
C SER C 62 11.14 -21.56 -11.41
N ALA D 1 16.33 -14.88 3.04
CA ALA D 1 15.85 -13.59 3.51
C ALA D 1 14.54 -13.20 2.83
N VAL D 2 13.43 -13.41 3.52
CA VAL D 2 12.11 -13.08 2.98
C VAL D 2 11.02 -13.33 4.00
N LYS D 3 11.31 -13.04 5.27
CA LYS D 3 10.36 -13.22 6.35
C LYS D 3 9.54 -11.96 6.58
N ILE D 4 8.35 -12.12 7.15
CA ILE D 4 7.47 -10.99 7.41
C ILE D 4 7.64 -10.49 8.84
N LEU D 5 6.62 -9.82 9.38
CA LEU D 5 6.68 -9.30 10.74
C LEU D 5 5.30 -8.84 11.22
N GLU D 6 4.49 -8.34 10.28
CA GLU D 6 3.15 -7.86 10.63
C GLU D 6 3.22 -6.74 11.65
N ILE D 7 2.87 -5.53 11.24
CA ILE D 7 2.90 -4.38 12.14
C ILE D 7 2.05 -4.62 13.38
N GLU D 8 1.04 -5.47 13.28
CA GLU D 8 0.19 -5.73 14.43
C GLU D 8 0.99 -6.38 15.55
N ASP D 9 1.78 -7.39 15.19
CA ASP D 9 2.62 -8.07 16.16
C ASP D 9 3.84 -7.23 16.47
N LEU D 10 4.34 -6.54 15.45
CA LEU D 10 5.51 -5.67 15.60
C LEU D 10 5.15 -4.42 16.40
N PHE D 11 3.90 -3.98 16.28
CA PHE D 11 3.42 -2.80 17.00
C PHE D 11 3.26 -3.12 18.47
N SER D 12 2.65 -4.27 18.75
CA SER D 12 2.46 -4.71 20.12
C SER D 12 3.82 -4.93 20.78
N SER D 13 4.79 -5.34 19.97
CA SER D 13 6.14 -5.58 20.46
C SER D 13 6.76 -4.29 20.97
N LEU D 14 6.74 -3.25 20.14
CA LEU D 14 7.31 -1.96 20.55
C LEU D 14 6.64 -1.48 21.81
N LYS D 15 5.34 -1.76 21.93
CA LYS D 15 4.59 -1.37 23.11
C LYS D 15 5.22 -2.00 24.35
N HIS D 16 5.55 -3.27 24.25
CA HIS D 16 6.20 -3.97 25.36
C HIS D 16 7.59 -3.40 25.56
N ILE D 17 8.37 -3.41 24.48
CA ILE D 17 9.72 -2.87 24.49
C ILE D 17 9.75 -1.47 25.07
N GLN D 18 8.69 -0.70 24.82
CA GLN D 18 8.60 0.66 25.33
C GLN D 18 8.55 0.67 26.85
N HIS D 19 7.64 -0.12 27.42
CA HIS D 19 7.50 -0.20 28.87
C HIS D 19 8.64 -1.02 29.47
N THR D 20 9.26 -1.85 28.62
CA THR D 20 10.36 -2.69 29.05
C THR D 20 11.66 -1.89 29.03
N LEU D 21 11.78 -1.00 28.06
CA LEU D 21 12.95 -0.14 27.93
C LEU D 21 12.55 1.27 28.31
N VAL D 22 12.44 1.49 29.61
CA VAL D 22 12.05 2.77 30.16
C VAL D 22 13.28 3.60 30.54
N ASP D 23 14.32 3.49 29.72
CA ASP D 23 15.55 4.24 29.96
C ASP D 23 15.50 5.60 29.27
N SER D 24 14.30 6.08 28.97
CA SER D 24 14.10 7.36 28.30
C SER D 24 14.61 7.32 26.87
N GLN D 25 15.91 7.20 26.69
CA GLN D 25 16.49 7.14 25.36
C GLN D 25 15.93 5.94 24.61
N SER D 26 15.60 4.89 25.35
CA SER D 26 15.03 3.68 24.77
C SER D 26 13.61 3.92 24.30
N GLN D 27 12.78 4.51 25.16
CA GLN D 27 11.40 4.80 24.81
C GLN D 27 11.35 5.75 23.61
N GLU D 28 12.35 6.61 23.49
CA GLU D 28 12.43 7.55 22.39
C GLU D 28 12.72 6.83 21.08
N ASP D 29 13.64 5.87 21.14
CA ASP D 29 14.01 5.09 19.96
C ASP D 29 12.84 4.18 19.60
N ILE D 30 12.26 3.59 20.64
CA ILE D 30 11.12 2.71 20.46
C ILE D 30 9.98 3.48 19.83
N SER D 31 9.69 4.65 20.39
CA SER D 31 8.64 5.51 19.87
C SER D 31 8.91 5.81 18.41
N LEU D 32 10.18 5.92 18.06
CA LEU D 32 10.58 6.18 16.69
C LEU D 32 10.02 5.10 15.77
N LEU D 33 10.25 3.84 16.14
CA LEU D 33 9.74 2.72 15.37
C LEU D 33 8.22 2.75 15.38
N LEU D 34 7.67 3.04 16.55
CA LEU D 34 6.22 3.11 16.72
C LEU D 34 5.62 4.14 15.78
N GLN D 35 6.30 5.28 15.64
CA GLN D 35 5.83 6.34 14.76
C GLN D 35 5.75 5.85 13.32
N LEU D 36 6.83 5.24 12.86
CA LEU D 36 6.87 4.70 11.50
C LEU D 36 5.83 3.60 11.35
N VAL D 37 5.84 2.67 12.29
CA VAL D 37 4.91 1.55 12.29
C VAL D 37 3.46 2.04 12.33
N GLN D 38 3.22 3.13 13.06
CA GLN D 38 1.87 3.67 13.20
C GLN D 38 1.55 4.67 12.08
N ASN D 39 2.54 5.04 11.29
CA ASN D 39 2.33 5.99 10.19
C ASN D 39 1.32 5.43 9.19
N LYS D 40 0.38 6.27 8.79
CA LYS D 40 -0.65 5.85 7.85
C LYS D 40 -0.05 5.32 6.55
N ASP D 41 0.74 6.15 5.87
CA ASP D 41 1.36 5.76 4.61
C ASP D 41 2.32 4.58 4.83
N PHE D 42 3.15 4.68 5.86
CA PHE D 42 4.10 3.62 6.18
C PHE D 42 3.38 2.29 6.38
N GLN D 43 2.33 2.32 7.22
CA GLN D 43 1.56 1.12 7.51
C GLN D 43 1.08 0.46 6.23
N ASN D 44 0.56 1.26 5.30
CA ASN D 44 0.06 0.74 4.04
C ASN D 44 1.17 0.04 3.27
N ALA D 45 2.33 0.69 3.18
CA ALA D 45 3.47 0.12 2.46
C ALA D 45 3.85 -1.25 3.02
N PHE D 46 3.91 -1.34 4.34
CA PHE D 46 4.25 -2.60 4.99
C PHE D 46 3.28 -3.70 4.63
N LYS D 47 2.00 -3.35 4.52
CA LYS D 47 0.97 -4.31 4.17
C LYS D 47 1.22 -4.86 2.77
N ILE D 48 1.63 -3.99 1.86
CA ILE D 48 1.91 -4.39 0.48
C ILE D 48 3.06 -5.39 0.43
N HIS D 49 4.15 -5.05 1.10
CA HIS D 49 5.32 -5.91 1.15
C HIS D 49 5.00 -7.23 1.84
N ASN D 50 4.20 -7.15 2.90
CA ASN D 50 3.84 -8.33 3.67
C ASN D 50 3.20 -9.41 2.80
N ALA D 51 2.07 -9.09 2.17
CA ALA D 51 1.36 -10.05 1.33
C ALA D 51 2.14 -10.38 0.06
N ILE D 52 2.55 -9.36 -0.69
CA ILE D 52 3.29 -9.58 -1.93
C ILE D 52 4.51 -10.46 -1.68
N THR D 53 5.15 -10.27 -0.53
CA THR D 53 6.31 -11.08 -0.17
C THR D 53 5.89 -12.53 -0.05
N VAL D 54 4.85 -12.75 0.76
CA VAL D 54 4.31 -14.06 0.98
C VAL D 54 3.99 -14.76 -0.34
N HIS D 55 3.38 -14.02 -1.25
CA HIS D 55 3.04 -14.56 -2.56
C HIS D 55 4.30 -14.94 -3.32
N MET D 56 5.37 -14.20 -3.08
CA MET D 56 6.65 -14.47 -3.73
C MET D 56 7.20 -15.82 -3.32
N ASN D 57 7.10 -16.13 -2.03
CA ASN D 57 7.57 -17.40 -1.50
C ASN D 57 6.66 -18.55 -1.92
N LYS D 58 5.36 -18.30 -1.89
CA LYS D 58 4.38 -19.31 -2.27
C LYS D 58 4.48 -19.62 -3.76
N ALA D 59 4.48 -18.59 -4.59
CA ALA D 59 4.57 -18.76 -6.03
C ALA D 59 3.40 -19.58 -6.56
N SER D 60 2.29 -18.90 -6.84
CA SER D 60 1.10 -19.56 -7.35
C SER D 60 0.58 -20.61 -6.35
#